data_6O38
#
_entry.id   6O38
#
_cell.length_a   110.747
_cell.length_b   118.489
_cell.length_c   129.583
_cell.angle_alpha   108.94
_cell.angle_beta   103.97
_cell.angle_gamma   100.10
#
_symmetry.space_group_name_H-M   'P 1'
#
loop_
_entity.id
_entity.type
_entity.pdbx_description
1 polymer 'Acinetobacter secreted protease CpaA'
2 polymer 'Type II secretion chaperone CpaB'
3 non-polymer 'ZINC ION'
4 non-polymer 'SULFATE ION'
5 water water
#
loop_
_entity_poly.entity_id
_entity_poly.type
_entity_poly.pdbx_seq_one_letter_code
_entity_poly.pdbx_strand_id
1 'polypeptide(L)'
;(MSE)ATVLSPNQNNNSGSIPTGYSDLEFSLANGNWVKNLSLPTNANNSDKITIRSSAAYSSYLDTSNTNIPLEVLKINS
GDVYQFIFNSSQNKWIAQLATVSPTTGSNYELIPLTTAT(MSE)QKVLIQDDKWAQTIALPSDVRDGTTVQVVSTASVSS
DIDKTNLLFPSSFTLKNGSEYWFKYYSALGKWVPEYIKPQKLNVQQIGTSLAAVNSPLTEIAFGDGNWVSNFTLPTTAND
RDRIIIKSTATWSAKINNTNVNSQATLTLKTGDQYEF(MSE)YVSDKGYWQLISSPTKVIDSTATIPAILPN(MSE)TQP
TLKVKLSTSNWQPTLQLPAQAQVGDKVVIVSNASADTYINAANGLSTAIKNGENRRFIYTAQGWTVDSYTID(MSE)LLV
SSPEVNSILGESAAKLR(MSE)IEGVNLTNLTAENSNARFYLRDVGYITYKIPAATLKEAISTGRDDTTVQNERKRILAD
GVYYQGNEPGDGGCGWAWINASAYN(MSE)IGANDIAGCSFAA(MSE)RHEVGHNLGLYHNGSTNIGSGFAHPLGSTA
(MSE)GGNNINFYSSPYLYNPKYGVRLGEEGKIDAVSVINLNAQKISLYNHHHHHH
;
A,B,C,D,E,F
2 'polypeptide(L)'
;(MSE)QSSSALTFSPESRQQSGAK(MSE)IESQNILNLSPSEKERLSQQQIVFNEVEKDQLHSKANFPLLKNAKG(MSE)
VIKYDPKVIELKKVGDTVKFQ(MSE)LEYGINRTGKIVEIEPVDQDIVRWTGRFDQGDPNQNFFTITQSQKDHYTI
(MSE)QIFTEKGNYSAEIKDGVGLVQT(MSE)DEGVTDQELHHDHP
;
G,H,K,L,M,N
#
loop_
_chem_comp.id
_chem_comp.type
_chem_comp.name
_chem_comp.formula
SO4 non-polymer 'SULFATE ION' 'O4 S -2'
ZN non-polymer 'ZINC ION' 'Zn 2'
#
# COMPACT_ATOMS: atom_id res chain seq x y z
N ALA A 2 -71.81 -9.15 -39.91
CA ALA A 2 -70.99 -9.82 -38.91
C ALA A 2 -71.21 -11.33 -38.93
N THR A 3 -70.12 -12.08 -38.80
CA THR A 3 -70.17 -13.54 -38.82
C THR A 3 -70.07 -14.07 -37.39
N VAL A 4 -70.99 -14.96 -37.03
CA VAL A 4 -71.07 -15.51 -35.68
C VAL A 4 -70.49 -16.93 -35.70
N LEU A 5 -69.50 -17.18 -34.85
CA LEU A 5 -68.89 -18.48 -34.71
C LEU A 5 -68.84 -18.87 -33.23
N SER A 6 -68.48 -20.11 -32.97
CA SER A 6 -68.47 -20.66 -31.62
C SER A 6 -67.61 -21.92 -31.62
N PRO A 7 -67.20 -22.39 -30.44
CA PRO A 7 -66.41 -23.63 -30.39
C PRO A 7 -67.04 -24.82 -31.10
N ASN A 8 -68.33 -25.08 -30.87
CA ASN A 8 -68.99 -26.21 -31.54
C ASN A 8 -68.96 -26.05 -33.05
N GLN A 9 -68.91 -24.82 -33.54
CA GLN A 9 -68.78 -24.55 -34.97
C GLN A 9 -67.33 -24.41 -35.41
N ASN A 10 -66.38 -24.75 -34.53
CA ASN A 10 -64.95 -24.57 -34.81
C ASN A 10 -64.17 -25.80 -34.36
N ASN A 11 -64.74 -26.99 -34.59
CA ASN A 11 -64.13 -28.26 -34.19
C ASN A 11 -63.84 -28.32 -32.69
N ASN A 12 -64.67 -27.65 -31.89
CA ASN A 12 -64.52 -27.61 -30.43
C ASN A 12 -63.14 -27.08 -30.04
N SER A 13 -62.63 -26.13 -30.80
CA SER A 13 -61.30 -25.57 -30.59
C SER A 13 -61.39 -24.07 -30.34
N GLY A 14 -60.46 -23.59 -29.51
CA GLY A 14 -60.37 -22.17 -29.22
C GLY A 14 -59.57 -21.36 -30.21
N SER A 15 -58.97 -22.01 -31.20
CA SER A 15 -58.21 -21.31 -32.23
C SER A 15 -59.18 -20.60 -33.16
N ILE A 16 -59.40 -19.31 -32.91
CA ILE A 16 -60.31 -18.50 -33.72
C ILE A 16 -59.76 -18.44 -35.14
N PRO A 17 -60.50 -18.93 -36.14
CA PRO A 17 -59.94 -19.06 -37.48
C PRO A 17 -59.82 -17.72 -38.20
N THR A 18 -58.97 -17.72 -39.21
CA THR A 18 -58.74 -16.54 -40.03
C THR A 18 -59.63 -16.57 -41.27
N GLY A 19 -59.53 -15.51 -42.09
CA GLY A 19 -60.28 -15.42 -43.32
C GLY A 19 -61.58 -14.65 -43.24
N TYR A 20 -61.95 -14.16 -42.06
CA TYR A 20 -63.17 -13.38 -41.87
C TYR A 20 -62.82 -11.92 -41.68
N SER A 21 -63.52 -11.04 -42.41
CA SER A 21 -63.29 -9.61 -42.26
C SER A 21 -63.93 -9.05 -40.99
N ASP A 22 -65.00 -9.69 -40.51
CA ASP A 22 -65.68 -9.25 -39.30
C ASP A 22 -66.26 -10.50 -38.63
N LEU A 23 -65.54 -11.00 -37.62
CA LEU A 23 -65.86 -12.26 -36.97
C LEU A 23 -66.27 -12.02 -35.53
N GLU A 24 -67.20 -12.85 -35.05
CA GLU A 24 -67.68 -12.78 -33.67
C GLU A 24 -67.66 -14.18 -33.09
N PHE A 25 -66.80 -14.41 -32.11
CA PHE A 25 -66.64 -15.72 -31.47
C PHE A 25 -67.35 -15.70 -30.12
N SER A 26 -68.36 -16.53 -29.98
CA SER A 26 -69.22 -16.54 -28.79
C SER A 26 -69.02 -17.81 -27.98
N LEU A 27 -68.99 -17.65 -26.66
CA LEU A 27 -68.86 -18.75 -25.72
C LEU A 27 -70.13 -18.83 -24.88
N ALA A 28 -70.66 -20.05 -24.71
CA ALA A 28 -71.87 -20.27 -23.94
C ALA A 28 -71.65 -21.47 -23.03
N ASN A 29 -72.67 -21.80 -22.23
CA ASN A 29 -72.55 -22.92 -21.31
C ASN A 29 -72.45 -24.24 -22.05
N GLY A 30 -73.26 -24.44 -23.07
CA GLY A 30 -73.17 -25.63 -23.90
C GLY A 30 -72.19 -25.52 -25.05
N ASN A 31 -71.55 -24.37 -25.20
CA ASN A 31 -70.62 -24.11 -26.31
C ASN A 31 -69.45 -23.32 -25.73
N TRP A 32 -68.42 -24.04 -25.28
CA TRP A 32 -67.36 -23.42 -24.50
C TRP A 32 -66.05 -24.15 -24.70
N VAL A 33 -64.96 -23.39 -24.59
CA VAL A 33 -63.60 -23.94 -24.59
C VAL A 33 -62.77 -23.09 -23.64
N LYS A 34 -61.77 -23.70 -23.00
CA LYS A 34 -61.03 -23.02 -21.96
C LYS A 34 -60.00 -22.05 -22.53
N ASN A 35 -59.18 -22.50 -23.47
CA ASN A 35 -58.09 -21.71 -24.01
C ASN A 35 -58.44 -21.23 -25.41
N LEU A 36 -58.25 -19.92 -25.64
CA LEU A 36 -58.54 -19.29 -26.92
C LEU A 36 -57.30 -18.59 -27.45
N SER A 37 -57.29 -18.38 -28.76
CA SER A 37 -56.17 -17.70 -29.41
C SER A 37 -56.65 -17.05 -30.69
N LEU A 38 -55.99 -15.95 -31.08
CA LEU A 38 -56.26 -15.21 -32.30
C LEU A 38 -55.35 -15.70 -33.42
N PRO A 39 -55.81 -15.64 -34.67
CA PRO A 39 -54.99 -16.17 -35.77
C PRO A 39 -53.84 -15.23 -36.11
N THR A 40 -52.70 -15.84 -36.45
CA THR A 40 -51.53 -15.07 -36.86
C THR A 40 -51.70 -14.53 -38.27
N ASN A 41 -52.15 -15.37 -39.20
CA ASN A 41 -52.43 -14.92 -40.56
C ASN A 41 -53.73 -14.13 -40.57
N ALA A 42 -53.69 -12.92 -41.12
CA ALA A 42 -54.87 -12.06 -41.16
C ALA A 42 -54.61 -10.90 -42.11
N ASN A 43 -55.70 -10.25 -42.51
CA ASN A 43 -55.62 -9.04 -43.31
C ASN A 43 -55.64 -7.81 -42.40
N ASN A 44 -55.50 -6.63 -43.00
CA ASN A 44 -55.20 -5.42 -42.23
C ASN A 44 -56.33 -5.09 -41.25
N SER A 45 -57.52 -4.78 -41.75
CA SER A 45 -58.60 -4.26 -40.93
C SER A 45 -59.59 -5.35 -40.50
N ASP A 46 -59.11 -6.57 -40.31
CA ASP A 46 -59.97 -7.64 -39.82
C ASP A 46 -60.37 -7.39 -38.37
N LYS A 47 -61.63 -7.65 -38.05
CA LYS A 47 -62.17 -7.41 -36.72
C LYS A 47 -62.63 -8.74 -36.12
N ILE A 48 -62.22 -8.98 -34.87
CA ILE A 48 -62.63 -10.15 -34.11
C ILE A 48 -63.20 -9.69 -32.78
N THR A 49 -64.38 -10.19 -32.43
CA THR A 49 -65.03 -9.85 -31.17
C THR A 49 -65.35 -11.14 -30.41
N ILE A 50 -64.89 -11.20 -29.17
CA ILE A 50 -65.08 -12.37 -28.31
C ILE A 50 -66.11 -12.03 -27.25
N ARG A 51 -67.20 -12.80 -27.22
CA ARG A 51 -68.23 -12.67 -26.19
C ARG A 51 -68.33 -13.98 -25.41
N SER A 52 -68.78 -13.87 -24.17
CA SER A 52 -68.91 -15.03 -23.31
C SER A 52 -70.09 -14.89 -22.37
N SER A 53 -70.96 -15.91 -22.35
CA SER A 53 -72.03 -16.02 -21.38
C SER A 53 -71.93 -17.30 -20.57
N ALA A 54 -70.80 -18.00 -20.66
CA ALA A 54 -70.63 -19.28 -19.99
C ALA A 54 -70.29 -19.08 -18.52
N ALA A 55 -70.68 -20.06 -17.69
CA ALA A 55 -70.35 -20.01 -16.28
C ALA A 55 -68.86 -20.20 -16.04
N TYR A 56 -68.19 -20.96 -16.90
CA TYR A 56 -66.76 -21.19 -16.78
C TYR A 56 -65.99 -20.07 -17.45
N SER A 57 -64.87 -19.68 -16.84
CA SER A 57 -64.02 -18.64 -17.39
C SER A 57 -63.17 -19.19 -18.53
N SER A 58 -62.82 -18.31 -19.46
CA SER A 58 -61.95 -18.64 -20.57
C SER A 58 -60.70 -17.76 -20.53
N TYR A 59 -59.67 -18.19 -21.23
CA TYR A 59 -58.38 -17.53 -21.20
C TYR A 59 -57.84 -17.38 -22.62
N LEU A 60 -57.40 -16.17 -22.96
CA LEU A 60 -57.01 -15.82 -24.32
C LEU A 60 -55.50 -15.65 -24.41
N ASP A 61 -54.89 -16.32 -25.37
CA ASP A 61 -53.48 -16.11 -25.68
C ASP A 61 -53.30 -14.72 -26.27
N THR A 62 -52.45 -13.90 -25.64
CA THR A 62 -52.24 -12.52 -26.04
C THR A 62 -50.86 -12.31 -26.67
N SER A 63 -50.21 -13.38 -27.11
CA SER A 63 -48.84 -13.26 -27.60
C SER A 63 -48.76 -12.50 -28.91
N ASN A 64 -49.84 -12.49 -29.70
CA ASN A 64 -49.86 -11.80 -30.98
C ASN A 64 -50.76 -10.57 -30.94
N THR A 65 -50.93 -9.97 -29.77
CA THR A 65 -51.70 -8.75 -29.58
C THR A 65 -50.76 -7.66 -29.06
N ASN A 66 -51.33 -6.48 -28.79
CA ASN A 66 -50.60 -5.37 -28.21
C ASN A 66 -50.86 -5.21 -26.71
N ILE A 67 -51.42 -6.24 -26.08
CA ILE A 67 -51.72 -6.23 -24.65
C ILE A 67 -50.49 -6.75 -23.91
N PRO A 68 -49.86 -5.96 -23.04
CA PRO A 68 -48.64 -6.43 -22.35
C PRO A 68 -48.88 -7.58 -21.38
N LEU A 69 -50.12 -7.90 -21.06
CA LEU A 69 -50.41 -9.03 -20.18
C LEU A 69 -50.22 -10.35 -20.95
N GLU A 70 -49.86 -11.39 -20.22
CA GLU A 70 -49.62 -12.68 -20.85
C GLU A 70 -50.92 -13.39 -21.23
N VAL A 71 -51.93 -13.32 -20.36
CA VAL A 71 -53.20 -14.00 -20.59
C VAL A 71 -54.33 -13.06 -20.22
N LEU A 72 -55.42 -13.10 -21.00
CA LEU A 72 -56.63 -12.37 -20.70
C LEU A 72 -57.66 -13.32 -20.09
N LYS A 73 -58.22 -12.93 -18.95
CA LYS A 73 -59.26 -13.71 -18.30
C LYS A 73 -60.61 -13.28 -18.86
N ILE A 74 -61.31 -14.22 -19.49
CA ILE A 74 -62.61 -13.96 -20.09
C ILE A 74 -63.70 -14.50 -19.16
N ASN A 75 -64.58 -13.63 -18.71
CA ASN A 75 -65.67 -13.99 -17.82
C ASN A 75 -67.01 -13.80 -18.52
N SER A 76 -68.07 -14.27 -17.88
CA SER A 76 -69.42 -14.12 -18.41
C SER A 76 -69.79 -12.65 -18.43
N GLY A 77 -70.15 -12.14 -19.61
CA GLY A 77 -70.50 -10.75 -19.79
C GLY A 77 -69.41 -9.90 -20.41
N ASP A 78 -68.20 -10.44 -20.57
CA ASP A 78 -67.11 -9.69 -21.18
C ASP A 78 -67.28 -9.64 -22.69
N VAL A 79 -66.85 -8.53 -23.28
CA VAL A 79 -66.88 -8.30 -24.72
C VAL A 79 -65.54 -7.71 -25.11
N TYR A 80 -64.66 -8.51 -25.70
CA TYR A 80 -63.37 -8.06 -26.17
C TYR A 80 -63.39 -7.90 -27.68
N GLN A 81 -62.81 -6.81 -28.18
CA GLN A 81 -62.78 -6.51 -29.59
C GLN A 81 -61.35 -6.23 -30.03
N PHE A 82 -60.92 -6.88 -31.10
CA PHE A 82 -59.57 -6.72 -31.63
C PHE A 82 -59.65 -6.35 -33.10
N ILE A 83 -58.73 -5.48 -33.53
CA ILE A 83 -58.60 -5.09 -34.93
C ILE A 83 -57.14 -5.31 -35.33
N PHE A 84 -56.91 -6.13 -36.34
CA PHE A 84 -55.57 -6.47 -36.77
C PHE A 84 -54.85 -5.23 -37.32
N ASN A 85 -53.55 -5.37 -37.53
CA ASN A 85 -52.74 -4.27 -38.05
C ASN A 85 -51.54 -4.88 -38.76
N SER A 86 -51.51 -4.75 -40.09
CA SER A 86 -50.41 -5.32 -40.86
C SER A 86 -49.11 -4.58 -40.62
N SER A 87 -49.17 -3.27 -40.35
CA SER A 87 -47.95 -2.50 -40.10
C SER A 87 -47.24 -2.95 -38.84
N GLN A 88 -47.98 -3.47 -37.86
CA GLN A 88 -47.40 -3.96 -36.63
C GLN A 88 -47.51 -5.48 -36.48
N ASN A 89 -48.26 -6.15 -37.36
CA ASN A 89 -48.40 -7.60 -37.34
C ASN A 89 -48.96 -8.08 -35.99
N LYS A 90 -49.91 -7.32 -35.44
CA LYS A 90 -50.50 -7.65 -34.15
C LYS A 90 -51.97 -7.25 -34.16
N TRP A 91 -52.74 -7.89 -33.28
CA TRP A 91 -54.14 -7.55 -33.08
C TRP A 91 -54.23 -6.42 -32.05
N ILE A 92 -54.72 -5.27 -32.48
CA ILE A 92 -54.86 -4.12 -31.60
C ILE A 92 -56.18 -4.21 -30.86
N ALA A 93 -56.12 -4.11 -29.52
CA ALA A 93 -57.31 -4.24 -28.70
C ALA A 93 -58.09 -2.93 -28.68
N GLN A 94 -59.42 -3.06 -28.67
CA GLN A 94 -60.34 -1.92 -28.61
C GLN A 94 -61.05 -1.99 -27.26
N LEU A 95 -60.45 -1.36 -26.25
CA LEU A 95 -60.96 -1.41 -24.88
C LEU A 95 -61.93 -0.27 -24.62
N ALA A 96 -62.85 -0.51 -23.69
CA ALA A 96 -63.75 0.54 -23.22
C ALA A 96 -62.95 1.67 -22.56
N THR A 97 -63.06 2.86 -23.12
CA THR A 97 -62.27 4.01 -22.69
C THR A 97 -63.12 4.97 -21.87
N VAL A 98 -62.57 5.42 -20.74
CA VAL A 98 -63.18 6.45 -19.92
C VAL A 98 -62.11 7.51 -19.63
N SER A 99 -62.53 8.77 -19.61
CA SER A 99 -61.59 9.86 -19.43
C SER A 99 -62.10 10.86 -18.41
N PRO A 100 -61.20 11.55 -17.70
CA PRO A 100 -61.63 12.67 -16.87
C PRO A 100 -62.19 13.79 -17.72
N THR A 101 -63.25 14.43 -17.24
CA THR A 101 -63.95 15.46 -18.00
C THR A 101 -63.86 16.84 -17.39
N THR A 102 -63.55 16.95 -16.11
CA THR A 102 -63.39 18.24 -15.43
C THR A 102 -61.91 18.59 -15.38
N GLY A 103 -61.58 19.82 -15.77
CA GLY A 103 -60.20 20.27 -15.76
C GLY A 103 -59.70 20.65 -14.38
N SER A 104 -60.33 20.10 -13.35
CA SER A 104 -60.05 20.50 -11.98
C SER A 104 -58.84 19.72 -11.43
N ASN A 105 -58.64 19.81 -10.12
CA ASN A 105 -57.47 19.22 -9.47
C ASN A 105 -57.67 17.78 -9.05
N TYR A 106 -58.92 17.33 -8.91
CA TYR A 106 -59.19 15.97 -8.44
C TYR A 106 -60.47 15.47 -9.09
N GLU A 107 -60.42 14.27 -9.65
CA GLU A 107 -61.59 13.68 -10.29
C GLU A 107 -61.57 12.17 -10.10
N LEU A 108 -62.67 11.64 -9.57
CA LEU A 108 -62.84 10.20 -9.49
C LEU A 108 -63.27 9.64 -10.84
N ILE A 109 -62.65 8.55 -11.24
CA ILE A 109 -62.90 7.94 -12.55
C ILE A 109 -64.01 6.90 -12.38
N PRO A 110 -65.13 7.02 -13.10
CA PRO A 110 -66.18 5.99 -13.03
C PRO A 110 -65.82 4.79 -13.89
N LEU A 111 -65.81 3.61 -13.28
CA LEU A 111 -65.52 2.36 -13.97
C LEU A 111 -66.77 1.50 -14.05
N THR A 112 -66.89 0.75 -15.14
CA THR A 112 -67.98 -0.19 -15.32
C THR A 112 -67.61 -1.52 -14.66
N THR A 113 -68.43 -2.54 -14.89
CA THR A 113 -68.17 -3.88 -14.38
C THR A 113 -67.35 -4.72 -15.36
N ALA A 114 -66.94 -4.16 -16.48
CA ALA A 114 -66.11 -4.89 -17.44
C ALA A 114 -64.77 -5.27 -16.82
N THR A 115 -64.32 -6.48 -17.13
CA THR A 115 -63.06 -6.98 -16.57
C THR A 115 -61.90 -6.10 -16.97
N MSE A 116 -61.87 -5.64 -18.22
CA MSE A 116 -60.79 -4.79 -18.68
C MSE A 116 -61.29 -3.45 -19.21
O MSE A 116 -62.21 -3.40 -20.03
CB MSE A 116 -59.98 -5.51 -19.77
CG MSE A 116 -58.81 -4.70 -20.31
SE MSE A 116 -57.49 -5.82 -21.17
CE MSE A 116 -57.01 -6.91 -19.62
N GLN A 117 -60.70 -2.37 -18.72
CA GLN A 117 -61.08 -1.02 -19.10
C GLN A 117 -59.82 -0.19 -19.28
N LYS A 118 -59.96 0.92 -20.00
CA LYS A 118 -58.86 1.85 -20.26
C LYS A 118 -59.22 3.23 -19.76
N VAL A 119 -58.34 3.81 -18.93
CA VAL A 119 -58.45 5.21 -18.52
C VAL A 119 -57.43 6.01 -19.32
N LEU A 120 -57.92 6.91 -20.16
CA LEU A 120 -57.09 7.63 -21.13
C LEU A 120 -57.18 9.12 -20.85
N ILE A 121 -56.03 9.76 -20.70
CA ILE A 121 -55.92 11.18 -20.40
C ILE A 121 -55.40 11.92 -21.62
N GLN A 122 -56.09 13.01 -21.99
CA GLN A 122 -55.73 13.82 -23.16
C GLN A 122 -55.62 15.29 -22.77
N ASP A 123 -55.12 16.07 -23.72
CA ASP A 123 -55.01 17.52 -23.52
C ASP A 123 -56.37 18.13 -23.21
N ASP A 124 -57.42 17.68 -23.90
CA ASP A 124 -58.77 18.21 -23.75
C ASP A 124 -59.58 17.46 -22.70
N LYS A 125 -59.11 16.31 -22.23
CA LYS A 125 -59.76 15.55 -21.15
C LYS A 125 -58.70 15.26 -20.09
N TRP A 126 -58.55 16.18 -19.14
CA TRP A 126 -57.41 16.17 -18.24
C TRP A 126 -57.87 16.51 -16.82
N ALA A 127 -57.09 16.04 -15.85
CA ALA A 127 -57.28 16.38 -14.44
C ALA A 127 -55.94 16.26 -13.74
N GLN A 128 -55.73 17.12 -12.74
CA GLN A 128 -54.46 17.12 -12.01
C GLN A 128 -54.21 15.77 -11.34
N THR A 129 -55.22 15.23 -10.67
CA THR A 129 -55.10 13.95 -9.99
C THR A 129 -56.35 13.13 -10.26
N ILE A 130 -56.18 11.95 -10.82
CA ILE A 130 -57.28 11.03 -11.07
C ILE A 130 -57.21 9.91 -10.02
N ALA A 131 -58.38 9.45 -9.61
CA ALA A 131 -58.49 8.43 -8.57
C ALA A 131 -59.23 7.22 -9.12
N LEU A 132 -58.65 6.05 -8.95
CA LEU A 132 -59.37 4.83 -9.31
C LEU A 132 -60.37 4.49 -8.22
N PRO A 133 -61.58 4.06 -8.59
CA PRO A 133 -62.58 3.72 -7.57
C PRO A 133 -62.22 2.44 -6.85
N SER A 134 -62.53 2.41 -5.56
CA SER A 134 -62.33 1.21 -4.77
C SER A 134 -63.57 0.33 -4.80
N ASP A 135 -63.40 -0.92 -4.34
CA ASP A 135 -64.49 -1.88 -4.21
C ASP A 135 -65.22 -2.08 -5.54
N VAL A 136 -64.46 -2.51 -6.52
CA VAL A 136 -64.98 -2.91 -7.82
C VAL A 136 -64.88 -4.43 -7.91
N ARG A 137 -65.40 -5.01 -8.99
CA ARG A 137 -65.40 -6.46 -9.14
C ARG A 137 -63.97 -6.99 -9.07
N ASP A 138 -63.76 -8.01 -8.23
CA ASP A 138 -62.43 -8.59 -8.06
C ASP A 138 -61.85 -9.05 -9.39
N GLY A 139 -60.60 -8.67 -9.64
CA GLY A 139 -59.95 -9.00 -10.88
C GLY A 139 -60.03 -7.95 -11.96
N THR A 140 -60.76 -6.86 -11.70
CA THR A 140 -60.87 -5.78 -12.68
C THR A 140 -59.49 -5.22 -13.02
N THR A 141 -59.17 -5.20 -14.31
CA THR A 141 -57.88 -4.72 -14.80
C THR A 141 -58.11 -3.41 -15.56
N VAL A 142 -57.30 -2.40 -15.26
CA VAL A 142 -57.43 -1.09 -15.87
C VAL A 142 -56.08 -0.68 -16.44
N GLN A 143 -56.10 -0.12 -17.64
CA GLN A 143 -54.91 0.46 -18.26
C GLN A 143 -55.01 1.97 -18.19
N VAL A 144 -54.07 2.59 -17.47
CA VAL A 144 -54.03 4.04 -17.33
C VAL A 144 -52.97 4.57 -18.29
N VAL A 145 -53.40 5.40 -19.24
CA VAL A 145 -52.52 5.91 -20.30
C VAL A 145 -52.83 7.38 -20.49
N SER A 146 -51.78 8.16 -20.78
CA SER A 146 -51.92 9.60 -21.00
C SER A 146 -51.21 9.99 -22.28
N THR A 147 -51.87 10.82 -23.09
CA THR A 147 -51.27 11.44 -24.25
C THR A 147 -51.19 12.96 -24.10
N ALA A 148 -51.57 13.49 -22.94
CA ALA A 148 -51.55 14.92 -22.71
C ALA A 148 -50.12 15.43 -22.57
N SER A 149 -49.95 16.72 -22.84
CA SER A 149 -48.64 17.36 -22.74
C SER A 149 -48.35 17.90 -21.35
N VAL A 150 -49.37 18.13 -20.53
CA VAL A 150 -49.20 18.51 -19.13
C VAL A 150 -49.41 17.25 -18.29
N SER A 151 -48.51 17.02 -17.35
CA SER A 151 -48.49 15.77 -16.60
C SER A 151 -49.56 15.77 -15.51
N SER A 152 -49.92 14.56 -15.08
CA SER A 152 -50.87 14.34 -14.00
C SER A 152 -50.39 13.14 -13.19
N ASP A 153 -51.21 12.71 -12.23
CA ASP A 153 -50.83 11.58 -11.39
C ASP A 153 -52.09 10.88 -10.87
N ILE A 154 -51.88 9.73 -10.25
CA ILE A 154 -52.94 8.88 -9.73
C ILE A 154 -52.97 9.01 -8.22
N ASP A 155 -54.17 9.15 -7.66
CA ASP A 155 -54.33 9.13 -6.21
C ASP A 155 -53.82 7.79 -5.66
N LYS A 156 -53.07 7.87 -4.57
CA LYS A 156 -52.33 6.72 -4.04
C LYS A 156 -53.04 6.04 -2.89
N THR A 157 -54.22 6.52 -2.48
CA THR A 157 -54.89 5.99 -1.30
C THR A 157 -55.17 4.50 -1.44
N ASN A 158 -55.78 4.10 -2.56
CA ASN A 158 -56.16 2.71 -2.77
C ASN A 158 -55.16 1.94 -3.63
N LEU A 159 -53.94 2.45 -3.74
CA LEU A 159 -52.88 1.73 -4.42
C LEU A 159 -52.07 0.91 -3.42
N LEU A 160 -51.54 -0.22 -3.89
CA LEU A 160 -50.79 -1.10 -3.00
C LEU A 160 -49.61 -0.38 -2.36
N PHE A 161 -48.87 0.40 -3.15
CA PHE A 161 -47.76 1.20 -2.65
C PHE A 161 -47.84 2.61 -3.24
N PRO A 162 -47.47 3.63 -2.47
CA PRO A 162 -47.52 5.02 -2.96
C PRO A 162 -46.32 5.37 -3.84
N SER A 163 -46.21 4.68 -4.97
CA SER A 163 -45.10 4.91 -5.88
C SER A 163 -45.33 6.18 -6.70
N SER A 164 -44.35 6.50 -7.56
CA SER A 164 -44.38 7.74 -8.34
C SER A 164 -45.22 7.54 -9.61
N PHE A 165 -46.52 7.32 -9.39
CA PHE A 165 -47.45 7.07 -10.49
C PHE A 165 -47.85 8.40 -11.14
N THR A 166 -46.87 9.02 -11.78
CA THR A 166 -47.11 10.23 -12.57
C THR A 166 -47.36 9.86 -14.02
N LEU A 167 -48.20 10.65 -14.69
CA LEU A 167 -48.65 10.36 -16.04
C LEU A 167 -48.25 11.50 -16.96
N LYS A 168 -47.29 11.25 -17.84
CA LYS A 168 -46.92 12.16 -18.91
C LYS A 168 -47.26 11.51 -20.24
N ASN A 169 -47.00 12.25 -21.33
CA ASN A 169 -47.21 11.72 -22.67
C ASN A 169 -46.39 10.46 -22.89
N GLY A 170 -47.07 9.32 -23.06
CA GLY A 170 -46.43 8.04 -23.25
C GLY A 170 -46.46 7.12 -22.05
N SER A 171 -46.89 7.60 -20.89
CA SER A 171 -46.97 6.75 -19.71
C SER A 171 -48.06 5.70 -19.86
N GLU A 172 -47.83 4.53 -19.26
CA GLU A 172 -48.77 3.42 -19.36
C GLU A 172 -48.64 2.56 -18.12
N TYR A 173 -49.70 2.50 -17.32
CA TYR A 173 -49.74 1.68 -16.11
C TYR A 173 -50.95 0.76 -16.17
N TRP A 174 -50.74 -0.52 -15.84
CA TRP A 174 -51.81 -1.50 -15.74
C TRP A 174 -51.99 -1.90 -14.29
N PHE A 175 -53.22 -1.82 -13.79
CA PHE A 175 -53.56 -2.18 -12.43
C PHE A 175 -54.64 -3.25 -12.42
N LYS A 176 -54.57 -4.14 -11.42
CA LYS A 176 -55.61 -5.11 -11.17
C LYS A 176 -56.04 -4.99 -9.71
N TYR A 177 -57.35 -4.96 -9.48
CA TYR A 177 -57.89 -4.77 -8.14
C TYR A 177 -58.02 -6.11 -7.43
N TYR A 178 -57.49 -6.17 -6.21
CA TYR A 178 -57.58 -7.35 -5.35
C TYR A 178 -58.49 -7.02 -4.18
N SER A 179 -59.68 -7.64 -4.17
CA SER A 179 -60.62 -7.37 -3.08
C SER A 179 -60.12 -7.93 -1.76
N ALA A 180 -59.27 -8.96 -1.80
CA ALA A 180 -58.65 -9.46 -0.57
C ALA A 180 -57.76 -8.41 0.08
N LEU A 181 -57.20 -7.50 -0.72
CA LEU A 181 -56.39 -6.40 -0.22
C LEU A 181 -57.10 -5.06 -0.23
N GLY A 182 -58.22 -4.94 -0.96
CA GLY A 182 -58.84 -3.64 -1.18
C GLY A 182 -57.89 -2.64 -1.80
N LYS A 183 -57.02 -3.09 -2.70
CA LYS A 183 -55.99 -2.25 -3.28
C LYS A 183 -55.84 -2.56 -4.76
N TRP A 184 -55.55 -1.52 -5.54
CA TRP A 184 -55.13 -1.70 -6.92
C TRP A 184 -53.65 -2.08 -6.94
N VAL A 185 -53.34 -3.21 -7.56
CA VAL A 185 -51.99 -3.78 -7.57
C VAL A 185 -51.41 -3.61 -8.96
N PRO A 186 -50.21 -3.04 -9.10
CA PRO A 186 -49.61 -2.89 -10.43
C PRO A 186 -49.24 -4.24 -11.02
N GLU A 187 -49.69 -4.49 -12.25
CA GLU A 187 -49.37 -5.71 -12.97
C GLU A 187 -48.40 -5.51 -14.11
N TYR A 188 -48.38 -4.33 -14.73
CA TYR A 188 -47.40 -4.00 -15.75
C TYR A 188 -47.14 -2.50 -15.72
N ILE A 189 -45.86 -2.12 -15.68
CA ILE A 189 -45.44 -0.73 -15.68
C ILE A 189 -44.54 -0.52 -16.88
N LYS A 190 -44.97 0.36 -17.79
CA LYS A 190 -44.14 0.70 -18.94
C LYS A 190 -42.92 1.48 -18.46
N PRO A 191 -41.70 0.99 -18.68
CA PRO A 191 -40.53 1.63 -18.09
C PRO A 191 -40.19 2.95 -18.76
N GLN A 192 -39.68 3.87 -17.96
CA GLN A 192 -39.06 5.09 -18.45
C GLN A 192 -37.60 4.79 -18.78
N LYS A 193 -37.25 4.86 -20.05
CA LYS A 193 -35.93 4.45 -20.52
C LYS A 193 -35.01 5.67 -20.60
N LEU A 194 -33.84 5.56 -19.99
CA LEU A 194 -32.83 6.60 -20.00
C LEU A 194 -31.49 6.03 -20.43
N ASN A 195 -30.80 6.77 -21.29
CA ASN A 195 -29.41 6.46 -21.61
C ASN A 195 -28.51 7.21 -20.63
N VAL A 196 -27.57 6.48 -20.02
CA VAL A 196 -26.74 7.07 -18.98
C VAL A 196 -25.93 8.25 -19.48
N GLN A 197 -25.69 8.33 -20.79
CA GLN A 197 -25.01 9.50 -21.35
C GLN A 197 -25.84 10.77 -21.22
N GLN A 198 -27.18 10.64 -21.10
CA GLN A 198 -28.03 11.80 -20.95
C GLN A 198 -28.01 12.37 -19.54
N ILE A 199 -27.79 11.53 -18.53
CA ILE A 199 -27.89 11.95 -17.14
C ILE A 199 -26.55 11.96 -16.43
N GLY A 200 -25.49 11.42 -17.03
CA GLY A 200 -24.19 11.44 -16.39
C GLY A 200 -24.05 10.37 -15.32
N THR A 201 -23.21 10.67 -14.33
CA THR A 201 -22.83 9.71 -13.30
C THR A 201 -23.80 9.68 -12.12
N SER A 202 -24.93 10.36 -12.21
CA SER A 202 -25.86 10.40 -11.08
C SER A 202 -27.28 10.65 -11.59
N LEU A 203 -28.25 10.15 -10.83
CA LEU A 203 -29.66 10.43 -11.04
C LEU A 203 -30.18 11.11 -9.77
N ALA A 204 -30.55 12.38 -9.89
CA ALA A 204 -30.98 13.13 -8.71
C ALA A 204 -32.30 12.61 -8.18
N ALA A 205 -33.26 12.33 -9.05
CA ALA A 205 -34.57 11.87 -8.63
C ALA A 205 -35.20 11.04 -9.74
N VAL A 206 -36.15 10.19 -9.34
CA VAL A 206 -36.89 9.36 -10.29
C VAL A 206 -38.19 10.06 -10.65
N ASN A 207 -38.75 9.71 -11.80
CA ASN A 207 -39.93 10.35 -12.34
C ASN A 207 -41.09 9.40 -12.54
N SER A 208 -40.91 8.11 -12.32
CA SER A 208 -41.91 7.10 -12.62
C SER A 208 -41.64 5.87 -11.75
N PRO A 209 -42.60 4.94 -11.65
CA PRO A 209 -42.37 3.78 -10.78
C PRO A 209 -41.29 2.83 -11.29
N LEU A 210 -40.88 2.93 -12.55
CA LEU A 210 -39.89 2.03 -13.11
C LEU A 210 -39.00 2.82 -14.05
N THR A 211 -37.75 3.04 -13.65
CA THR A 211 -36.75 3.72 -14.46
C THR A 211 -35.73 2.71 -14.95
N GLU A 212 -35.41 2.75 -16.25
CA GLU A 212 -34.52 1.79 -16.88
C GLU A 212 -33.34 2.54 -17.48
N ILE A 213 -32.14 2.30 -16.95
CA ILE A 213 -30.94 3.03 -17.32
C ILE A 213 -30.04 2.09 -18.12
N ALA A 214 -29.74 2.47 -19.35
CA ALA A 214 -28.99 1.64 -20.27
C ALA A 214 -27.55 2.11 -20.39
N PHE A 215 -26.62 1.16 -20.35
CA PHE A 215 -25.21 1.38 -20.66
C PHE A 215 -24.87 0.70 -21.97
N GLY A 216 -24.04 1.36 -22.78
CA GLY A 216 -23.62 0.78 -24.05
C GLY A 216 -22.35 1.42 -24.54
N ASP A 217 -21.88 0.94 -25.69
CA ASP A 217 -20.74 1.58 -26.35
C ASP A 217 -21.18 2.90 -26.95
N GLY A 218 -20.45 3.97 -26.64
CA GLY A 218 -20.88 5.30 -26.96
C GLY A 218 -21.91 5.88 -26.02
N ASN A 219 -22.32 5.12 -25.00
CA ASN A 219 -23.29 5.57 -23.99
C ASN A 219 -22.88 4.91 -22.67
N TRP A 220 -22.03 5.59 -21.92
CA TRP A 220 -21.30 4.92 -20.85
C TRP A 220 -20.66 5.94 -19.93
N VAL A 221 -20.68 5.65 -18.63
CA VAL A 221 -19.91 6.38 -17.62
C VAL A 221 -19.22 5.35 -16.73
N SER A 222 -18.25 5.83 -15.95
CA SER A 222 -17.43 4.91 -15.17
C SER A 222 -18.10 4.49 -13.86
N ASN A 223 -18.99 5.32 -13.32
CA ASN A 223 -19.68 5.00 -12.08
C ASN A 223 -20.99 5.76 -12.05
N PHE A 224 -21.92 5.24 -11.24
CA PHE A 224 -23.28 5.76 -11.20
C PHE A 224 -23.81 5.70 -9.77
N THR A 225 -24.48 6.76 -9.35
CA THR A 225 -25.04 6.87 -8.01
C THR A 225 -26.55 6.96 -8.08
N LEU A 226 -27.23 6.10 -7.34
CA LEU A 226 -28.68 6.12 -7.28
C LEU A 226 -29.17 7.35 -6.52
N PRO A 227 -30.44 7.73 -6.71
CA PRO A 227 -30.99 8.86 -5.94
C PRO A 227 -30.97 8.56 -4.44
N THR A 228 -30.93 9.65 -3.66
CA THR A 228 -30.92 9.51 -2.21
C THR A 228 -32.29 9.14 -1.66
N THR A 229 -33.35 9.44 -2.39
CA THR A 229 -34.71 9.19 -1.93
C THR A 229 -35.61 9.02 -3.14
N ALA A 230 -36.75 8.35 -2.91
CA ALA A 230 -37.76 8.16 -3.93
C ALA A 230 -39.09 7.89 -3.23
N ASN A 231 -40.11 7.57 -4.01
CA ASN A 231 -41.38 7.12 -3.44
C ASN A 231 -41.32 5.62 -3.18
N ASP A 232 -42.20 5.17 -2.28
CA ASP A 232 -42.18 3.79 -1.83
C ASP A 232 -42.33 2.83 -3.01
N ARG A 233 -41.39 1.89 -3.14
CA ARG A 233 -41.41 0.80 -4.12
C ARG A 233 -41.12 1.27 -5.54
N ASP A 234 -40.58 2.47 -5.72
CA ASP A 234 -40.03 2.83 -7.03
C ASP A 234 -38.87 1.93 -7.36
N ARG A 235 -38.71 1.63 -8.65
CA ARG A 235 -37.71 0.66 -9.09
C ARG A 235 -36.80 1.27 -10.14
N ILE A 236 -35.52 0.92 -10.07
CA ILE A 236 -34.52 1.32 -11.06
C ILE A 236 -33.84 0.05 -11.58
N ILE A 237 -33.90 -0.15 -12.89
CA ILE A 237 -33.18 -1.24 -13.55
C ILE A 237 -31.99 -0.63 -14.29
N ILE A 238 -30.83 -1.22 -14.09
CA ILE A 238 -29.59 -0.79 -14.73
C ILE A 238 -29.11 -1.91 -15.63
N LYS A 239 -28.99 -1.63 -16.93
CA LYS A 239 -28.59 -2.61 -17.92
C LYS A 239 -27.35 -2.14 -18.66
N SER A 240 -26.54 -3.08 -19.12
CA SER A 240 -25.34 -2.76 -19.87
C SER A 240 -25.18 -3.70 -21.05
N THR A 241 -24.85 -3.12 -22.20
CA THR A 241 -24.31 -3.85 -23.34
C THR A 241 -22.92 -3.35 -23.71
N ALA A 242 -22.34 -2.48 -22.88
CA ALA A 242 -21.04 -1.89 -23.16
C ALA A 242 -19.93 -2.90 -23.01
N THR A 243 -18.83 -2.64 -23.71
CA THR A 243 -17.66 -3.52 -23.63
C THR A 243 -16.99 -3.42 -22.27
N TRP A 244 -16.78 -2.20 -21.78
CA TRP A 244 -16.02 -1.96 -20.57
C TRP A 244 -16.95 -1.86 -19.36
N SER A 245 -16.52 -2.48 -18.25
CA SER A 245 -17.34 -2.52 -17.05
C SER A 245 -17.51 -1.13 -16.45
N ALA A 246 -18.53 -1.00 -15.61
CA ALA A 246 -18.79 0.20 -14.83
C ALA A 246 -19.20 -0.21 -13.43
N LYS A 247 -19.12 0.72 -12.50
CA LYS A 247 -19.39 0.45 -11.09
C LYS A 247 -20.64 1.18 -10.65
N ILE A 248 -21.56 0.45 -10.04
CA ILE A 248 -22.71 1.06 -9.36
C ILE A 248 -22.31 1.35 -7.92
N ASN A 249 -22.30 2.63 -7.56
CA ASN A 249 -21.86 3.03 -6.23
C ASN A 249 -22.82 2.49 -5.17
N ASN A 250 -22.27 2.12 -4.02
CA ASN A 250 -23.05 1.52 -2.95
C ASN A 250 -23.82 2.53 -2.12
N THR A 251 -23.56 3.83 -2.30
CA THR A 251 -24.27 4.84 -1.52
C THR A 251 -25.75 4.81 -1.83
N ASN A 252 -26.56 5.01 -0.79
CA ASN A 252 -28.02 4.96 -0.80
C ASN A 252 -28.57 3.56 -1.05
N VAL A 253 -27.71 2.55 -1.15
CA VAL A 253 -28.13 1.17 -1.38
C VAL A 253 -27.90 0.37 -0.11
N ASN A 254 -28.83 -0.53 0.20
CA ASN A 254 -28.72 -1.39 1.37
C ASN A 254 -27.87 -2.62 1.06
N SER A 255 -26.64 -2.35 0.62
CA SER A 255 -25.71 -3.41 0.27
C SER A 255 -24.29 -2.85 0.11
N GLN A 256 -23.32 -3.53 0.68
CA GLN A 256 -21.91 -3.20 0.49
C GLN A 256 -21.25 -4.08 -0.55
N ALA A 257 -22.01 -4.95 -1.21
CA ALA A 257 -21.46 -5.93 -2.13
C ALA A 257 -20.92 -5.25 -3.39
N THR A 258 -20.19 -6.04 -4.19
CA THR A 258 -19.55 -5.54 -5.41
C THR A 258 -20.60 -5.39 -6.49
N LEU A 259 -21.00 -4.15 -6.76
CA LEU A 259 -21.99 -3.86 -7.80
C LEU A 259 -21.31 -3.42 -9.09
N THR A 260 -20.55 -4.34 -9.68
CA THR A 260 -19.87 -4.08 -10.94
C THR A 260 -20.79 -4.42 -12.11
N LEU A 261 -20.88 -3.51 -13.07
CA LEU A 261 -21.78 -3.63 -14.21
C LEU A 261 -20.98 -4.04 -15.43
N LYS A 262 -21.03 -5.33 -15.77
CA LYS A 262 -20.29 -5.86 -16.90
C LYS A 262 -21.21 -6.00 -18.11
N THR A 263 -20.63 -6.45 -19.22
CA THR A 263 -21.40 -6.68 -20.44
C THR A 263 -22.50 -7.71 -20.19
N GLY A 264 -23.75 -7.31 -20.51
CA GLY A 264 -24.89 -8.17 -20.34
C GLY A 264 -25.46 -8.22 -18.93
N ASP A 265 -24.81 -7.56 -17.96
CA ASP A 265 -25.31 -7.58 -16.59
C ASP A 265 -26.57 -6.74 -16.44
N GLN A 266 -27.34 -7.05 -15.41
CA GLN A 266 -28.55 -6.30 -15.08
C GLN A 266 -28.71 -6.26 -13.57
N TYR A 267 -28.97 -5.06 -13.03
CA TYR A 267 -29.26 -4.86 -11.62
C TYR A 267 -30.63 -4.22 -11.48
N GLU A 268 -31.34 -4.60 -10.42
CA GLU A 268 -32.65 -4.03 -10.12
C GLU A 268 -32.66 -3.57 -8.67
N PHE A 269 -33.15 -2.35 -8.44
CA PHE A 269 -33.20 -1.77 -7.12
C PHE A 269 -34.64 -1.34 -6.81
N MSE A 270 -34.99 -1.40 -5.53
CA MSE A 270 -36.32 -1.01 -5.10
C MSE A 270 -36.25 -0.17 -3.83
O MSE A 270 -35.67 -0.60 -2.83
CB MSE A 270 -37.19 -2.24 -4.86
CG MSE A 270 -38.61 -1.93 -4.43
SE MSE A 270 -39.57 -3.53 -3.83
CE MSE A 270 -38.47 -3.97 -2.28
N TYR A 271 -36.83 1.02 -3.86
CA TYR A 271 -36.77 1.92 -2.72
C TYR A 271 -37.75 1.49 -1.65
N VAL A 272 -37.34 1.63 -0.39
CA VAL A 272 -38.13 1.23 0.76
C VAL A 272 -38.24 2.45 1.67
N SER A 273 -39.43 3.05 1.74
CA SER A 273 -39.60 4.34 2.41
C SER A 273 -39.30 4.25 3.89
N ASP A 274 -39.90 3.27 4.58
CA ASP A 274 -39.73 3.17 6.03
C ASP A 274 -38.28 2.93 6.43
N LYS A 275 -37.46 2.39 5.53
CA LYS A 275 -36.04 2.18 5.78
C LYS A 275 -35.17 3.28 5.18
N GLY A 276 -35.63 3.93 4.12
CA GLY A 276 -34.90 5.04 3.53
C GLY A 276 -33.70 4.67 2.69
N TYR A 277 -33.74 3.54 2.00
CA TYR A 277 -32.66 3.16 1.11
C TYR A 277 -33.21 2.34 -0.05
N TRP A 278 -32.35 2.09 -1.03
CA TRP A 278 -32.66 1.21 -2.16
C TRP A 278 -32.30 -0.21 -1.78
N GLN A 279 -33.28 -1.11 -1.85
CA GLN A 279 -33.05 -2.53 -1.62
C GLN A 279 -32.60 -3.19 -2.91
N LEU A 280 -31.56 -4.02 -2.83
CA LEU A 280 -31.07 -4.76 -3.99
C LEU A 280 -31.89 -6.04 -4.13
N ILE A 281 -32.70 -6.11 -5.19
CA ILE A 281 -33.61 -7.23 -5.38
C ILE A 281 -33.21 -8.14 -6.55
N SER A 282 -32.24 -7.73 -7.37
CA SER A 282 -31.80 -8.56 -8.47
C SER A 282 -30.38 -8.15 -8.85
N SER A 283 -29.49 -9.13 -8.98
CA SER A 283 -28.09 -8.89 -9.29
C SER A 283 -27.53 -10.13 -9.98
N PRO A 284 -26.50 -9.97 -10.81
CA PRO A 284 -25.97 -11.12 -11.55
C PRO A 284 -25.20 -12.08 -10.66
N THR A 285 -25.06 -13.30 -11.16
CA THR A 285 -24.28 -14.35 -10.50
C THR A 285 -23.36 -14.98 -11.53
N LYS A 286 -22.06 -14.90 -11.30
CA LYS A 286 -21.10 -15.58 -12.15
C LYS A 286 -21.07 -17.07 -11.77
N VAL A 287 -21.25 -17.93 -12.77
CA VAL A 287 -21.38 -19.37 -12.56
C VAL A 287 -20.28 -20.07 -13.34
N ILE A 288 -19.44 -20.82 -12.63
CA ILE A 288 -18.48 -21.73 -13.23
C ILE A 288 -19.08 -23.13 -13.09
N ASP A 289 -19.67 -23.65 -14.17
CA ASP A 289 -20.46 -24.87 -14.07
C ASP A 289 -19.57 -26.10 -14.17
N SER A 290 -20.20 -27.28 -14.09
CA SER A 290 -19.49 -28.55 -13.97
C SER A 290 -18.69 -28.91 -15.22
N THR A 291 -18.88 -28.21 -16.34
CA THR A 291 -18.11 -28.45 -17.54
C THR A 291 -17.00 -27.42 -17.77
N ALA A 292 -16.99 -26.34 -17.03
CA ALA A 292 -15.99 -25.30 -17.17
C ALA A 292 -14.83 -25.52 -16.21
N THR A 293 -13.67 -24.97 -16.59
CA THR A 293 -12.48 -25.09 -15.75
C THR A 293 -12.60 -24.17 -14.53
N ILE A 294 -12.24 -24.71 -13.38
CA ILE A 294 -12.29 -24.00 -12.11
C ILE A 294 -10.86 -23.64 -11.72
N PRO A 295 -10.55 -22.37 -11.47
CA PRO A 295 -9.19 -22.01 -11.06
C PRO A 295 -8.93 -22.35 -9.60
N ALA A 296 -7.67 -22.69 -9.31
CA ALA A 296 -7.30 -23.02 -7.93
C ALA A 296 -7.52 -21.84 -7.00
N ILE A 297 -7.25 -20.62 -7.48
CA ILE A 297 -7.55 -19.39 -6.76
C ILE A 297 -8.76 -18.77 -7.44
N LEU A 298 -9.87 -18.70 -6.71
CA LEU A 298 -11.10 -18.18 -7.29
C LEU A 298 -10.92 -16.70 -7.66
N PRO A 299 -11.58 -16.25 -8.73
CA PRO A 299 -11.35 -14.88 -9.21
C PRO A 299 -11.93 -13.86 -8.25
N ASN A 300 -11.35 -12.65 -8.32
CA ASN A 300 -11.85 -11.54 -7.52
C ASN A 300 -13.28 -11.21 -7.92
N MSE A 301 -14.11 -10.87 -6.93
CA MSE A 301 -15.52 -10.63 -7.16
C MSE A 301 -15.77 -9.47 -8.13
O MSE A 301 -15.28 -8.35 -7.93
CB MSE A 301 -16.23 -10.34 -5.83
CG MSE A 301 -16.00 -11.39 -4.76
SE MSE A 301 -16.80 -13.12 -5.16
CE MSE A 301 -18.69 -12.61 -5.16
N THR A 302 -16.52 -9.75 -9.19
CA THR A 302 -17.00 -8.73 -10.11
C THR A 302 -18.52 -8.64 -10.11
N GLN A 303 -19.17 -9.24 -9.12
CA GLN A 303 -20.62 -9.22 -8.97
C GLN A 303 -20.95 -9.69 -7.55
N PRO A 304 -22.18 -9.49 -7.06
CA PRO A 304 -22.46 -9.84 -5.66
C PRO A 304 -22.32 -11.32 -5.33
N THR A 305 -22.41 -12.23 -6.30
CA THR A 305 -22.41 -13.65 -5.99
C THR A 305 -21.63 -14.43 -7.04
N LEU A 306 -20.94 -15.48 -6.57
CA LEU A 306 -20.21 -16.40 -7.43
C LEU A 306 -20.53 -17.82 -7.02
N LYS A 307 -20.90 -18.67 -7.97
CA LYS A 307 -21.23 -20.06 -7.71
C LYS A 307 -20.29 -20.95 -8.50
N VAL A 308 -19.67 -21.90 -7.80
CA VAL A 308 -18.70 -22.82 -8.39
C VAL A 308 -19.27 -24.23 -8.30
N LYS A 309 -19.23 -24.95 -9.42
CA LYS A 309 -19.83 -26.28 -9.53
C LYS A 309 -18.72 -27.30 -9.79
N LEU A 310 -18.31 -27.99 -8.73
CA LEU A 310 -17.28 -29.02 -8.84
C LEU A 310 -17.87 -30.32 -9.36
N SER A 311 -17.16 -30.95 -10.28
CA SER A 311 -17.55 -32.23 -10.85
C SER A 311 -16.31 -33.10 -11.00
N THR A 312 -16.49 -34.30 -11.55
CA THR A 312 -15.36 -35.19 -11.76
C THR A 312 -14.43 -34.65 -12.83
N SER A 313 -14.97 -33.98 -13.85
CA SER A 313 -14.16 -33.51 -14.97
C SER A 313 -13.49 -32.17 -14.71
N ASN A 314 -13.88 -31.44 -13.66
CA ASN A 314 -13.22 -30.19 -13.31
C ASN A 314 -12.77 -30.17 -11.85
N TRP A 315 -12.62 -31.35 -11.24
CA TRP A 315 -12.27 -31.44 -9.83
C TRP A 315 -10.96 -30.73 -9.54
N GLN A 316 -10.89 -30.12 -8.35
CA GLN A 316 -9.73 -29.42 -7.88
C GLN A 316 -9.45 -29.83 -6.44
N PRO A 317 -8.18 -30.11 -6.09
CA PRO A 317 -7.91 -30.55 -4.72
C PRO A 317 -8.11 -29.45 -3.69
N THR A 318 -7.72 -28.21 -4.00
CA THR A 318 -7.88 -27.09 -3.10
C THR A 318 -8.44 -25.90 -3.85
N LEU A 319 -9.27 -25.12 -3.17
CA LEU A 319 -9.82 -23.88 -3.72
C LEU A 319 -9.55 -22.75 -2.75
N GLN A 320 -9.09 -21.62 -3.29
CA GLN A 320 -8.84 -20.42 -2.51
C GLN A 320 -9.98 -19.44 -2.77
N LEU A 321 -10.68 -19.05 -1.71
CA LEU A 321 -11.75 -18.08 -1.85
C LEU A 321 -11.19 -16.76 -2.37
N PRO A 322 -12.01 -15.95 -3.05
CA PRO A 322 -11.49 -14.75 -3.72
C PRO A 322 -10.67 -13.87 -2.79
N ALA A 323 -9.53 -13.40 -3.29
CA ALA A 323 -8.64 -12.59 -2.48
C ALA A 323 -9.19 -11.19 -2.26
N GLN A 324 -9.91 -10.64 -3.23
CA GLN A 324 -10.47 -9.31 -3.14
C GLN A 324 -11.99 -9.40 -3.27
N ALA A 325 -12.68 -8.81 -2.30
CA ALA A 325 -14.13 -8.85 -2.25
C ALA A 325 -14.62 -7.69 -1.40
N GLN A 326 -15.93 -7.50 -1.38
CA GLN A 326 -16.57 -6.48 -0.56
C GLN A 326 -17.55 -7.14 0.39
N VAL A 327 -17.81 -6.47 1.51
CA VAL A 327 -18.69 -7.02 2.54
C VAL A 327 -20.05 -7.33 1.94
N GLY A 328 -20.51 -8.56 2.14
CA GLY A 328 -21.77 -9.02 1.60
C GLY A 328 -21.63 -9.93 0.39
N ASP A 329 -20.46 -9.95 -0.26
CA ASP A 329 -20.25 -10.84 -1.37
C ASP A 329 -20.37 -12.29 -0.91
N LYS A 330 -20.93 -13.14 -1.77
CA LYS A 330 -21.22 -14.52 -1.43
C LYS A 330 -20.60 -15.47 -2.44
N VAL A 331 -20.10 -16.59 -1.95
CA VAL A 331 -19.60 -17.68 -2.78
C VAL A 331 -20.34 -18.95 -2.41
N VAL A 332 -20.97 -19.58 -3.39
CA VAL A 332 -21.66 -20.85 -3.22
C VAL A 332 -20.89 -21.91 -3.99
N ILE A 333 -20.56 -23.00 -3.33
CA ILE A 333 -19.80 -24.09 -3.94
C ILE A 333 -20.62 -25.37 -3.83
N VAL A 334 -20.81 -26.03 -4.97
CA VAL A 334 -21.49 -27.32 -5.02
C VAL A 334 -20.49 -28.35 -5.55
N SER A 335 -20.60 -29.58 -5.06
CA SER A 335 -19.66 -30.63 -5.41
C SER A 335 -20.43 -31.89 -5.78
N ASN A 336 -20.19 -32.39 -7.00
CA ASN A 336 -20.66 -33.70 -7.42
C ASN A 336 -19.49 -34.61 -7.77
N ALA A 337 -18.29 -34.27 -7.32
CA ALA A 337 -17.11 -35.11 -7.50
C ALA A 337 -16.99 -36.08 -6.34
N SER A 338 -16.36 -37.22 -6.60
CA SER A 338 -16.26 -38.26 -5.58
C SER A 338 -15.30 -37.85 -4.47
N ALA A 339 -14.21 -37.17 -4.81
CA ALA A 339 -13.21 -36.76 -3.84
C ALA A 339 -13.55 -35.41 -3.23
N ASP A 340 -13.05 -35.18 -2.02
CA ASP A 340 -13.27 -33.91 -1.34
C ASP A 340 -12.44 -32.79 -1.96
N THR A 341 -12.82 -31.56 -1.65
CA THR A 341 -12.09 -30.37 -2.06
C THR A 341 -11.94 -29.46 -0.85
N TYR A 342 -10.70 -29.03 -0.59
CA TYR A 342 -10.44 -28.15 0.53
C TYR A 342 -10.67 -26.69 0.13
N ILE A 343 -11.23 -25.92 1.04
CA ILE A 343 -11.54 -24.51 0.83
C ILE A 343 -10.73 -23.69 1.82
N ASN A 344 -10.05 -22.66 1.32
CA ASN A 344 -9.19 -21.83 2.15
C ASN A 344 -9.45 -20.36 1.87
N ALA A 345 -9.09 -19.53 2.85
CA ALA A 345 -9.20 -18.09 2.73
C ALA A 345 -8.00 -17.44 3.39
N ALA A 346 -7.78 -16.17 3.08
CA ALA A 346 -6.62 -15.45 3.60
C ALA A 346 -6.64 -15.35 5.11
N ASN A 347 -7.83 -15.26 5.72
CA ASN A 347 -7.93 -15.12 7.16
C ASN A 347 -7.68 -16.43 7.92
N GLY A 348 -7.25 -17.47 7.22
CA GLY A 348 -6.97 -18.74 7.85
C GLY A 348 -8.11 -19.74 7.84
N LEU A 349 -9.29 -19.34 7.35
CA LEU A 349 -10.39 -20.29 7.22
C LEU A 349 -9.96 -21.48 6.37
N SER A 350 -10.19 -22.68 6.90
CA SER A 350 -9.74 -23.91 6.26
C SER A 350 -10.76 -25.00 6.53
N THR A 351 -11.40 -25.49 5.47
CA THR A 351 -12.46 -26.47 5.57
C THR A 351 -12.51 -27.28 4.29
N ALA A 352 -13.45 -28.21 4.22
CA ALA A 352 -13.60 -29.10 3.07
C ALA A 352 -15.06 -29.19 2.66
N ILE A 353 -15.27 -29.43 1.37
CA ILE A 353 -16.60 -29.70 0.82
C ILE A 353 -16.60 -31.13 0.29
N LYS A 354 -17.65 -31.87 0.58
CA LYS A 354 -17.76 -33.28 0.24
C LYS A 354 -18.79 -33.49 -0.88
N ASN A 355 -18.85 -34.72 -1.37
CA ASN A 355 -19.73 -35.06 -2.48
C ASN A 355 -21.18 -34.80 -2.14
N GLY A 356 -21.88 -34.11 -3.03
CA GLY A 356 -23.29 -33.82 -2.83
C GLY A 356 -23.58 -32.65 -1.92
N GLU A 357 -22.56 -31.95 -1.44
CA GLU A 357 -22.72 -30.90 -0.45
C GLU A 357 -22.79 -29.53 -1.12
N ASN A 358 -23.64 -28.66 -0.58
CA ASN A 358 -23.70 -27.26 -0.95
C ASN A 358 -23.13 -26.43 0.19
N ARG A 359 -22.25 -25.49 -0.16
CA ARG A 359 -21.58 -24.68 0.85
C ARG A 359 -21.56 -23.23 0.41
N ARG A 360 -21.99 -22.33 1.29
CA ARG A 360 -22.01 -20.90 1.02
C ARG A 360 -21.09 -20.18 2.00
N PHE A 361 -20.35 -19.21 1.48
CA PHE A 361 -19.48 -18.37 2.29
C PHE A 361 -19.80 -16.92 2.01
N ILE A 362 -19.66 -16.07 3.03
CA ILE A 362 -19.96 -14.65 2.92
C ILE A 362 -18.77 -13.87 3.43
N TYR A 363 -18.47 -12.75 2.77
CA TYR A 363 -17.32 -11.92 3.10
C TYR A 363 -17.71 -10.88 4.13
N THR A 364 -16.85 -10.71 5.13
CA THR A 364 -17.03 -9.74 6.20
C THR A 364 -15.81 -8.83 6.27
N ALA A 365 -15.86 -7.87 7.20
CA ALA A 365 -14.73 -6.96 7.38
C ALA A 365 -13.45 -7.69 7.79
N GLN A 366 -13.58 -8.88 8.37
CA GLN A 366 -12.42 -9.66 8.80
C GLN A 366 -12.23 -10.93 7.97
N GLY A 367 -12.69 -10.90 6.72
CA GLY A 367 -12.43 -11.98 5.78
C GLY A 367 -13.66 -12.85 5.54
N TRP A 368 -13.41 -13.94 4.83
CA TRP A 368 -14.49 -14.87 4.47
C TRP A 368 -14.99 -15.62 5.69
N THR A 369 -16.27 -15.98 5.66
CA THR A 369 -16.97 -16.51 6.82
C THR A 369 -17.96 -17.58 6.38
N VAL A 370 -18.06 -18.64 7.17
CA VAL A 370 -19.04 -19.70 6.91
C VAL A 370 -20.45 -19.11 6.97
N ASP A 371 -21.26 -19.42 5.96
CA ASP A 371 -22.61 -18.87 5.87
C ASP A 371 -23.67 -19.95 5.72
N SER A 372 -23.33 -21.22 5.90
CA SER A 372 -24.31 -22.29 5.80
C SER A 372 -23.80 -23.52 6.52
N TYR A 373 -24.74 -24.29 7.07
CA TYR A 373 -24.43 -25.56 7.74
C TYR A 373 -25.12 -26.69 7.00
N THR A 374 -24.41 -27.79 6.81
CA THR A 374 -24.91 -28.93 6.03
C THR A 374 -25.67 -29.88 6.94
N ILE A 375 -26.94 -30.10 6.63
CA ILE A 375 -27.78 -31.04 7.36
C ILE A 375 -27.90 -32.30 6.52
N ASP A 376 -27.29 -33.39 7.00
CA ASP A 376 -27.32 -34.65 6.26
C ASP A 376 -28.65 -35.34 6.47
N MSE A 377 -29.26 -35.79 5.38
CA MSE A 377 -30.58 -36.40 5.44
C MSE A 377 -30.59 -37.84 4.91
O MSE A 377 -29.89 -38.16 3.94
CB MSE A 377 -31.59 -35.56 4.64
CG MSE A 377 -31.80 -34.16 5.18
SE MSE A 377 -32.79 -34.13 6.87
CE MSE A 377 -34.47 -34.89 6.24
N LEU A 378 -31.38 -38.69 5.56
CA LEU A 378 -31.62 -40.06 5.10
C LEU A 378 -32.98 -40.12 4.43
N LEU A 379 -33.01 -40.51 3.17
CA LEU A 379 -34.23 -40.59 2.40
C LEU A 379 -34.75 -42.01 2.42
N VAL A 380 -35.97 -42.20 2.90
CA VAL A 380 -36.62 -43.50 2.99
C VAL A 380 -37.85 -43.49 2.11
N SER A 381 -37.93 -44.46 1.19
CA SER A 381 -39.06 -44.60 0.28
C SER A 381 -39.74 -45.93 0.52
N SER A 382 -41.06 -45.89 0.67
CA SER A 382 -41.82 -47.11 0.91
C SER A 382 -41.86 -47.96 -0.35
N PRO A 383 -41.80 -49.29 -0.22
CA PRO A 383 -41.97 -50.15 -1.40
C PRO A 383 -43.30 -49.94 -2.11
N GLU A 384 -44.35 -49.56 -1.37
CA GLU A 384 -45.61 -49.22 -2.02
C GLU A 384 -45.45 -48.05 -2.97
N VAL A 385 -44.62 -47.06 -2.61
CA VAL A 385 -44.38 -45.93 -3.49
C VAL A 385 -43.58 -46.37 -4.72
N ASN A 386 -42.57 -47.23 -4.52
CA ASN A 386 -41.77 -47.70 -5.64
C ASN A 386 -42.60 -48.48 -6.64
N SER A 387 -43.57 -49.25 -6.15
CA SER A 387 -44.44 -50.01 -7.06
C SER A 387 -45.30 -49.09 -7.91
N ILE A 388 -45.71 -47.94 -7.36
CA ILE A 388 -46.58 -47.03 -8.09
C ILE A 388 -45.77 -46.16 -9.03
N LEU A 389 -44.70 -45.55 -8.53
CA LEU A 389 -43.91 -44.60 -9.33
C LEU A 389 -42.80 -45.28 -10.12
N GLY A 390 -42.20 -46.34 -9.60
CA GLY A 390 -41.00 -46.85 -10.19
C GLY A 390 -39.80 -46.65 -9.28
N GLU A 391 -38.84 -47.56 -9.38
CA GLU A 391 -37.68 -47.52 -8.47
C GLU A 391 -36.86 -46.26 -8.68
N SER A 392 -36.59 -45.91 -9.93
CA SER A 392 -35.85 -44.68 -10.21
C SER A 392 -36.69 -43.44 -9.97
N ALA A 393 -37.97 -43.49 -10.36
CA ALA A 393 -38.86 -42.35 -10.19
C ALA A 393 -38.99 -41.92 -8.73
N ALA A 394 -39.10 -42.90 -7.82
CA ALA A 394 -39.26 -42.57 -6.41
C ALA A 394 -38.05 -41.82 -5.86
N LYS A 395 -36.85 -42.24 -6.27
CA LYS A 395 -35.65 -41.50 -5.89
C LYS A 395 -35.65 -40.11 -6.51
N LEU A 396 -36.13 -39.98 -7.75
CA LEU A 396 -36.18 -38.69 -8.42
C LEU A 396 -37.10 -37.72 -7.68
N ARG A 397 -38.22 -38.23 -7.16
CA ARG A 397 -39.20 -37.36 -6.51
C ARG A 397 -38.61 -36.69 -5.27
N MSE A 398 -37.86 -37.44 -4.48
CA MSE A 398 -37.30 -36.92 -3.23
C MSE A 398 -36.13 -35.97 -3.50
O MSE A 398 -35.95 -35.00 -2.78
CB MSE A 398 -36.84 -38.07 -2.34
CG MSE A 398 -37.91 -39.13 -2.11
SE MSE A 398 -37.50 -40.32 -0.62
CE MSE A 398 -37.62 -39.02 0.83
N ILE A 399 -35.36 -36.25 -4.55
CA ILE A 399 -34.23 -35.39 -4.91
C ILE A 399 -34.72 -34.01 -5.30
N GLU A 400 -35.81 -33.94 -6.08
CA GLU A 400 -36.38 -32.65 -6.45
C GLU A 400 -36.89 -31.91 -5.21
N GLY A 401 -37.37 -32.64 -4.21
CA GLY A 401 -37.73 -32.01 -2.94
C GLY A 401 -36.52 -31.43 -2.24
N VAL A 402 -35.38 -32.11 -2.32
CA VAL A 402 -34.15 -31.59 -1.71
C VAL A 402 -33.69 -30.35 -2.44
N ASN A 403 -33.69 -30.38 -3.77
CA ASN A 403 -33.23 -29.24 -4.56
C ASN A 403 -34.10 -28.02 -4.32
N LEU A 404 -35.42 -28.22 -4.20
CA LEU A 404 -36.32 -27.09 -3.96
C LEU A 404 -36.10 -26.50 -2.57
N THR A 405 -35.83 -27.36 -1.58
CA THR A 405 -35.54 -26.86 -0.23
C THR A 405 -34.27 -26.01 -0.22
N ASN A 406 -33.21 -26.51 -0.87
CA ASN A 406 -31.96 -25.76 -0.92
C ASN A 406 -32.13 -24.45 -1.69
N LEU A 407 -32.94 -24.47 -2.74
CA LEU A 407 -33.21 -23.23 -3.48
C LEU A 407 -33.99 -22.24 -2.62
N THR A 408 -34.99 -22.73 -1.87
CA THR A 408 -35.74 -21.85 -0.99
C THR A 408 -34.85 -21.30 0.12
N ALA A 409 -34.01 -22.14 0.71
CA ALA A 409 -33.11 -21.68 1.77
C ALA A 409 -32.12 -20.64 1.25
N GLU A 410 -31.56 -20.88 0.06
CA GLU A 410 -30.57 -19.95 -0.48
C GLU A 410 -31.21 -18.61 -0.85
N ASN A 411 -32.45 -18.64 -1.34
CA ASN A 411 -33.15 -17.40 -1.65
C ASN A 411 -33.46 -16.59 -0.38
N SER A 412 -33.52 -17.25 0.77
CA SER A 412 -33.94 -16.61 2.02
C SER A 412 -32.78 -16.25 2.93
N ASN A 413 -31.54 -16.45 2.49
CA ASN A 413 -30.35 -16.29 3.33
C ASN A 413 -30.43 -17.20 4.56
N ALA A 414 -31.08 -18.35 4.41
CA ALA A 414 -31.12 -19.36 5.46
C ALA A 414 -29.80 -20.13 5.46
N ARG A 415 -29.17 -20.21 6.63
CA ARG A 415 -27.82 -20.78 6.73
C ARG A 415 -27.87 -22.29 6.88
N PHE A 416 -28.49 -22.94 5.90
CA PHE A 416 -28.49 -24.41 5.87
C PHE A 416 -28.70 -24.89 4.45
N TYR A 417 -28.18 -26.08 4.18
CA TYR A 417 -28.46 -26.83 2.96
C TYR A 417 -28.76 -28.28 3.34
N LEU A 418 -29.61 -28.92 2.57
CA LEU A 418 -29.89 -30.34 2.75
C LEU A 418 -28.98 -31.14 1.82
N ARG A 419 -28.37 -32.19 2.37
CA ARG A 419 -27.54 -33.11 1.61
C ARG A 419 -28.01 -34.53 1.88
N ASP A 420 -28.38 -35.24 0.82
CA ASP A 420 -28.81 -36.63 0.98
C ASP A 420 -27.57 -37.52 1.02
N VAL A 421 -27.41 -38.25 2.13
CA VAL A 421 -26.27 -39.14 2.32
C VAL A 421 -26.64 -40.60 2.21
N GLY A 422 -27.91 -40.90 1.94
CA GLY A 422 -28.34 -42.29 1.82
C GLY A 422 -29.77 -42.41 1.35
N TYR A 423 -30.08 -43.48 0.61
CA TYR A 423 -31.43 -43.73 0.12
C TYR A 423 -31.73 -45.21 0.31
N ILE A 424 -32.76 -45.51 1.10
CA ILE A 424 -33.13 -46.87 1.42
C ILE A 424 -34.59 -47.09 1.06
N THR A 425 -34.92 -48.30 0.63
CA THR A 425 -36.29 -48.70 0.36
C THR A 425 -36.78 -49.53 1.55
N TYR A 426 -37.83 -49.04 2.21
CA TYR A 426 -38.29 -49.66 3.44
C TYR A 426 -39.69 -49.14 3.78
N LYS A 427 -40.52 -50.03 4.31
CA LYS A 427 -41.87 -49.68 4.77
C LYS A 427 -41.87 -49.57 6.29
N ILE A 428 -42.12 -48.38 6.80
CA ILE A 428 -42.25 -48.20 8.24
C ILE A 428 -43.54 -48.85 8.71
N PRO A 429 -43.52 -49.72 9.73
CA PRO A 429 -44.75 -50.38 10.16
C PRO A 429 -45.73 -49.42 10.79
N ALA A 430 -46.78 -49.07 10.06
CA ALA A 430 -47.78 -48.10 10.51
C ALA A 430 -48.95 -48.11 9.54
N ALA A 431 -50.17 -48.04 10.10
CA ALA A 431 -51.35 -47.95 9.26
C ALA A 431 -51.56 -46.56 8.67
N THR A 432 -50.98 -45.53 9.28
CA THR A 432 -51.16 -44.15 8.84
C THR A 432 -49.81 -43.44 8.81
N LEU A 433 -49.77 -42.33 8.06
CA LEU A 433 -48.56 -41.51 8.00
C LEU A 433 -48.30 -40.86 9.36
N LYS A 434 -49.38 -40.50 10.07
CA LYS A 434 -49.27 -39.95 11.42
C LYS A 434 -48.61 -40.94 12.36
N GLU A 435 -48.96 -42.22 12.23
CA GLU A 435 -48.31 -43.26 13.02
C GLU A 435 -46.87 -43.47 12.58
N ALA A 436 -46.58 -43.33 11.29
CA ALA A 436 -45.24 -43.61 10.79
C ALA A 436 -44.21 -42.62 11.33
N ILE A 437 -44.61 -41.35 11.50
CA ILE A 437 -43.67 -40.35 11.99
C ILE A 437 -43.27 -40.64 13.43
N SER A 438 -44.14 -41.33 14.19
CA SER A 438 -43.82 -41.69 15.57
C SER A 438 -42.90 -42.90 15.63
N THR A 439 -43.34 -44.03 15.08
CA THR A 439 -42.55 -45.26 15.18
C THR A 439 -41.26 -45.20 14.37
N GLY A 440 -41.19 -44.35 13.36
CA GLY A 440 -39.96 -44.18 12.59
C GLY A 440 -38.78 -43.70 13.42
N ARG A 441 -39.05 -43.06 14.57
CA ARG A 441 -37.97 -42.59 15.42
C ARG A 441 -37.27 -43.74 16.14
N ASP A 442 -37.97 -44.86 16.33
CA ASP A 442 -37.43 -46.02 17.03
C ASP A 442 -37.17 -47.20 16.11
N ASP A 443 -37.64 -47.13 14.86
CA ASP A 443 -37.47 -48.23 13.91
C ASP A 443 -36.00 -48.59 13.76
N THR A 444 -35.69 -49.87 14.00
CA THR A 444 -34.30 -50.30 14.03
C THR A 444 -33.66 -50.21 12.65
N THR A 445 -34.42 -50.50 11.60
CA THR A 445 -33.87 -50.50 10.24
C THR A 445 -33.44 -49.09 9.83
N VAL A 446 -34.31 -48.10 10.06
CA VAL A 446 -33.99 -46.75 9.63
C VAL A 446 -33.00 -46.07 10.57
N GLN A 447 -33.02 -46.40 11.87
CA GLN A 447 -32.11 -45.74 12.80
C GLN A 447 -30.70 -46.32 12.75
N ASN A 448 -30.56 -47.62 12.46
CA ASN A 448 -29.22 -48.16 12.24
C ASN A 448 -28.60 -47.57 10.98
N GLU A 449 -29.37 -47.49 9.90
CA GLU A 449 -28.87 -46.87 8.68
C GLU A 449 -28.58 -45.38 8.88
N ARG A 450 -29.39 -44.71 9.71
CA ARG A 450 -29.12 -43.31 10.05
C ARG A 450 -27.77 -43.18 10.74
N LYS A 451 -27.48 -44.07 11.69
CA LYS A 451 -26.21 -44.00 12.40
C LYS A 451 -25.05 -44.46 11.51
N ARG A 452 -25.29 -45.43 10.64
CA ARG A 452 -24.22 -45.96 9.79
C ARG A 452 -23.68 -44.89 8.87
N ILE A 453 -24.53 -44.04 8.31
CA ILE A 453 -24.12 -43.01 7.38
C ILE A 453 -24.06 -41.63 8.04
N LEU A 454 -24.29 -41.56 9.35
CA LEU A 454 -24.24 -40.30 10.10
C LEU A 454 -25.22 -39.27 9.54
N ALA A 455 -26.46 -39.71 9.32
CA ALA A 455 -27.51 -38.82 8.84
C ALA A 455 -28.02 -37.96 9.98
N ASP A 456 -27.95 -36.64 9.80
CA ASP A 456 -28.47 -35.74 10.83
C ASP A 456 -29.98 -35.84 10.97
N GLY A 457 -30.67 -36.21 9.89
CA GLY A 457 -32.11 -36.35 9.93
C GLY A 457 -32.56 -37.45 8.97
N VAL A 458 -33.84 -37.77 9.05
CA VAL A 458 -34.45 -38.80 8.23
C VAL A 458 -35.75 -38.24 7.65
N TYR A 459 -36.03 -38.59 6.40
CA TYR A 459 -37.26 -38.19 5.73
C TYR A 459 -37.86 -39.40 5.02
N TYR A 460 -39.18 -39.53 5.13
CA TYR A 460 -39.89 -40.73 4.69
C TYR A 460 -40.92 -40.37 3.64
N GLN A 461 -40.92 -41.13 2.54
CA GLN A 461 -41.89 -40.98 1.46
C GLN A 461 -42.70 -42.27 1.39
N GLY A 462 -43.97 -42.20 1.80
CA GLY A 462 -44.81 -43.37 1.92
C GLY A 462 -46.11 -43.21 1.16
N ASN A 463 -46.91 -44.27 1.22
CA ASN A 463 -48.22 -44.31 0.57
C ASN A 463 -49.35 -44.55 1.55
N GLU A 464 -49.06 -44.52 2.85
CA GLU A 464 -50.11 -44.68 3.86
C GLU A 464 -51.01 -43.45 3.90
N PRO A 465 -52.29 -43.62 4.23
CA PRO A 465 -53.17 -42.46 4.35
C PRO A 465 -52.85 -41.66 5.62
N GLY A 466 -52.80 -40.34 5.48
CA GLY A 466 -52.63 -39.47 6.62
C GLY A 466 -53.92 -39.25 7.38
N ASP A 467 -53.77 -38.89 8.67
CA ASP A 467 -54.90 -38.59 9.55
C ASP A 467 -55.19 -37.10 9.51
N GLY A 468 -55.77 -36.65 8.40
CA GLY A 468 -56.15 -35.27 8.24
C GLY A 468 -55.18 -34.42 7.45
N GLY A 469 -54.27 -35.02 6.69
CA GLY A 469 -53.27 -34.29 5.94
C GLY A 469 -52.22 -35.21 5.37
N CYS A 470 -51.51 -34.75 4.35
CA CYS A 470 -50.54 -35.58 3.65
C CYS A 470 -49.09 -35.35 4.10
N GLY A 471 -48.84 -34.52 5.10
CA GLY A 471 -47.50 -34.30 5.59
C GLY A 471 -47.47 -34.28 7.11
N TRP A 472 -46.33 -34.74 7.66
CA TRP A 472 -46.15 -34.76 9.10
C TRP A 472 -44.67 -34.51 9.42
N ALA A 473 -44.42 -33.75 10.49
CA ALA A 473 -43.07 -33.46 10.96
C ALA A 473 -43.11 -32.84 12.35
N TRP A 474 -42.26 -33.34 13.25
CA TRP A 474 -42.17 -32.77 14.59
C TRP A 474 -41.59 -31.36 14.53
N ILE A 475 -42.19 -30.45 15.29
CA ILE A 475 -41.80 -29.05 15.30
C ILE A 475 -40.67 -28.86 16.31
N ASN A 476 -39.60 -28.17 15.88
CA ASN A 476 -38.44 -27.90 16.73
C ASN A 476 -37.85 -29.20 17.27
N ALA A 477 -37.50 -30.08 16.34
CA ALA A 477 -37.21 -31.47 16.66
C ALA A 477 -35.82 -31.62 17.26
N SER A 478 -35.73 -32.39 18.35
CA SER A 478 -34.45 -32.85 18.84
C SER A 478 -33.88 -33.91 17.90
N ALA A 479 -32.68 -34.40 18.24
CA ALA A 479 -32.09 -35.48 17.45
C ALA A 479 -33.01 -36.70 17.39
N TYR A 480 -33.74 -36.97 18.48
CA TYR A 480 -34.65 -38.10 18.49
C TYR A 480 -35.87 -37.87 17.60
N ASN A 481 -36.33 -36.62 17.49
CA ASN A 481 -37.55 -36.31 16.74
C ASN A 481 -37.26 -35.78 15.35
N MSE A 482 -36.01 -35.79 14.91
CA MSE A 482 -35.65 -35.25 13.60
C MSE A 482 -36.12 -36.17 12.48
O MSE A 482 -35.32 -36.94 11.93
CB MSE A 482 -34.15 -35.01 13.51
CG MSE A 482 -33.73 -34.19 12.30
SE MSE A 482 -34.43 -32.38 12.33
CE MSE A 482 -33.98 -31.85 10.50
N ILE A 483 -37.40 -36.10 12.15
CA ILE A 483 -37.98 -36.95 11.11
C ILE A 483 -39.15 -36.22 10.47
N GLY A 484 -39.29 -36.38 9.15
CA GLY A 484 -40.40 -35.79 8.44
C GLY A 484 -40.91 -36.76 7.39
N ALA A 485 -42.15 -36.54 6.98
CA ALA A 485 -42.79 -37.47 6.04
C ALA A 485 -43.86 -36.76 5.24
N ASN A 486 -44.04 -37.22 4.00
CA ASN A 486 -45.20 -36.88 3.18
C ASN A 486 -45.57 -38.09 2.33
N ASP A 487 -46.77 -38.07 1.78
CA ASP A 487 -47.24 -39.15 0.93
C ASP A 487 -47.14 -38.74 -0.54
N ILE A 488 -47.69 -39.57 -1.42
CA ILE A 488 -47.77 -39.24 -2.83
C ILE A 488 -49.21 -39.01 -3.29
N ALA A 489 -50.21 -39.49 -2.54
CA ALA A 489 -51.60 -39.30 -2.91
C ALA A 489 -51.95 -37.82 -3.07
N GLY A 490 -51.64 -37.01 -2.07
CA GLY A 490 -52.06 -35.63 -2.07
C GLY A 490 -50.93 -34.61 -2.02
N CYS A 491 -49.75 -35.03 -1.54
CA CYS A 491 -48.61 -34.14 -1.38
C CYS A 491 -47.68 -34.25 -2.58
N SER A 492 -47.17 -33.12 -3.03
CA SER A 492 -46.16 -33.09 -4.08
C SER A 492 -44.77 -32.95 -3.45
N PHE A 493 -43.75 -32.87 -4.30
CA PHE A 493 -42.38 -32.76 -3.80
C PHE A 493 -42.09 -31.41 -3.15
N ALA A 494 -43.00 -30.43 -3.27
CA ALA A 494 -42.85 -29.16 -2.57
C ALA A 494 -43.16 -29.27 -1.08
N ALA A 495 -43.63 -30.42 -0.62
CA ALA A 495 -43.97 -30.61 0.79
C ALA A 495 -42.74 -30.77 1.67
N MSE A 496 -41.60 -31.18 1.11
CA MSE A 496 -40.42 -31.43 1.91
C MSE A 496 -39.90 -30.17 2.59
O MSE A 496 -39.62 -30.17 3.79
CB MSE A 496 -39.31 -32.05 1.05
CG MSE A 496 -38.12 -32.52 1.89
SE MSE A 496 -36.60 -33.12 0.83
CE MSE A 496 -35.50 -33.83 2.28
N ARG A 497 -39.76 -29.09 1.81
CA ARG A 497 -39.32 -27.83 2.39
C ARG A 497 -40.30 -27.31 3.43
N HIS A 498 -41.55 -27.78 3.39
CA HIS A 498 -42.51 -27.41 4.42
C HIS A 498 -42.32 -28.24 5.68
N GLU A 499 -42.17 -29.56 5.53
CA GLU A 499 -41.97 -30.41 6.70
C GLU A 499 -40.62 -30.18 7.35
N VAL A 500 -39.58 -29.95 6.55
CA VAL A 500 -38.27 -29.64 7.10
C VAL A 500 -38.31 -28.31 7.85
N GLY A 501 -39.10 -27.36 7.34
CA GLY A 501 -39.32 -26.13 8.08
C GLY A 501 -39.86 -26.36 9.47
N HIS A 502 -40.82 -27.29 9.60
CA HIS A 502 -41.33 -27.67 10.91
C HIS A 502 -40.21 -28.25 11.76
N ASN A 503 -39.42 -29.17 11.20
CA ASN A 503 -38.29 -29.74 11.92
C ASN A 503 -37.33 -28.66 12.42
N LEU A 504 -37.15 -27.61 11.63
CA LEU A 504 -36.25 -26.53 12.01
C LEU A 504 -36.83 -25.63 13.11
N GLY A 505 -38.11 -25.75 13.40
CA GLY A 505 -38.74 -25.00 14.45
C GLY A 505 -39.78 -23.98 14.02
N LEU A 506 -40.36 -24.13 12.84
CA LEU A 506 -41.27 -23.15 12.27
C LEU A 506 -42.72 -23.60 12.42
N TYR A 507 -43.61 -22.63 12.54
CA TYR A 507 -45.04 -22.87 12.67
C TYR A 507 -45.75 -22.25 11.47
N HIS A 508 -47.05 -22.55 11.34
CA HIS A 508 -47.84 -22.00 10.26
C HIS A 508 -48.13 -20.52 10.51
N ASN A 509 -48.59 -19.85 9.46
CA ASN A 509 -48.99 -18.45 9.58
C ASN A 509 -50.08 -18.28 10.62
N GLY A 510 -50.05 -17.15 11.31
CA GLY A 510 -50.98 -16.90 12.40
C GLY A 510 -50.49 -17.34 13.77
N SER A 511 -49.44 -18.15 13.82
CA SER A 511 -48.90 -18.62 15.09
C SER A 511 -48.34 -17.46 15.90
N THR A 512 -48.38 -17.62 17.24
CA THR A 512 -47.81 -16.64 18.13
C THR A 512 -46.29 -16.63 18.13
N ASN A 513 -45.65 -17.64 17.53
CA ASN A 513 -44.20 -17.71 17.50
C ASN A 513 -43.62 -16.84 16.40
N ILE A 514 -42.44 -16.29 16.66
CA ILE A 514 -41.78 -15.46 15.66
C ILE A 514 -41.37 -16.29 14.45
N GLY A 515 -41.08 -17.57 14.65
CA GLY A 515 -40.76 -18.47 13.56
C GLY A 515 -42.00 -19.03 12.90
N SER A 516 -42.68 -18.21 12.10
CA SER A 516 -43.94 -18.60 11.48
C SER A 516 -43.98 -18.07 10.06
N GLY A 517 -44.91 -18.63 9.27
CA GLY A 517 -45.02 -18.27 7.88
C GLY A 517 -45.68 -16.93 7.65
N PHE A 518 -45.51 -16.42 6.43
CA PHE A 518 -46.10 -15.16 5.99
C PHE A 518 -47.14 -15.47 4.91
N ALA A 519 -48.41 -15.28 5.24
CA ALA A 519 -49.50 -15.50 4.30
C ALA A 519 -49.91 -14.17 3.68
N HIS A 520 -50.07 -14.17 2.35
CA HIS A 520 -50.41 -12.94 1.64
C HIS A 520 -51.02 -13.30 0.30
N PRO A 521 -52.04 -12.57 -0.17
CA PRO A 521 -52.66 -12.92 -1.46
C PRO A 521 -51.71 -12.81 -2.65
N LEU A 522 -50.65 -12.03 -2.54
CA LEU A 522 -49.69 -11.85 -3.63
C LEU A 522 -48.49 -12.79 -3.53
N GLY A 523 -48.53 -13.75 -2.62
CA GLY A 523 -47.43 -14.67 -2.43
C GLY A 523 -47.17 -14.98 -0.98
N SER A 524 -47.10 -16.27 -0.65
CA SER A 524 -46.97 -16.74 0.73
C SER A 524 -45.73 -17.61 0.86
N THR A 525 -45.01 -17.44 1.98
CA THR A 525 -43.79 -18.19 2.20
C THR A 525 -44.11 -19.65 2.49
N ALA A 526 -43.05 -20.45 2.70
CA ALA A 526 -43.19 -21.90 2.78
C ALA A 526 -44.10 -22.32 3.94
N MSE A 527 -43.99 -21.65 5.08
CA MSE A 527 -44.80 -22.02 6.24
C MSE A 527 -46.17 -21.34 6.23
O MSE A 527 -47.05 -21.71 7.01
CB MSE A 527 -44.08 -21.66 7.54
CG MSE A 527 -42.73 -22.33 7.72
SE MSE A 527 -42.83 -24.25 7.49
CE MSE A 527 -41.63 -24.39 5.97
N GLY A 528 -46.36 -20.37 5.34
CA GLY A 528 -47.59 -19.60 5.34
C GLY A 528 -48.42 -19.74 4.08
N GLY A 529 -48.28 -20.85 3.37
CA GLY A 529 -48.99 -21.07 2.13
C GLY A 529 -48.18 -21.74 1.06
N ASN A 530 -46.86 -21.50 1.06
CA ASN A 530 -45.91 -22.31 0.29
C ASN A 530 -46.10 -22.18 -1.21
N ASN A 531 -46.28 -20.95 -1.71
CA ASN A 531 -46.39 -20.73 -3.15
C ASN A 531 -45.30 -19.82 -3.70
N ILE A 532 -44.34 -19.39 -2.90
CA ILE A 532 -43.16 -18.69 -3.37
C ILE A 532 -41.94 -19.31 -2.69
N ASN A 533 -40.79 -19.19 -3.35
CA ASN A 533 -39.57 -19.89 -2.92
C ASN A 533 -38.83 -19.08 -1.86
N PHE A 534 -39.48 -18.88 -0.72
CA PHE A 534 -38.87 -18.13 0.38
C PHE A 534 -39.36 -18.67 1.71
N TYR A 535 -38.50 -18.59 2.72
CA TYR A 535 -38.92 -18.59 4.10
C TYR A 535 -39.11 -17.15 4.56
N SER A 536 -40.01 -16.95 5.52
CA SER A 536 -40.40 -15.59 5.87
C SER A 536 -39.26 -14.86 6.58
N SER A 537 -39.13 -13.57 6.28
CA SER A 537 -38.10 -12.71 6.85
C SER A 537 -38.42 -11.25 6.55
N PRO A 538 -38.26 -10.35 7.52
CA PRO A 538 -38.48 -8.92 7.24
C PRO A 538 -37.40 -8.28 6.38
N TYR A 539 -36.41 -9.05 5.94
CA TYR A 539 -35.38 -8.53 5.05
C TYR A 539 -35.51 -9.10 3.64
N LEU A 540 -36.60 -9.81 3.36
CA LEU A 540 -36.91 -10.34 2.05
C LEU A 540 -38.16 -9.66 1.51
N TYR A 541 -38.24 -9.51 0.19
CA TYR A 541 -39.34 -8.83 -0.45
C TYR A 541 -39.85 -9.65 -1.63
N ASN A 542 -41.16 -9.61 -1.84
CA ASN A 542 -41.79 -10.25 -2.99
C ASN A 542 -41.14 -9.75 -4.28
N PRO A 543 -40.58 -10.64 -5.10
CA PRO A 543 -39.83 -10.17 -6.29
C PRO A 543 -40.64 -9.32 -7.24
N LYS A 544 -41.90 -9.66 -7.48
CA LYS A 544 -42.73 -8.93 -8.43
C LYS A 544 -43.42 -7.72 -7.81
N TYR A 545 -44.00 -7.89 -6.63
CA TYR A 545 -44.87 -6.85 -6.07
C TYR A 545 -44.21 -6.03 -4.97
N GLY A 546 -43.09 -6.50 -4.41
CA GLY A 546 -42.37 -5.73 -3.41
C GLY A 546 -42.87 -5.85 -2.00
N VAL A 547 -43.86 -6.71 -1.73
CA VAL A 547 -44.36 -6.89 -0.39
C VAL A 547 -43.28 -7.49 0.50
N ARG A 548 -43.05 -6.88 1.65
CA ARG A 548 -42.09 -7.42 2.61
C ARG A 548 -42.60 -8.75 3.18
N LEU A 549 -41.76 -9.77 3.13
CA LEU A 549 -42.15 -11.13 3.49
C LEU A 549 -41.91 -11.42 4.98
N GLY A 550 -42.44 -10.57 5.83
CA GLY A 550 -42.26 -10.75 7.26
C GLY A 550 -42.42 -9.43 8.00
N GLU A 551 -42.05 -9.47 9.27
CA GLU A 551 -42.20 -8.31 10.15
C GLU A 551 -41.21 -8.45 11.31
N GLU A 552 -40.49 -7.37 11.60
CA GLU A 552 -39.46 -7.41 12.63
C GLU A 552 -40.05 -7.77 14.00
N GLY A 553 -39.62 -8.92 14.53
CA GLY A 553 -40.00 -9.37 15.85
C GLY A 553 -41.30 -10.15 15.94
N LYS A 554 -42.04 -10.30 14.85
CA LYS A 554 -43.28 -11.07 14.88
C LYS A 554 -43.31 -12.23 13.88
N ILE A 555 -42.90 -12.00 12.65
CA ILE A 555 -42.91 -13.03 11.61
C ILE A 555 -41.51 -13.05 10.99
N ASP A 556 -40.65 -13.96 11.47
CA ASP A 556 -39.28 -14.08 10.97
C ASP A 556 -38.88 -15.54 11.08
N ALA A 557 -39.08 -16.29 10.00
CA ALA A 557 -38.71 -17.70 9.99
C ALA A 557 -37.20 -17.88 9.87
N VAL A 558 -36.54 -17.04 9.08
CA VAL A 558 -35.11 -17.19 8.82
C VAL A 558 -34.31 -17.02 10.11
N SER A 559 -34.77 -16.12 11.00
CA SER A 559 -34.05 -15.91 12.26
C SER A 559 -34.10 -17.15 13.15
N VAL A 560 -35.20 -17.91 13.11
CA VAL A 560 -35.30 -19.12 13.90
C VAL A 560 -34.50 -20.25 13.24
N ILE A 561 -34.54 -20.34 11.91
CA ILE A 561 -33.77 -21.35 11.21
C ILE A 561 -32.28 -21.18 11.49
N ASN A 562 -31.79 -19.93 11.42
CA ASN A 562 -30.37 -19.68 11.63
C ASN A 562 -29.93 -19.96 13.06
N LEU A 563 -30.86 -20.02 14.01
CA LEU A 563 -30.51 -20.38 15.39
C LEU A 563 -30.48 -21.88 15.63
N ASN A 564 -31.10 -22.67 14.73
CA ASN A 564 -31.18 -24.11 14.90
C ASN A 564 -30.42 -24.89 13.84
N ALA A 565 -29.97 -24.24 12.78
CA ALA A 565 -29.36 -24.96 11.66
C ALA A 565 -28.09 -25.69 12.08
N GLN A 566 -27.18 -24.99 12.77
CA GLN A 566 -25.91 -25.61 13.14
C GLN A 566 -26.11 -26.71 14.17
N LYS A 567 -26.98 -26.48 15.16
CA LYS A 567 -27.26 -27.49 16.17
C LYS A 567 -27.78 -28.78 15.54
N ILE A 568 -28.68 -28.66 14.56
CA ILE A 568 -29.21 -29.83 13.88
C ILE A 568 -28.13 -30.49 13.02
N SER A 569 -27.29 -29.68 12.36
CA SER A 569 -26.22 -30.22 11.53
C SER A 569 -25.21 -31.04 12.32
N LEU A 570 -25.20 -30.89 13.64
CA LEU A 570 -24.24 -31.60 14.49
C LEU A 570 -24.89 -32.76 15.26
N TYR A 571 -26.11 -33.16 14.88
CA TYR A 571 -26.72 -34.32 15.51
C TYR A 571 -25.89 -35.57 15.29
N ASN A 572 -25.37 -35.76 14.08
CA ASN A 572 -24.43 -36.82 13.77
C ASN A 572 -23.21 -36.19 13.12
N HIS A 573 -22.02 -36.55 13.61
CA HIS A 573 -20.79 -35.93 13.14
C HIS A 573 -19.65 -36.92 13.28
N HIS A 574 -18.49 -36.53 12.76
CA HIS A 574 -17.28 -37.35 12.86
C HIS A 574 -16.47 -36.98 14.09
CA ALA B 2 -20.34 70.79 33.67
C ALA B 2 -20.43 71.73 32.47
N THR B 3 -19.97 71.27 31.32
CA THR B 3 -20.00 72.03 30.08
C THR B 3 -21.06 71.46 29.17
N VAL B 4 -21.94 72.32 28.65
CA VAL B 4 -23.05 71.91 27.81
C VAL B 4 -22.69 72.18 26.35
N LEU B 5 -22.99 71.21 25.48
CA LEU B 5 -22.72 71.35 24.07
C LEU B 5 -23.83 70.64 23.30
N SER B 6 -23.98 71.01 22.03
CA SER B 6 -25.06 70.51 21.20
C SER B 6 -24.67 70.68 19.74
N PRO B 7 -25.35 69.99 18.82
CA PRO B 7 -25.01 70.15 17.39
C PRO B 7 -25.01 71.58 16.89
N ASN B 8 -25.99 72.39 17.30
CA ASN B 8 -26.02 73.78 16.84
C ASN B 8 -24.81 74.56 17.35
N GLN B 9 -24.29 74.20 18.52
CA GLN B 9 -23.10 74.83 19.07
C GLN B 9 -21.82 74.15 18.61
N ASN B 10 -21.92 73.08 17.82
CA ASN B 10 -20.76 72.29 17.40
C ASN B 10 -20.64 72.25 15.88
N ASN B 11 -20.99 73.36 15.22
CA ASN B 11 -20.92 73.49 13.76
C ASN B 11 -21.74 72.40 13.06
N ASN B 12 -22.90 72.09 13.63
CA ASN B 12 -23.85 71.13 13.03
C ASN B 12 -23.23 69.74 12.86
N SER B 13 -22.30 69.37 13.74
CA SER B 13 -21.58 68.13 13.62
C SER B 13 -21.81 67.26 14.85
N GLY B 14 -21.81 65.95 14.64
CA GLY B 14 -21.91 64.98 15.71
C GLY B 14 -20.59 64.57 16.31
N SER B 15 -19.48 65.10 15.82
CA SER B 15 -18.16 64.80 16.35
C SER B 15 -17.98 65.56 17.65
N ILE B 16 -18.21 64.89 18.77
CA ILE B 16 -18.04 65.49 20.09
C ILE B 16 -16.57 65.84 20.27
N PRO B 17 -16.22 67.11 20.43
CA PRO B 17 -14.81 67.50 20.47
C PRO B 17 -14.15 67.09 21.78
N THR B 18 -12.82 67.22 21.78
CA THR B 18 -12.00 66.91 22.93
C THR B 18 -11.55 68.18 23.63
N GLY B 19 -10.84 68.01 24.74
CA GLY B 19 -10.31 69.13 25.50
C GLY B 19 -11.11 69.51 26.73
N TYR B 20 -12.26 68.88 26.95
CA TYR B 20 -13.11 69.15 28.10
C TYR B 20 -13.03 67.99 29.08
N SER B 21 -12.86 68.31 30.36
CA SER B 21 -12.81 67.28 31.40
C SER B 21 -14.20 66.75 31.76
N ASP B 22 -15.25 67.55 31.53
CA ASP B 22 -16.62 67.14 31.85
C ASP B 22 -17.53 67.81 30.83
N LEU B 23 -17.94 67.05 29.82
CA LEU B 23 -18.74 67.57 28.71
C LEU B 23 -20.10 66.87 28.68
N GLU B 24 -21.12 67.64 28.34
CA GLU B 24 -22.49 67.13 28.22
C GLU B 24 -23.04 67.51 26.86
N PHE B 25 -23.24 66.53 26.00
CA PHE B 25 -23.72 66.74 24.64
C PHE B 25 -25.22 66.42 24.59
N SER B 26 -26.02 67.43 24.25
CA SER B 26 -27.48 67.33 24.29
C SER B 26 -28.05 67.34 22.88
N LEU B 27 -29.03 66.48 22.65
CA LEU B 27 -29.77 66.41 21.40
C LEU B 27 -31.23 66.78 21.66
N ALA B 28 -31.79 67.63 20.80
CA ALA B 28 -33.16 68.09 20.94
C ALA B 28 -33.83 68.07 19.57
N ASN B 29 -35.13 68.41 19.56
CA ASN B 29 -35.87 68.39 18.30
C ASN B 29 -35.33 69.43 17.32
N GLY B 30 -35.12 70.65 17.80
CA GLY B 30 -34.52 71.69 16.99
C GLY B 30 -33.00 71.70 17.00
N ASN B 31 -32.37 70.72 17.64
CA ASN B 31 -30.92 70.65 17.77
C ASN B 31 -30.54 69.17 17.75
N TRP B 32 -30.23 68.67 16.55
CA TRP B 32 -30.11 67.23 16.36
C TRP B 32 -29.17 66.92 15.21
N VAL B 33 -28.47 65.79 15.33
CA VAL B 33 -27.64 65.24 14.27
C VAL B 33 -27.73 63.72 14.34
N LYS B 34 -27.67 63.08 13.18
CA LYS B 34 -27.95 61.64 13.13
C LYS B 34 -26.76 60.81 13.61
N ASN B 35 -25.56 61.11 13.12
CA ASN B 35 -24.37 60.32 13.43
C ASN B 35 -23.52 61.04 14.44
N LEU B 36 -23.11 60.33 15.49
CA LEU B 36 -22.31 60.86 16.57
C LEU B 36 -21.03 60.06 16.71
N SER B 37 -20.03 60.68 17.35
CA SER B 37 -18.76 60.01 17.57
C SER B 37 -18.04 60.68 18.73
N LEU B 38 -17.22 59.91 19.44
CA LEU B 38 -16.39 60.36 20.54
C LEU B 38 -14.97 60.64 20.06
N PRO B 39 -14.26 61.57 20.68
CA PRO B 39 -12.92 61.92 20.20
C PRO B 39 -11.90 60.86 20.57
N THR B 40 -10.93 60.66 19.67
CA THR B 40 -9.85 59.71 19.93
C THR B 40 -8.82 60.29 20.89
N ASN B 41 -8.32 61.49 20.59
CA ASN B 41 -7.43 62.17 21.52
C ASN B 41 -8.22 62.62 22.75
N ALA B 42 -7.75 62.20 23.93
CA ALA B 42 -8.43 62.56 25.17
C ALA B 42 -7.50 62.32 26.33
N ASN B 43 -7.85 62.92 27.46
CA ASN B 43 -7.13 62.74 28.72
C ASN B 43 -7.81 61.67 29.56
N ASN B 44 -7.08 61.18 30.55
CA ASN B 44 -7.64 60.18 31.46
C ASN B 44 -8.68 60.83 32.35
N SER B 45 -9.76 60.08 32.61
CA SER B 45 -10.88 60.50 33.46
C SER B 45 -11.71 61.62 32.84
N ASP B 46 -11.56 61.89 31.55
CA ASP B 46 -12.46 62.82 30.87
C ASP B 46 -13.84 62.19 30.76
N LYS B 47 -14.87 63.01 31.01
CA LYS B 47 -16.25 62.54 31.07
C LYS B 47 -17.07 63.18 29.96
N ILE B 48 -17.87 62.36 29.28
CA ILE B 48 -18.79 62.82 28.24
C ILE B 48 -20.14 62.17 28.49
N THR B 49 -21.18 62.98 28.61
CA THR B 49 -22.54 62.51 28.85
C THR B 49 -23.42 62.94 27.68
N ILE B 50 -24.13 61.97 27.09
CA ILE B 50 -24.99 62.21 25.94
C ILE B 50 -26.44 62.01 26.38
N ARG B 51 -27.23 63.07 26.32
CA ARG B 51 -28.67 63.00 26.55
C ARG B 51 -29.41 63.38 25.29
N SER B 52 -30.61 62.83 25.13
CA SER B 52 -31.41 63.08 23.93
C SER B 52 -32.87 63.28 24.32
N SER B 53 -33.50 64.30 23.74
CA SER B 53 -34.95 64.48 23.83
C SER B 53 -35.57 64.66 22.45
N ALA B 54 -34.83 64.35 21.39
CA ALA B 54 -35.33 64.55 20.03
C ALA B 54 -36.23 63.40 19.61
N ALA B 55 -37.18 63.71 18.73
CA ALA B 55 -38.08 62.68 18.22
C ALA B 55 -37.33 61.69 17.33
N TYR B 56 -36.28 62.13 16.65
CA TYR B 56 -35.49 61.26 15.79
C TYR B 56 -34.38 60.59 16.57
N SER B 57 -34.11 59.33 16.24
CA SER B 57 -33.03 58.60 16.89
C SER B 57 -31.68 59.02 16.33
N SER B 58 -30.64 58.85 17.15
CA SER B 58 -29.27 59.12 16.76
C SER B 58 -28.44 57.86 16.94
N TYR B 59 -27.28 57.83 16.28
CA TYR B 59 -26.43 56.64 16.26
C TYR B 59 -25.01 57.05 16.57
N LEU B 60 -24.38 56.33 17.49
CA LEU B 60 -23.06 56.67 18.02
C LEU B 60 -22.02 55.68 17.52
N ASP B 61 -20.94 56.20 16.93
CA ASP B 61 -19.79 55.38 16.61
C ASP B 61 -19.14 54.91 17.91
N THR B 62 -19.08 53.60 18.11
CA THR B 62 -18.57 53.03 19.34
C THR B 62 -17.28 52.25 19.15
N SER B 63 -16.58 52.49 18.04
CA SER B 63 -15.35 51.76 17.75
C SER B 63 -14.25 52.05 18.76
N ASN B 64 -14.28 53.20 19.41
CA ASN B 64 -13.29 53.57 20.41
C ASN B 64 -13.85 53.54 21.83
N THR B 65 -14.87 52.72 22.06
CA THR B 65 -15.43 52.50 23.38
C THR B 65 -15.30 51.02 23.75
N ASN B 66 -15.76 50.68 24.95
CA ASN B 66 -15.75 49.30 25.43
C ASN B 66 -17.06 48.58 25.15
N ILE B 67 -17.91 49.14 24.29
CA ILE B 67 -19.17 48.50 23.91
C ILE B 67 -18.89 47.58 22.72
N PRO B 68 -19.06 46.26 22.87
CA PRO B 68 -18.68 45.35 21.78
C PRO B 68 -19.62 45.39 20.60
N LEU B 69 -20.76 46.06 20.70
CA LEU B 69 -21.58 46.34 19.53
C LEU B 69 -20.82 47.28 18.60
N GLU B 70 -21.40 47.52 17.42
CA GLU B 70 -20.74 48.36 16.42
C GLU B 70 -21.32 49.76 16.35
N VAL B 71 -22.60 49.94 16.65
CA VAL B 71 -23.23 51.25 16.73
C VAL B 71 -24.21 51.24 17.90
N LEU B 72 -24.32 52.36 18.59
CA LEU B 72 -25.24 52.53 19.71
C LEU B 72 -26.41 53.39 19.27
N LYS B 73 -27.62 52.86 19.42
CA LYS B 73 -28.82 53.60 19.07
C LYS B 73 -29.23 54.48 20.26
N ILE B 74 -29.30 55.78 20.03
CA ILE B 74 -29.65 56.75 21.05
C ILE B 74 -31.04 57.28 20.76
N ASN B 75 -31.95 57.09 21.70
CA ASN B 75 -33.34 57.49 21.56
C ASN B 75 -33.67 58.61 22.54
N SER B 76 -34.87 59.18 22.38
CA SER B 76 -35.35 60.21 23.30
C SER B 76 -35.48 59.64 24.70
N GLY B 77 -34.80 60.26 25.65
CA GLY B 77 -34.81 59.81 27.03
C GLY B 77 -33.57 59.04 27.45
N ASP B 78 -32.79 58.57 26.49
CA ASP B 78 -31.58 57.82 26.82
C ASP B 78 -30.51 58.75 27.38
N VAL B 79 -29.78 58.24 28.38
CA VAL B 79 -28.69 58.98 29.02
C VAL B 79 -27.49 58.04 29.08
N TYR B 80 -26.47 58.33 28.28
CA TYR B 80 -25.25 57.55 28.23
C TYR B 80 -24.07 58.40 28.69
N GLN B 81 -23.22 57.81 29.52
CA GLN B 81 -22.08 58.50 30.11
C GLN B 81 -20.82 57.68 29.88
N PHE B 82 -19.79 58.33 29.36
CA PHE B 82 -18.51 57.69 29.07
C PHE B 82 -17.39 58.37 29.82
N ILE B 83 -16.43 57.58 30.29
CA ILE B 83 -15.25 58.07 30.99
C ILE B 83 -14.03 57.48 30.30
N PHE B 84 -13.14 58.33 29.81
CA PHE B 84 -11.98 57.86 29.06
C PHE B 84 -10.96 57.21 29.98
N ASN B 85 -10.23 56.25 29.42
CA ASN B 85 -9.23 55.48 30.17
C ASN B 85 -7.96 55.39 29.34
N SER B 86 -6.84 55.88 29.89
CA SER B 86 -5.58 55.86 29.16
C SER B 86 -4.96 54.47 29.12
N SER B 87 -5.16 53.66 30.17
CA SER B 87 -4.58 52.32 30.19
C SER B 87 -5.14 51.44 29.07
N GLN B 88 -6.39 51.69 28.66
CA GLN B 88 -7.00 50.94 27.58
C GLN B 88 -7.19 51.75 26.31
N ASN B 89 -7.00 53.07 26.37
CA ASN B 89 -7.18 53.97 25.23
C ASN B 89 -8.58 53.85 24.64
N LYS B 90 -9.57 53.75 25.52
CA LYS B 90 -10.96 53.62 25.10
C LYS B 90 -11.87 54.35 26.08
N TRP B 91 -13.02 54.79 25.57
CA TRP B 91 -14.05 55.39 26.41
C TRP B 91 -14.83 54.29 27.11
N ILE B 92 -14.83 54.32 28.44
CA ILE B 92 -15.51 53.30 29.23
C ILE B 92 -16.93 53.76 29.50
N ALA B 93 -17.91 52.98 29.06
CA ALA B 93 -19.30 53.31 29.30
C ALA B 93 -19.64 53.16 30.78
N GLN B 94 -20.49 54.05 31.28
CA GLN B 94 -20.93 54.02 32.67
C GLN B 94 -22.42 53.66 32.66
N LEU B 95 -22.70 52.38 32.70
CA LEU B 95 -24.06 51.86 32.61
C LEU B 95 -24.65 51.72 34.02
N ALA B 96 -25.98 51.79 34.08
CA ALA B 96 -26.67 51.52 35.34
C ALA B 96 -26.36 50.11 35.80
N THR B 97 -25.74 49.99 36.97
CA THR B 97 -25.25 48.71 37.47
C THR B 97 -26.17 48.18 38.56
N VAL B 98 -26.51 46.90 38.47
CA VAL B 98 -27.26 46.19 39.49
C VAL B 98 -26.52 44.90 39.82
N SER B 99 -26.56 44.51 41.08
CA SER B 99 -25.83 43.34 41.53
C SER B 99 -26.74 42.47 42.39
N PRO B 100 -26.49 41.16 42.42
CA PRO B 100 -27.18 40.31 43.39
C PRO B 100 -26.77 40.69 44.80
N THR B 101 -27.74 40.69 45.71
CA THR B 101 -27.50 41.14 47.07
C THR B 101 -27.64 40.04 48.11
N THR B 102 -28.32 38.94 47.78
CA THR B 102 -28.46 37.81 48.68
C THR B 102 -27.43 36.75 48.31
N GLY B 103 -26.71 36.26 49.31
CA GLY B 103 -25.69 35.25 49.07
C GLY B 103 -26.27 33.87 48.84
N SER B 104 -27.52 33.80 48.40
CA SER B 104 -28.25 32.55 48.28
C SER B 104 -27.94 31.88 46.95
N ASN B 105 -28.72 30.84 46.62
CA ASN B 105 -28.48 30.03 45.43
C ASN B 105 -29.19 30.55 44.18
N TYR B 106 -30.22 31.38 44.34
CA TYR B 106 -30.99 31.87 43.20
C TYR B 106 -31.50 33.27 43.50
N GLU B 107 -31.31 34.19 42.56
CA GLU B 107 -31.75 35.57 42.73
C GLU B 107 -32.19 36.14 41.39
N LEU B 108 -33.41 36.67 41.35
CA LEU B 108 -33.88 37.41 40.18
C LEU B 108 -33.28 38.81 40.20
N ILE B 109 -32.78 39.25 39.05
CA ILE B 109 -32.07 40.52 38.94
C ILE B 109 -33.08 41.61 38.61
N PRO B 110 -33.20 42.67 39.43
CA PRO B 110 -34.07 43.80 39.07
C PRO B 110 -33.37 44.73 38.09
N LEU B 111 -34.05 45.02 36.98
CA LEU B 111 -33.53 45.89 35.95
C LEU B 111 -34.29 47.21 35.96
N THR B 112 -33.60 48.28 35.60
CA THR B 112 -34.23 49.59 35.50
C THR B 112 -34.88 49.74 34.13
N THR B 113 -35.35 50.94 33.81
CA THR B 113 -35.94 51.21 32.51
C THR B 113 -34.92 51.67 31.48
N ALA B 114 -33.64 51.75 31.85
CA ALA B 114 -32.60 52.10 30.89
C ALA B 114 -32.48 51.02 29.84
N THR B 115 -32.30 51.43 28.58
CA THR B 115 -32.17 50.47 27.49
C THR B 115 -30.96 49.56 27.70
N MSE B 116 -29.83 50.13 28.13
CA MSE B 116 -28.61 49.36 28.32
C MSE B 116 -28.17 49.39 29.79
O MSE B 116 -28.02 50.46 30.38
CB MSE B 116 -27.51 49.90 27.41
CG MSE B 116 -26.23 49.07 27.42
SE MSE B 116 -25.02 49.58 25.98
CE MSE B 116 -26.09 49.01 24.46
N GLN B 117 -27.96 48.21 30.36
CA GLN B 117 -27.65 48.07 31.79
C GLN B 117 -26.55 47.05 31.98
N LYS B 118 -25.94 47.07 33.16
CA LYS B 118 -24.86 46.17 33.52
C LYS B 118 -25.22 45.39 34.78
N VAL B 119 -25.11 44.07 34.71
CA VAL B 119 -25.25 43.20 35.88
C VAL B 119 -23.87 42.75 36.31
N LEU B 120 -23.47 43.13 37.52
CA LEU B 120 -22.11 42.93 38.01
C LEU B 120 -22.13 42.04 39.25
N ILE B 121 -21.33 40.97 39.21
CA ILE B 121 -21.20 40.05 40.34
C ILE B 121 -19.82 40.23 40.95
N GLN B 122 -19.78 40.42 42.26
CA GLN B 122 -18.54 40.61 43.00
C GLN B 122 -18.47 39.66 44.18
N ASP B 123 -17.31 39.62 44.84
CA ASP B 123 -17.13 38.76 46.00
C ASP B 123 -18.16 39.04 47.08
N ASP B 124 -18.46 40.32 47.35
CA ASP B 124 -19.38 40.68 48.41
C ASP B 124 -20.82 40.81 47.93
N LYS B 125 -21.06 40.82 46.61
CA LYS B 125 -22.41 40.87 46.04
C LYS B 125 -22.51 39.72 45.05
N TRP B 126 -22.91 38.55 45.54
CA TRP B 126 -22.77 37.31 44.80
C TRP B 126 -24.02 36.45 44.97
N ALA B 127 -24.27 35.60 43.98
CA ALA B 127 -25.30 34.58 44.04
C ALA B 127 -24.91 33.45 43.11
N GLN B 128 -25.27 32.22 43.49
CA GLN B 128 -24.90 31.06 42.68
C GLN B 128 -25.51 31.14 41.29
N THR B 129 -26.80 31.46 41.20
CA THR B 129 -27.49 31.56 39.93
C THR B 129 -28.31 32.84 39.90
N ILE B 130 -28.03 33.68 38.91
CA ILE B 130 -28.77 34.91 38.69
C ILE B 130 -29.68 34.71 37.48
N ALA B 131 -30.86 35.32 37.53
CA ALA B 131 -31.86 35.16 36.48
C ALA B 131 -32.21 36.53 35.91
N LEU B 132 -32.16 36.64 34.58
CA LEU B 132 -32.61 37.87 33.94
C LEU B 132 -34.14 37.87 33.87
N PRO B 133 -34.77 39.01 34.11
CA PRO B 133 -36.23 39.04 34.10
C PRO B 133 -36.77 38.92 32.68
N SER B 134 -37.92 38.26 32.57
CA SER B 134 -38.63 38.14 31.31
C SER B 134 -39.61 39.30 31.15
N ASP B 135 -40.13 39.43 29.93
CA ASP B 135 -41.12 40.46 29.58
C ASP B 135 -40.59 41.85 29.91
N VAL B 136 -39.45 42.18 29.32
CA VAL B 136 -38.87 43.51 29.40
C VAL B 136 -39.00 44.19 28.04
N ARG B 137 -38.61 45.46 27.99
CA ARG B 137 -38.69 46.23 26.75
C ARG B 137 -37.87 45.59 25.64
N ASP B 138 -38.50 45.42 24.47
CA ASP B 138 -37.82 44.84 23.32
C ASP B 138 -36.57 45.64 22.99
N GLY B 139 -35.45 44.94 22.83
CA GLY B 139 -34.19 45.60 22.57
C GLY B 139 -33.36 45.89 23.80
N THR B 140 -33.86 45.59 25.00
CA THR B 140 -33.10 45.82 26.22
C THR B 140 -31.81 45.03 26.17
N THR B 141 -30.68 45.73 26.33
CA THR B 141 -29.36 45.13 26.27
C THR B 141 -28.75 45.16 27.67
N VAL B 142 -28.21 44.02 28.10
CA VAL B 142 -27.62 43.89 29.43
C VAL B 142 -26.23 43.30 29.28
N GLN B 143 -25.28 43.83 30.05
CA GLN B 143 -23.92 43.31 30.12
C GLN B 143 -23.77 42.56 31.44
N VAL B 144 -23.52 41.25 31.36
CA VAL B 144 -23.33 40.42 32.53
C VAL B 144 -21.83 40.19 32.71
N VAL B 145 -21.30 40.65 33.85
CA VAL B 145 -19.87 40.63 34.11
C VAL B 145 -19.65 40.21 35.56
N SER B 146 -18.60 39.43 35.79
CA SER B 146 -18.27 38.96 37.13
C SER B 146 -16.80 39.22 37.43
N THR B 147 -16.52 39.75 38.61
CA THR B 147 -15.17 39.88 39.13
C THR B 147 -14.95 39.03 40.37
N ALA B 148 -15.94 38.24 40.77
CA ALA B 148 -15.84 37.42 41.97
C ALA B 148 -14.90 36.25 41.75
N SER B 149 -14.37 35.74 42.87
CA SER B 149 -13.46 34.60 42.83
C SER B 149 -14.19 33.26 42.89
N VAL B 150 -15.43 33.25 43.36
CA VAL B 150 -16.28 32.06 43.32
C VAL B 150 -17.20 32.18 42.12
N SER B 151 -17.30 31.12 41.34
CA SER B 151 -18.01 31.18 40.07
C SER B 151 -19.52 31.11 40.29
N SER B 152 -20.26 31.60 39.29
CA SER B 152 -21.71 31.55 39.29
C SER B 152 -22.16 31.28 37.85
N ASP B 153 -23.47 31.33 37.63
CA ASP B 153 -24.01 31.09 36.30
C ASP B 153 -25.35 31.79 36.16
N ILE B 154 -25.86 31.82 34.94
CA ILE B 154 -27.11 32.48 34.58
C ILE B 154 -28.18 31.42 34.38
N ASP B 155 -29.36 31.66 34.95
CA ASP B 155 -30.50 30.80 34.70
C ASP B 155 -30.81 30.76 33.20
N LYS B 156 -31.05 29.56 32.69
CA LYS B 156 -31.14 29.32 31.25
C LYS B 156 -32.57 29.28 30.73
N THR B 157 -33.57 29.46 31.59
CA THR B 157 -34.95 29.29 31.16
C THR B 157 -35.32 30.23 30.02
N ASN B 158 -35.04 31.53 30.18
CA ASN B 158 -35.41 32.53 29.20
C ASN B 158 -34.26 32.91 28.27
N LEU B 159 -33.23 32.07 28.18
CA LEU B 159 -32.15 32.28 27.23
C LEU B 159 -32.44 31.52 25.94
N LEU B 160 -31.94 32.07 24.82
CA LEU B 160 -32.21 31.46 23.53
C LEU B 160 -31.72 30.01 23.48
N PHE B 161 -30.52 29.75 24.00
CA PHE B 161 -29.99 28.40 24.08
C PHE B 161 -29.39 28.16 25.45
N PRO B 162 -29.51 26.95 25.99
CA PRO B 162 -28.95 26.64 27.32
C PRO B 162 -27.45 26.36 27.27
N SER B 163 -26.68 27.37 26.87
CA SER B 163 -25.24 27.22 26.76
C SER B 163 -24.59 27.30 28.15
N SER B 164 -23.26 27.15 28.18
CA SER B 164 -22.50 27.11 29.43
C SER B 164 -22.21 28.53 29.91
N PHE B 165 -23.29 29.23 30.27
CA PHE B 165 -23.19 30.63 30.71
C PHE B 165 -22.76 30.68 32.18
N THR B 166 -21.52 30.27 32.42
CA THR B 166 -20.92 30.36 33.73
C THR B 166 -20.11 31.65 33.85
N LEU B 167 -20.05 32.19 35.06
CA LEU B 167 -19.46 33.51 35.31
C LEU B 167 -18.31 33.35 36.30
N LYS B 168 -17.09 33.52 35.81
CA LYS B 168 -15.90 33.60 36.64
C LYS B 168 -15.30 35.01 36.54
N ASN B 169 -14.22 35.23 37.28
CA ASN B 169 -13.51 36.50 37.23
C ASN B 169 -13.02 36.78 35.82
N GLY B 170 -13.56 37.82 35.18
CA GLY B 170 -13.21 38.17 33.82
C GLY B 170 -14.25 37.81 32.78
N SER B 171 -15.30 37.08 33.15
CA SER B 171 -16.34 36.72 32.21
C SER B 171 -17.14 37.95 31.79
N GLU B 172 -17.62 37.93 30.54
CA GLU B 172 -18.38 39.05 30.00
C GLU B 172 -19.34 38.53 28.94
N TYR B 173 -20.64 38.66 29.20
CA TYR B 173 -21.68 38.26 28.27
C TYR B 173 -22.62 39.43 28.04
N TRP B 174 -22.94 39.68 26.78
CA TRP B 174 -23.92 40.71 26.40
C TRP B 174 -25.15 40.03 25.81
N PHE B 175 -26.32 40.37 26.35
CA PHE B 175 -27.59 39.83 25.90
C PHE B 175 -28.51 40.95 25.46
N LYS B 176 -29.34 40.66 24.46
CA LYS B 176 -30.42 41.55 24.06
C LYS B 176 -31.72 40.76 24.02
N TYR B 177 -32.77 41.34 24.59
CA TYR B 177 -34.05 40.66 24.71
C TYR B 177 -34.88 40.89 23.45
N TYR B 178 -35.39 39.80 22.88
CA TYR B 178 -36.25 39.84 21.71
C TYR B 178 -37.65 39.42 22.14
N SER B 179 -38.59 40.38 22.15
CA SER B 179 -39.95 40.06 22.55
C SER B 179 -40.64 39.17 21.53
N ALA B 180 -40.21 39.20 20.27
CA ALA B 180 -40.74 38.27 19.28
C ALA B 180 -40.40 36.83 19.64
N LEU B 181 -39.30 36.62 20.36
CA LEU B 181 -38.92 35.29 20.83
C LEU B 181 -39.18 35.06 22.31
N GLY B 182 -39.41 36.12 23.08
CA GLY B 182 -39.46 35.98 24.53
C GLY B 182 -38.20 35.38 25.11
N LYS B 183 -37.05 35.73 24.54
CA LYS B 183 -35.78 35.14 24.92
C LYS B 183 -34.70 36.20 24.95
N TRP B 184 -33.76 36.06 25.90
CA TRP B 184 -32.53 36.83 25.88
C TRP B 184 -31.57 36.18 24.89
N VAL B 185 -31.10 36.94 23.92
CA VAL B 185 -30.26 36.42 22.83
C VAL B 185 -28.85 36.93 23.03
N PRO B 186 -27.84 36.06 23.01
CA PRO B 186 -26.45 36.52 23.17
C PRO B 186 -26.01 37.33 21.96
N GLU B 187 -25.48 38.52 22.22
CA GLU B 187 -24.97 39.39 21.16
C GLU B 187 -23.46 39.48 21.14
N TYR B 188 -22.79 39.30 22.27
CA TYR B 188 -21.33 39.26 22.31
C TYR B 188 -20.91 38.37 23.47
N ILE B 189 -19.99 37.44 23.20
CA ILE B 189 -19.45 36.55 24.21
C ILE B 189 -17.93 36.74 24.22
N LYS B 190 -17.41 37.19 25.35
CA LYS B 190 -15.96 37.33 25.51
C LYS B 190 -15.34 35.94 25.54
N PRO B 191 -14.45 35.60 24.61
CA PRO B 191 -13.97 34.22 24.52
C PRO B 191 -13.04 33.85 25.67
N GLN B 192 -13.12 32.60 26.09
CA GLN B 192 -12.16 32.01 27.01
C GLN B 192 -10.99 31.49 26.19
N LYS B 193 -9.82 32.09 26.38
CA LYS B 193 -8.66 31.83 25.53
C LYS B 193 -7.78 30.78 26.18
N LEU B 194 -7.42 29.76 25.40
CA LEU B 194 -6.54 28.68 25.86
C LEU B 194 -5.43 28.49 24.85
N ASN B 195 -4.21 28.31 25.36
CA ASN B 195 -3.09 27.87 24.53
C ASN B 195 -3.04 26.35 24.55
N VAL B 196 -2.95 25.74 23.37
CA VAL B 196 -3.02 24.29 23.26
C VAL B 196 -1.91 23.60 24.04
N GLN B 197 -0.80 24.29 24.30
CA GLN B 197 0.26 23.71 25.11
C GLN B 197 -0.19 23.48 26.55
N GLN B 198 -1.19 24.24 27.01
CA GLN B 198 -1.68 24.07 28.38
C GLN B 198 -2.57 22.84 28.53
N ILE B 199 -3.29 22.46 27.48
CA ILE B 199 -4.28 21.38 27.56
C ILE B 199 -3.87 20.14 26.78
N GLY B 200 -2.82 20.21 25.97
CA GLY B 200 -2.38 19.03 25.24
C GLY B 200 -3.23 18.76 24.02
N THR B 201 -3.31 17.47 23.67
CA THR B 201 -3.96 17.03 22.44
C THR B 201 -5.46 16.83 22.59
N SER B 202 -6.05 17.22 23.72
CA SER B 202 -7.47 17.00 23.93
C SER B 202 -8.02 18.03 24.90
N LEU B 203 -9.31 18.34 24.73
CA LEU B 203 -10.07 19.16 25.67
C LEU B 203 -11.23 18.30 26.18
N ALA B 204 -11.20 17.95 27.46
CA ALA B 204 -12.22 17.06 28.01
C ALA B 204 -13.59 17.72 28.02
N ALA B 205 -13.67 18.99 28.43
CA ALA B 205 -14.94 19.69 28.54
C ALA B 205 -14.71 21.17 28.36
N VAL B 206 -15.78 21.87 27.96
CA VAL B 206 -15.71 23.32 27.82
C VAL B 206 -16.20 23.97 29.11
N ASN B 207 -15.81 25.22 29.30
CA ASN B 207 -16.11 25.96 30.52
C ASN B 207 -16.91 27.23 30.30
N SER B 208 -17.18 27.59 29.05
CA SER B 208 -17.82 28.85 28.71
C SER B 208 -18.47 28.70 27.35
N PRO B 209 -19.36 29.63 26.96
CA PRO B 209 -20.04 29.47 25.67
C PRO B 209 -19.13 29.63 24.47
N LEU B 210 -17.93 30.19 24.64
CA LEU B 210 -17.01 30.40 23.52
C LEU B 210 -15.59 30.15 24.02
N THR B 211 -14.99 29.05 23.57
CA THR B 211 -13.61 28.71 23.88
C THR B 211 -12.76 28.92 22.64
N GLU B 212 -11.62 29.59 22.81
CA GLU B 212 -10.73 29.94 21.70
C GLU B 212 -9.36 29.32 21.96
N ILE B 213 -8.96 28.39 21.11
CA ILE B 213 -7.75 27.61 21.30
C ILE B 213 -6.73 28.05 20.24
N ALA B 214 -5.59 28.54 20.70
CA ALA B 214 -4.57 29.11 19.83
C ALA B 214 -3.42 28.14 19.61
N PHE B 215 -3.00 28.01 18.36
CA PHE B 215 -1.79 27.29 17.98
C PHE B 215 -0.73 28.29 17.52
N GLY B 216 0.52 28.04 17.90
CA GLY B 216 1.61 28.90 17.48
C GLY B 216 2.93 28.19 17.58
N ASP B 217 3.99 28.90 17.21
CA ASP B 217 5.33 28.36 17.38
C ASP B 217 5.69 28.38 18.86
N GLY B 218 6.14 27.22 19.36
CA GLY B 218 6.31 27.04 20.79
C GLY B 218 5.05 26.74 21.54
N ASN B 219 3.90 26.67 20.86
CA ASN B 219 2.61 26.34 21.48
C ASN B 219 1.82 25.55 20.44
N TRP B 220 1.98 24.24 20.47
CA TRP B 220 1.60 23.43 19.31
C TRP B 220 1.56 21.96 19.70
N VAL B 221 0.57 21.24 19.16
CA VAL B 221 0.52 19.79 19.21
C VAL B 221 0.19 19.28 17.82
N SER B 222 0.37 17.98 17.61
CA SER B 222 0.21 17.42 16.28
C SER B 222 -1.25 17.14 15.93
N ASN B 223 -2.08 16.89 16.94
CA ASN B 223 -3.49 16.62 16.70
C ASN B 223 -4.29 17.00 17.93
N PHE B 224 -5.58 17.25 17.72
CA PHE B 224 -6.44 17.76 18.78
C PHE B 224 -7.84 17.17 18.64
N THR B 225 -8.41 16.78 19.78
CA THR B 225 -9.73 16.17 19.83
C THR B 225 -10.69 17.07 20.59
N LEU B 226 -11.83 17.38 19.98
CA LEU B 226 -12.87 18.17 20.63
C LEU B 226 -13.52 17.36 21.75
N PRO B 227 -14.20 18.03 22.68
CA PRO B 227 -14.93 17.30 23.72
C PRO B 227 -16.01 16.43 23.12
N THR B 228 -16.36 15.37 23.84
CA THR B 228 -17.42 14.48 23.39
C THR B 228 -18.80 15.07 23.60
N THR B 229 -18.93 16.02 24.53
CA THR B 229 -20.22 16.62 24.83
C THR B 229 -20.00 18.02 25.36
N ALA B 230 -21.04 18.84 25.27
CA ALA B 230 -21.04 20.20 25.80
C ALA B 230 -22.48 20.62 26.02
N ASN B 231 -22.69 21.87 26.40
CA ASN B 231 -24.03 22.42 26.46
C ASN B 231 -24.44 22.94 25.10
N ASP B 232 -25.75 23.06 24.90
CA ASP B 232 -26.31 23.42 23.60
C ASP B 232 -25.75 24.74 23.11
N ARG B 233 -25.19 24.72 21.90
CA ARG B 233 -24.69 25.89 21.19
C ARG B 233 -23.41 26.45 21.76
N ASP B 234 -22.69 25.70 22.60
CA ASP B 234 -21.33 26.08 22.95
C ASP B 234 -20.46 26.06 21.71
N ARG B 235 -19.48 26.96 21.66
CA ARG B 235 -18.66 27.14 20.47
C ARG B 235 -17.18 27.03 20.82
N ILE B 236 -16.42 26.41 19.91
CA ILE B 236 -14.97 26.31 20.03
C ILE B 236 -14.36 26.85 18.75
N ILE B 237 -13.49 27.85 18.88
CA ILE B 237 -12.73 28.38 17.76
C ILE B 237 -11.29 27.90 17.89
N ILE B 238 -10.76 27.35 16.80
CA ILE B 238 -9.37 26.87 16.74
C ILE B 238 -8.63 27.68 15.69
N LYS B 239 -7.58 28.38 16.13
CA LYS B 239 -6.79 29.25 15.26
C LYS B 239 -5.32 28.85 15.37
N SER B 240 -4.57 29.11 14.30
CA SER B 240 -3.15 28.79 14.28
C SER B 240 -2.34 29.92 13.66
N THR B 241 -1.22 30.24 14.29
CA THR B 241 -0.16 31.03 13.67
C THR B 241 1.14 30.24 13.57
N ALA B 242 1.10 28.94 13.86
CA ALA B 242 2.29 28.11 13.85
C ALA B 242 2.77 27.86 12.42
N THR B 243 4.06 27.58 12.31
CA THR B 243 4.64 27.27 11.00
C THR B 243 4.16 25.92 10.48
N TRP B 244 4.16 24.90 11.34
CA TRP B 244 3.87 23.54 10.93
C TRP B 244 2.40 23.21 11.16
N SER B 245 1.80 22.52 10.20
CA SER B 245 0.38 22.21 10.24
C SER B 245 0.07 21.25 11.40
N ALA B 246 -1.21 21.22 11.77
CA ALA B 246 -1.72 20.29 12.76
C ALA B 246 -3.06 19.76 12.28
N LYS B 247 -3.50 18.66 12.88
CA LYS B 247 -4.72 17.97 12.48
C LYS B 247 -5.77 18.09 13.56
N ILE B 248 -6.96 18.55 13.19
CA ILE B 248 -8.12 18.49 14.07
C ILE B 248 -8.83 17.17 13.82
N ASN B 249 -8.88 16.32 14.85
CA ASN B 249 -9.49 15.01 14.70
C ASN B 249 -10.98 15.13 14.42
N ASN B 250 -11.49 14.25 13.56
CA ASN B 250 -12.89 14.30 13.17
C ASN B 250 -13.83 13.69 14.19
N THR B 251 -13.30 13.01 15.22
CA THR B 251 -14.16 12.41 16.22
C THR B 251 -14.96 13.46 16.96
N ASN B 252 -16.22 13.14 17.27
CA ASN B 252 -17.21 14.00 17.90
C ASN B 252 -17.66 15.15 17.01
N VAL B 253 -17.19 15.23 15.76
CA VAL B 253 -17.54 16.30 14.84
C VAL B 253 -18.45 15.72 13.75
N ASN B 254 -19.44 16.50 13.34
CA ASN B 254 -20.36 16.09 12.26
C ASN B 254 -19.74 16.41 10.90
N SER B 255 -18.56 15.85 10.68
CA SER B 255 -17.85 16.04 9.43
C SER B 255 -16.68 15.06 9.33
N GLN B 256 -16.53 14.42 8.17
CA GLN B 256 -15.40 13.56 7.90
C GLN B 256 -14.34 14.27 7.06
N ALA B 257 -14.53 15.56 6.79
CA ALA B 257 -13.66 16.30 5.90
C ALA B 257 -12.28 16.49 6.54
N THR B 258 -11.34 16.96 5.71
CA THR B 258 -9.95 17.16 6.14
C THR B 258 -9.86 18.44 6.97
N LEU B 259 -9.74 18.28 8.28
CA LEU B 259 -9.63 19.43 9.19
C LEU B 259 -8.15 19.67 9.55
N THR B 260 -7.38 20.03 8.54
CA THR B 260 -5.97 20.34 8.73
C THR B 260 -5.81 21.81 9.09
N LEU B 261 -5.03 22.07 10.13
CA LEU B 261 -4.86 23.41 10.69
C LEU B 261 -3.51 23.95 10.25
N LYS B 262 -3.51 24.81 9.24
CA LYS B 262 -2.30 25.40 8.70
C LYS B 262 -2.08 26.79 9.27
N THR B 263 -0.97 27.41 8.87
CA THR B 263 -0.66 28.76 9.31
C THR B 263 -1.76 29.73 8.88
N GLY B 264 -2.31 30.46 9.85
CA GLY B 264 -3.37 31.42 9.57
C GLY B 264 -4.76 30.83 9.46
N ASP B 265 -4.91 29.50 9.52
CA ASP B 265 -6.21 28.89 9.39
C ASP B 265 -7.06 29.15 10.64
N GLN B 266 -8.37 29.03 10.45
CA GLN B 266 -9.32 29.19 11.54
C GLN B 266 -10.48 28.23 11.35
N TYR B 267 -10.83 27.50 12.40
CA TYR B 267 -11.98 26.62 12.40
C TYR B 267 -12.91 27.02 13.53
N GLU B 268 -14.22 26.89 13.30
CA GLU B 268 -15.22 27.18 14.30
C GLU B 268 -16.18 26.00 14.40
N PHE B 269 -16.46 25.56 15.62
CA PHE B 269 -17.35 24.44 15.87
C PHE B 269 -18.44 24.86 16.83
N MSE B 270 -19.62 24.27 16.66
CA MSE B 270 -20.75 24.57 17.53
C MSE B 270 -21.43 23.28 17.95
O MSE B 270 -21.91 22.52 17.12
CB MSE B 270 -21.75 25.48 16.81
CG MSE B 270 -22.99 25.82 17.62
SE MSE B 270 -24.33 26.72 16.54
CE MSE B 270 -24.74 25.28 15.30
N TYR B 271 -21.48 23.03 19.26
CA TYR B 271 -22.12 21.81 19.74
C TYR B 271 -23.63 21.91 19.58
N VAL B 272 -24.25 20.80 19.18
CA VAL B 272 -25.68 20.73 18.93
C VAL B 272 -26.23 19.60 19.78
N SER B 273 -27.00 19.94 20.81
CA SER B 273 -27.42 18.95 21.80
C SER B 273 -28.33 17.88 21.20
N ASP B 274 -29.34 18.31 20.42
CA ASP B 274 -30.32 17.35 19.91
C ASP B 274 -29.67 16.27 19.04
N LYS B 275 -28.53 16.58 18.43
CA LYS B 275 -27.81 15.59 17.63
C LYS B 275 -26.62 14.98 18.37
N GLY B 276 -26.07 15.67 19.35
CA GLY B 276 -24.98 15.12 20.14
C GLY B 276 -23.62 15.15 19.48
N TYR B 277 -23.33 16.15 18.66
CA TYR B 277 -22.03 16.29 18.04
C TYR B 277 -21.70 17.77 17.85
N TRP B 278 -20.46 18.04 17.47
CA TRP B 278 -20.02 19.38 17.11
C TRP B 278 -20.29 19.62 15.63
N GLN B 279 -21.05 20.66 15.32
CA GLN B 279 -21.30 21.06 13.95
C GLN B 279 -20.17 21.97 13.47
N LEU B 280 -19.67 21.70 12.26
CA LEU B 280 -18.63 22.52 11.66
C LEU B 280 -19.29 23.70 10.96
N ILE B 281 -19.08 24.90 11.49
CA ILE B 281 -19.75 26.10 10.97
C ILE B 281 -18.79 27.06 10.26
N SER B 282 -17.48 26.84 10.34
CA SER B 282 -16.53 27.70 9.65
C SER B 282 -15.23 26.94 9.43
N SER B 283 -14.73 26.98 8.21
CA SER B 283 -13.51 26.25 7.85
C SER B 283 -12.83 26.97 6.71
N PRO B 284 -11.51 26.85 6.57
CA PRO B 284 -10.79 27.57 5.52
C PRO B 284 -11.07 27.00 4.14
N THR B 285 -10.82 27.82 3.13
CA THR B 285 -10.94 27.44 1.73
C THR B 285 -9.67 27.86 1.00
N LYS B 286 -8.97 26.89 0.41
CA LYS B 286 -7.84 27.20 -0.44
C LYS B 286 -8.33 27.64 -1.80
N VAL B 287 -7.89 28.82 -2.24
CA VAL B 287 -8.37 29.43 -3.47
C VAL B 287 -7.18 29.64 -4.41
N ILE B 288 -7.23 29.04 -5.58
CA ILE B 288 -6.30 29.31 -6.67
C ILE B 288 -7.04 30.23 -7.64
N ASP B 289 -6.76 31.53 -7.57
CA ASP B 289 -7.56 32.51 -8.27
C ASP B 289 -7.10 32.67 -9.72
N SER B 290 -7.77 33.56 -10.45
CA SER B 290 -7.59 33.70 -11.88
C SER B 290 -6.21 34.23 -12.27
N THR B 291 -5.43 34.73 -11.31
CA THR B 291 -4.08 35.21 -11.59
C THR B 291 -3.00 34.24 -11.17
N ALA B 292 -3.34 33.20 -10.42
CA ALA B 292 -2.38 32.21 -9.97
C ALA B 292 -2.32 31.02 -10.94
N THR B 293 -1.18 30.34 -10.92
CA THR B 293 -1.00 29.16 -11.76
C THR B 293 -1.78 27.99 -11.19
N ILE B 294 -2.49 27.27 -12.07
CA ILE B 294 -3.29 26.12 -11.70
C ILE B 294 -2.55 24.86 -12.12
N PRO B 295 -2.29 23.92 -11.21
CA PRO B 295 -1.60 22.69 -11.61
C PRO B 295 -2.54 21.74 -12.34
N ALA B 296 -1.96 20.97 -13.26
CA ALA B 296 -2.76 20.01 -14.03
C ALA B 296 -3.39 18.97 -13.12
N ILE B 297 -2.66 18.54 -12.08
CA ILE B 297 -3.18 17.67 -11.04
C ILE B 297 -3.39 18.52 -9.80
N LEU B 298 -4.65 18.65 -9.39
CA LEU B 298 -4.97 19.49 -8.24
C LEU B 298 -4.35 18.91 -6.97
N PRO B 299 -3.93 19.77 -6.04
CA PRO B 299 -3.22 19.28 -4.86
C PRO B 299 -4.13 18.52 -3.92
N ASN B 300 -3.50 17.64 -3.13
CA ASN B 300 -4.23 16.89 -2.12
C ASN B 300 -4.86 17.83 -1.09
N MSE B 301 -6.05 17.47 -0.64
CA MSE B 301 -6.82 18.32 0.26
C MSE B 301 -6.13 18.55 1.60
O MSE B 301 -5.82 17.60 2.32
CB MSE B 301 -8.21 17.72 0.51
CG MSE B 301 -9.00 17.44 -0.76
SE MSE B 301 -9.51 19.04 -1.74
CE MSE B 301 -10.78 19.80 -0.46
N THR B 302 -5.87 19.82 1.91
CA THR B 302 -5.38 20.23 3.22
C THR B 302 -6.39 21.08 3.97
N GLN B 303 -7.64 21.10 3.51
CA GLN B 303 -8.74 21.82 4.15
C GLN B 303 -10.06 21.31 3.57
N PRO B 304 -11.20 21.59 4.20
CA PRO B 304 -12.46 21.00 3.72
C PRO B 304 -12.85 21.39 2.31
N THR B 305 -12.37 22.52 1.78
CA THR B 305 -12.82 22.98 0.48
C THR B 305 -11.67 23.59 -0.31
N LEU B 306 -11.71 23.41 -1.63
CA LEU B 306 -10.74 23.96 -2.55
C LEU B 306 -11.49 24.60 -3.71
N LYS B 307 -11.14 25.84 -4.04
CA LYS B 307 -11.80 26.57 -5.12
C LYS B 307 -10.77 26.94 -6.18
N VAL B 308 -11.05 26.59 -7.44
CA VAL B 308 -10.17 26.83 -8.56
C VAL B 308 -10.87 27.75 -9.54
N LYS B 309 -10.19 28.82 -9.95
CA LYS B 309 -10.76 29.85 -10.82
C LYS B 309 -9.98 29.86 -12.13
N LEU B 310 -10.56 29.24 -13.17
CA LEU B 310 -9.94 29.21 -14.48
C LEU B 310 -10.17 30.53 -15.22
N SER B 311 -9.11 31.03 -15.86
CA SER B 311 -9.19 32.25 -16.65
C SER B 311 -8.36 32.06 -17.92
N THR B 312 -8.27 33.12 -18.73
CA THR B 312 -7.49 33.05 -19.95
C THR B 312 -6.00 32.92 -19.67
N SER B 313 -5.53 33.57 -18.59
CA SER B 313 -4.10 33.59 -18.29
C SER B 313 -3.62 32.36 -17.52
N ASN B 314 -4.53 31.57 -16.96
CA ASN B 314 -4.14 30.35 -16.26
C ASN B 314 -4.88 29.12 -16.79
N TRP B 315 -5.42 29.21 -18.00
CA TRP B 315 -6.21 28.11 -18.55
C TRP B 315 -5.40 26.83 -18.62
N GLN B 316 -6.08 25.71 -18.39
CA GLN B 316 -5.50 24.39 -18.43
C GLN B 316 -6.42 23.46 -19.22
N PRO B 317 -5.88 22.64 -20.11
CA PRO B 317 -6.76 21.78 -20.91
C PRO B 317 -7.43 20.69 -20.09
N THR B 318 -6.73 20.09 -19.13
CA THR B 318 -7.27 19.04 -18.28
C THR B 318 -6.92 19.33 -16.83
N LEU B 319 -7.83 18.98 -15.94
CA LEU B 319 -7.61 19.08 -14.50
C LEU B 319 -7.93 17.74 -13.85
N GLN B 320 -7.04 17.30 -12.97
CA GLN B 320 -7.23 16.07 -12.21
C GLN B 320 -7.64 16.43 -10.79
N LEU B 321 -8.81 15.92 -10.38
CA LEU B 321 -9.28 16.17 -9.02
C LEU B 321 -8.29 15.57 -8.01
N PRO B 322 -8.24 16.11 -6.79
CA PRO B 322 -7.20 15.70 -5.83
C PRO B 322 -7.14 14.19 -5.63
N ALA B 323 -5.93 13.66 -5.62
CA ALA B 323 -5.73 12.22 -5.48
C ALA B 323 -6.01 11.74 -4.07
N GLN B 324 -5.73 12.56 -3.06
CA GLN B 324 -5.96 12.21 -1.68
C GLN B 324 -6.94 13.19 -1.05
N ALA B 325 -8.00 12.67 -0.45
CA ALA B 325 -9.03 13.49 0.15
C ALA B 325 -9.77 12.66 1.19
N GLN B 326 -10.66 13.32 1.92
CA GLN B 326 -11.49 12.67 2.91
C GLN B 326 -12.96 12.90 2.56
N VAL B 327 -13.81 11.97 3.03
CA VAL B 327 -15.24 12.05 2.73
C VAL B 327 -15.79 13.38 3.20
N GLY B 328 -16.48 14.09 2.31
CA GLY B 328 -17.03 15.39 2.60
C GLY B 328 -16.24 16.55 2.01
N ASP B 329 -14.99 16.31 1.61
CA ASP B 329 -14.20 17.35 0.97
C ASP B 329 -14.87 17.81 -0.32
N LYS B 330 -14.77 19.10 -0.61
CA LYS B 330 -15.44 19.70 -1.76
C LYS B 330 -14.43 20.45 -2.62
N VAL B 331 -14.62 20.38 -3.93
CA VAL B 331 -13.85 21.15 -4.89
C VAL B 331 -14.83 21.92 -5.76
N VAL B 332 -14.67 23.24 -5.80
CA VAL B 332 -15.48 24.12 -6.64
C VAL B 332 -14.58 24.68 -7.73
N ILE B 333 -15.01 24.56 -8.98
CA ILE B 333 -14.25 25.03 -10.12
C ILE B 333 -15.09 26.05 -10.88
N VAL B 334 -14.52 27.23 -11.12
CA VAL B 334 -15.15 28.27 -11.90
C VAL B 334 -14.29 28.52 -13.13
N SER B 335 -14.92 28.83 -14.25
CA SER B 335 -14.22 29.01 -15.51
C SER B 335 -14.72 30.29 -16.18
N ASN B 336 -13.79 31.22 -16.46
CA ASN B 336 -14.05 32.38 -17.30
C ASN B 336 -13.14 32.39 -18.52
N ALA B 337 -12.57 31.24 -18.87
CA ALA B 337 -11.76 31.10 -20.08
C ALA B 337 -12.66 30.73 -21.25
N SER B 338 -12.21 31.09 -22.45
CA SER B 338 -13.02 30.86 -23.64
C SER B 338 -13.10 29.38 -23.99
N ALA B 339 -12.01 28.64 -23.79
CA ALA B 339 -11.96 27.22 -24.12
C ALA B 339 -12.42 26.37 -22.95
N ASP B 340 -12.91 25.18 -23.26
CA ASP B 340 -13.37 24.26 -22.23
C ASP B 340 -12.18 23.64 -21.49
N THR B 341 -12.47 23.08 -20.32
CA THR B 341 -11.49 22.35 -19.52
C THR B 341 -12.10 21.03 -19.07
N TYR B 342 -11.38 19.93 -19.29
CA TYR B 342 -11.83 18.62 -18.89
C TYR B 342 -11.46 18.35 -17.44
N ILE B 343 -12.38 17.69 -16.72
CA ILE B 343 -12.20 17.36 -15.31
C ILE B 343 -12.21 15.84 -15.18
N ASN B 344 -11.22 15.29 -14.49
CA ASN B 344 -11.08 13.86 -14.35
C ASN B 344 -10.80 13.49 -12.90
N ALA B 345 -11.10 12.22 -12.58
CA ALA B 345 -10.84 11.68 -11.25
C ALA B 345 -10.34 10.24 -11.40
N ALA B 346 -9.75 9.73 -10.33
CA ALA B 346 -9.17 8.39 -10.36
C ALA B 346 -10.23 7.31 -10.59
N ASN B 347 -11.46 7.53 -10.10
CA ASN B 347 -12.52 6.55 -10.24
C ASN B 347 -13.13 6.52 -11.64
N GLY B 348 -12.56 7.24 -12.60
CA GLY B 348 -13.06 7.27 -13.95
C GLY B 348 -14.02 8.39 -14.26
N LEU B 349 -14.37 9.22 -13.26
CA LEU B 349 -15.19 10.39 -13.52
C LEU B 349 -14.52 11.27 -14.57
N SER B 350 -15.28 11.63 -15.60
CA SER B 350 -14.72 12.38 -16.72
C SER B 350 -15.80 13.32 -17.24
N THR B 351 -15.54 14.62 -17.15
CA THR B 351 -16.51 15.64 -17.54
C THR B 351 -15.75 16.89 -17.95
N ALA B 352 -16.50 17.93 -18.32
CA ALA B 352 -15.92 19.18 -18.77
C ALA B 352 -16.62 20.36 -18.10
N ILE B 353 -15.88 21.44 -17.94
CA ILE B 353 -16.42 22.71 -17.45
C ILE B 353 -16.32 23.72 -18.59
N LYS B 354 -17.38 24.48 -18.80
CA LYS B 354 -17.47 25.43 -19.89
C LYS B 354 -17.39 26.86 -19.37
N ASN B 355 -17.30 27.80 -20.32
CA ASN B 355 -17.15 29.21 -19.96
C ASN B 355 -18.34 29.70 -19.15
N GLY B 356 -18.05 30.37 -18.04
CA GLY B 356 -19.09 30.92 -17.20
C GLY B 356 -19.75 29.94 -16.27
N GLU B 357 -19.29 28.70 -16.22
CA GLU B 357 -19.94 27.63 -15.47
C GLU B 357 -19.29 27.48 -14.10
N ASN B 358 -20.12 27.20 -13.09
CA ASN B 358 -19.67 26.80 -11.77
C ASN B 358 -19.99 25.32 -11.57
N ARG B 359 -19.00 24.57 -11.09
CA ARG B 359 -19.12 23.12 -10.94
C ARG B 359 -18.51 22.72 -9.61
N ARG B 360 -19.26 21.98 -8.81
CA ARG B 360 -18.79 21.51 -7.51
C ARG B 360 -18.73 20.00 -7.48
N PHE B 361 -17.68 19.47 -6.87
CA PHE B 361 -17.50 18.04 -6.68
C PHE B 361 -17.27 17.75 -5.21
N ILE B 362 -17.74 16.58 -4.76
CA ILE B 362 -17.62 16.16 -3.37
C ILE B 362 -17.02 14.77 -3.33
N TYR B 363 -16.17 14.53 -2.34
CA TYR B 363 -15.48 13.25 -2.21
C TYR B 363 -16.31 12.29 -1.36
N THR B 364 -16.41 11.05 -1.84
CA THR B 364 -17.13 9.98 -1.16
C THR B 364 -16.20 8.80 -0.92
N ALA B 365 -16.74 7.76 -0.29
CA ALA B 365 -15.97 6.55 -0.05
C ALA B 365 -15.51 5.88 -1.33
N GLN B 366 -16.20 6.14 -2.45
CA GLN B 366 -15.85 5.55 -3.74
C GLN B 366 -15.35 6.59 -4.73
N GLY B 367 -14.76 7.67 -4.24
CA GLY B 367 -14.09 8.64 -5.08
C GLY B 367 -14.89 9.92 -5.24
N TRP B 368 -14.42 10.77 -6.15
CA TRP B 368 -15.04 12.05 -6.40
C TRP B 368 -16.39 11.87 -7.08
N THR B 369 -17.30 12.80 -6.82
CA THR B 369 -18.69 12.68 -7.22
C THR B 369 -19.24 14.05 -7.58
N VAL B 370 -20.06 14.09 -8.64
CA VAL B 370 -20.71 15.33 -9.04
C VAL B 370 -21.61 15.83 -7.92
N ASP B 371 -21.50 17.12 -7.59
CA ASP B 371 -22.26 17.69 -6.49
C ASP B 371 -23.07 18.91 -6.91
N SER B 372 -23.18 19.20 -8.21
CA SER B 372 -23.98 20.33 -8.66
C SER B 372 -24.36 20.12 -10.11
N TYR B 373 -25.52 20.65 -10.48
CA TYR B 373 -26.01 20.61 -11.85
C TYR B 373 -26.15 22.04 -12.37
N THR B 374 -25.71 22.26 -13.61
CA THR B 374 -25.69 23.60 -14.18
C THR B 374 -27.02 23.89 -14.87
N ILE B 375 -27.68 24.95 -14.44
CA ILE B 375 -28.94 25.40 -15.04
C ILE B 375 -28.61 26.61 -15.91
N ASP B 376 -28.72 26.43 -17.23
CA ASP B 376 -28.40 27.50 -18.17
C ASP B 376 -29.57 28.48 -18.23
N MSE B 377 -29.26 29.76 -18.11
CA MSE B 377 -30.29 30.80 -18.09
C MSE B 377 -30.12 31.81 -19.21
O MSE B 377 -29.01 32.27 -19.49
CB MSE B 377 -30.27 31.53 -16.73
CG MSE B 377 -30.63 30.64 -15.55
SE MSE B 377 -32.50 30.09 -15.57
CE MSE B 377 -33.33 31.81 -15.22
N LEU B 378 -31.23 32.15 -19.86
CA LEU B 378 -31.27 33.24 -20.83
C LEU B 378 -31.76 34.49 -20.12
N LEU B 379 -30.92 35.53 -20.12
CA LEU B 379 -31.23 36.78 -19.44
C LEU B 379 -31.82 37.76 -20.45
N VAL B 380 -33.03 38.25 -20.16
CA VAL B 380 -33.73 39.19 -21.02
C VAL B 380 -33.91 40.49 -20.25
N SER B 381 -33.45 41.59 -20.82
CA SER B 381 -33.56 42.91 -20.23
C SER B 381 -34.41 43.80 -21.12
N SER B 382 -35.40 44.44 -20.53
CA SER B 382 -36.28 45.31 -21.31
C SER B 382 -35.52 46.56 -21.76
N PRO B 383 -35.77 47.05 -22.97
CA PRO B 383 -35.17 48.33 -23.39
C PRO B 383 -35.55 49.48 -22.47
N GLU B 384 -36.73 49.42 -21.86
CA GLU B 384 -37.11 50.44 -20.88
C GLU B 384 -36.12 50.47 -19.72
N VAL B 385 -35.66 49.30 -19.28
CA VAL B 385 -34.65 49.26 -18.21
C VAL B 385 -33.32 49.78 -18.71
N ASN B 386 -32.94 49.41 -19.95
CA ASN B 386 -31.67 49.87 -20.49
C ASN B 386 -31.63 51.38 -20.64
N SER B 387 -32.75 52.00 -21.00
CA SER B 387 -32.79 53.44 -21.12
C SER B 387 -32.59 54.13 -19.77
N ILE B 388 -33.06 53.51 -18.69
CA ILE B 388 -32.97 54.13 -17.37
C ILE B 388 -31.60 53.88 -16.75
N LEU B 389 -31.16 52.62 -16.74
CA LEU B 389 -29.90 52.26 -16.09
C LEU B 389 -28.70 52.36 -17.02
N GLY B 390 -28.87 52.03 -18.29
CA GLY B 390 -27.76 51.84 -19.20
C GLY B 390 -27.63 50.38 -19.60
N GLU B 391 -27.16 50.17 -20.84
CA GLU B 391 -27.09 48.80 -21.35
C GLU B 391 -26.13 47.95 -20.53
N SER B 392 -24.96 48.50 -20.21
CA SER B 392 -23.99 47.76 -19.40
C SER B 392 -24.48 47.63 -17.97
N ALA B 393 -25.08 48.70 -17.43
CA ALA B 393 -25.63 48.64 -16.08
C ALA B 393 -26.70 47.57 -15.95
N ALA B 394 -27.59 47.48 -16.94
CA ALA B 394 -28.65 46.48 -16.90
C ALA B 394 -28.08 45.06 -16.93
N LYS B 395 -27.05 44.84 -17.74
CA LYS B 395 -26.37 43.55 -17.71
C LYS B 395 -25.71 43.31 -16.37
N LEU B 396 -25.13 44.36 -15.78
CA LEU B 396 -24.48 44.24 -14.48
C LEU B 396 -25.49 43.86 -13.40
N ARG B 397 -26.71 44.42 -13.47
CA ARG B 397 -27.70 44.17 -12.44
C ARG B 397 -28.11 42.70 -12.42
N MSE B 398 -28.23 42.08 -13.59
CA MSE B 398 -28.65 40.69 -13.68
C MSE B 398 -27.52 39.73 -13.29
O MSE B 398 -27.77 38.68 -12.70
CB MSE B 398 -29.13 40.37 -15.10
CG MSE B 398 -30.19 41.34 -15.62
SE MSE B 398 -31.21 40.63 -17.13
CE MSE B 398 -32.18 39.22 -16.19
N ILE B 399 -26.28 40.11 -13.61
CA ILE B 399 -25.14 39.26 -13.28
C ILE B 399 -24.97 39.17 -11.77
N GLU B 400 -25.10 40.30 -11.07
CA GLU B 400 -25.01 40.28 -9.61
C GLU B 400 -26.14 39.45 -9.00
N GLY B 401 -27.31 39.43 -9.65
CA GLY B 401 -28.38 38.55 -9.21
C GLY B 401 -28.00 37.09 -9.36
N VAL B 402 -27.29 36.75 -10.44
CA VAL B 402 -26.84 35.38 -10.64
C VAL B 402 -25.79 35.01 -9.59
N ASN B 403 -24.83 35.91 -9.35
CA ASN B 403 -23.77 35.62 -8.37
C ASN B 403 -24.34 35.42 -6.98
N LEU B 404 -25.35 36.21 -6.61
CA LEU B 404 -25.96 36.05 -5.28
C LEU B 404 -26.72 34.73 -5.18
N THR B 405 -27.39 34.33 -6.27
CA THR B 405 -28.08 33.04 -6.28
C THR B 405 -27.10 31.89 -6.12
N ASN B 406 -25.99 31.93 -6.87
CA ASN B 406 -24.99 30.86 -6.76
C ASN B 406 -24.32 30.86 -5.39
N LEU B 407 -24.12 32.04 -4.80
CA LEU B 407 -23.57 32.10 -3.46
C LEU B 407 -24.54 31.53 -2.43
N THR B 408 -25.83 31.86 -2.56
CA THR B 408 -26.83 31.29 -1.66
C THR B 408 -26.93 29.79 -1.81
N ALA B 409 -26.93 29.30 -3.05
CA ALA B 409 -27.01 27.86 -3.29
C ALA B 409 -25.79 27.14 -2.73
N GLU B 410 -24.60 27.70 -2.93
CA GLU B 410 -23.38 27.05 -2.45
C GLU B 410 -23.32 27.05 -0.92
N ASN B 411 -23.81 28.11 -0.29
CA ASN B 411 -23.87 28.15 1.17
C ASN B 411 -24.83 27.14 1.74
N SER B 412 -25.82 26.69 0.95
CA SER B 412 -26.88 25.82 1.43
C SER B 412 -26.70 24.37 1.05
N ASN B 413 -25.56 24.01 0.44
CA ASN B 413 -25.36 22.67 -0.13
C ASN B 413 -26.43 22.34 -1.17
N ALA B 414 -26.95 23.36 -1.85
CA ALA B 414 -27.88 23.16 -2.95
C ALA B 414 -27.10 22.76 -4.19
N ARG B 415 -27.50 21.65 -4.82
CA ARG B 415 -26.73 21.05 -5.91
C ARG B 415 -27.14 21.67 -7.26
N PHE B 416 -26.99 22.99 -7.35
CA PHE B 416 -27.21 23.67 -8.62
C PHE B 416 -26.43 24.97 -8.65
N TYR B 417 -26.08 25.40 -9.86
CA TYR B 417 -25.54 26.72 -10.13
C TYR B 417 -26.24 27.30 -11.34
N LEU B 418 -26.40 28.62 -11.35
CA LEU B 418 -26.94 29.31 -12.51
C LEU B 418 -25.83 29.79 -13.41
N ARG B 419 -25.97 29.55 -14.71
CA ARG B 419 -25.01 29.99 -15.71
C ARG B 419 -25.78 30.73 -16.81
N ASP B 420 -25.41 32.00 -17.04
CA ASP B 420 -26.04 32.76 -18.11
C ASP B 420 -25.35 32.43 -19.43
N VAL B 421 -26.12 31.92 -20.38
CA VAL B 421 -25.60 31.54 -21.68
C VAL B 421 -26.00 32.51 -22.78
N GLY B 422 -26.69 33.58 -22.43
CA GLY B 422 -27.11 34.58 -23.40
C GLY B 422 -27.75 35.79 -22.77
N TYR B 423 -27.57 36.95 -23.39
CA TYR B 423 -28.15 38.20 -22.91
C TYR B 423 -28.74 38.94 -24.10
N ILE B 424 -30.04 39.17 -24.08
CA ILE B 424 -30.75 39.82 -25.17
C ILE B 424 -31.54 41.00 -24.61
N THR B 425 -31.65 42.05 -25.43
CA THR B 425 -32.46 43.20 -25.10
C THR B 425 -33.79 43.09 -25.84
N TYR B 426 -34.88 43.03 -25.09
CA TYR B 426 -36.20 42.80 -25.68
C TYR B 426 -37.28 43.15 -24.67
N LYS B 427 -38.37 43.71 -25.17
CA LYS B 427 -39.53 44.05 -24.37
C LYS B 427 -40.62 43.02 -24.62
N ILE B 428 -40.97 42.26 -23.59
CA ILE B 428 -42.09 41.31 -23.71
C ILE B 428 -43.39 42.09 -23.81
N PRO B 429 -44.24 41.84 -24.79
CA PRO B 429 -45.48 42.63 -24.92
C PRO B 429 -46.44 42.33 -23.79
N ALA B 430 -46.55 43.27 -22.85
CA ALA B 430 -47.39 43.12 -21.67
C ALA B 430 -47.46 44.46 -20.95
N ALA B 431 -48.66 44.80 -20.47
CA ALA B 431 -48.83 46.02 -19.68
C ALA B 431 -48.31 45.88 -18.26
N THR B 432 -48.23 44.65 -17.74
CA THR B 432 -47.80 44.42 -16.38
C THR B 432 -46.77 43.30 -16.35
N LEU B 433 -46.02 43.24 -15.25
CA LEU B 433 -45.03 42.17 -15.07
C LEU B 433 -45.71 40.82 -14.90
N LYS B 434 -46.86 40.79 -14.20
CA LYS B 434 -47.59 39.54 -14.03
C LYS B 434 -48.09 39.02 -15.39
N GLU B 435 -48.49 39.94 -16.27
CA GLU B 435 -48.85 39.55 -17.63
C GLU B 435 -47.64 39.07 -18.42
N ALA B 436 -46.47 39.67 -18.15
CA ALA B 436 -45.26 39.32 -18.89
C ALA B 436 -44.83 37.90 -18.61
N ILE B 437 -45.02 37.42 -17.37
CA ILE B 437 -44.60 36.08 -17.01
C ILE B 437 -45.44 35.04 -17.76
N SER B 438 -46.67 35.38 -18.15
CA SER B 438 -47.51 34.46 -18.90
C SER B 438 -47.11 34.41 -20.37
N THR B 439 -47.18 35.56 -21.06
CA THR B 439 -46.91 35.59 -22.49
C THR B 439 -45.45 35.33 -22.83
N GLY B 440 -44.53 35.56 -21.88
CA GLY B 440 -43.13 35.26 -22.12
C GLY B 440 -42.85 33.80 -22.41
N ARG B 441 -43.76 32.90 -22.02
CA ARG B 441 -43.57 31.48 -22.29
C ARG B 441 -43.79 31.16 -23.76
N ASP B 442 -44.58 31.98 -24.46
CA ASP B 442 -44.91 31.74 -25.86
C ASP B 442 -44.27 32.74 -26.81
N ASP B 443 -43.68 33.82 -26.29
CA ASP B 443 -43.05 34.83 -27.13
C ASP B 443 -42.00 34.19 -28.03
N THR B 444 -42.15 34.39 -29.35
CA THR B 444 -41.33 33.67 -30.30
C THR B 444 -39.87 34.10 -30.27
N THR B 445 -39.61 35.40 -30.11
CA THR B 445 -38.23 35.88 -30.16
C THR B 445 -37.42 35.35 -28.99
N VAL B 446 -37.98 35.38 -27.77
CA VAL B 446 -37.22 34.92 -26.62
C VAL B 446 -37.16 33.40 -26.58
N GLN B 447 -38.18 32.71 -27.09
CA GLN B 447 -38.18 31.25 -27.07
C GLN B 447 -37.32 30.67 -28.18
N ASN B 448 -37.25 31.35 -29.33
CA ASN B 448 -36.30 30.93 -30.36
C ASN B 448 -34.86 31.12 -29.89
N GLU B 449 -34.58 32.27 -29.25
CA GLU B 449 -33.25 32.49 -28.69
C GLU B 449 -32.96 31.51 -27.56
N ARG B 450 -33.97 31.15 -26.78
CA ARG B 450 -33.80 30.14 -25.74
C ARG B 450 -33.35 28.80 -26.33
N LYS B 451 -34.00 28.39 -27.43
CA LYS B 451 -33.65 27.12 -28.06
C LYS B 451 -32.33 27.23 -28.80
N ARG B 452 -32.03 28.38 -29.40
CA ARG B 452 -30.80 28.54 -30.17
C ARG B 452 -29.57 28.34 -29.29
N ILE B 453 -29.60 28.84 -28.05
CA ILE B 453 -28.47 28.74 -27.14
C ILE B 453 -28.67 27.64 -26.10
N LEU B 454 -29.75 26.86 -26.22
CA LEU B 454 -30.03 25.75 -25.31
C LEU B 454 -30.13 26.22 -23.86
N ALA B 455 -30.91 27.29 -23.66
CA ALA B 455 -31.12 27.83 -22.31
C ALA B 455 -32.13 26.96 -21.58
N ASP B 456 -31.74 26.44 -20.42
CA ASP B 456 -32.66 25.65 -19.62
C ASP B 456 -33.78 26.50 -19.05
N GLY B 457 -33.55 27.79 -18.84
CA GLY B 457 -34.56 28.68 -18.31
C GLY B 457 -34.40 30.08 -18.87
N VAL B 458 -35.39 30.92 -18.54
CA VAL B 458 -35.43 32.30 -19.00
C VAL B 458 -35.72 33.19 -17.80
N TYR B 459 -35.06 34.34 -17.75
CA TYR B 459 -35.32 35.33 -16.70
C TYR B 459 -35.41 36.70 -17.34
N TYR B 460 -36.39 37.49 -16.89
CA TYR B 460 -36.75 38.75 -17.53
C TYR B 460 -36.60 39.90 -16.53
N GLN B 461 -35.92 40.96 -16.95
CA GLN B 461 -35.77 42.17 -16.14
C GLN B 461 -36.45 43.31 -16.89
N GLY B 462 -37.59 43.76 -16.37
CA GLY B 462 -38.41 44.74 -17.06
C GLY B 462 -38.71 45.94 -16.18
N ASN B 463 -39.45 46.88 -16.77
CA ASN B 463 -39.87 48.10 -16.09
C ASN B 463 -41.38 48.23 -16.02
N GLU B 464 -42.10 47.18 -16.39
CA GLU B 464 -43.56 47.21 -16.30
C GLU B 464 -43.97 47.20 -14.83
N PRO B 465 -45.11 47.80 -14.50
CA PRO B 465 -45.60 47.76 -13.12
C PRO B 465 -46.10 46.37 -12.77
N GLY B 466 -45.74 45.90 -11.58
CA GLY B 466 -46.28 44.67 -11.06
C GLY B 466 -47.71 44.82 -10.59
N ASP B 467 -48.43 43.71 -10.58
CA ASP B 467 -49.83 43.74 -10.18
C ASP B 467 -50.01 43.53 -8.68
N GLY B 468 -49.36 42.52 -8.13
CA GLY B 468 -49.41 42.28 -6.69
C GLY B 468 -48.04 42.13 -6.08
N GLY B 469 -47.01 42.57 -6.80
CA GLY B 469 -45.64 42.41 -6.36
C GLY B 469 -44.64 42.73 -7.47
N CYS B 470 -43.39 42.95 -7.12
CA CYS B 470 -42.38 43.31 -8.11
C CYS B 470 -41.63 42.10 -8.65
N GLY B 471 -42.03 40.89 -8.26
CA GLY B 471 -41.42 39.69 -8.81
C GLY B 471 -42.49 38.66 -9.11
N TRP B 472 -42.22 37.85 -10.14
CA TRP B 472 -43.14 36.80 -10.54
C TRP B 472 -42.37 35.61 -11.08
N ALA B 473 -42.84 34.41 -10.75
CA ALA B 473 -42.24 33.16 -11.22
C ALA B 473 -43.17 31.99 -10.97
N TRP B 474 -43.33 31.12 -11.97
CA TRP B 474 -44.15 29.93 -11.80
C TRP B 474 -43.49 28.98 -10.82
N ILE B 475 -44.29 28.40 -9.92
CA ILE B 475 -43.80 27.51 -8.89
C ILE B 475 -43.71 26.09 -9.44
N ASN B 476 -42.56 25.44 -9.22
CA ASN B 476 -42.32 24.07 -9.67
C ASN B 476 -42.54 23.95 -11.18
N ALA B 477 -41.77 24.77 -11.90
CA ALA B 477 -42.04 25.01 -13.32
C ALA B 477 -41.55 23.88 -14.19
N SER B 478 -42.38 23.46 -15.14
CA SER B 478 -41.94 22.61 -16.23
C SER B 478 -41.06 23.42 -17.18
N ALA B 479 -40.56 22.75 -18.23
CA ALA B 479 -39.78 23.45 -19.25
C ALA B 479 -40.58 24.58 -19.88
N TYR B 480 -41.90 24.39 -20.02
CA TYR B 480 -42.75 25.43 -20.59
C TYR B 480 -42.89 26.62 -19.66
N ASN B 481 -42.88 26.40 -18.35
CA ASN B 481 -43.11 27.44 -17.37
C ASN B 481 -41.83 27.98 -16.74
N MSE B 482 -40.66 27.51 -17.18
CA MSE B 482 -39.40 27.91 -16.57
C MSE B 482 -39.04 29.35 -16.94
O MSE B 482 -38.21 29.58 -17.82
CB MSE B 482 -38.28 26.93 -16.97
CG MSE B 482 -36.95 27.15 -16.27
SE MSE B 482 -36.97 26.92 -14.34
CE MSE B 482 -37.89 25.22 -14.24
N ILE B 483 -39.68 30.31 -16.27
CA ILE B 483 -39.43 31.72 -16.52
C ILE B 483 -39.69 32.49 -15.23
N GLY B 484 -38.86 33.50 -14.99
CA GLY B 484 -39.02 34.35 -13.83
C GLY B 484 -38.74 35.80 -14.21
N ALA B 485 -39.27 36.71 -13.41
CA ALA B 485 -39.15 38.12 -13.73
C ALA B 485 -39.21 38.98 -12.47
N ASN B 486 -38.50 40.10 -12.52
CA ASN B 486 -38.63 41.17 -11.54
C ASN B 486 -38.45 42.51 -12.24
N ASP B 487 -38.86 43.57 -11.57
CA ASP B 487 -38.73 44.91 -12.11
C ASP B 487 -37.54 45.62 -11.47
N ILE B 488 -37.41 46.91 -11.75
CA ILE B 488 -36.38 47.73 -11.12
C ILE B 488 -36.98 48.78 -10.18
N ALA B 489 -38.27 49.09 -10.31
CA ALA B 489 -38.91 50.08 -9.43
C ALA B 489 -38.78 49.69 -7.96
N GLY B 490 -39.18 48.46 -7.62
CA GLY B 490 -39.23 48.06 -6.23
C GLY B 490 -38.36 46.88 -5.85
N CYS B 491 -37.98 46.07 -6.83
CA CYS B 491 -37.19 44.87 -6.60
C CYS B 491 -35.71 45.15 -6.85
N SER B 492 -34.86 44.62 -5.97
CA SER B 492 -33.42 44.68 -6.15
C SER B 492 -32.91 43.39 -6.77
N PHE B 493 -31.59 43.30 -6.94
CA PHE B 493 -31.00 42.11 -7.56
C PHE B 493 -31.08 40.88 -6.64
N ALA B 494 -31.47 41.05 -5.38
CA ALA B 494 -31.71 39.92 -4.51
C ALA B 494 -33.01 39.20 -4.80
N ALA B 495 -33.82 39.72 -5.73
CA ALA B 495 -35.09 39.10 -6.06
C ALA B 495 -34.93 37.85 -6.91
N MSE B 496 -33.85 37.74 -7.67
CA MSE B 496 -33.67 36.62 -8.59
C MSE B 496 -33.59 35.28 -7.85
O MSE B 496 -34.26 34.32 -8.23
CB MSE B 496 -32.43 36.80 -9.45
CG MSE B 496 -32.21 35.63 -10.41
SE MSE B 496 -30.64 35.80 -11.53
CE MSE B 496 -31.14 37.40 -12.53
N ARG B 497 -32.76 35.21 -6.81
CA ARG B 497 -32.67 33.99 -6.03
C ARG B 497 -34.00 33.63 -5.37
N HIS B 498 -34.89 34.62 -5.21
CA HIS B 498 -36.22 34.34 -4.70
C HIS B 498 -37.12 33.78 -5.79
N GLU B 499 -37.12 34.42 -6.96
CA GLU B 499 -37.96 33.95 -8.06
C GLU B 499 -37.48 32.61 -8.60
N VAL B 500 -36.16 32.42 -8.68
CA VAL B 500 -35.62 31.13 -9.10
C VAL B 500 -35.98 30.04 -8.10
N GLY B 501 -36.03 30.40 -6.81
CA GLY B 501 -36.52 29.46 -5.81
C GLY B 501 -37.92 28.96 -6.11
N HIS B 502 -38.80 29.86 -6.54
CA HIS B 502 -40.14 29.46 -6.96
C HIS B 502 -40.07 28.48 -8.13
N ASN B 503 -39.27 28.82 -9.15
CA ASN B 503 -39.11 27.93 -10.31
C ASN B 503 -38.63 26.55 -9.86
N LEU B 504 -37.77 26.49 -8.85
CA LEU B 504 -37.24 25.22 -8.37
C LEU B 504 -38.26 24.43 -7.57
N GLY B 505 -39.37 25.03 -7.17
CA GLY B 505 -40.42 24.35 -6.46
C GLY B 505 -40.65 24.78 -5.02
N LEU B 506 -40.23 25.98 -4.65
CA LEU B 506 -40.28 26.42 -3.27
C LEU B 506 -41.45 27.38 -3.04
N TYR B 507 -41.98 27.37 -1.82
CA TYR B 507 -43.06 28.24 -1.41
C TYR B 507 -42.59 29.15 -0.29
N HIS B 508 -43.43 30.12 0.04
CA HIS B 508 -43.10 31.05 1.11
C HIS B 508 -43.24 30.37 2.47
N ASN B 509 -42.69 31.03 3.50
CA ASN B 509 -42.80 30.54 4.86
C ASN B 509 -44.26 30.43 5.27
N GLY B 510 -44.56 29.43 6.11
CA GLY B 510 -45.92 29.15 6.52
C GLY B 510 -46.63 28.15 5.64
N SER B 511 -46.12 27.86 4.46
CA SER B 511 -46.75 26.91 3.56
C SER B 511 -46.73 25.50 4.17
N THR B 512 -47.74 24.71 3.83
CA THR B 512 -47.80 23.32 4.26
C THR B 512 -46.79 22.44 3.55
N ASN B 513 -46.15 22.93 2.49
CA ASN B 513 -45.19 22.14 1.73
C ASN B 513 -43.83 22.14 2.40
N ILE B 514 -43.11 21.02 2.25
CA ILE B 514 -41.77 20.91 2.81
C ILE B 514 -40.81 21.88 2.14
N GLY B 515 -41.04 22.20 0.87
CA GLY B 515 -40.20 23.16 0.18
C GLY B 515 -40.65 24.59 0.43
N SER B 516 -40.36 25.10 1.62
CA SER B 516 -40.81 26.42 2.03
C SER B 516 -39.71 27.12 2.81
N GLY B 517 -39.86 28.43 2.94
CA GLY B 517 -38.86 29.24 3.61
C GLY B 517 -38.93 29.13 5.12
N PHE B 518 -37.85 29.59 5.76
CA PHE B 518 -37.74 29.62 7.21
C PHE B 518 -37.70 31.08 7.64
N ALA B 519 -38.76 31.53 8.30
CA ALA B 519 -38.86 32.89 8.81
C ALA B 519 -38.48 32.90 10.30
N HIS B 520 -37.63 33.86 10.68
CA HIS B 520 -37.15 33.92 12.05
C HIS B 520 -36.65 35.33 12.34
N PRO B 521 -36.88 35.87 13.53
CA PRO B 521 -36.44 37.25 13.81
C PRO B 521 -34.93 37.43 13.75
N LEU B 522 -34.14 36.36 13.91
CA LEU B 522 -32.69 36.44 13.88
C LEU B 522 -32.12 36.15 12.49
N GLY B 523 -32.95 36.03 11.47
CA GLY B 523 -32.50 35.72 10.13
C GLY B 523 -33.42 34.78 9.41
N SER B 524 -33.83 35.14 8.20
CA SER B 524 -34.79 34.38 7.42
C SER B 524 -34.21 33.99 6.08
N THR B 525 -34.50 32.76 5.64
CA THR B 525 -33.97 32.24 4.40
C THR B 525 -34.61 32.92 3.20
N ALA B 526 -34.18 32.53 2.00
CA ALA B 526 -34.57 33.24 0.79
C ALA B 526 -36.08 33.22 0.57
N MSE B 527 -36.73 32.10 0.87
CA MSE B 527 -38.17 31.99 0.64
C MSE B 527 -38.98 32.51 1.83
O MSE B 527 -40.20 32.68 1.71
CB MSE B 527 -38.56 30.54 0.36
CG MSE B 527 -37.87 29.93 -0.84
SE MSE B 527 -38.13 30.97 -2.46
CE MSE B 527 -36.27 31.43 -2.77
N GLY B 528 -38.32 32.75 2.95
CA GLY B 528 -39.03 33.13 4.16
C GLY B 528 -38.70 34.51 4.70
N GLY B 529 -38.26 35.40 3.82
CA GLY B 529 -37.90 36.75 4.24
C GLY B 529 -36.67 37.28 3.51
N ASN B 530 -35.74 36.38 3.16
CA ASN B 530 -34.68 36.69 2.20
C ASN B 530 -33.69 37.73 2.75
N ASN B 531 -33.28 37.57 4.01
CA ASN B 531 -32.28 38.47 4.59
C ASN B 531 -31.00 37.77 5.01
N ILE B 532 -30.87 36.47 4.77
CA ILE B 532 -29.60 35.75 4.94
C ILE B 532 -29.39 34.89 3.70
N ASN B 533 -28.12 34.59 3.42
CA ASN B 533 -27.74 33.93 2.18
C ASN B 533 -27.85 32.41 2.31
N PHE B 534 -29.07 31.94 2.54
CA PHE B 534 -29.32 30.52 2.68
C PHE B 534 -30.71 30.18 2.15
N TYR B 535 -30.83 28.97 1.61
CA TYR B 535 -32.12 28.31 1.50
C TYR B 535 -32.33 27.44 2.72
N SER B 536 -33.59 27.23 3.09
CA SER B 536 -33.90 26.58 4.36
C SER B 536 -33.49 25.11 4.33
N SER B 537 -32.98 24.63 5.46
CA SER B 537 -32.53 23.26 5.63
C SER B 537 -32.32 22.96 7.11
N PRO B 538 -32.77 21.79 7.58
CA PRO B 538 -32.52 21.43 8.99
C PRO B 538 -31.07 21.08 9.28
N TYR B 539 -30.19 21.13 8.28
CA TYR B 539 -28.77 20.88 8.48
C TYR B 539 -27.94 22.15 8.35
N LEU B 540 -28.59 23.30 8.27
CA LEU B 540 -27.93 24.60 8.24
C LEU B 540 -28.30 25.38 9.50
N TYR B 541 -27.38 26.21 9.95
CA TYR B 541 -27.57 26.97 11.19
C TYR B 541 -27.19 28.42 10.95
N ASN B 542 -27.91 29.32 11.61
CA ASN B 542 -27.59 30.74 11.57
C ASN B 542 -26.15 30.95 12.00
N PRO B 543 -25.31 31.57 11.16
CA PRO B 543 -23.87 31.64 11.49
C PRO B 543 -23.58 32.32 12.81
N LYS B 544 -24.31 33.38 13.15
CA LYS B 544 -24.03 34.09 14.40
C LYS B 544 -24.77 33.50 15.60
N TYR B 545 -26.05 33.16 15.45
CA TYR B 545 -26.88 32.80 16.59
C TYR B 545 -27.09 31.31 16.75
N GLY B 546 -26.83 30.50 15.71
CA GLY B 546 -26.95 29.07 15.84
C GLY B 546 -28.34 28.50 15.65
N VAL B 547 -29.31 29.33 15.27
CA VAL B 547 -30.68 28.86 15.04
C VAL B 547 -30.69 27.92 13.84
N ARG B 548 -31.32 26.76 14.00
CA ARG B 548 -31.47 25.83 12.89
C ARG B 548 -32.36 26.45 11.81
N LEU B 549 -31.86 26.46 10.59
CA LEU B 549 -32.55 27.16 9.49
C LEU B 549 -33.52 26.23 8.77
N GLY B 550 -34.40 25.60 9.52
CA GLY B 550 -35.35 24.67 8.96
C GLY B 550 -35.80 23.69 10.02
N GLU B 551 -36.47 22.63 9.57
CA GLU B 551 -37.01 21.63 10.48
C GLU B 551 -37.15 20.32 9.73
N GLU B 552 -36.67 19.25 10.35
CA GLU B 552 -36.65 17.93 9.73
C GLU B 552 -38.07 17.50 9.38
N GLY B 553 -38.35 17.36 8.08
CA GLY B 553 -39.64 16.89 7.62
C GLY B 553 -40.71 17.95 7.49
N LYS B 554 -40.44 19.19 7.89
CA LYS B 554 -41.43 20.26 7.77
C LYS B 554 -40.95 21.42 6.91
N ILE B 555 -39.74 21.91 7.13
CA ILE B 555 -39.19 23.06 6.42
C ILE B 555 -37.83 22.66 5.88
N ASP B 556 -37.76 22.26 4.61
CA ASP B 556 -36.50 21.83 4.00
C ASP B 556 -36.54 22.23 2.52
N ALA B 557 -36.03 23.41 2.21
CA ALA B 557 -36.00 23.87 0.83
C ALA B 557 -34.92 23.15 0.03
N VAL B 558 -33.77 22.88 0.65
CA VAL B 558 -32.66 22.26 -0.06
C VAL B 558 -33.02 20.88 -0.56
N SER B 559 -33.84 20.14 0.20
CA SER B 559 -34.23 18.80 -0.22
C SER B 559 -35.10 18.83 -1.47
N VAL B 560 -35.92 19.87 -1.64
CA VAL B 560 -36.73 19.98 -2.83
C VAL B 560 -35.90 20.46 -4.01
N ILE B 561 -34.98 21.40 -3.77
CA ILE B 561 -34.09 21.88 -4.82
C ILE B 561 -33.26 20.73 -5.39
N ASN B 562 -32.70 19.90 -4.50
CA ASN B 562 -31.84 18.81 -4.94
C ASN B 562 -32.59 17.74 -5.71
N LEU B 563 -33.92 17.68 -5.59
CA LEU B 563 -34.71 16.74 -6.36
C LEU B 563 -35.10 17.27 -7.73
N ASN B 564 -35.01 18.58 -7.95
CA ASN B 564 -35.43 19.19 -9.19
C ASN B 564 -34.30 19.80 -10.00
N ALA B 565 -33.11 19.93 -9.42
CA ALA B 565 -32.03 20.66 -10.08
C ALA B 565 -31.60 19.97 -11.38
N GLN B 566 -31.35 18.66 -11.32
CA GLN B 566 -30.85 17.95 -12.50
C GLN B 566 -31.93 17.88 -13.58
N LYS B 567 -33.18 17.62 -13.18
CA LYS B 567 -34.28 17.60 -14.14
C LYS B 567 -34.40 18.92 -14.88
N ILE B 568 -34.26 20.03 -14.16
CA ILE B 568 -34.34 21.34 -14.81
C ILE B 568 -33.13 21.57 -15.71
N SER B 569 -31.94 21.13 -15.27
CA SER B 569 -30.73 21.29 -16.06
C SER B 569 -30.79 20.56 -17.40
N LEU B 570 -31.69 19.59 -17.54
CA LEU B 570 -31.80 18.80 -18.75
C LEU B 570 -33.00 19.19 -19.62
N TYR B 571 -33.63 20.33 -19.33
CA TYR B 571 -34.72 20.81 -20.19
C TYR B 571 -34.23 21.06 -21.61
N ASN B 572 -33.05 21.67 -21.75
CA ASN B 572 -32.38 21.84 -23.02
C ASN B 572 -30.98 21.27 -22.88
N HIS B 573 -30.56 20.44 -23.83
CA HIS B 573 -29.29 19.75 -23.72
C HIS B 573 -28.69 19.53 -25.10
N HIS B 574 -27.46 19.05 -25.11
CA HIS B 574 -26.63 19.00 -26.29
C HIS B 574 -26.55 17.60 -26.90
N LEU C 36 -15.35 -24.61 60.50
CA LEU C 36 -15.45 -26.01 60.93
C LEU C 36 -14.56 -26.90 60.05
N SER C 37 -14.02 -27.95 60.67
CA SER C 37 -12.93 -28.71 60.08
C SER C 37 -13.42 -29.61 58.94
N LEU C 38 -12.46 -30.03 58.12
CA LEU C 38 -12.69 -30.97 57.03
C LEU C 38 -12.81 -32.39 57.59
N PRO C 39 -13.20 -33.37 56.76
CA PRO C 39 -13.27 -34.75 57.27
C PRO C 39 -11.95 -35.27 57.84
N THR C 49 -22.44 -36.43 59.32
CA THR C 49 -23.76 -35.91 59.64
C THR C 49 -23.64 -34.83 60.72
N ILE C 50 -23.89 -33.58 60.32
CA ILE C 50 -23.71 -32.42 61.18
C ILE C 50 -25.07 -31.97 61.71
N ARG C 51 -25.12 -31.68 63.00
CA ARG C 51 -26.31 -31.10 63.62
C ARG C 51 -25.94 -29.97 64.58
N LEU C 60 -18.42 -24.13 57.52
CA LEU C 60 -17.80 -25.41 57.24
C LEU C 60 -16.94 -25.35 55.99
N ASP C 61 -15.72 -25.89 56.09
CA ASP C 61 -14.85 -26.02 54.93
C ASP C 61 -15.44 -27.06 53.98
N THR C 62 -15.71 -26.65 52.74
CA THR C 62 -16.34 -27.51 51.75
C THR C 62 -15.45 -27.75 50.53
N SER C 63 -14.15 -27.48 50.65
CA SER C 63 -13.24 -27.62 49.52
C SER C 63 -13.09 -29.06 49.06
N ASN C 64 -13.40 -30.04 49.93
CA ASN C 64 -13.31 -31.44 49.57
C ASN C 64 -14.68 -32.10 49.45
N THR C 65 -15.73 -31.32 49.23
CA THR C 65 -17.07 -31.83 49.00
C THR C 65 -17.50 -31.49 47.57
N ASN C 66 -18.74 -31.83 47.24
CA ASN C 66 -19.31 -31.53 45.94
C ASN C 66 -20.17 -30.27 45.97
N ILE C 67 -20.08 -29.46 47.02
CA ILE C 67 -20.80 -28.21 47.11
C ILE C 67 -19.94 -27.13 46.43
N PRO C 68 -20.44 -26.47 45.38
CA PRO C 68 -19.59 -25.56 44.60
C PRO C 68 -19.27 -24.25 45.28
N LEU C 69 -19.99 -23.89 46.35
CA LEU C 69 -19.65 -22.70 47.10
C LEU C 69 -18.35 -22.93 47.87
N GLU C 70 -17.92 -21.91 48.60
CA GLU C 70 -16.64 -21.97 49.31
C GLU C 70 -16.80 -22.27 50.79
N VAL C 71 -17.88 -21.83 51.42
CA VAL C 71 -18.14 -22.07 52.83
C VAL C 71 -19.62 -22.38 53.00
N LEU C 72 -19.92 -23.40 53.81
CA LEU C 72 -21.30 -23.77 54.11
C LEU C 72 -21.69 -23.15 55.44
N LYS C 73 -22.74 -22.32 55.42
CA LYS C 73 -23.21 -21.65 56.62
C LYS C 73 -24.09 -22.59 57.42
N ILE C 74 -23.74 -22.79 58.69
CA ILE C 74 -24.47 -23.69 59.58
C ILE C 74 -25.20 -22.85 60.62
N ASN C 75 -26.52 -22.96 60.65
CA ASN C 75 -27.36 -22.29 61.63
C ASN C 75 -28.04 -23.31 62.54
N SER C 76 -28.68 -22.80 63.58
CA SER C 76 -29.37 -23.68 64.53
C SER C 76 -30.53 -24.37 63.84
N GLY C 77 -30.54 -25.69 63.88
CA GLY C 77 -31.57 -26.50 63.24
C GLY C 77 -31.15 -27.15 61.93
N ASP C 78 -30.02 -26.75 61.36
CA ASP C 78 -29.56 -27.34 60.13
C ASP C 78 -29.04 -28.76 60.37
N VAL C 79 -29.29 -29.64 59.42
CA VAL C 79 -28.82 -31.03 59.46
C VAL C 79 -28.25 -31.34 58.09
N TYR C 80 -26.92 -31.48 58.01
CA TYR C 80 -26.24 -31.81 56.76
C TYR C 80 -25.57 -33.17 56.89
N GLN C 81 -25.66 -33.97 55.83
CA GLN C 81 -25.17 -35.33 55.82
C GLN C 81 -24.30 -35.55 54.59
N PHE C 82 -23.08 -36.06 54.82
CA PHE C 82 -22.13 -36.32 53.75
C PHE C 82 -21.80 -37.81 53.72
N ILE C 83 -21.53 -38.31 52.51
CA ILE C 83 -21.09 -39.69 52.34
C ILE C 83 -19.95 -39.73 51.32
N ILE C 92 -19.83 -36.36 49.30
CA ILE C 92 -21.03 -36.02 48.54
C ILE C 92 -22.14 -35.61 49.50
N ALA C 93 -22.67 -34.41 49.30
CA ALA C 93 -23.74 -33.92 50.15
C ALA C 93 -25.04 -34.65 49.86
N GLN C 94 -25.82 -34.90 50.90
CA GLN C 94 -27.12 -35.57 50.81
C GLN C 94 -28.20 -34.54 51.14
N LEU C 95 -28.65 -33.83 50.12
CA LEU C 95 -29.63 -32.76 50.30
C LEU C 95 -31.04 -33.29 50.13
N ALA C 96 -31.99 -32.60 50.77
CA ALA C 96 -33.40 -32.91 50.59
C ALA C 96 -33.79 -32.67 49.13
N THR C 97 -34.24 -33.74 48.46
CA THR C 97 -34.52 -33.70 47.03
C THR C 97 -36.03 -33.66 46.80
N VAL C 98 -36.45 -32.78 45.89
CA VAL C 98 -37.84 -32.69 45.44
C VAL C 98 -37.85 -32.71 43.93
N SER C 99 -38.85 -33.36 43.35
CA SER C 99 -38.92 -33.51 41.90
C SER C 99 -40.30 -33.17 41.39
N PRO C 100 -40.41 -32.70 40.15
CA PRO C 100 -41.72 -32.56 39.53
C PRO C 100 -42.37 -33.93 39.33
N THR C 101 -43.69 -33.99 39.55
CA THR C 101 -44.40 -35.26 39.50
C THR C 101 -45.41 -35.35 38.38
N THR C 102 -45.85 -34.23 37.81
CA THR C 102 -46.78 -34.22 36.70
C THR C 102 -46.00 -34.04 35.40
N GLY C 103 -46.30 -34.86 34.41
CA GLY C 103 -45.63 -34.80 33.14
C GLY C 103 -46.12 -33.67 32.25
N SER C 104 -46.68 -32.64 32.86
CA SER C 104 -47.34 -31.56 32.13
C SER C 104 -46.30 -30.52 31.69
N ASN C 105 -46.79 -29.37 31.23
CA ASN C 105 -45.94 -28.33 30.66
C ASN C 105 -45.40 -27.34 31.69
N TYR C 106 -46.05 -27.22 32.85
CA TYR C 106 -45.64 -26.25 33.85
C TYR C 106 -45.96 -26.79 35.23
N GLU C 107 -44.98 -26.73 36.13
CA GLU C 107 -45.17 -27.22 37.49
C GLU C 107 -44.38 -26.34 38.46
N LEU C 108 -45.07 -25.83 39.48
CA LEU C 108 -44.40 -25.12 40.56
C LEU C 108 -43.78 -26.14 41.51
N ILE C 109 -42.53 -25.90 41.91
CA ILE C 109 -41.77 -26.83 42.73
C ILE C 109 -42.01 -26.48 44.19
N PRO C 110 -42.52 -27.40 45.02
CA PRO C 110 -42.65 -27.12 46.45
C PRO C 110 -41.32 -27.28 47.17
N LEU C 111 -40.90 -26.24 47.87
CA LEU C 111 -39.67 -26.25 48.64
C LEU C 111 -39.98 -26.26 50.13
N THR C 112 -39.13 -26.93 50.90
CA THR C 112 -39.27 -26.98 52.34
C THR C 112 -38.57 -25.76 52.95
N THR C 113 -38.46 -25.75 54.28
CA THR C 113 -37.77 -24.68 54.99
C THR C 113 -36.28 -24.94 55.16
N ALA C 114 -35.77 -26.05 54.62
CA ALA C 114 -34.34 -26.32 54.70
C ALA C 114 -33.55 -25.26 53.95
N THR C 115 -32.42 -24.86 54.55
CA THR C 115 -31.58 -23.83 53.93
C THR C 115 -31.08 -24.26 52.56
N MSE C 116 -30.72 -25.54 52.42
CA MSE C 116 -30.20 -26.03 51.16
C MSE C 116 -30.98 -27.25 50.67
O MSE C 116 -31.16 -28.23 51.40
CB MSE C 116 -28.72 -26.37 51.28
CG MSE C 116 -28.05 -26.78 49.99
SE MSE C 116 -26.11 -26.96 50.15
CE MSE C 116 -25.67 -25.07 50.36
N GLN C 117 -31.47 -27.18 49.43
CA GLN C 117 -32.31 -28.21 48.85
C GLN C 117 -31.86 -28.50 47.43
N LYS C 118 -32.30 -29.66 46.94
CA LYS C 118 -31.97 -30.13 45.60
C LYS C 118 -33.24 -30.39 44.80
N VAL C 119 -33.33 -29.80 43.61
CA VAL C 119 -34.41 -30.08 42.66
C VAL C 119 -33.86 -30.98 41.57
N LEU C 120 -34.39 -32.20 41.46
CA LEU C 120 -33.84 -33.23 40.60
C LEU C 120 -34.89 -33.62 39.56
N ILE C 121 -34.49 -33.57 38.29
CA ILE C 121 -35.36 -33.92 37.16
C ILE C 121 -34.88 -35.23 36.57
N GLN C 122 -35.79 -36.18 36.41
CA GLN C 122 -35.49 -37.49 35.86
C GLN C 122 -36.45 -37.81 34.72
N ASP C 123 -36.17 -38.90 34.02
CA ASP C 123 -37.03 -39.33 32.91
C ASP C 123 -38.47 -39.53 33.36
N ASP C 124 -38.67 -40.17 34.52
CA ASP C 124 -40.00 -40.47 35.02
C ASP C 124 -40.55 -39.38 35.94
N LYS C 125 -39.72 -38.42 36.34
CA LYS C 125 -40.14 -37.30 37.19
C LYS C 125 -39.71 -36.04 36.45
N TRP C 126 -40.58 -35.57 35.56
CA TRP C 126 -40.21 -34.56 34.57
C TRP C 126 -41.34 -33.57 34.40
N ALA C 127 -40.97 -32.36 33.95
CA ALA C 127 -41.91 -31.33 33.57
C ALA C 127 -41.25 -30.44 32.54
N GLN C 128 -42.06 -29.92 31.60
CA GLN C 128 -41.52 -29.08 30.54
C GLN C 128 -40.85 -27.84 31.11
N THR C 129 -41.52 -27.17 32.04
CA THR C 129 -40.98 -25.97 32.69
C THR C 129 -41.24 -26.07 34.18
N ILE C 130 -40.19 -25.97 34.98
CA ILE C 130 -40.30 -25.97 36.43
C ILE C 130 -40.10 -24.56 36.94
N ALA C 131 -40.82 -24.19 37.99
CA ALA C 131 -40.79 -22.85 38.55
C ALA C 131 -40.38 -22.90 40.01
N LEU C 132 -39.39 -22.09 40.37
CA LEU C 132 -39.01 -21.95 41.77
C LEU C 132 -39.97 -20.99 42.48
N PRO C 133 -40.39 -21.30 43.71
CA PRO C 133 -41.31 -20.41 44.42
C PRO C 133 -40.62 -19.12 44.84
N SER C 134 -41.40 -18.04 44.82
CA SER C 134 -40.90 -16.75 45.28
C SER C 134 -41.19 -16.56 46.78
N ASP C 135 -40.53 -15.56 47.35
CA ASP C 135 -40.71 -15.15 48.75
C ASP C 135 -40.52 -16.34 49.69
N VAL C 136 -39.32 -16.92 49.64
CA VAL C 136 -38.91 -17.97 50.55
C VAL C 136 -37.88 -17.38 51.52
N ARG C 137 -37.44 -18.17 52.49
CA ARG C 137 -36.51 -17.67 53.50
C ARG C 137 -35.25 -17.13 52.83
N ASP C 138 -34.87 -15.90 53.22
CA ASP C 138 -33.70 -15.25 52.65
C ASP C 138 -32.46 -16.11 52.83
N GLY C 139 -31.71 -16.29 51.75
CA GLY C 139 -30.53 -17.12 51.77
C GLY C 139 -30.74 -18.55 51.36
N THR C 140 -31.98 -18.95 51.09
CA THR C 140 -32.27 -20.32 50.66
C THR C 140 -31.51 -20.65 49.37
N THR C 141 -30.72 -21.72 49.41
CA THR C 141 -29.92 -22.15 48.28
C THR C 141 -30.49 -23.45 47.74
N VAL C 142 -30.67 -23.53 46.43
CA VAL C 142 -31.23 -24.69 45.76
C VAL C 142 -30.31 -25.14 44.65
N GLN C 143 -30.12 -26.45 44.52
CA GLN C 143 -29.36 -27.03 43.43
C GLN C 143 -30.34 -27.66 42.43
N VAL C 144 -30.34 -27.15 41.21
CA VAL C 144 -31.20 -27.65 40.14
C VAL C 144 -30.36 -28.55 39.24
N VAL C 145 -30.74 -29.82 39.17
CA VAL C 145 -29.97 -30.83 38.45
C VAL C 145 -30.95 -31.71 37.69
N SER C 146 -30.56 -32.12 36.48
CA SER C 146 -31.40 -32.97 35.64
C SER C 146 -30.58 -34.15 35.13
N THR C 147 -31.15 -35.34 35.23
CA THR C 147 -30.59 -36.54 34.61
C THR C 147 -31.47 -37.09 33.50
N ALA C 148 -32.56 -36.41 33.17
CA ALA C 148 -33.48 -36.88 32.15
C ALA C 148 -32.87 -36.74 30.76
N SER C 149 -33.37 -37.54 29.84
CA SER C 149 -32.89 -37.51 28.45
C SER C 149 -33.64 -36.50 27.59
N VAL C 150 -34.84 -36.10 28.01
CA VAL C 150 -35.58 -35.03 27.35
C VAL C 150 -35.37 -33.75 28.14
N SER C 151 -35.08 -32.67 27.44
CA SER C 151 -34.66 -31.44 28.09
C SER C 151 -35.87 -30.68 28.65
N SER C 152 -35.59 -29.82 29.62
CA SER C 152 -36.57 -28.94 30.24
C SER C 152 -35.90 -27.60 30.53
N ASP C 153 -36.61 -26.71 31.21
CA ASP C 153 -36.06 -25.41 31.54
C ASP C 153 -36.74 -24.86 32.79
N ILE C 154 -36.18 -23.76 33.30
CA ILE C 154 -36.66 -23.11 34.52
C ILE C 154 -37.40 -21.84 34.12
N ASP C 155 -38.57 -21.62 34.74
CA ASP C 155 -39.28 -20.37 34.55
C ASP C 155 -38.41 -19.19 34.96
N LYS C 156 -38.41 -18.14 34.15
CA LYS C 156 -37.49 -17.02 34.28
C LYS C 156 -38.09 -15.83 35.02
N THR C 157 -39.35 -15.91 35.44
CA THR C 157 -40.03 -14.75 36.02
C THR C 157 -39.30 -14.23 37.25
N ASN C 158 -39.00 -15.11 38.20
CA ASN C 158 -38.38 -14.70 39.46
C ASN C 158 -36.86 -14.92 39.47
N LEU C 159 -36.25 -15.06 38.30
CA LEU C 159 -34.80 -15.15 38.20
C LEU C 159 -34.21 -13.77 37.95
N LEU C 160 -32.98 -13.57 38.43
CA LEU C 160 -32.33 -12.26 38.30
C LEU C 160 -32.23 -11.83 36.84
N PHE C 161 -31.85 -12.75 35.96
CA PHE C 161 -31.80 -12.48 34.53
C PHE C 161 -32.42 -13.64 33.76
N PRO C 162 -33.12 -13.36 32.67
CA PRO C 162 -33.76 -14.43 31.87
C PRO C 162 -32.78 -15.14 30.94
N SER C 163 -31.79 -15.80 31.53
CA SER C 163 -30.78 -16.50 30.76
C SER C 163 -31.33 -17.82 30.23
N SER C 164 -30.49 -18.55 29.49
CA SER C 164 -30.90 -19.80 28.84
C SER C 164 -30.78 -20.95 29.85
N PHE C 165 -31.63 -20.89 30.87
CA PHE C 165 -31.62 -21.89 31.94
C PHE C 165 -32.38 -23.14 31.50
N THR C 166 -31.78 -23.84 30.52
CA THR C 166 -32.31 -25.12 30.06
C THR C 166 -31.63 -26.27 30.79
N LEU C 167 -32.39 -27.35 30.99
CA LEU C 167 -31.93 -28.47 31.80
C LEU C 167 -31.91 -29.73 30.96
N LYS C 168 -30.71 -30.20 30.65
CA LYS C 168 -30.49 -31.49 30.02
C LYS C 168 -29.75 -32.41 30.97
N ASN C 169 -29.52 -33.65 30.53
CA ASN C 169 -28.75 -34.62 31.30
C ASN C 169 -27.36 -34.09 31.61
N GLY C 170 -27.07 -33.84 32.88
CA GLY C 170 -25.80 -33.31 33.32
C GLY C 170 -25.84 -31.84 33.70
N SER C 171 -26.95 -31.15 33.47
CA SER C 171 -27.04 -29.74 33.84
C SER C 171 -27.05 -29.58 35.35
N GLU C 172 -26.47 -28.47 35.82
CA GLU C 172 -26.38 -28.20 37.24
C GLU C 172 -26.36 -26.69 37.47
N TYR C 173 -27.39 -26.17 38.11
CA TYR C 173 -27.48 -24.75 38.44
C TYR C 173 -27.74 -24.60 39.93
N TRP C 174 -27.00 -23.70 40.57
CA TRP C 174 -27.20 -23.37 41.97
C TRP C 174 -27.71 -21.94 42.07
N PHE C 175 -28.81 -21.75 42.78
CA PHE C 175 -29.42 -20.45 42.98
C PHE C 175 -29.55 -20.14 44.47
N LYS C 176 -29.42 -18.87 44.81
CA LYS C 176 -29.70 -18.38 46.15
C LYS C 176 -30.69 -17.24 46.06
N TYR C 177 -31.71 -17.28 46.91
CA TYR C 177 -32.78 -16.29 46.88
C TYR C 177 -32.39 -15.08 47.72
N TYR C 178 -32.52 -13.89 47.13
CA TYR C 178 -32.24 -12.63 47.80
C TYR C 178 -33.56 -11.90 48.02
N SER C 179 -33.98 -11.79 49.29
CA SER C 179 -35.23 -11.12 49.59
C SER C 179 -35.13 -9.62 49.31
N ALA C 180 -33.92 -9.06 49.37
CA ALA C 180 -33.73 -7.66 49.00
C ALA C 180 -34.03 -7.43 47.52
N LEU C 181 -33.87 -8.46 46.69
CA LEU C 181 -34.18 -8.38 45.28
C LEU C 181 -35.46 -9.10 44.88
N GLY C 182 -35.99 -9.96 45.74
CA GLY C 182 -37.09 -10.82 45.36
C GLY C 182 -36.79 -11.67 44.13
N LYS C 183 -35.55 -12.13 44.01
CA LYS C 183 -35.09 -12.86 42.83
C LYS C 183 -34.18 -13.99 43.26
N TRP C 184 -34.26 -15.10 42.51
CA TRP C 184 -33.26 -16.15 42.62
C TRP C 184 -32.02 -15.74 41.83
N VAL C 185 -30.88 -15.71 42.48
CA VAL C 185 -29.64 -15.22 41.89
C VAL C 185 -28.73 -16.41 41.63
N PRO C 186 -28.19 -16.56 40.42
CA PRO C 186 -27.28 -17.69 40.15
C PRO C 186 -25.98 -17.55 40.92
N GLU C 187 -25.61 -18.59 41.65
CA GLU C 187 -24.35 -18.61 42.40
C GLU C 187 -23.31 -19.54 41.79
N TYR C 188 -23.73 -20.61 41.12
CA TYR C 188 -22.80 -21.48 40.41
C TYR C 188 -23.52 -22.11 39.23
N ILE C 189 -22.90 -22.03 38.06
CA ILE C 189 -23.43 -22.62 36.83
C ILE C 189 -22.39 -23.58 36.28
N LYS C 190 -22.73 -24.85 36.18
CA LYS C 190 -21.83 -25.83 35.57
C LYS C 190 -21.70 -25.54 34.09
N PRO C 191 -20.51 -25.26 33.59
CA PRO C 191 -20.38 -24.82 32.18
C PRO C 191 -20.62 -25.96 31.21
N GLN C 192 -21.21 -25.61 30.07
CA GLN C 192 -21.29 -26.51 28.93
C GLN C 192 -20.00 -26.38 28.14
N LYS C 193 -19.21 -27.45 28.09
CA LYS C 193 -17.87 -27.42 27.52
C LYS C 193 -17.91 -27.88 26.07
N LEU C 194 -17.32 -27.09 25.18
CA LEU C 194 -17.25 -27.41 23.76
C LEU C 194 -15.81 -27.27 23.28
N ASN C 195 -15.37 -28.22 22.48
CA ASN C 195 -14.11 -28.10 21.76
C ASN C 195 -14.39 -27.45 20.41
N VAL C 196 -13.61 -26.42 20.08
CA VAL C 196 -13.86 -25.63 18.88
C VAL C 196 -13.80 -26.48 17.61
N GLN C 197 -13.11 -27.62 17.66
CA GLN C 197 -13.10 -28.52 16.51
C GLN C 197 -14.47 -29.12 16.22
N GLN C 198 -15.34 -29.20 17.22
CA GLN C 198 -16.68 -29.74 17.01
C GLN C 198 -17.61 -28.74 16.31
N ILE C 199 -17.41 -27.44 16.53
CA ILE C 199 -18.33 -26.42 16.04
C ILE C 199 -17.74 -25.56 14.93
N GLY C 200 -16.44 -25.68 14.65
CA GLY C 200 -15.86 -24.91 13.57
C GLY C 200 -15.60 -23.46 13.96
N THR C 201 -15.65 -22.59 12.95
CA THR C 201 -15.29 -21.18 13.11
C THR C 201 -16.46 -20.31 13.58
N SER C 202 -17.59 -20.91 13.96
CA SER C 202 -18.74 -20.13 14.37
C SER C 202 -19.61 -20.94 15.31
N LEU C 203 -20.32 -20.24 16.20
CA LEU C 203 -21.36 -20.81 17.04
C LEU C 203 -22.65 -20.08 16.74
N ALA C 204 -23.61 -20.80 16.15
CA ALA C 204 -24.86 -20.16 15.73
C ALA C 204 -25.67 -19.69 16.93
N ALA C 205 -25.77 -20.50 17.98
CA ALA C 205 -26.57 -20.17 19.14
C ALA C 205 -26.00 -20.86 20.38
N VAL C 206 -26.30 -20.30 21.53
CA VAL C 206 -25.87 -20.88 22.80
C VAL C 206 -26.97 -21.79 23.33
N ASN C 207 -26.57 -22.73 24.20
CA ASN C 207 -27.46 -23.75 24.71
C ASN C 207 -27.62 -23.71 26.23
N SER C 208 -26.87 -22.87 26.93
CA SER C 208 -26.84 -22.86 28.38
C SER C 208 -26.37 -21.48 28.83
N PRO C 209 -26.53 -21.14 30.11
CA PRO C 209 -26.11 -19.80 30.56
C PRO C 209 -24.61 -19.60 30.55
N LEU C 210 -23.82 -20.68 30.46
CA LEU C 210 -22.36 -20.57 30.47
C LEU C 210 -21.80 -21.60 29.50
N THR C 211 -21.26 -21.13 28.37
CA THR C 211 -20.62 -21.98 27.39
C THR C 211 -19.11 -21.75 27.43
N GLU C 212 -18.34 -22.83 27.44
CA GLU C 212 -16.89 -22.76 27.55
C GLU C 212 -16.28 -23.44 26.32
N ILE C 213 -15.59 -22.66 25.51
CA ILE C 213 -15.05 -23.11 24.23
C ILE C 213 -13.53 -23.20 24.36
N ALA C 214 -12.99 -24.40 24.16
CA ALA C 214 -11.57 -24.67 24.37
C ALA C 214 -10.83 -24.73 23.05
N PHE C 215 -9.67 -24.08 23.00
CA PHE C 215 -8.71 -24.19 21.90
C PHE C 215 -7.49 -24.97 22.38
N GLY C 216 -6.96 -25.83 21.52
CA GLY C 216 -5.77 -26.57 21.86
C GLY C 216 -5.06 -27.08 20.62
N ASP C 217 -3.95 -27.78 20.85
CA ASP C 217 -3.26 -28.43 19.75
C ASP C 217 -4.06 -29.64 19.28
N GLY C 218 -4.34 -29.71 17.98
CA GLY C 218 -5.25 -30.68 17.45
C GLY C 218 -6.72 -30.31 17.61
N ASN C 219 -7.01 -29.15 18.21
CA ASN C 219 -8.38 -28.67 18.39
C ASN C 219 -8.30 -27.14 18.28
N TRP C 220 -8.47 -26.63 17.06
CA TRP C 220 -8.05 -25.27 16.77
C TRP C 220 -8.62 -24.82 15.44
N VAL C 221 -9.04 -23.56 15.38
CA VAL C 221 -9.39 -22.89 14.13
C VAL C 221 -8.70 -21.53 14.13
N SER C 222 -8.68 -20.90 12.96
CA SER C 222 -7.94 -19.64 12.82
C SER C 222 -8.73 -18.45 13.32
N ASN C 223 -10.06 -18.51 13.28
CA ASN C 223 -10.89 -17.41 13.73
C ASN C 223 -12.25 -17.95 14.16
N PHE C 224 -12.93 -17.18 15.00
CA PHE C 224 -14.17 -17.61 15.62
C PHE C 224 -15.12 -16.43 15.76
N THR C 225 -16.39 -16.68 15.46
CA THR C 225 -17.43 -15.66 15.51
C THR C 225 -18.46 -16.04 16.57
N LEU C 226 -18.74 -15.10 17.48
CA LEU C 226 -19.75 -15.32 18.50
C LEU C 226 -21.15 -15.33 17.88
N PRO C 227 -22.14 -15.90 18.57
CA PRO C 227 -23.52 -15.87 18.06
C PRO C 227 -24.02 -14.44 17.90
N THR C 228 -24.99 -14.28 17.00
CA THR C 228 -25.59 -12.97 16.77
C THR C 228 -26.53 -12.56 17.90
N THR C 229 -27.09 -13.54 18.61
CA THR C 229 -28.05 -13.25 19.67
C THR C 229 -28.03 -14.37 20.68
N ALA C 230 -28.48 -14.04 21.89
CA ALA C 230 -28.61 -15.01 22.97
C ALA C 230 -29.64 -14.49 23.96
N ASN C 231 -29.80 -15.20 25.06
CA ASN C 231 -30.63 -14.71 26.15
C ASN C 231 -29.83 -13.78 27.05
N ASP C 232 -30.55 -12.94 27.79
CA ASP C 232 -29.92 -11.91 28.60
C ASP C 232 -28.96 -12.54 29.61
N ARG C 233 -27.71 -12.07 29.59
CA ARG C 233 -26.66 -12.44 30.54
C ARG C 233 -26.12 -13.84 30.31
N ASP C 234 -26.38 -14.45 29.15
CA ASP C 234 -25.65 -15.66 28.77
C ASP C 234 -24.17 -15.33 28.62
N ARG C 235 -23.32 -16.29 28.98
CA ARG C 235 -21.88 -16.06 28.99
C ARG C 235 -21.16 -17.11 28.16
N ILE C 236 -20.11 -16.67 27.48
CA ILE C 236 -19.24 -17.54 26.70
C ILE C 236 -17.81 -17.31 27.15
N ILE C 237 -17.14 -18.37 27.60
CA ILE C 237 -15.73 -18.34 27.94
C ILE C 237 -14.94 -19.02 26.84
N ILE C 238 -13.89 -18.36 26.36
CA ILE C 238 -13.02 -18.90 25.32
C ILE C 238 -11.63 -19.06 25.91
N LYS C 239 -11.13 -20.29 25.90
CA LYS C 239 -9.82 -20.62 26.46
C LYS C 239 -8.94 -21.27 25.40
N SER C 240 -7.64 -21.09 25.54
CA SER C 240 -6.68 -21.68 24.62
C SER C 240 -5.50 -22.25 25.37
N THR C 241 -5.11 -23.47 24.98
CA THR C 241 -3.81 -24.02 25.32
C THR C 241 -2.99 -24.32 24.06
N ALA C 242 -3.47 -23.88 22.90
CA ALA C 242 -2.82 -24.16 21.63
C ALA C 242 -1.54 -23.35 21.50
N THR C 243 -0.62 -23.87 20.68
CA THR C 243 0.64 -23.19 20.42
C THR C 243 0.42 -21.92 19.60
N TRP C 244 -0.38 -22.01 18.55
CA TRP C 244 -0.56 -20.93 17.59
C TRP C 244 -1.78 -20.09 17.93
N SER C 245 -1.64 -18.77 17.80
CA SER C 245 -2.69 -17.84 18.15
C SER C 245 -3.89 -17.97 17.23
N ALA C 246 -5.02 -17.45 17.69
CA ALA C 246 -6.25 -17.39 16.90
C ALA C 246 -6.91 -16.05 17.13
N LYS C 247 -7.85 -15.71 16.26
CA LYS C 247 -8.53 -14.42 16.28
C LYS C 247 -9.99 -14.61 16.67
N ILE C 248 -10.43 -13.88 17.68
CA ILE C 248 -11.85 -13.78 17.98
C ILE C 248 -12.40 -12.59 17.20
N ASN C 249 -13.30 -12.85 16.27
CA ASN C 249 -13.84 -11.79 15.43
C ASN C 249 -14.65 -10.80 16.25
N ASN C 250 -14.55 -9.52 15.88
CA ASN C 250 -15.20 -8.46 16.63
C ASN C 250 -16.69 -8.33 16.32
N THR C 251 -17.19 -9.03 15.30
CA THR C 251 -18.60 -8.93 14.95
C THR C 251 -19.45 -9.47 16.10
N ASN C 252 -20.58 -8.80 16.34
CA ASN C 252 -21.54 -9.06 17.41
C ASN C 252 -20.98 -8.74 18.79
N VAL C 253 -19.76 -8.22 18.89
CA VAL C 253 -19.13 -7.89 20.16
C VAL C 253 -19.06 -6.38 20.30
N ASN C 254 -19.29 -5.88 21.51
CA ASN C 254 -19.22 -4.45 21.80
C ASN C 254 -17.77 -4.04 22.08
N SER C 255 -16.91 -4.32 21.09
CA SER C 255 -15.49 -3.98 21.19
C SER C 255 -14.82 -4.12 19.84
N GLN C 256 -14.02 -3.13 19.45
CA GLN C 256 -13.21 -3.20 18.25
C GLN C 256 -11.78 -3.58 18.56
N ALA C 257 -11.47 -3.89 19.82
CA ALA C 257 -10.11 -4.15 20.26
C ALA C 257 -9.58 -5.46 19.66
N THR C 258 -8.28 -5.66 19.82
CA THR C 258 -7.61 -6.84 19.29
C THR C 258 -7.92 -8.03 20.19
N LEU C 259 -8.80 -8.90 19.74
CA LEU C 259 -9.19 -10.10 20.49
C LEU C 259 -8.41 -11.32 19.99
N THR C 260 -7.09 -11.27 20.16
CA THR C 260 -6.23 -12.38 19.77
C THR C 260 -6.14 -13.38 20.91
N LEU C 261 -6.30 -14.66 20.58
CA LEU C 261 -6.34 -15.74 21.56
C LEU C 261 -5.01 -16.48 21.50
N LYS C 262 -4.14 -16.18 22.45
CA LYS C 262 -2.81 -16.79 22.51
C LYS C 262 -2.81 -17.95 23.51
N THR C 263 -1.64 -18.59 23.63
CA THR C 263 -1.48 -19.69 24.57
C THR C 263 -1.76 -19.22 25.99
N GLY C 264 -2.68 -19.91 26.66
CA GLY C 264 -3.05 -19.58 28.02
C GLY C 264 -4.02 -18.44 28.17
N ASP C 265 -4.39 -17.76 27.08
CA ASP C 265 -5.31 -16.64 27.17
C ASP C 265 -6.72 -17.12 27.47
N GLN C 266 -7.52 -16.21 28.02
CA GLN C 266 -8.92 -16.48 28.32
C GLN C 266 -9.73 -15.21 28.09
N TYR C 267 -10.84 -15.35 27.37
CA TYR C 267 -11.78 -14.26 27.15
C TYR C 267 -13.14 -14.66 27.69
N GLU C 268 -13.87 -13.71 28.24
CA GLU C 268 -15.22 -13.95 28.74
C GLU C 268 -16.15 -12.90 28.16
N PHE C 269 -17.29 -13.35 27.65
CA PHE C 269 -18.27 -12.46 27.02
C PHE C 269 -19.62 -12.66 27.69
N MSE C 270 -20.41 -11.60 27.70
CA MSE C 270 -21.74 -11.63 28.30
C MSE C 270 -22.73 -10.90 27.41
O MSE C 270 -22.54 -9.72 27.10
CB MSE C 270 -21.72 -11.01 29.70
CG MSE C 270 -23.05 -11.03 30.41
SE MSE C 270 -23.01 -9.96 32.04
CE MSE C 270 -22.72 -8.21 31.24
N TYR C 271 -23.78 -11.59 27.00
CA TYR C 271 -24.77 -10.99 26.12
C TYR C 271 -25.66 -10.03 26.90
N VAL C 272 -25.99 -8.90 26.27
CA VAL C 272 -26.80 -7.85 26.88
C VAL C 272 -27.97 -7.60 25.95
N SER C 273 -29.17 -7.99 26.37
CA SER C 273 -30.33 -8.00 25.49
C SER C 273 -30.71 -6.60 25.03
N ASP C 274 -30.81 -5.65 25.96
CA ASP C 274 -31.30 -4.31 25.61
C ASP C 274 -30.41 -3.63 24.58
N LYS C 275 -29.13 -4.00 24.51
CA LYS C 275 -28.23 -3.46 23.50
C LYS C 275 -28.02 -4.39 22.30
N GLY C 276 -28.22 -5.69 22.48
CA GLY C 276 -28.11 -6.61 21.37
C GLY C 276 -26.70 -6.96 20.95
N TYR C 277 -25.75 -7.03 21.87
CA TYR C 277 -24.40 -7.43 21.56
C TYR C 277 -23.81 -8.18 22.73
N TRP C 278 -22.63 -8.78 22.50
CA TRP C 278 -21.86 -9.41 23.54
C TRP C 278 -20.94 -8.38 24.20
N GLN C 279 -21.07 -8.21 25.51
CA GLN C 279 -20.19 -7.32 26.26
C GLN C 279 -18.92 -8.07 26.65
N LEU C 280 -17.77 -7.43 26.43
CA LEU C 280 -16.48 -8.01 26.79
C LEU C 280 -16.21 -7.68 28.26
N ILE C 281 -16.24 -8.70 29.11
CA ILE C 281 -16.09 -8.50 30.56
C ILE C 281 -14.78 -9.02 31.11
N SER C 282 -13.99 -9.75 30.31
CA SER C 282 -12.70 -10.25 30.76
C SER C 282 -11.81 -10.51 29.56
N SER C 283 -10.59 -10.01 29.61
CA SER C 283 -9.64 -10.14 28.50
C SER C 283 -8.23 -10.11 29.07
N PRO C 284 -7.27 -10.71 28.37
CA PRO C 284 -5.90 -10.76 28.90
C PRO C 284 -5.21 -9.41 28.83
N THR C 285 -4.17 -9.27 29.64
CA THR C 285 -3.34 -8.08 29.68
C THR C 285 -1.88 -8.51 29.62
N LYS C 286 -1.16 -8.09 28.58
CA LYS C 286 0.27 -8.31 28.52
C LYS C 286 0.98 -7.30 29.41
N VAL C 287 1.80 -7.78 30.33
CA VAL C 287 2.45 -6.93 31.33
C VAL C 287 3.96 -7.08 31.19
N ILE C 288 4.64 -5.97 30.92
CA ILE C 288 6.09 -5.90 30.98
C ILE C 288 6.43 -5.21 32.29
N ASP C 289 6.80 -5.99 33.31
CA ASP C 289 6.94 -5.48 34.65
C ASP C 289 8.32 -4.88 34.88
N SER C 290 8.56 -4.39 36.09
CA SER C 290 9.75 -3.61 36.42
C SER C 290 11.04 -4.41 36.34
N THR C 291 10.97 -5.74 36.23
CA THR C 291 12.17 -6.55 36.10
C THR C 291 12.43 -7.02 34.68
N ALA C 292 11.48 -6.85 33.76
CA ALA C 292 11.63 -7.27 32.39
C ALA C 292 12.16 -6.13 31.52
N THR C 293 12.80 -6.48 30.42
CA THR C 293 13.31 -5.49 29.49
C THR C 293 12.17 -4.88 28.69
N ILE C 294 12.20 -3.56 28.55
CA ILE C 294 11.17 -2.82 27.82
C ILE C 294 11.77 -2.39 26.47
N PRO C 295 11.13 -2.73 25.36
CA PRO C 295 11.64 -2.30 24.06
C PRO C 295 11.33 -0.84 23.79
N ALA C 296 12.24 -0.20 23.05
CA ALA C 296 12.05 1.21 22.71
C ALA C 296 10.79 1.42 21.88
N ILE C 297 10.49 0.47 20.98
CA ILE C 297 9.25 0.47 20.22
C ILE C 297 8.37 -0.63 20.81
N LEU C 298 7.24 -0.22 21.40
CA LEU C 298 6.37 -1.18 22.05
C LEU C 298 5.79 -2.16 21.02
N PRO C 299 5.57 -3.41 21.41
CA PRO C 299 5.13 -4.42 20.44
C PRO C 299 3.70 -4.17 19.98
N ASN C 300 3.41 -4.68 18.79
CA ASN C 300 2.06 -4.59 18.26
C ASN C 300 1.07 -5.35 19.15
N MSE C 301 -0.15 -4.83 19.24
CA MSE C 301 -1.14 -5.37 20.14
C MSE C 301 -1.59 -6.79 19.76
O MSE C 301 -2.07 -7.03 18.65
CB MSE C 301 -2.37 -4.46 20.18
CG MSE C 301 -2.07 -3.01 20.51
SE MSE C 301 -1.38 -2.73 22.31
CE MSE C 301 -2.97 -3.21 23.33
N THR C 302 -1.40 -7.72 20.69
CA THR C 302 -1.93 -9.07 20.58
C THR C 302 -3.00 -9.35 21.63
N GLN C 303 -3.51 -8.29 22.28
CA GLN C 303 -4.56 -8.39 23.28
C GLN C 303 -5.12 -6.99 23.49
N PRO C 304 -6.30 -6.87 24.11
CA PRO C 304 -6.93 -5.53 24.21
C PRO C 304 -6.13 -4.50 24.99
N THR C 305 -5.25 -4.91 25.90
CA THR C 305 -4.54 -3.94 26.73
C THR C 305 -3.11 -4.40 26.99
N LEU C 306 -2.22 -3.41 27.10
CA LEU C 306 -0.80 -3.65 27.39
C LEU C 306 -0.36 -2.71 28.51
N LYS C 307 0.33 -3.27 29.50
CA LYS C 307 0.80 -2.50 30.64
C LYS C 307 2.32 -2.55 30.72
N VAL C 308 2.95 -1.38 30.79
CA VAL C 308 4.40 -1.24 30.82
C VAL C 308 4.78 -0.60 32.14
N LYS C 309 5.73 -1.22 32.85
CA LYS C 309 6.15 -0.77 34.18
C LYS C 309 7.61 -0.32 34.12
N LEU C 310 7.83 0.98 34.06
CA LEU C 310 9.18 1.54 34.03
C LEU C 310 9.76 1.57 35.44
N SER C 311 11.03 1.17 35.55
CA SER C 311 11.75 1.21 36.82
C SER C 311 13.16 1.69 36.56
N THR C 312 13.97 1.73 37.63
CA THR C 312 15.36 2.15 37.49
C THR C 312 16.17 1.13 36.69
N SER C 313 15.86 -0.15 36.83
CA SER C 313 16.63 -1.20 36.19
C SER C 313 16.21 -1.48 34.75
N ASN C 314 15.05 -0.99 34.32
CA ASN C 314 14.61 -1.15 32.93
C ASN C 314 14.25 0.18 32.29
N TRP C 315 14.74 1.29 32.83
CA TRP C 315 14.37 2.61 32.33
C TRP C 315 14.73 2.76 30.85
N GLN C 316 13.88 3.50 30.14
CA GLN C 316 14.06 3.78 28.73
C GLN C 316 13.85 5.27 28.49
N PRO C 317 14.71 5.92 27.70
CA PRO C 317 14.54 7.36 27.49
C PRO C 317 13.31 7.71 26.68
N THR C 318 13.00 6.93 25.64
CA THR C 318 11.84 7.18 24.78
C THR C 318 11.08 5.88 24.56
N LEU C 319 9.76 6.00 24.46
CA LEU C 319 8.90 4.86 24.16
C LEU C 319 8.00 5.21 22.99
N GLN C 320 7.90 4.30 22.03
CA GLN C 320 7.01 4.45 20.89
C GLN C 320 5.79 3.56 21.10
N LEU C 321 4.61 4.16 21.11
CA LEU C 321 3.38 3.39 21.25
C LEU C 321 3.23 2.42 20.08
N PRO C 322 2.53 1.31 20.27
CA PRO C 322 2.49 0.25 19.25
C PRO C 322 2.11 0.79 17.87
N ALA C 323 2.84 0.31 16.85
CA ALA C 323 2.61 0.78 15.49
C ALA C 323 1.32 0.21 14.91
N GLN C 324 0.95 -1.01 15.30
CA GLN C 324 -0.26 -1.65 14.80
C GLN C 324 -1.18 -1.95 15.97
N ALA C 325 -2.43 -1.51 15.88
CA ALA C 325 -3.40 -1.68 16.94
C ALA C 325 -4.80 -1.59 16.34
N GLN C 326 -5.79 -1.87 17.16
CA GLN C 326 -7.19 -1.76 16.77
C GLN C 326 -7.88 -0.77 17.69
N VAL C 327 -8.96 -0.17 17.18
CA VAL C 327 -9.70 0.84 17.94
C VAL C 327 -10.17 0.24 19.25
N GLY C 328 -9.86 0.92 20.36
CA GLY C 328 -10.20 0.45 21.67
C GLY C 328 -9.03 -0.14 22.45
N ASP C 329 -7.94 -0.50 21.77
CA ASP C 329 -6.77 -1.01 22.46
C ASP C 329 -6.22 0.04 23.41
N LYS C 330 -5.71 -0.43 24.55
CA LYS C 330 -5.25 0.45 25.61
C LYS C 330 -3.81 0.12 25.98
N VAL C 331 -3.03 1.15 26.28
CA VAL C 331 -1.68 1.02 26.79
C VAL C 331 -1.59 1.81 28.08
N VAL C 332 -1.20 1.14 29.17
CA VAL C 332 -0.99 1.76 30.46
C VAL C 332 0.50 1.72 30.77
N ILE C 333 1.06 2.87 31.11
CA ILE C 333 2.48 2.99 31.42
C ILE C 333 2.62 3.54 32.84
N VAL C 334 3.39 2.84 33.66
CA VAL C 334 3.70 3.26 35.01
C VAL C 334 5.21 3.47 35.11
N SER C 335 5.61 4.47 35.89
CA SER C 335 7.01 4.84 36.00
C SER C 335 7.38 5.02 37.47
N ASN C 336 8.37 4.25 37.93
CA ASN C 336 8.99 4.46 39.23
C ASN C 336 10.48 4.77 39.10
N ALA C 337 10.92 5.18 37.91
CA ALA C 337 12.28 5.61 37.68
C ALA C 337 12.42 7.10 37.96
N SER C 338 13.63 7.52 38.32
CA SER C 338 13.84 8.91 38.71
C SER C 338 13.77 9.84 37.49
N ALA C 339 14.24 9.39 36.34
CA ALA C 339 14.24 10.21 35.14
C ALA C 339 12.95 10.03 34.36
N ASP C 340 12.61 11.07 33.58
CA ASP C 340 11.41 11.02 32.77
C ASP C 340 11.60 10.10 31.57
N THR C 341 10.47 9.72 30.96
CA THR C 341 10.46 8.92 29.74
C THR C 341 9.48 9.56 28.76
N TYR C 342 9.95 9.79 27.53
CA TYR C 342 9.11 10.39 26.51
C TYR C 342 8.30 9.31 25.79
N ILE C 343 7.05 9.63 25.48
CA ILE C 343 6.14 8.73 24.80
C ILE C 343 5.72 9.37 23.48
N ASN C 344 5.82 8.60 22.40
CA ASN C 344 5.53 9.10 21.07
C ASN C 344 4.63 8.12 20.33
N ALA C 345 3.95 8.64 19.31
CA ALA C 345 3.10 7.84 18.44
C ALA C 345 3.26 8.32 17.00
N ALA C 346 2.83 7.48 16.06
CA ALA C 346 2.98 7.80 14.65
C ALA C 346 2.22 9.06 14.25
N ASN C 347 1.07 9.32 14.90
CA ASN C 347 0.26 10.47 14.56
C ASN C 347 0.83 11.79 15.09
N GLY C 348 2.04 11.77 15.64
CA GLY C 348 2.66 12.97 16.16
C GLY C 348 2.46 13.20 17.63
N LEU C 349 1.67 12.37 18.31
CA LEU C 349 1.52 12.49 19.76
C LEU C 349 2.89 12.40 20.42
N SER C 350 3.19 13.38 21.28
CA SER C 350 4.50 13.47 21.92
C SER C 350 4.32 14.03 23.32
N THR C 351 4.66 13.23 24.33
CA THR C 351 4.47 13.61 25.71
C THR C 351 5.49 12.86 26.56
N ALA C 352 5.42 13.09 27.87
CA ALA C 352 6.36 12.48 28.81
C ALA C 352 5.62 11.91 30.01
N ILE C 353 6.18 10.87 30.60
CA ILE C 353 5.70 10.30 31.85
C ILE C 353 6.77 10.52 32.92
N LYS C 354 6.32 10.94 34.11
CA LYS C 354 7.21 11.29 35.21
C LYS C 354 7.15 10.23 36.30
N ASN C 355 8.04 10.40 37.28
CA ASN C 355 8.15 9.44 38.37
C ASN C 355 6.85 9.36 39.15
N GLY C 356 6.38 8.13 39.38
CA GLY C 356 5.16 7.91 40.15
C GLY C 356 3.88 8.11 39.39
N GLU C 357 3.95 8.35 38.08
CA GLU C 357 2.78 8.68 37.29
C GLU C 357 2.22 7.45 36.58
N ASN C 358 0.90 7.37 36.51
CA ASN C 358 0.20 6.39 35.69
C ASN C 358 -0.44 7.12 34.52
N ARG C 359 -0.24 6.58 33.32
CA ARG C 359 -0.71 7.22 32.10
C ARG C 359 -1.29 6.16 31.19
N ARG C 360 -2.52 6.37 30.72
CA ARG C 360 -3.20 5.43 29.84
C ARG C 360 -3.48 6.09 28.50
N PHE C 361 -3.28 5.32 27.43
CA PHE C 361 -3.54 5.77 26.08
C PHE C 361 -4.47 4.77 25.41
N ILE C 362 -5.33 5.28 24.52
CA ILE C 362 -6.31 4.47 23.82
C ILE C 362 -6.18 4.73 22.32
N TYR C 363 -6.35 3.69 21.52
CA TYR C 363 -6.21 3.79 20.07
C TYR C 363 -7.54 4.14 19.43
N THR C 364 -7.50 5.07 18.49
CA THR C 364 -8.66 5.51 17.74
C THR C 364 -8.39 5.33 16.24
N ALA C 365 -9.39 5.67 15.43
CA ALA C 365 -9.23 5.59 13.98
C ALA C 365 -8.11 6.49 13.46
N GLN C 366 -7.76 7.53 14.22
CA GLN C 366 -6.71 8.48 13.82
C GLN C 366 -5.48 8.38 14.72
N GLY C 367 -5.23 7.22 15.29
CA GLY C 367 -4.01 6.96 16.02
C GLY C 367 -4.23 6.96 17.53
N TRP C 368 -3.10 6.92 18.25
CA TRP C 368 -3.14 6.86 19.69
C TRP C 368 -3.60 8.19 20.27
N THR C 369 -4.26 8.12 21.43
CA THR C 369 -4.96 9.24 22.02
C THR C 369 -4.84 9.19 23.53
N VAL C 370 -4.67 10.36 24.16
CA VAL C 370 -4.60 10.44 25.62
C VAL C 370 -5.92 9.94 26.21
N ASP C 371 -5.81 9.07 27.22
CA ASP C 371 -6.98 8.47 27.84
C ASP C 371 -7.01 8.67 29.35
N SER C 372 -6.12 9.49 29.90
CA SER C 372 -6.13 9.76 31.33
C SER C 372 -5.40 11.07 31.61
N TYR C 373 -5.83 11.75 32.66
CA TYR C 373 -5.20 12.98 33.12
C TYR C 373 -4.68 12.77 34.53
N THR C 374 -3.47 13.26 34.78
CA THR C 374 -2.78 13.05 36.05
C THR C 374 -3.16 14.15 37.04
N ILE C 375 -3.72 13.76 38.18
CA ILE C 375 -4.06 14.68 39.24
C ILE C 375 -2.99 14.56 40.32
N ASP C 376 -2.15 15.58 40.45
CA ASP C 376 -1.08 15.57 41.43
C ASP C 376 -1.64 15.87 42.81
N MSE C 377 -1.21 15.09 43.80
CA MSE C 377 -1.76 15.20 45.15
C MSE C 377 -0.67 15.45 46.19
O MSE C 377 0.38 14.81 46.17
CB MSE C 377 -2.54 13.94 45.52
CG MSE C 377 -3.76 13.70 44.64
SE MSE C 377 -5.18 14.99 44.96
CE MSE C 377 -5.58 14.55 46.81
N LEU C 378 -0.94 16.39 47.09
CA LEU C 378 -0.08 16.61 48.25
C LEU C 378 -0.67 15.83 49.42
N LEU C 379 0.10 14.91 49.98
CA LEU C 379 -0.33 14.05 51.08
C LEU C 379 0.13 14.67 52.39
N VAL C 380 -0.82 14.95 53.27
CA VAL C 380 -0.54 15.55 54.58
C VAL C 380 -0.96 14.55 55.65
N SER C 381 -0.03 14.21 56.54
CA SER C 381 -0.28 13.30 57.63
C SER C 381 -0.06 14.03 58.95
N SER C 382 -1.04 13.94 59.85
CA SER C 382 -0.93 14.61 61.13
C SER C 382 0.12 13.94 62.00
N PRO C 383 0.90 14.70 62.77
CA PRO C 383 1.82 14.08 63.73
C PRO C 383 1.11 13.18 64.71
N GLU C 384 -0.15 13.48 65.03
CA GLU C 384 -0.94 12.62 65.90
C GLU C 384 -1.07 11.21 65.30
N VAL C 385 -1.26 11.13 63.97
CA VAL C 385 -1.33 9.82 63.31
C VAL C 385 0.03 9.13 63.34
N ASN C 386 1.10 9.89 63.10
CA ASN C 386 2.44 9.32 63.04
C ASN C 386 2.83 8.68 64.38
N SER C 387 2.44 9.30 65.50
CA SER C 387 2.75 8.73 66.80
C SER C 387 2.04 7.40 67.04
N ILE C 388 0.83 7.24 66.49
CA ILE C 388 0.06 6.03 66.72
C ILE C 388 0.50 4.91 65.78
N LEU C 389 0.58 5.19 64.48
CA LEU C 389 0.90 4.17 63.50
C LEU C 389 2.40 4.04 63.25
N GLY C 390 3.14 5.14 63.32
CA GLY C 390 4.50 5.18 62.87
C GLY C 390 4.64 6.05 61.63
N GLU C 391 5.81 6.70 61.51
CA GLU C 391 6.02 7.62 60.39
C GLU C 391 6.01 6.90 59.05
N SER C 392 6.67 5.75 58.97
CA SER C 392 6.62 4.99 57.72
C SER C 392 5.25 4.36 57.50
N ALA C 393 4.63 3.85 58.57
CA ALA C 393 3.31 3.24 58.44
C ALA C 393 2.28 4.24 57.92
N ALA C 394 2.31 5.47 58.43
CA ALA C 394 1.35 6.47 57.99
C ALA C 394 1.50 6.78 56.51
N LYS C 395 2.74 6.85 56.02
CA LYS C 395 2.97 7.03 54.59
C LYS C 395 2.45 5.83 53.81
N LEU C 396 2.62 4.62 54.35
CA LEU C 396 2.13 3.42 53.68
C LEU C 396 0.61 3.45 53.55
N ARG C 397 -0.08 3.94 54.57
CA ARG C 397 -1.54 3.93 54.58
C ARG C 397 -2.12 4.79 53.47
N MSE C 398 -1.54 5.97 53.26
CA MSE C 398 -2.04 6.89 52.24
C MSE C 398 -1.71 6.40 50.83
O MSE C 398 -2.47 6.63 49.90
CB MSE C 398 -1.47 8.29 52.46
CG MSE C 398 -1.68 8.83 53.87
SE MSE C 398 -1.19 10.71 54.03
CE MSE C 398 -2.63 11.48 52.95
N ILE C 399 -0.57 5.72 50.70
CA ILE C 399 -0.17 5.20 49.39
C ILE C 399 -1.13 4.11 48.94
N GLU C 400 -1.52 3.21 49.86
CA GLU C 400 -2.49 2.18 49.50
C GLU C 400 -3.84 2.79 49.16
N GLY C 401 -4.19 3.92 49.78
CA GLY C 401 -5.39 4.63 49.38
C GLY C 401 -5.29 5.16 47.96
N VAL C 402 -4.11 5.63 47.57
CA VAL C 402 -3.90 6.10 46.20
C VAL C 402 -3.98 4.93 45.22
N ASN C 403 -3.33 3.81 45.55
CA ASN C 403 -3.33 2.65 44.66
C ASN C 403 -4.73 2.11 44.45
N LEU C 404 -5.56 2.10 45.51
CA LEU C 404 -6.93 1.60 45.37
C LEU C 404 -7.76 2.55 44.52
N THR C 405 -7.54 3.86 44.65
CA THR C 405 -8.25 4.82 43.82
C THR C 405 -7.90 4.63 42.34
N ASN C 406 -6.61 4.48 42.05
CA ASN C 406 -6.19 4.30 40.66
C ASN C 406 -6.70 2.98 40.09
N LEU C 407 -6.77 1.94 40.92
CA LEU C 407 -7.34 0.67 40.47
C LEU C 407 -8.83 0.82 40.19
N THR C 408 -9.55 1.52 41.07
CA THR C 408 -10.97 1.74 40.84
C THR C 408 -11.20 2.58 39.59
N ALA C 409 -10.39 3.63 39.40
CA ALA C 409 -10.53 4.48 38.22
C ALA C 409 -10.24 3.70 36.94
N GLU C 410 -9.19 2.87 36.95
CA GLU C 410 -8.83 2.12 35.75
C GLU C 410 -9.88 1.08 35.42
N ASN C 411 -10.46 0.44 36.43
CA ASN C 411 -11.52 -0.53 36.19
C ASN C 411 -12.78 0.11 35.63
N SER C 412 -12.97 1.42 35.84
CA SER C 412 -14.20 2.11 35.48
C SER C 412 -14.07 2.93 34.20
N ASN C 413 -12.92 2.85 33.52
CA ASN C 413 -12.62 3.71 32.38
C ASN C 413 -12.70 5.19 32.75
N ALA C 414 -12.38 5.50 34.01
CA ALA C 414 -12.30 6.89 34.45
C ALA C 414 -10.97 7.47 33.99
N ARG C 415 -11.02 8.63 33.34
CA ARG C 415 -9.84 9.21 32.69
C ARG C 415 -9.04 10.06 33.68
N PHE C 416 -8.63 9.42 34.77
CA PHE C 416 -7.75 10.10 35.72
C PHE C 416 -6.94 9.08 36.50
N TYR C 417 -5.76 9.50 36.95
CA TYR C 417 -4.96 8.77 37.92
C TYR C 417 -4.46 9.75 38.98
N LEU C 418 -4.29 9.24 40.20
CA LEU C 418 -3.72 10.03 41.28
C LEU C 418 -2.22 9.78 41.37
N ARG C 419 -1.45 10.86 41.48
CA ARG C 419 -0.01 10.79 41.65
C ARG C 419 0.38 11.64 42.85
N ASP C 420 1.04 11.02 43.83
CA ASP C 420 1.51 11.77 44.98
C ASP C 420 2.84 12.44 44.64
N VAL C 421 2.86 13.77 44.70
CA VAL C 421 4.06 14.54 44.38
C VAL C 421 4.72 15.13 45.60
N GLY C 422 4.18 14.85 46.79
CA GLY C 422 4.76 15.36 48.02
C GLY C 422 4.08 14.76 49.23
N TYR C 423 4.84 14.61 50.32
CA TYR C 423 4.32 14.07 51.57
C TYR C 423 4.85 14.92 52.70
N ILE C 424 3.96 15.54 53.46
CA ILE C 424 4.31 16.46 54.53
C ILE C 424 3.67 15.99 55.83
N THR C 425 4.39 16.19 56.93
CA THR C 425 3.87 15.94 58.26
C THR C 425 3.48 17.27 58.88
N TYR C 426 2.19 17.42 59.20
CA TYR C 426 1.68 18.70 59.65
C TYR C 426 0.30 18.51 60.27
N LYS C 427 0.03 19.26 61.32
CA LYS C 427 -1.27 19.24 61.99
C LYS C 427 -2.04 20.48 61.58
N ILE C 428 -3.15 20.28 60.87
CA ILE C 428 -4.01 21.41 60.51
C ILE C 428 -4.71 21.92 61.77
N PRO C 429 -4.66 23.23 62.06
CA PRO C 429 -5.28 23.70 63.30
C PRO C 429 -6.80 23.58 63.25
N ALA C 430 -7.32 22.59 63.97
CA ALA C 430 -8.74 22.28 63.97
C ALA C 430 -9.02 21.25 65.05
N ALA C 431 -10.11 21.44 65.79
CA ALA C 431 -10.53 20.47 66.78
C ALA C 431 -11.23 19.27 66.15
N THR C 432 -11.77 19.41 64.95
CA THR C 432 -12.52 18.36 64.29
C THR C 432 -12.06 18.21 62.85
N LEU C 433 -12.39 17.06 62.25
CA LEU C 433 -12.03 16.83 60.85
C LEU C 433 -12.82 17.75 59.92
N LYS C 434 -14.08 18.02 60.25
CA LYS C 434 -14.87 18.95 59.45
C LYS C 434 -14.27 20.36 59.50
N GLU C 435 -13.75 20.76 60.65
CA GLU C 435 -13.03 22.03 60.73
C GLU C 435 -11.75 22.01 59.92
N ALA C 436 -11.08 20.85 59.86
CA ALA C 436 -9.82 20.76 59.14
C ALA C 436 -10.01 20.95 57.64
N ILE C 437 -11.12 20.43 57.10
CA ILE C 437 -11.36 20.56 55.67
C ILE C 437 -11.60 22.01 55.27
N SER C 438 -12.08 22.84 56.21
CA SER C 438 -12.30 24.25 55.93
C SER C 438 -11.01 25.04 55.99
N THR C 439 -10.37 25.05 57.17
CA THR C 439 -9.15 25.86 57.36
C THR C 439 -7.97 25.33 56.55
N GLY C 440 -7.98 24.05 56.17
CA GLY C 440 -6.91 23.52 55.34
C GLY C 440 -6.81 24.18 53.99
N ARG C 441 -7.89 24.83 53.53
CA ARG C 441 -7.84 25.52 52.24
C ARG C 441 -7.03 26.80 52.33
N ASP C 442 -6.91 27.40 53.51
CA ASP C 442 -6.20 28.65 53.70
C ASP C 442 -4.90 28.50 54.49
N ASP C 443 -4.66 27.35 55.10
CA ASP C 443 -3.44 27.14 55.89
C ASP C 443 -2.21 27.39 55.03
N THR C 444 -1.34 28.29 55.52
CA THR C 444 -0.22 28.74 54.70
C THR C 444 0.79 27.62 54.49
N THR C 445 1.00 26.79 55.51
CA THR C 445 2.00 25.73 55.43
C THR C 445 1.66 24.72 54.34
N VAL C 446 0.40 24.27 54.30
CA VAL C 446 0.04 23.26 53.31
C VAL C 446 -0.14 23.89 51.93
N GLN C 447 -0.56 25.16 51.86
CA GLN C 447 -0.79 25.78 50.56
C GLN C 447 0.52 26.25 49.92
N ASN C 448 1.49 26.67 50.73
CA ASN C 448 2.82 26.98 50.18
C ASN C 448 3.49 25.73 49.64
N GLU C 449 3.42 24.63 50.39
CA GLU C 449 3.95 23.36 49.92
C GLU C 449 3.20 22.86 48.70
N ARG C 450 1.88 23.10 48.66
CA ARG C 450 1.10 22.74 47.48
C ARG C 450 1.60 23.48 46.24
N LYS C 451 1.87 24.78 46.38
CA LYS C 451 2.34 25.57 45.24
C LYS C 451 3.77 25.23 44.88
N ARG C 452 4.61 24.93 45.89
CA ARG C 452 6.02 24.65 45.63
C ARG C 452 6.18 23.42 44.75
N ILE C 453 5.37 22.39 44.96
CA ILE C 453 5.46 21.14 44.20
C ILE C 453 4.39 21.04 43.13
N LEU C 454 3.59 22.11 42.94
CA LEU C 454 2.54 22.14 41.92
C LEU C 454 1.55 21.00 42.10
N ALA C 455 1.06 20.84 43.34
CA ALA C 455 0.08 19.82 43.65
C ALA C 455 -1.31 20.28 43.20
N ASP C 456 -1.94 19.47 42.35
CA ASP C 456 -3.29 19.80 41.90
C ASP C 456 -4.31 19.71 43.02
N GLY C 457 -4.06 18.87 44.03
CA GLY C 457 -4.97 18.70 45.14
C GLY C 457 -4.24 18.40 46.42
N VAL C 458 -4.98 18.37 47.51
CA VAL C 458 -4.45 18.11 48.85
C VAL C 458 -5.33 17.07 49.52
N TYR C 459 -4.69 16.15 50.25
CA TYR C 459 -5.42 15.16 51.03
C TYR C 459 -4.78 15.06 52.40
N TYR C 460 -5.63 14.97 53.43
CA TYR C 460 -5.19 15.07 54.81
C TYR C 460 -5.57 13.81 55.58
N GLN C 461 -4.61 13.25 56.30
CA GLN C 461 -4.84 12.08 57.16
C GLN C 461 -4.59 12.50 58.59
N GLY C 462 -5.67 12.61 59.37
CA GLY C 462 -5.61 13.14 60.71
C GLY C 462 -6.22 12.19 61.73
N ASN C 463 -6.19 12.62 62.99
CA ASN C 463 -6.76 11.86 64.09
C ASN C 463 -7.85 12.63 64.80
N GLU C 464 -8.25 13.78 64.27
CA GLU C 464 -9.34 14.55 64.86
C GLU C 464 -10.68 13.84 64.65
N PRO C 465 -11.61 14.00 65.58
CA PRO C 465 -12.95 13.41 65.39
C PRO C 465 -13.78 14.19 64.38
N GLY C 466 -14.45 13.47 63.49
CA GLY C 466 -15.42 14.09 62.60
C GLY C 466 -16.73 14.41 63.32
N ASP C 467 -17.50 15.37 62.79
CA ASP C 467 -18.73 15.72 63.49
C ASP C 467 -19.93 14.91 63.01
N GLY C 468 -19.81 14.16 61.91
CA GLY C 468 -20.89 13.31 61.47
C GLY C 468 -20.39 12.17 60.61
N GLY C 469 -19.08 11.92 60.66
CA GLY C 469 -18.47 10.91 59.83
C GLY C 469 -16.95 11.02 59.85
N CYS C 470 -16.26 9.98 59.41
CA CYS C 470 -14.81 9.95 59.45
C CYS C 470 -14.16 10.43 58.16
N GLY C 471 -14.95 10.90 57.19
CA GLY C 471 -14.39 11.44 55.96
C GLY C 471 -15.08 12.73 55.58
N TRP C 472 -14.32 13.61 54.93
CA TRP C 472 -14.85 14.89 54.48
C TRP C 472 -14.16 15.31 53.18
N ALA C 473 -14.94 15.90 52.28
CA ALA C 473 -14.44 16.41 51.01
C ALA C 473 -15.48 17.31 50.35
N TRP C 474 -15.06 18.46 49.86
CA TRP C 474 -15.95 19.35 49.13
C TRP C 474 -16.38 18.72 47.82
N ILE C 475 -17.67 18.84 47.50
CA ILE C 475 -18.23 18.23 46.30
C ILE C 475 -18.04 19.18 45.12
N ASN C 476 -17.52 18.64 44.01
CA ASN C 476 -17.28 19.41 42.79
C ASN C 476 -16.37 20.61 43.08
N ALA C 477 -15.20 20.30 43.62
CA ALA C 477 -14.35 21.31 44.24
C ALA C 477 -13.60 22.10 43.18
N SER C 478 -13.58 23.42 43.35
CA SER C 478 -12.66 24.27 42.61
C SER C 478 -11.24 24.07 43.12
N ALA C 479 -10.29 24.79 42.51
CA ALA C 479 -8.91 24.74 42.98
C ALA C 479 -8.81 25.15 44.44
N TYR C 480 -9.64 26.10 44.87
CA TYR C 480 -9.63 26.54 46.26
C TYR C 480 -10.15 25.47 47.21
N ASN C 481 -11.11 24.66 46.77
CA ASN C 481 -11.76 23.67 47.61
C ASN C 481 -11.22 22.26 47.40
N MSE C 482 -10.19 22.09 46.57
CA MSE C 482 -9.68 20.77 46.25
C MSE C 482 -8.90 20.18 47.41
O MSE C 482 -7.67 20.22 47.44
CB MSE C 482 -8.81 20.84 44.99
CG MSE C 482 -8.34 19.49 44.44
SE MSE C 482 -9.79 18.28 43.99
CE MSE C 482 -10.80 19.44 42.80
N ILE C 483 -9.64 19.65 48.40
CA ILE C 483 -9.03 19.05 49.57
C ILE C 483 -9.98 17.99 50.12
N GLY C 484 -9.40 16.88 50.59
CA GLY C 484 -10.18 15.82 51.20
C GLY C 484 -9.45 15.28 52.40
N ALA C 485 -10.21 14.64 53.30
CA ALA C 485 -9.62 14.16 54.54
C ALA C 485 -10.39 12.97 55.08
N ASN C 486 -9.67 12.08 55.75
CA ASN C 486 -10.26 11.03 56.56
C ASN C 486 -9.38 10.81 57.78
N ASP C 487 -9.93 10.14 58.79
CA ASP C 487 -9.20 9.85 60.00
C ASP C 487 -8.72 8.40 59.98
N ILE C 488 -8.18 7.96 61.11
CA ILE C 488 -7.80 6.56 61.29
C ILE C 488 -8.68 5.84 62.30
N ALA C 489 -9.39 6.56 63.16
CA ALA C 489 -10.27 5.93 64.14
C ALA C 489 -11.31 5.04 63.48
N GLY C 490 -12.04 5.57 62.51
CA GLY C 490 -13.15 4.83 61.93
C GLY C 490 -13.04 4.57 60.44
N CYS C 491 -12.21 5.34 59.75
CA CYS C 491 -12.06 5.23 58.30
C CYS C 491 -10.83 4.39 57.97
N SER C 492 -10.97 3.53 56.96
CA SER C 492 -9.86 2.76 56.43
C SER C 492 -9.30 3.45 55.19
N PHE C 493 -8.30 2.83 54.57
CA PHE C 493 -7.68 3.43 53.40
C PHE C 493 -8.59 3.40 52.18
N ALA C 494 -9.72 2.69 52.24
CA ALA C 494 -10.69 2.71 51.16
C ALA C 494 -11.51 3.99 51.12
N ALA C 495 -11.36 4.86 52.11
CA ALA C 495 -12.12 6.10 52.16
C ALA C 495 -11.60 7.15 51.18
N MSE C 496 -10.36 7.04 50.73
CA MSE C 496 -9.78 8.05 49.85
C MSE C 496 -10.47 8.10 48.49
O MSE C 496 -10.84 9.17 48.02
CB MSE C 496 -8.28 7.81 49.65
CG MSE C 496 -7.62 8.89 48.82
SE MSE C 496 -5.72 8.63 48.54
CE MSE C 496 -5.32 10.33 47.67
N ARG C 497 -10.65 6.93 47.87
CA ARG C 497 -11.36 6.88 46.60
C ARG C 497 -12.80 7.37 46.74
N HIS C 498 -13.34 7.37 47.96
CA HIS C 498 -14.66 7.92 48.19
C HIS C 498 -14.61 9.44 48.31
N GLU C 499 -13.65 9.95 49.09
CA GLU C 499 -13.54 11.40 49.26
C GLU C 499 -13.08 12.08 47.98
N VAL C 500 -12.16 11.44 47.24
CA VAL C 500 -11.73 12.00 45.96
C VAL C 500 -12.90 12.01 44.98
N GLY C 501 -13.76 11.01 45.04
CA GLY C 501 -14.98 11.02 44.25
C GLY C 501 -15.83 12.26 44.50
N HIS C 502 -15.95 12.66 45.77
CA HIS C 502 -16.66 13.90 46.08
C HIS C 502 -15.96 15.09 45.44
N ASN C 503 -14.64 15.18 45.58
CA ASN C 503 -13.88 16.26 44.95
C ASN C 503 -14.11 16.30 43.45
N LEU C 504 -14.26 15.13 42.82
CA LEU C 504 -14.47 15.07 41.38
C LEU C 504 -15.87 15.47 40.97
N GLY C 505 -16.81 15.58 41.90
CA GLY C 505 -18.15 16.03 41.62
C GLY C 505 -19.24 14.99 41.82
N LEU C 506 -19.00 13.96 42.62
CA LEU C 506 -19.94 12.86 42.77
C LEU C 506 -20.71 12.97 44.08
N TYR C 507 -21.93 12.45 44.07
CA TYR C 507 -22.80 12.42 45.22
C TYR C 507 -23.09 10.97 45.61
N HIS C 508 -23.71 10.79 46.77
CA HIS C 508 -24.06 9.46 47.23
C HIS C 508 -25.22 8.88 46.43
N ASN C 509 -25.42 7.58 46.58
CA ASN C 509 -26.54 6.91 45.93
C ASN C 509 -27.86 7.52 46.38
N GLY C 510 -28.83 7.53 45.47
CA GLY C 510 -30.11 8.15 45.72
C GLY C 510 -30.19 9.62 45.35
N SER C 511 -29.06 10.27 45.10
CA SER C 511 -29.06 11.67 44.74
C SER C 511 -29.73 11.88 43.38
N THR C 512 -30.34 13.05 43.21
CA THR C 512 -30.95 13.42 41.95
C THR C 512 -29.93 13.75 40.87
N ASN C 513 -28.66 13.88 41.23
CA ASN C 513 -27.62 14.21 40.27
C ASN C 513 -27.16 12.97 39.51
N ILE C 514 -26.78 13.18 38.24
CA ILE C 514 -26.29 12.07 37.42
C ILE C 514 -24.98 11.52 37.97
N GLY C 515 -24.17 12.36 38.61
CA GLY C 515 -22.94 11.90 39.21
C GLY C 515 -23.15 11.32 40.60
N SER C 516 -23.69 10.11 40.68
CA SER C 516 -24.03 9.52 41.96
C SER C 516 -23.68 8.03 41.94
N GLY C 517 -23.61 7.45 43.14
CA GLY C 517 -23.24 6.07 43.27
C GLY C 517 -24.38 5.12 42.94
N PHE C 518 -24.00 3.85 42.73
CA PHE C 518 -24.94 2.78 42.42
C PHE C 518 -24.96 1.81 43.60
N ALA C 519 -26.07 1.79 44.33
CA ALA C 519 -26.25 0.89 45.46
C ALA C 519 -27.02 -0.35 45.02
N HIS C 520 -26.53 -1.53 45.41
CA HIS C 520 -27.15 -2.76 44.98
C HIS C 520 -26.75 -3.87 45.95
N PRO C 521 -27.65 -4.79 46.28
CA PRO C 521 -27.30 -5.87 47.23
C PRO C 521 -26.18 -6.77 46.74
N LEU C 522 -25.95 -6.85 45.44
CA LEU C 522 -24.92 -7.71 44.88
C LEU C 522 -23.61 -6.98 44.63
N GLY C 523 -23.49 -5.74 45.11
CA GLY C 523 -22.29 -4.96 44.89
C GLY C 523 -22.59 -3.50 44.63
N SER C 524 -21.95 -2.60 45.36
CA SER C 524 -22.21 -1.18 45.29
C SER C 524 -20.95 -0.42 44.92
N THR C 525 -21.08 0.59 44.06
CA THR C 525 -19.94 1.34 43.60
C THR C 525 -19.40 2.24 44.73
N ALA C 526 -18.33 2.97 44.40
CA ALA C 526 -17.60 3.71 45.43
C ALA C 526 -18.48 4.75 46.13
N MSE C 527 -19.34 5.43 45.39
CA MSE C 527 -20.18 6.47 45.98
C MSE C 527 -21.48 5.91 46.55
O MSE C 527 -22.19 6.61 47.27
CB MSE C 527 -20.51 7.55 44.94
CG MSE C 527 -19.31 8.23 44.33
SE MSE C 527 -18.11 8.95 45.68
CE MSE C 527 -16.55 7.90 45.24
N GLY C 528 -21.78 4.65 46.25
CA GLY C 528 -23.05 4.07 46.64
C GLY C 528 -22.95 2.90 47.60
N GLY C 529 -21.88 2.82 48.37
CA GLY C 529 -21.69 1.72 49.30
C GLY C 529 -20.25 1.27 49.38
N ASN C 530 -19.52 1.39 48.27
CA ASN C 530 -18.05 1.30 48.27
C ASN C 530 -17.56 -0.11 48.63
N ASN C 531 -18.18 -1.14 48.06
CA ASN C 531 -17.73 -2.51 48.29
C ASN C 531 -17.25 -3.23 47.03
N ILE C 532 -17.24 -2.56 45.88
CA ILE C 532 -16.63 -3.08 44.67
C ILE C 532 -15.78 -1.98 44.05
N ASN C 533 -14.78 -2.40 43.29
CA ASN C 533 -13.77 -1.47 42.76
C ASN C 533 -14.24 -0.84 41.45
N PHE C 534 -15.32 -0.08 41.54
CA PHE C 534 -15.88 0.61 40.38
C PHE C 534 -16.52 1.92 40.80
N TYR C 535 -16.44 2.90 39.90
CA TYR C 535 -17.36 4.02 39.91
C TYR C 535 -18.54 3.69 39.01
N SER C 536 -19.69 4.28 39.32
CA SER C 536 -20.93 3.89 38.64
C SER C 536 -20.90 4.34 37.19
N SER C 537 -21.44 3.50 36.31
CA SER C 537 -21.50 3.76 34.87
C SER C 537 -22.44 2.77 34.20
N PRO C 538 -23.29 3.23 33.27
CA PRO C 538 -24.16 2.29 32.53
C PRO C 538 -23.42 1.43 31.53
N TYR C 539 -22.10 1.56 31.40
CA TYR C 539 -21.31 0.71 30.52
C TYR C 539 -20.42 -0.24 31.30
N LEU C 540 -20.60 -0.33 32.61
CA LEU C 540 -19.89 -1.27 33.46
C LEU C 540 -20.89 -2.27 34.05
N TYR C 541 -20.42 -3.49 34.28
CA TYR C 541 -21.26 -4.56 34.78
C TYR C 541 -20.57 -5.28 35.92
N ASN C 542 -21.37 -5.72 36.89
CA ASN C 542 -20.89 -6.54 37.99
C ASN C 542 -20.17 -7.77 37.43
N PRO C 543 -18.90 -7.98 37.77
CA PRO C 543 -18.15 -9.08 37.14
C PRO C 543 -18.78 -10.45 37.31
N LYS C 544 -19.30 -10.76 38.50
CA LYS C 544 -19.86 -12.09 38.74
C LYS C 544 -21.33 -12.20 38.34
N TYR C 545 -22.15 -11.22 38.68
CA TYR C 545 -23.60 -11.34 38.52
C TYR C 545 -24.15 -10.65 37.29
N GLY C 546 -23.40 -9.74 36.67
CA GLY C 546 -23.84 -9.11 35.45
C GLY C 546 -24.75 -7.91 35.63
N VAL C 547 -24.98 -7.47 36.86
CA VAL C 547 -25.82 -6.30 37.10
C VAL C 547 -25.13 -5.07 36.53
N ARG C 548 -25.86 -4.30 35.74
CA ARG C 548 -25.33 -3.05 35.23
C ARG C 548 -25.11 -2.06 36.36
N LEU C 549 -23.90 -1.50 36.44
CA LEU C 549 -23.49 -0.67 37.57
C LEU C 549 -23.82 0.80 37.33
N GLY C 550 -25.08 1.08 37.02
CA GLY C 550 -25.52 2.43 36.74
C GLY C 550 -26.75 2.41 35.87
N GLU C 551 -27.08 3.59 35.34
CA GLU C 551 -28.28 3.75 34.53
C GLU C 551 -28.06 4.92 33.59
N GLU C 552 -28.30 4.70 32.31
CA GLU C 552 -28.04 5.70 31.29
C GLU C 552 -28.86 6.95 31.51
N GLY C 553 -28.19 8.06 31.80
CA GLY C 553 -28.84 9.34 32.01
C GLY C 553 -29.33 9.61 33.42
N LYS C 554 -29.22 8.63 34.33
CA LYS C 554 -29.65 8.83 35.71
C LYS C 554 -28.52 8.61 36.71
N ILE C 555 -27.75 7.53 36.57
CA ILE C 555 -26.68 7.18 37.49
C ILE C 555 -25.44 6.92 36.64
N ASP C 556 -24.57 7.92 36.51
CA ASP C 556 -23.36 7.78 35.69
C ASP C 556 -22.28 8.65 36.33
N ALA C 557 -21.49 8.03 37.21
CA ALA C 557 -20.40 8.76 37.86
C ALA C 557 -19.23 8.99 36.92
N VAL C 558 -18.93 8.01 36.06
CA VAL C 558 -17.77 8.12 35.18
C VAL C 558 -17.94 9.27 34.20
N SER C 559 -19.17 9.53 33.75
CA SER C 559 -19.39 10.64 32.82
C SER C 559 -19.10 11.98 33.48
N VAL C 560 -19.37 12.12 34.78
CA VAL C 560 -19.06 13.36 35.47
C VAL C 560 -17.57 13.47 35.76
N ILE C 561 -16.94 12.35 36.13
CA ILE C 561 -15.50 12.34 36.38
C ILE C 561 -14.74 12.74 35.12
N ASN C 562 -15.14 12.18 33.97
CA ASN C 562 -14.44 12.46 32.72
C ASN C 562 -14.63 13.89 32.26
N LEU C 563 -15.63 14.60 32.78
CA LEU C 563 -15.81 16.01 32.45
C LEU C 563 -15.00 16.94 33.33
N ASN C 564 -14.52 16.47 34.49
CA ASN C 564 -13.80 17.30 35.44
C ASN C 564 -12.35 16.90 35.63
N ALA C 565 -11.93 15.74 35.13
CA ALA C 565 -10.60 15.23 35.41
C ALA C 565 -9.51 16.15 34.87
N GLN C 566 -9.62 16.54 33.60
CA GLN C 566 -8.57 17.36 33.00
C GLN C 566 -8.54 18.76 33.61
N LYS C 567 -9.72 19.34 33.86
CA LYS C 567 -9.78 20.65 34.51
C LYS C 567 -9.10 20.63 35.87
N ILE C 568 -9.32 19.57 36.65
CA ILE C 568 -8.68 19.46 37.95
C ILE C 568 -7.18 19.24 37.80
N SER C 569 -6.77 18.44 36.80
CA SER C 569 -5.35 18.17 36.59
C SER C 569 -4.56 19.42 36.24
N LEU C 570 -5.23 20.50 35.83
CA LEU C 570 -4.57 21.73 35.44
C LEU C 570 -4.69 22.84 36.49
N TYR C 571 -5.12 22.50 37.71
CA TYR C 571 -5.17 23.50 38.78
C TYR C 571 -3.79 24.07 39.07
N ASN C 572 -2.78 23.20 39.13
CA ASN C 572 -1.39 23.64 39.23
C ASN C 572 -0.59 22.98 38.11
N HIS C 573 0.14 23.79 37.36
CA HIS C 573 0.88 23.31 36.19
C HIS C 573 2.08 24.21 35.97
N HIS C 574 2.93 23.78 35.04
CA HIS C 574 4.12 24.55 34.69
C HIS C 574 3.80 25.65 33.69
N ALA D 2 61.82 -35.81 40.86
CA ALA D 2 62.53 -35.99 39.60
C ALA D 2 62.59 -37.46 39.21
N THR D 3 61.42 -38.08 39.12
CA THR D 3 61.30 -39.49 38.77
C THR D 3 60.82 -39.65 37.33
N VAL D 4 61.29 -40.72 36.69
CA VAL D 4 60.98 -41.00 35.30
C VAL D 4 60.00 -42.17 35.25
N LEU D 5 58.99 -42.06 34.39
CA LEU D 5 57.97 -43.08 34.22
C LEU D 5 57.80 -43.39 32.74
N SER D 6 57.10 -44.49 32.46
CA SER D 6 56.95 -44.96 31.09
C SER D 6 55.72 -45.87 31.04
N PRO D 7 55.16 -46.10 29.84
CA PRO D 7 53.98 -46.98 29.75
C PRO D 7 54.20 -48.38 30.29
N ASN D 8 55.36 -48.99 30.05
CA ASN D 8 55.61 -50.33 30.59
C ASN D 8 55.62 -50.33 32.11
N GLN D 9 55.94 -49.20 32.73
CA GLN D 9 55.87 -49.04 34.17
C GLN D 9 54.52 -48.52 34.65
N ASN D 10 53.58 -48.29 33.74
CA ASN D 10 52.27 -47.72 34.06
C ASN D 10 51.15 -48.67 33.63
N ASN D 11 51.43 -49.96 33.57
CA ASN D 11 50.48 -50.98 33.13
C ASN D 11 49.96 -50.69 31.72
N ASN D 12 50.88 -50.31 30.82
CA ASN D 12 50.59 -50.09 29.41
C ASN D 12 49.50 -49.04 29.21
N SER D 13 49.44 -48.05 30.09
CA SER D 13 48.40 -47.02 30.05
C SER D 13 49.03 -45.64 29.85
N GLY D 14 48.37 -44.82 29.05
CA GLY D 14 48.77 -43.44 28.86
C GLY D 14 48.24 -42.48 29.90
N SER D 15 47.48 -42.97 30.87
CA SER D 15 46.95 -42.13 31.95
C SER D 15 48.09 -41.80 32.91
N ILE D 16 48.72 -40.64 32.72
CA ILE D 16 49.82 -40.20 33.56
C ILE D 16 49.30 -40.04 34.99
N PRO D 17 49.86 -40.75 35.96
CA PRO D 17 49.30 -40.70 37.32
C PRO D 17 49.65 -39.42 38.05
N THR D 18 48.85 -39.13 39.06
CA THR D 18 49.05 -37.95 39.89
C THR D 18 49.88 -38.30 41.12
N GLY D 19 50.18 -37.30 41.94
CA GLY D 19 50.91 -37.49 43.17
C GLY D 19 52.40 -37.24 43.10
N TYR D 20 52.92 -36.77 41.97
CA TYR D 20 54.33 -36.50 41.80
C TYR D 20 54.56 -35.01 41.65
N SER D 21 55.50 -34.47 42.44
CA SER D 21 55.81 -33.05 42.35
C SER D 21 56.56 -32.72 41.07
N ASP D 22 57.33 -33.68 40.53
CA ASP D 22 58.08 -33.46 39.30
C ASP D 22 58.19 -34.82 38.60
N LEU D 23 57.33 -35.04 37.62
CA LEU D 23 57.22 -36.33 36.94
C LEU D 23 57.64 -36.20 35.49
N GLU D 24 58.23 -37.28 34.96
CA GLU D 24 58.65 -37.36 33.57
C GLU D 24 58.13 -38.65 32.96
N PHE D 25 57.31 -38.52 31.92
CA PHE D 25 56.71 -39.66 31.24
C PHE D 25 57.39 -39.82 29.89
N SER D 26 58.10 -40.93 29.71
CA SER D 26 58.94 -41.16 28.53
C SER D 26 58.32 -42.20 27.62
N LEU D 27 58.41 -41.96 26.32
CA LEU D 27 57.93 -42.88 25.29
C LEU D 27 59.11 -43.29 24.41
N ALA D 28 59.22 -44.59 24.13
CA ALA D 28 60.30 -45.12 23.32
C ALA D 28 59.73 -46.14 22.34
N ASN D 29 60.60 -46.71 21.51
CA ASN D 29 60.17 -47.68 20.52
C ASN D 29 59.67 -48.96 21.19
N GLY D 30 60.40 -49.45 22.19
CA GLY D 30 59.97 -50.60 22.96
C GLY D 30 59.10 -50.26 24.15
N ASN D 31 58.73 -48.99 24.32
CA ASN D 31 57.91 -48.55 25.45
C ASN D 31 57.05 -47.40 24.95
N TRP D 32 55.84 -47.72 24.51
CA TRP D 32 55.02 -46.74 23.80
C TRP D 32 53.54 -47.01 24.03
N VAL D 33 52.77 -45.94 24.02
CA VAL D 33 51.31 -46.00 24.03
C VAL D 33 50.79 -44.85 23.17
N LYS D 34 49.64 -45.06 22.54
CA LYS D 34 49.15 -44.11 21.56
C LYS D 34 48.51 -42.89 22.22
N ASN D 35 47.56 -43.11 23.12
CA ASN D 35 46.77 -42.04 23.71
C ASN D 35 47.24 -41.77 25.14
N LEU D 36 47.47 -40.49 25.43
CA LEU D 36 47.94 -40.05 26.75
C LEU D 36 46.96 -39.03 27.33
N SER D 37 47.04 -38.86 28.65
CA SER D 37 46.18 -37.90 29.33
C SER D 37 46.83 -37.50 30.64
N LEU D 38 46.55 -36.26 31.08
CA LEU D 38 47.05 -35.70 32.32
C LEU D 38 46.02 -35.87 33.44
N PRO D 39 46.47 -36.04 34.68
CA PRO D 39 45.53 -36.25 35.79
C PRO D 39 44.81 -34.96 36.18
N THR D 40 43.60 -35.12 36.70
CA THR D 40 42.77 -34.00 37.11
C THR D 40 42.79 -33.78 38.63
N ASN D 41 43.67 -34.47 39.35
CA ASN D 41 43.69 -34.44 40.81
C ASN D 41 45.09 -34.10 41.32
N ALA D 42 45.70 -33.08 40.72
CA ALA D 42 47.08 -32.71 41.02
C ALA D 42 47.13 -31.58 42.04
N ASN D 43 48.33 -31.38 42.60
CA ASN D 43 48.60 -30.25 43.47
C ASN D 43 48.96 -29.03 42.63
N ASN D 44 49.19 -27.90 43.31
CA ASN D 44 49.27 -26.62 42.62
C ASN D 44 50.43 -26.59 41.63
N SER D 45 51.66 -26.69 42.11
CA SER D 45 52.84 -26.53 41.27
C SER D 45 53.43 -27.87 40.82
N ASP D 46 52.59 -28.88 40.62
CA ASP D 46 53.06 -30.15 40.09
C ASP D 46 53.52 -29.98 38.64
N LYS D 47 54.58 -30.69 38.29
CA LYS D 47 55.20 -30.56 36.97
C LYS D 47 55.25 -31.92 36.29
N ILE D 48 54.76 -31.97 35.05
CA ILE D 48 54.78 -33.18 34.23
C ILE D 48 55.41 -32.83 32.89
N THR D 49 56.43 -33.58 32.50
CA THR D 49 57.10 -33.39 31.22
C THR D 49 57.03 -34.69 30.43
N ILE D 50 56.58 -34.59 29.19
CA ILE D 50 56.40 -35.75 28.31
C ILE D 50 57.44 -35.66 27.20
N ARG D 51 58.29 -36.68 27.11
CA ARG D 51 59.26 -36.80 26.03
C ARG D 51 59.00 -38.07 25.25
N SER D 52 59.41 -38.08 23.98
CA SER D 52 59.21 -39.24 23.13
C SER D 52 60.35 -39.38 22.14
N SER D 53 60.89 -40.59 22.07
CA SER D 53 61.86 -40.96 21.03
C SER D 53 61.34 -42.11 20.17
N ALA D 54 60.04 -42.40 20.24
CA ALA D 54 59.47 -43.52 19.50
C ALA D 54 59.19 -43.14 18.06
N ALA D 55 59.28 -44.13 17.17
CA ALA D 55 58.98 -43.90 15.77
C ALA D 55 57.48 -43.69 15.54
N TYR D 56 56.65 -44.23 16.41
CA TYR D 56 55.20 -44.07 16.30
C TYR D 56 54.75 -42.81 17.01
N SER D 57 53.79 -42.12 16.41
CA SER D 57 53.28 -40.89 17.00
C SER D 57 52.38 -41.18 18.19
N SER D 58 52.26 -40.20 19.07
CA SER D 58 51.38 -40.27 20.22
C SER D 58 50.51 -39.02 20.26
N TYR D 59 49.39 -39.12 20.99
CA TYR D 59 48.39 -38.06 21.03
C TYR D 59 47.97 -37.81 22.47
N LEU D 60 47.92 -36.55 22.86
CA LEU D 60 47.67 -36.16 24.24
C LEU D 60 46.30 -35.50 24.36
N ASP D 61 45.52 -35.96 25.33
CA ASP D 61 44.24 -35.31 25.65
C ASP D 61 44.51 -33.97 26.30
N THR D 62 44.02 -32.89 25.67
CA THR D 62 44.25 -31.53 26.14
C THR D 62 42.99 -30.91 26.75
N SER D 63 42.04 -31.73 27.18
CA SER D 63 40.78 -31.20 27.70
C SER D 63 40.94 -30.53 29.06
N ASN D 64 41.97 -30.91 29.84
CA ASN D 64 42.21 -30.31 31.15
C ASN D 64 43.47 -29.45 31.17
N THR D 65 43.84 -28.91 30.02
CA THR D 65 44.98 -28.01 29.89
C THR D 65 44.47 -26.63 29.44
N ASN D 66 45.41 -25.72 29.23
CA ASN D 66 45.10 -24.38 28.72
C ASN D 66 45.34 -24.26 27.22
N ILE D 67 45.56 -25.37 26.53
CA ILE D 67 45.80 -25.37 25.09
C ILE D 67 44.44 -25.41 24.39
N PRO D 68 44.12 -24.42 23.55
CA PRO D 68 42.80 -24.41 22.89
C PRO D 68 42.61 -25.52 21.87
N LEU D 69 43.68 -26.20 21.46
CA LEU D 69 43.55 -27.27 20.49
C LEU D 69 42.98 -28.53 21.15
N GLU D 70 42.33 -29.35 20.34
CA GLU D 70 41.65 -30.53 20.86
C GLU D 70 42.63 -31.63 21.24
N VAL D 71 43.60 -31.91 20.37
CA VAL D 71 44.57 -32.98 20.60
C VAL D 71 45.96 -32.45 20.30
N LEU D 72 46.93 -32.93 21.06
CA LEU D 72 48.33 -32.59 20.88
C LEU D 72 49.07 -33.82 20.34
N LYS D 73 49.65 -33.68 19.15
CA LYS D 73 50.40 -34.79 18.54
C LYS D 73 51.84 -34.78 19.06
N ILE D 74 52.30 -35.95 19.50
CA ILE D 74 53.64 -36.10 20.06
C ILE D 74 54.47 -36.94 19.10
N ASN D 75 55.60 -36.39 18.68
CA ASN D 75 56.50 -37.04 17.74
C ASN D 75 57.86 -37.29 18.41
N SER D 76 58.71 -38.03 17.71
CA SER D 76 60.04 -38.30 18.21
C SER D 76 60.85 -37.01 18.32
N GLY D 77 61.37 -36.74 19.50
CA GLY D 77 62.10 -35.53 19.78
C GLY D 77 61.31 -34.44 20.45
N ASP D 78 59.98 -34.57 20.50
CA ASP D 78 59.15 -33.56 21.15
C ASP D 78 59.31 -33.64 22.67
N VAL D 79 59.32 -32.47 23.31
CA VAL D 79 59.41 -32.35 24.76
C VAL D 79 58.34 -31.36 25.20
N TYR D 80 57.27 -31.87 25.80
CA TYR D 80 56.18 -31.05 26.31
C TYR D 80 56.25 -31.01 27.83
N GLN D 81 56.01 -29.84 28.39
CA GLN D 81 56.10 -29.61 29.83
C GLN D 81 54.86 -28.86 30.30
N PHE D 82 54.21 -29.39 31.34
CA PHE D 82 53.00 -28.80 31.88
C PHE D 82 53.18 -28.56 33.38
N ILE D 83 52.61 -27.45 33.86
CA ILE D 83 52.62 -27.10 35.27
C ILE D 83 51.18 -26.82 35.68
N PHE D 84 50.70 -27.54 36.69
CA PHE D 84 49.31 -27.42 37.12
C PHE D 84 49.06 -26.04 37.75
N ASN D 85 47.79 -25.77 38.03
CA ASN D 85 47.39 -24.53 38.70
C ASN D 85 46.03 -24.77 39.34
N SER D 86 45.97 -24.66 40.67
CA SER D 86 44.72 -24.91 41.37
C SER D 86 43.72 -23.77 41.16
N SER D 87 44.21 -22.54 40.97
CA SER D 87 43.31 -21.41 40.78
C SER D 87 42.49 -21.55 39.51
N GLN D 88 43.04 -22.20 38.49
CA GLN D 88 42.33 -22.43 37.24
C GLN D 88 41.97 -23.88 37.01
N ASN D 89 42.50 -24.80 37.81
CA ASN D 89 42.21 -26.23 37.70
C ASN D 89 42.56 -26.77 36.32
N LYS D 90 43.72 -26.34 35.80
CA LYS D 90 44.17 -26.76 34.49
C LYS D 90 45.69 -26.85 34.49
N TRP D 91 46.22 -27.68 33.59
CA TRP D 91 47.65 -27.79 33.37
C TRP D 91 48.08 -26.73 32.37
N ILE D 92 49.01 -25.87 32.77
CA ILE D 92 49.51 -24.80 31.89
C ILE D 92 50.73 -25.30 31.15
N ALA D 93 50.70 -25.19 29.82
CA ALA D 93 51.80 -25.67 29.00
C ALA D 93 52.95 -24.67 29.01
N GLN D 94 54.16 -25.19 29.00
CA GLN D 94 55.39 -24.40 28.97
C GLN D 94 56.04 -24.67 27.61
N LEU D 95 55.65 -23.86 26.62
CA LEU D 95 56.11 -24.06 25.25
C LEU D 95 57.39 -23.28 24.98
N ALA D 96 58.16 -23.78 24.03
CA ALA D 96 59.36 -23.07 23.58
C ALA D 96 58.98 -21.71 23.00
N THR D 97 59.49 -20.65 23.61
CA THR D 97 59.11 -19.29 23.28
C THR D 97 60.22 -18.61 22.49
N VAL D 98 59.84 -17.94 21.40
CA VAL D 98 60.74 -17.11 20.61
C VAL D 98 60.08 -15.76 20.41
N SER D 99 60.88 -14.69 20.46
CA SER D 99 60.34 -13.35 20.39
C SER D 99 61.15 -12.49 19.42
N PRO D 100 60.51 -11.47 18.82
CA PRO D 100 61.28 -10.48 18.07
C PRO D 100 62.20 -9.71 19.01
N THR D 101 63.42 -9.45 18.54
CA THR D 101 64.47 -8.87 19.36
C THR D 101 64.99 -7.51 18.91
N THR D 102 64.72 -7.08 17.68
CA THR D 102 65.31 -5.84 17.19
C THR D 102 64.42 -4.62 17.35
N GLY D 103 63.10 -4.78 17.34
CA GLY D 103 62.22 -3.63 17.43
C GLY D 103 62.11 -2.85 16.16
N SER D 104 62.44 -3.46 15.03
CA SER D 104 62.46 -2.81 13.73
C SER D 104 61.08 -2.93 13.09
N ASN D 105 60.99 -2.64 11.80
CA ASN D 105 59.71 -2.68 11.09
C ASN D 105 59.38 -4.06 10.55
N TYR D 106 60.38 -4.92 10.37
CA TYR D 106 60.17 -6.25 9.83
C TYR D 106 61.22 -7.18 10.42
N GLU D 107 60.77 -8.33 10.92
CA GLU D 107 61.68 -9.31 11.51
C GLU D 107 61.17 -10.72 11.20
N LEU D 108 62.04 -11.54 10.63
CA LEU D 108 61.74 -12.96 10.44
C LEU D 108 61.94 -13.71 11.74
N ILE D 109 60.99 -14.57 12.08
CA ILE D 109 61.01 -15.31 13.34
C ILE D 109 61.72 -16.64 13.11
N PRO D 110 62.79 -16.94 13.84
CA PRO D 110 63.44 -18.25 13.71
C PRO D 110 62.69 -19.30 14.53
N LEU D 111 62.28 -20.39 13.87
CA LEU D 111 61.59 -21.49 14.52
C LEU D 111 62.49 -22.73 14.54
N THR D 112 62.35 -23.51 15.62
CA THR D 112 63.06 -24.77 15.75
C THR D 112 62.27 -25.88 15.06
N THR D 113 62.68 -27.13 15.25
CA THR D 113 61.99 -28.28 14.70
C THR D 113 60.91 -28.82 15.63
N ALA D 114 60.68 -28.18 16.77
CA ALA D 114 59.64 -28.63 17.70
C ALA D 114 58.27 -28.52 17.04
N THR D 115 57.42 -29.53 17.31
CA THR D 115 56.08 -29.55 16.72
C THR D 115 55.27 -28.33 17.14
N MSE D 116 55.36 -27.95 18.41
CA MSE D 116 54.62 -26.80 18.91
C MSE D 116 55.54 -25.76 19.54
O MSE D 116 56.31 -26.06 20.45
CB MSE D 116 53.56 -27.25 19.92
CG MSE D 116 52.76 -26.10 20.52
SE MSE D 116 51.11 -26.71 21.34
CE MSE D 116 50.21 -27.35 19.73
N GLN D 117 55.45 -24.52 19.04
CA GLN D 117 56.26 -23.42 19.52
C GLN D 117 55.36 -22.21 19.76
N LYS D 118 55.88 -21.25 20.53
CA LYS D 118 55.15 -20.04 20.87
C LYS D 118 55.94 -18.81 20.43
N VAL D 119 55.29 -17.93 19.68
CA VAL D 119 55.85 -16.63 19.32
C VAL D 119 55.20 -15.59 20.20
N LEU D 120 56.00 -14.92 21.03
CA LEU D 120 55.50 -14.03 22.07
C LEU D 120 56.01 -12.62 21.81
N ILE D 121 55.09 -11.66 21.74
CA ILE D 121 55.42 -10.26 21.52
C ILE D 121 55.16 -9.50 22.81
N GLN D 122 56.17 -8.74 23.26
CA GLN D 122 56.09 -7.95 24.48
C GLN D 122 56.51 -6.53 24.19
N ASP D 123 56.30 -5.65 25.19
CA ASP D 123 56.70 -4.25 25.07
C ASP D 123 58.20 -4.15 24.74
N ASP D 124 59.02 -4.96 25.41
CA ASP D 124 60.46 -4.94 25.23
C ASP D 124 60.96 -5.90 24.16
N LYS D 125 60.09 -6.79 23.68
CA LYS D 125 60.42 -7.74 22.61
C LYS D 125 59.35 -7.58 21.53
N TRP D 126 59.58 -6.65 20.61
CA TRP D 126 58.53 -6.19 19.71
C TRP D 126 59.10 -6.00 18.30
N ALA D 127 58.21 -6.06 17.32
CA ALA D 127 58.53 -5.75 15.93
C ALA D 127 57.23 -5.31 15.25
N GLN D 128 57.37 -4.36 14.31
CA GLN D 128 56.18 -3.85 13.62
C GLN D 128 55.47 -4.96 12.86
N THR D 129 56.23 -5.77 12.11
CA THR D 129 55.68 -6.88 11.35
C THR D 129 56.60 -8.09 11.55
N ILE D 130 56.02 -9.19 12.02
CA ILE D 130 56.76 -10.44 12.19
C ILE D 130 56.36 -11.39 11.08
N ALA D 131 57.33 -12.20 10.63
CA ALA D 131 57.14 -13.12 9.53
C ALA D 131 57.44 -14.54 9.99
N LEU D 132 56.51 -15.45 9.70
CA LEU D 132 56.75 -16.87 9.97
C LEU D 132 57.61 -17.47 8.87
N PRO D 133 58.56 -18.33 9.22
CA PRO D 133 59.42 -18.92 8.19
C PRO D 133 58.68 -19.92 7.33
N SER D 134 59.06 -19.97 6.06
CA SER D 134 58.50 -20.94 5.13
C SER D 134 59.33 -22.22 5.13
N ASP D 135 58.77 -23.27 4.51
CA ASP D 135 59.41 -24.56 4.37
C ASP D 135 59.86 -25.11 5.72
N VAL D 136 58.88 -25.30 6.62
CA VAL D 136 59.13 -25.98 7.88
C VAL D 136 58.48 -27.36 7.79
N ARG D 137 58.77 -28.19 8.78
CA ARG D 137 58.27 -29.55 8.75
C ARG D 137 56.74 -29.54 8.80
N ASP D 138 56.12 -30.30 7.90
CA ASP D 138 54.67 -30.35 7.79
C ASP D 138 54.05 -30.70 9.14
N GLY D 139 53.04 -29.93 9.52
CA GLY D 139 52.39 -30.10 10.80
C GLY D 139 52.89 -29.22 11.92
N THR D 140 53.93 -28.41 11.66
CA THR D 140 54.45 -27.50 12.68
C THR D 140 53.36 -26.54 13.11
N THR D 141 53.09 -26.49 14.42
CA THR D 141 52.06 -25.64 14.99
C THR D 141 52.71 -24.55 15.83
N VAL D 142 52.30 -23.31 15.62
CA VAL D 142 52.86 -22.16 16.32
C VAL D 142 51.72 -21.34 16.92
N GLN D 143 51.94 -20.88 18.16
CA GLN D 143 51.01 -19.99 18.84
C GLN D 143 51.59 -18.58 18.83
N VAL D 144 50.89 -17.64 18.19
CA VAL D 144 51.32 -16.25 18.12
C VAL D 144 50.50 -15.47 19.14
N VAL D 145 51.19 -14.88 20.12
CA VAL D 145 50.55 -14.20 21.24
C VAL D 145 51.31 -12.91 21.51
N SER D 146 50.58 -11.85 21.86
CA SER D 146 51.17 -10.55 22.15
C SER D 146 50.60 -10.02 23.47
N THR D 147 51.50 -9.53 24.32
CA THR D 147 51.11 -8.79 25.52
C THR D 147 51.55 -7.33 25.47
N ALA D 148 52.11 -6.89 24.35
CA ALA D 148 52.59 -5.52 24.22
C ALA D 148 51.43 -4.55 24.09
N SER D 149 51.71 -3.30 24.44
CA SER D 149 50.71 -2.24 24.37
C SER D 149 50.66 -1.56 23.01
N VAL D 150 51.72 -1.68 22.21
CA VAL D 150 51.73 -1.21 20.83
C VAL D 150 51.46 -2.40 19.93
N SER D 151 50.54 -2.22 18.98
CA SER D 151 50.09 -3.34 18.16
C SER D 151 51.10 -3.67 17.06
N SER D 152 51.01 -4.90 16.57
CA SER D 152 51.85 -5.37 15.48
C SER D 152 50.99 -6.28 14.59
N ASP D 153 51.61 -6.91 13.61
CA ASP D 153 50.89 -7.79 12.70
C ASP D 153 51.84 -8.83 12.12
N ILE D 154 51.25 -9.80 11.43
CA ILE D 154 51.97 -10.92 10.83
C ILE D 154 52.05 -10.70 9.33
N ASP D 155 53.22 -10.91 8.75
CA ASP D 155 53.36 -10.87 7.30
C ASP D 155 52.44 -11.91 6.66
N LYS D 156 51.75 -11.51 5.60
CA LYS D 156 50.67 -12.29 5.00
C LYS D 156 51.11 -13.11 3.80
N THR D 157 52.37 -13.02 3.39
CA THR D 157 52.80 -13.67 2.16
C THR D 157 52.56 -15.18 2.19
N ASN D 158 53.00 -15.85 3.25
CA ASN D 158 52.89 -17.29 3.36
C ASN D 158 51.70 -17.74 4.20
N LEU D 159 50.73 -16.87 4.41
CA LEU D 159 49.50 -17.24 5.09
C LEU D 159 48.43 -17.66 4.08
N LEU D 160 47.56 -18.57 4.51
CA LEU D 160 46.54 -19.08 3.61
C LEU D 160 45.67 -17.96 3.05
N PHE D 161 45.26 -17.02 3.90
CA PHE D 161 44.50 -15.86 3.46
C PHE D 161 45.06 -14.61 4.13
N PRO D 162 45.08 -13.48 3.42
CA PRO D 162 45.61 -12.23 3.99
C PRO D 162 44.61 -11.54 4.90
N SER D 163 44.24 -12.20 5.99
CA SER D 163 43.26 -11.66 6.92
C SER D 163 43.91 -10.58 7.80
N SER D 164 43.09 -10.00 8.68
CA SER D 164 43.53 -8.90 9.54
C SER D 164 44.24 -9.44 10.78
N PHE D 165 45.39 -10.08 10.55
CA PHE D 165 46.17 -10.69 11.62
C PHE D 165 46.98 -9.62 12.35
N THR D 166 46.27 -8.74 13.04
CA THR D 166 46.90 -7.74 13.90
C THR D 166 46.97 -8.25 15.33
N LEU D 167 48.03 -7.86 16.03
CA LEU D 167 48.33 -8.37 17.36
C LEU D 167 48.38 -7.22 18.37
N LYS D 168 47.40 -7.14 19.25
CA LYS D 168 47.45 -6.25 20.39
C LYS D 168 47.51 -7.09 21.67
N ASN D 169 47.55 -6.40 22.81
CA ASN D 169 47.55 -7.08 24.10
C ASN D 169 46.32 -7.99 24.25
N GLY D 170 46.57 -9.29 24.33
CA GLY D 170 45.51 -10.29 24.44
C GLY D 170 45.25 -11.09 23.18
N SER D 171 45.86 -10.73 22.06
CA SER D 171 45.67 -11.46 20.83
C SER D 171 46.30 -12.84 20.91
N GLU D 172 45.69 -13.81 20.22
CA GLU D 172 46.18 -15.19 20.23
C GLU D 172 45.76 -15.85 18.93
N TYR D 173 46.74 -16.22 18.11
CA TYR D 173 46.51 -16.91 16.84
C TYR D 173 47.34 -18.19 16.81
N TRP D 174 46.71 -19.29 16.41
CA TRP D 174 47.39 -20.57 16.24
C TRP D 174 47.42 -20.93 14.75
N PHE D 175 48.60 -21.24 14.25
CA PHE D 175 48.80 -21.62 12.86
C PHE D 175 49.45 -22.99 12.77
N LYS D 176 49.08 -23.73 11.72
CA LYS D 176 49.73 -24.99 11.38
C LYS D 176 50.15 -24.94 9.92
N TYR D 177 51.39 -25.34 9.64
CA TYR D 177 51.95 -25.27 8.30
C TYR D 177 51.60 -26.52 7.51
N TYR D 178 51.06 -26.31 6.30
CA TYR D 178 50.74 -27.40 5.37
C TYR D 178 51.70 -27.32 4.20
N SER D 179 52.60 -28.30 4.10
CA SER D 179 53.56 -28.31 3.01
C SER D 179 52.91 -28.58 1.67
N ALA D 180 51.75 -29.24 1.67
CA ALA D 180 51.01 -29.42 0.42
C ALA D 180 50.52 -28.09 -0.13
N LEU D 181 50.34 -27.09 0.73
CA LEU D 181 49.95 -25.76 0.30
C LEU D 181 51.09 -24.75 0.38
N GLY D 182 52.18 -25.08 1.08
CA GLY D 182 53.21 -24.10 1.35
C GLY D 182 52.66 -22.87 2.05
N LYS D 183 51.70 -23.06 2.96
CA LYS D 183 51.03 -21.95 3.62
C LYS D 183 50.81 -22.29 5.09
N TRP D 184 50.89 -21.26 5.93
CA TRP D 184 50.44 -21.37 7.31
C TRP D 184 48.92 -21.23 7.34
N VAL D 185 48.24 -22.22 7.90
CA VAL D 185 46.79 -22.29 7.91
C VAL D 185 46.29 -22.01 9.32
N PRO D 186 45.35 -21.09 9.50
CA PRO D 186 44.84 -20.81 10.84
C PRO D 186 44.05 -21.99 11.38
N GLU D 187 44.41 -22.44 12.58
CA GLU D 187 43.71 -23.54 13.24
C GLU D 187 42.89 -23.10 14.43
N TYR D 188 43.26 -22.02 15.11
CA TYR D 188 42.45 -21.46 16.18
C TYR D 188 42.69 -19.96 16.24
N ILE D 189 41.61 -19.19 16.27
CA ILE D 189 41.67 -17.73 16.37
C ILE D 189 40.88 -17.33 17.60
N LYS D 190 41.56 -16.70 18.55
CA LYS D 190 40.88 -16.18 19.73
C LYS D 190 40.01 -15.00 19.34
N PRO D 191 38.70 -15.05 19.56
CA PRO D 191 37.84 -13.98 19.03
C PRO D 191 38.00 -12.69 19.80
N GLN D 192 37.87 -11.58 19.07
CA GLN D 192 37.76 -10.25 19.67
C GLN D 192 36.29 -10.00 19.97
N LYS D 193 35.96 -9.88 21.25
CA LYS D 193 34.58 -9.80 21.70
C LYS D 193 34.16 -8.34 21.88
N LEU D 194 33.02 -7.99 21.29
CA LEU D 194 32.47 -6.64 21.39
C LEU D 194 31.00 -6.73 21.79
N ASN D 195 30.59 -5.85 22.70
CA ASN D 195 29.18 -5.67 23.02
C ASN D 195 28.61 -4.59 22.11
N VAL D 196 27.47 -4.88 21.47
CA VAL D 196 26.91 -3.98 20.47
C VAL D 196 26.56 -2.63 21.06
N GLN D 197 26.35 -2.53 22.38
CA GLN D 197 26.12 -1.25 23.01
C GLN D 197 27.34 -0.34 22.93
N GLN D 198 28.53 -0.91 22.82
CA GLN D 198 29.76 -0.12 22.72
C GLN D 198 29.94 0.51 21.35
N ILE D 199 29.45 -0.15 20.30
CA ILE D 199 29.69 0.28 18.92
C ILE D 199 28.44 0.81 18.24
N GLY D 200 27.26 0.65 18.84
CA GLY D 200 26.05 1.16 18.22
C GLY D 200 25.53 0.28 17.10
N THR D 201 24.85 0.92 16.15
CA THR D 201 24.15 0.24 15.07
C THR D 201 25.05 -0.08 13.87
N SER D 202 26.36 0.14 13.98
CA SER D 202 27.23 -0.09 12.85
C SER D 202 28.64 -0.41 13.33
N LEU D 203 29.36 -1.17 12.52
CA LEU D 203 30.79 -1.43 12.71
C LEU D 203 31.51 -0.91 11.48
N ALA D 204 32.31 0.15 11.66
CA ALA D 204 33.01 0.75 10.52
C ALA D 204 34.05 -0.19 9.94
N ALA D 205 34.83 -0.85 10.80
CA ALA D 205 35.90 -1.72 10.34
C ALA D 205 36.17 -2.79 11.39
N VAL D 206 36.75 -3.89 10.93
CA VAL D 206 37.14 -4.97 11.83
C VAL D 206 38.59 -4.79 12.23
N ASN D 207 38.96 -5.39 13.36
CA ASN D 207 40.28 -5.22 13.95
C ASN D 207 41.06 -6.52 14.06
N SER D 208 40.44 -7.66 13.75
CA SER D 208 41.04 -8.96 13.95
C SER D 208 40.36 -9.94 12.99
N PRO D 209 40.93 -11.13 12.80
CA PRO D 209 40.31 -12.08 11.86
C PRO D 209 38.98 -12.64 12.33
N LEU D 210 38.64 -12.49 13.61
CA LEU D 210 37.40 -13.02 14.15
C LEU D 210 36.85 -12.02 15.16
N THR D 211 35.75 -11.35 14.79
CA THR D 211 35.07 -10.42 15.67
C THR D 211 33.75 -11.03 16.12
N GLU D 212 33.47 -10.95 17.42
CA GLU D 212 32.29 -11.58 18.01
C GLU D 212 31.46 -10.49 18.69
N ILE D 213 30.27 -10.23 18.16
CA ILE D 213 29.40 -9.14 18.60
C ILE D 213 28.22 -9.74 19.34
N ALA D 214 28.07 -9.37 20.61
CA ALA D 214 27.05 -9.95 21.48
C ALA D 214 25.86 -9.00 21.65
N PHE D 215 24.66 -9.55 21.55
CA PHE D 215 23.42 -8.85 21.89
C PHE D 215 22.85 -9.44 23.17
N GLY D 216 22.30 -8.59 24.02
CA GLY D 216 21.68 -9.07 25.25
C GLY D 216 20.73 -8.03 25.80
N ASP D 217 20.10 -8.37 26.92
CA ASP D 217 19.27 -7.41 27.62
C ASP D 217 20.15 -6.37 28.29
N GLY D 218 19.87 -5.09 28.06
CA GLY D 218 20.75 -4.03 28.45
C GLY D 218 21.93 -3.81 27.53
N ASN D 219 22.04 -4.60 26.46
CA ASN D 219 23.11 -4.46 25.47
C ASN D 219 22.49 -4.86 24.12
N TRP D 220 21.94 -3.87 23.42
CA TRP D 220 21.02 -4.18 22.34
C TRP D 220 20.78 -2.95 21.48
N VAL D 221 20.68 -3.15 20.17
CA VAL D 221 20.22 -2.14 19.23
C VAL D 221 19.20 -2.79 18.31
N SER D 222 18.46 -1.95 17.57
CA SER D 222 17.37 -2.47 16.75
C SER D 222 17.85 -3.00 15.41
N ASN D 223 18.97 -2.50 14.91
CA ASN D 223 19.49 -2.96 13.63
C ASN D 223 21.00 -2.72 13.61
N PHE D 224 21.69 -3.50 12.76
CA PHE D 224 23.15 -3.50 12.74
C PHE D 224 23.63 -3.66 11.31
N THR D 225 24.65 -2.90 10.93
CA THR D 225 25.22 -2.93 9.60
C THR D 225 26.67 -3.40 9.65
N LEU D 226 26.99 -4.40 8.85
CA LEU D 226 28.35 -4.89 8.76
C LEU D 226 29.24 -3.87 8.06
N PRO D 227 30.56 -3.95 8.23
CA PRO D 227 31.45 -3.05 7.50
C PRO D 227 31.32 -3.24 5.99
N THR D 228 31.64 -2.18 5.25
CA THR D 228 31.58 -2.24 3.80
C THR D 228 32.74 -3.02 3.21
N THR D 229 33.85 -3.13 3.93
CA THR D 229 35.03 -3.81 3.45
C THR D 229 35.83 -4.35 4.63
N ALA D 230 36.65 -5.35 4.36
CA ALA D 230 37.54 -5.93 5.36
C ALA D 230 38.68 -6.62 4.62
N ASN D 231 39.53 -7.31 5.37
CA ASN D 231 40.56 -8.13 4.74
C ASN D 231 39.99 -9.50 4.39
N ASP D 232 40.66 -10.16 3.44
CA ASP D 232 40.16 -11.42 2.92
C ASP D 232 39.98 -12.45 4.03
N ARG D 233 38.77 -13.01 4.12
CA ARG D 233 38.41 -14.09 5.02
C ARG D 233 38.30 -13.64 6.48
N ASP D 234 38.20 -12.34 6.74
CA ASP D 234 37.81 -11.89 8.07
C ASP D 234 36.39 -12.37 8.38
N ARG D 235 36.15 -12.68 9.65
CA ARG D 235 34.87 -13.26 10.06
C ARG D 235 34.23 -12.44 11.16
N ILE D 236 32.90 -12.34 11.10
CA ILE D 236 32.10 -11.69 12.14
C ILE D 236 31.03 -12.67 12.58
N ILE D 237 31.00 -12.97 13.88
CA ILE D 237 29.94 -13.78 14.48
C ILE D 237 29.03 -12.85 15.26
N ILE D 238 27.72 -12.95 15.00
CA ILE D 238 26.73 -12.16 15.71
C ILE D 238 25.78 -13.11 16.42
N LYS D 239 25.76 -13.07 17.74
CA LYS D 239 24.88 -13.90 18.55
C LYS D 239 24.10 -13.03 19.53
N SER D 240 22.93 -13.51 19.93
CA SER D 240 22.06 -12.76 20.83
C SER D 240 21.51 -13.64 21.93
N THR D 241 21.46 -13.09 23.14
CA THR D 241 20.67 -13.64 24.23
C THR D 241 19.58 -12.67 24.67
N ALA D 242 19.37 -11.60 23.91
CA ALA D 242 18.37 -10.59 24.27
C ALA D 242 16.96 -11.12 24.07
N THR D 243 16.03 -10.52 24.81
CA THR D 243 14.62 -10.91 24.71
C THR D 243 14.02 -10.50 23.37
N TRP D 244 14.28 -9.26 22.95
CA TRP D 244 13.64 -8.69 21.77
C TRP D 244 14.53 -8.86 20.54
N SER D 245 13.91 -9.21 19.42
CA SER D 245 14.64 -9.47 18.19
C SER D 245 15.30 -8.20 17.65
N ALA D 246 16.29 -8.39 16.79
CA ALA D 246 16.96 -7.31 16.09
C ALA D 246 17.22 -7.75 14.66
N LYS D 247 17.51 -6.76 13.80
CA LYS D 247 17.72 -7.01 12.38
C LYS D 247 19.17 -6.78 12.00
N ILE D 248 19.77 -7.75 11.33
CA ILE D 248 21.06 -7.56 10.69
C ILE D 248 20.79 -7.07 9.27
N ASN D 249 21.23 -5.86 8.97
CA ASN D 249 20.96 -5.26 7.67
C ASN D 249 21.65 -6.04 6.55
N ASN D 250 20.97 -6.15 5.41
CA ASN D 250 21.49 -6.93 4.29
C ASN D 250 22.55 -6.19 3.48
N THR D 251 22.74 -4.89 3.72
CA THR D 251 23.73 -4.14 2.97
C THR D 251 25.13 -4.68 3.24
N ASN D 252 25.95 -4.72 2.18
CA ASN D 252 27.31 -5.25 2.15
C ASN D 252 27.36 -6.77 2.32
N VAL D 253 26.21 -7.44 2.40
CA VAL D 253 26.15 -8.89 2.56
C VAL D 253 25.64 -9.51 1.27
N ASN D 254 26.21 -10.67 0.91
CA ASN D 254 25.80 -11.39 -0.30
C ASN D 254 24.57 -12.26 0.00
N SER D 255 23.51 -11.59 0.45
CA SER D 255 22.26 -12.27 0.76
C SER D 255 21.15 -11.25 0.96
N GLN D 256 19.99 -11.50 0.36
CA GLN D 256 18.81 -10.68 0.58
C GLN D 256 17.86 -11.31 1.59
N ALA D 257 18.25 -12.42 2.19
CA ALA D 257 17.38 -13.18 3.07
C ALA D 257 17.11 -12.41 4.37
N THR D 258 16.16 -12.92 5.15
CA THR D 258 15.74 -12.30 6.40
C THR D 258 16.77 -12.62 7.47
N LEU D 259 17.61 -11.65 7.81
CA LEU D 259 18.63 -11.81 8.84
C LEU D 259 18.14 -11.23 10.18
N THR D 260 17.10 -11.83 10.72
CA THR D 260 16.54 -11.42 12.01
C THR D 260 17.27 -12.15 13.13
N LEU D 261 17.68 -11.40 14.15
CA LEU D 261 18.48 -11.92 15.26
C LEU D 261 17.58 -12.08 16.47
N LYS D 262 17.15 -13.31 16.72
CA LYS D 262 16.27 -13.62 17.83
C LYS D 262 17.08 -14.17 19.02
N THR D 263 16.37 -14.44 20.11
CA THR D 263 17.01 -15.00 21.29
C THR D 263 17.67 -16.33 20.97
N GLY D 264 18.96 -16.44 21.28
CA GLY D 264 19.72 -17.64 21.03
C GLY D 264 20.23 -17.80 19.61
N ASP D 265 19.88 -16.91 18.70
CA ASP D 265 20.33 -17.02 17.32
C ASP D 265 21.81 -16.69 17.19
N GLN D 266 22.41 -17.20 16.12
CA GLN D 266 23.81 -16.90 15.82
C GLN D 266 23.99 -16.83 14.31
N TYR D 267 24.65 -15.77 13.85
CA TYR D 267 24.99 -15.59 12.44
C TYR D 267 26.50 -15.47 12.31
N GLU D 268 27.03 -16.01 11.22
CA GLU D 268 28.47 -15.92 10.92
C GLU D 268 28.65 -15.41 9.50
N PHE D 269 29.53 -14.42 9.34
CA PHE D 269 29.78 -13.81 8.04
C PHE D 269 31.27 -13.88 7.74
N MSE D 270 31.58 -13.98 6.45
CA MSE D 270 32.97 -14.05 5.99
C MSE D 270 33.18 -13.15 4.78
O MSE D 270 32.46 -13.27 3.79
CB MSE D 270 33.34 -15.49 5.65
CG MSE D 270 34.77 -15.67 5.17
SE MSE D 270 35.08 -17.45 4.45
CE MSE D 270 33.91 -17.35 2.89
N TYR D 271 34.16 -12.26 4.87
CA TYR D 271 34.42 -11.34 3.77
C TYR D 271 35.20 -12.02 2.66
N VAL D 272 34.85 -11.69 1.42
CA VAL D 272 35.46 -12.27 0.23
C VAL D 272 35.98 -11.11 -0.63
N SER D 273 37.30 -10.97 -0.70
CA SER D 273 37.91 -9.80 -1.31
C SER D 273 37.60 -9.69 -2.79
N ASP D 274 37.81 -10.78 -3.54
CA ASP D 274 37.60 -10.74 -4.99
C ASP D 274 36.16 -10.40 -5.35
N LYS D 275 35.21 -10.67 -4.45
CA LYS D 275 33.82 -10.30 -4.66
C LYS D 275 33.43 -9.00 -3.97
N GLY D 276 34.13 -8.64 -2.90
CA GLY D 276 33.86 -7.37 -2.23
C GLY D 276 32.62 -7.33 -1.37
N TYR D 277 32.25 -8.45 -0.75
CA TYR D 277 31.09 -8.47 0.13
C TYR D 277 31.30 -9.50 1.23
N TRP D 278 30.40 -9.49 2.21
CA TRP D 278 30.39 -10.49 3.28
C TRP D 278 29.55 -11.69 2.83
N GLN D 279 30.16 -12.86 2.84
CA GLN D 279 29.45 -14.11 2.55
C GLN D 279 28.79 -14.63 3.81
N LEU D 280 27.53 -15.03 3.71
CA LEU D 280 26.80 -15.61 4.83
C LEU D 280 27.09 -17.10 4.87
N ILE D 281 27.81 -17.54 5.90
CA ILE D 281 28.24 -18.93 6.00
C ILE D 281 27.53 -19.70 7.11
N SER D 282 26.77 -19.04 7.97
CA SER D 282 26.05 -19.72 9.03
C SER D 282 24.86 -18.87 9.46
N SER D 283 23.69 -19.49 9.55
CA SER D 283 22.46 -18.79 9.90
C SER D 283 21.52 -19.78 10.58
N PRO D 284 20.61 -19.29 11.42
CA PRO D 284 19.71 -20.19 12.15
C PRO D 284 18.67 -20.82 11.25
N THR D 285 18.11 -21.92 11.73
CA THR D 285 17.02 -22.63 11.05
C THR D 285 15.91 -22.89 12.05
N LYS D 286 14.73 -22.33 11.79
CA LYS D 286 13.56 -22.63 12.60
C LYS D 286 13.00 -23.98 12.16
N VAL D 287 12.84 -24.89 13.12
CA VAL D 287 12.42 -26.26 12.84
C VAL D 287 11.14 -26.55 13.59
N ILE D 288 10.10 -26.90 12.85
CA ILE D 288 8.86 -27.44 13.42
C ILE D 288 8.90 -28.95 13.18
N ASP D 289 9.26 -29.70 14.22
CA ASP D 289 9.55 -31.11 14.06
C ASP D 289 8.27 -31.95 14.14
N SER D 290 8.42 -33.26 14.00
CA SER D 290 7.29 -34.17 13.86
C SER D 290 6.43 -34.26 15.11
N THR D 291 6.90 -33.72 16.24
CA THR D 291 6.11 -33.71 17.47
C THR D 291 5.46 -32.37 17.77
N ALA D 292 5.83 -31.32 17.03
CA ALA D 292 5.24 -30.00 17.24
C ALA D 292 4.06 -29.78 16.30
N THR D 293 3.17 -28.87 16.70
CA THR D 293 2.02 -28.53 15.89
C THR D 293 2.44 -27.65 14.71
N ILE D 294 1.93 -27.97 13.53
CA ILE D 294 2.24 -27.25 12.30
C ILE D 294 1.02 -26.39 11.94
N PRO D 295 1.19 -25.08 11.78
CA PRO D 295 0.06 -24.24 11.40
C PRO D 295 -0.28 -24.38 9.91
N ALA D 296 -1.58 -24.24 9.61
CA ALA D 296 -2.02 -24.34 8.23
C ALA D 296 -1.39 -23.27 7.35
N ILE D 297 -1.23 -22.07 7.90
CA ILE D 297 -0.51 -20.98 7.25
C ILE D 297 0.83 -20.84 7.95
N LEU D 298 1.91 -21.12 7.21
CA LEU D 298 3.24 -21.08 7.80
C LEU D 298 3.60 -19.67 8.24
N PRO D 299 4.36 -19.54 9.33
CA PRO D 299 4.65 -18.20 9.87
C PRO D 299 5.58 -17.42 8.96
N ASN D 300 5.51 -16.10 9.09
CA ASN D 300 6.39 -15.22 8.33
C ASN D 300 7.84 -15.47 8.72
N MSE D 301 8.73 -15.36 7.73
CA MSE D 301 10.15 -15.68 7.93
C MSE D 301 10.82 -14.75 8.93
O MSE D 301 10.84 -13.53 8.76
CB MSE D 301 10.88 -15.62 6.58
CG MSE D 301 10.27 -16.49 5.50
SE MSE D 301 10.40 -18.40 5.86
CE MSE D 301 12.34 -18.60 5.81
N THR D 302 11.38 -15.34 9.99
CA THR D 302 12.20 -14.62 10.95
C THR D 302 13.65 -15.10 10.93
N GLN D 303 14.04 -15.85 9.90
CA GLN D 303 15.40 -16.34 9.70
C GLN D 303 15.50 -16.80 8.25
N PRO D 304 16.71 -17.02 7.72
CA PRO D 304 16.84 -17.34 6.29
C PRO D 304 16.16 -18.65 5.87
N THR D 305 15.94 -19.60 6.78
CA THR D 305 15.40 -20.89 6.38
C THR D 305 14.46 -21.42 7.45
N LEU D 306 13.44 -22.15 6.99
CA LEU D 306 12.44 -22.78 7.85
C LEU D 306 12.26 -24.23 7.41
N LYS D 307 12.29 -25.15 8.37
CA LYS D 307 12.13 -26.56 8.10
C LYS D 307 10.90 -27.10 8.81
N VAL D 308 10.01 -27.73 8.06
CA VAL D 308 8.75 -28.27 8.57
C VAL D 308 8.77 -29.79 8.38
N LYS D 309 8.46 -30.53 9.43
CA LYS D 309 8.51 -31.99 9.43
C LYS D 309 7.11 -32.54 9.65
N LEU D 310 6.47 -32.95 8.55
CA LEU D 310 5.12 -33.51 8.62
C LEU D 310 5.18 -34.96 9.06
N SER D 311 4.27 -35.33 9.98
CA SER D 311 4.15 -36.70 10.46
C SER D 311 2.67 -37.03 10.60
N THR D 312 2.39 -38.25 11.06
CA THR D 312 0.99 -38.65 11.26
C THR D 312 0.33 -37.87 12.38
N SER D 313 1.08 -37.53 13.42
CA SER D 313 0.50 -36.88 14.59
C SER D 313 0.34 -35.37 14.42
N ASN D 314 1.00 -34.76 13.43
CA ASN D 314 0.84 -33.34 13.15
C ASN D 314 0.45 -33.09 11.70
N TRP D 315 -0.09 -34.09 11.02
CA TRP D 315 -0.42 -33.97 9.60
C TRP D 315 -1.39 -32.82 9.36
N GLN D 316 -1.22 -32.17 8.21
CA GLN D 316 -2.06 -31.07 7.79
C GLN D 316 -2.44 -31.29 6.34
N PRO D 317 -3.71 -31.10 5.97
CA PRO D 317 -4.11 -31.33 4.57
C PRO D 317 -3.52 -30.31 3.61
N THR D 318 -3.46 -29.05 3.99
CA THR D 318 -2.91 -27.99 3.15
C THR D 318 -1.96 -27.13 3.97
N LEU D 319 -0.90 -26.65 3.31
CA LEU D 319 0.05 -25.74 3.92
C LEU D 319 0.22 -24.52 3.01
N GLN D 320 0.18 -23.34 3.62
CA GLN D 320 0.42 -22.09 2.90
C GLN D 320 1.83 -21.61 3.22
N LEU D 321 2.64 -21.44 2.18
CA LEU D 321 3.99 -20.94 2.36
C LEU D 321 3.93 -19.52 2.95
N PRO D 322 4.98 -19.10 3.67
CA PRO D 322 4.92 -17.83 4.41
C PRO D 322 4.49 -16.66 3.53
N ALA D 323 3.60 -15.84 4.07
CA ALA D 323 3.07 -14.70 3.33
C ALA D 323 4.11 -13.59 3.18
N GLN D 324 4.98 -13.43 4.17
CA GLN D 324 6.01 -12.40 4.13
C GLN D 324 7.39 -13.06 4.19
N ALA D 325 8.24 -12.70 3.23
CA ALA D 325 9.57 -13.28 3.13
C ALA D 325 10.44 -12.33 2.34
N GLN D 326 11.73 -12.65 2.30
CA GLN D 326 12.70 -11.88 1.53
C GLN D 326 13.36 -12.79 0.51
N VAL D 327 13.85 -12.20 -0.58
CA VAL D 327 14.46 -12.97 -1.66
C VAL D 327 15.62 -13.79 -1.10
N GLY D 328 15.59 -15.10 -1.37
CA GLY D 328 16.58 -16.02 -0.86
C GLY D 328 16.12 -16.86 0.31
N ASP D 329 15.03 -16.49 0.97
CA ASP D 329 14.49 -17.31 2.05
C ASP D 329 14.10 -18.69 1.53
N LYS D 330 14.30 -19.70 2.36
CA LYS D 330 14.08 -21.08 1.96
C LYS D 330 13.13 -21.76 2.94
N VAL D 331 12.27 -22.62 2.39
CA VAL D 331 11.39 -23.48 3.20
C VAL D 331 11.63 -24.91 2.76
N VAL D 332 11.98 -25.77 3.70
CA VAL D 332 12.16 -27.20 3.45
C VAL D 332 11.06 -27.95 4.19
N ILE D 333 10.36 -28.82 3.48
CA ILE D 333 9.26 -29.59 4.05
C ILE D 333 9.57 -31.07 3.89
N VAL D 334 9.49 -31.81 4.99
CA VAL D 334 9.68 -33.26 4.99
C VAL D 334 8.37 -33.90 5.44
N SER D 335 8.05 -35.06 4.86
CA SER D 335 6.78 -35.73 5.13
C SER D 335 7.03 -37.20 5.42
N ASN D 336 6.58 -37.65 6.60
CA ASN D 336 6.52 -39.07 6.93
C ASN D 336 5.10 -39.50 7.22
N ALA D 337 4.10 -38.72 6.79
CA ALA D 337 2.71 -39.08 6.92
C ALA D 337 2.26 -39.87 5.70
N SER D 338 1.23 -40.71 5.89
CA SER D 338 0.78 -41.57 4.80
C SER D 338 0.04 -40.78 3.74
N ALA D 339 -0.72 -39.77 4.13
CA ALA D 339 -1.50 -38.97 3.20
C ALA D 339 -0.68 -37.79 2.68
N ASP D 340 -1.05 -37.33 1.49
CA ASP D 340 -0.36 -36.20 0.89
C ASP D 340 -0.73 -34.90 1.61
N THR D 341 0.10 -33.88 1.38
CA THR D 341 -0.15 -32.54 1.88
C THR D 341 0.06 -31.56 0.73
N TYR D 342 -0.92 -30.71 0.49
CA TYR D 342 -0.84 -29.73 -0.59
C TYR D 342 -0.13 -28.47 -0.08
N ILE D 343 0.70 -27.90 -0.93
CA ILE D 343 1.48 -26.71 -0.62
C ILE D 343 1.06 -25.61 -1.58
N ASN D 344 0.76 -24.43 -1.04
CA ASN D 344 0.27 -23.32 -1.83
C ASN D 344 1.04 -22.05 -1.48
N ALA D 345 1.01 -21.11 -2.42
CA ALA D 345 1.62 -19.80 -2.23
C ALA D 345 0.72 -18.74 -2.85
N ALA D 346 0.97 -17.48 -2.49
CA ALA D 346 0.13 -16.40 -2.95
C ALA D 346 0.20 -16.23 -4.47
N ASN D 347 1.33 -16.55 -5.08
CA ASN D 347 1.50 -16.39 -6.52
C ASN D 347 0.80 -17.48 -7.32
N GLY D 348 0.02 -18.34 -6.68
CA GLY D 348 -0.67 -19.41 -7.36
C GLY D 348 0.05 -20.73 -7.39
N LEU D 349 1.28 -20.80 -6.89
CA LEU D 349 1.99 -22.06 -6.79
C LEU D 349 1.16 -23.08 -6.02
N SER D 350 0.96 -24.25 -6.61
CA SER D 350 0.12 -25.27 -6.01
C SER D 350 0.69 -26.63 -6.37
N THR D 351 1.11 -27.37 -5.34
CA THR D 351 1.74 -28.67 -5.53
C THR D 351 1.49 -29.50 -4.28
N ALA D 352 2.03 -30.71 -4.27
CA ALA D 352 1.84 -31.62 -3.17
C ALA D 352 3.17 -32.26 -2.78
N ILE D 353 3.29 -32.62 -1.51
CA ILE D 353 4.41 -33.39 -0.99
C ILE D 353 3.89 -34.74 -0.54
N LYS D 354 4.60 -35.80 -0.90
CA LYS D 354 4.19 -37.17 -0.66
C LYS D 354 5.01 -37.79 0.45
N ASN D 355 4.61 -39.01 0.84
CA ASN D 355 5.29 -39.71 1.93
C ASN D 355 6.75 -39.97 1.58
N GLY D 356 7.63 -39.63 2.51
CA GLY D 356 9.06 -39.84 2.33
C GLY D 356 9.76 -38.80 1.47
N GLU D 357 9.07 -37.74 1.06
CA GLU D 357 9.62 -36.77 0.13
C GLU D 357 10.18 -35.57 0.87
N ASN D 358 11.29 -35.05 0.37
CA ASN D 358 11.85 -33.77 0.80
C ASN D 358 11.67 -32.77 -0.32
N ARG D 359 11.15 -31.58 0.01
CA ARG D 359 10.89 -30.55 -0.98
C ARG D 359 11.32 -29.21 -0.42
N ARG D 360 12.09 -28.46 -1.20
CA ARG D 360 12.59 -27.15 -0.81
C ARG D 360 12.01 -26.10 -1.73
N PHE D 361 11.64 -24.96 -1.15
CA PHE D 361 11.12 -23.82 -1.89
C PHE D 361 11.94 -22.59 -1.53
N ILE D 362 12.12 -21.71 -2.50
CA ILE D 362 12.91 -20.50 -2.32
C ILE D 362 12.09 -19.31 -2.77
N TYR D 363 12.22 -18.19 -2.07
CA TYR D 363 11.45 -17.00 -2.36
C TYR D 363 12.19 -16.13 -3.36
N THR D 364 11.45 -15.64 -4.35
CA THR D 364 11.99 -14.76 -5.38
C THR D 364 11.20 -13.46 -5.41
N ALA D 365 11.60 -12.56 -6.30
CA ALA D 365 10.90 -11.29 -6.45
C ALA D 365 9.45 -11.48 -6.87
N GLN D 366 9.13 -12.61 -7.49
CA GLN D 366 7.78 -12.90 -7.96
C GLN D 366 7.12 -14.03 -7.18
N GLY D 367 7.53 -14.22 -5.93
CA GLY D 367 6.87 -15.15 -5.04
C GLY D 367 7.68 -16.42 -4.83
N TRP D 368 7.05 -17.39 -4.17
CA TRP D 368 7.69 -18.65 -3.85
C TRP D 368 7.89 -19.48 -5.11
N THR D 369 8.96 -20.29 -5.11
CA THR D 369 9.40 -20.98 -6.31
C THR D 369 9.96 -22.35 -5.93
N VAL D 370 9.68 -23.35 -6.77
CA VAL D 370 10.22 -24.69 -6.56
C VAL D 370 11.74 -24.64 -6.62
N ASP D 371 12.40 -25.25 -5.64
CA ASP D 371 13.85 -25.22 -5.54
C ASP D 371 14.47 -26.61 -5.45
N SER D 372 13.70 -27.67 -5.68
CA SER D 372 14.25 -29.02 -5.65
C SER D 372 13.34 -29.95 -6.42
N TYR D 373 13.95 -30.98 -7.02
CA TYR D 373 13.23 -32.03 -7.73
C TYR D 373 13.48 -33.36 -7.05
N THR D 374 12.43 -34.16 -6.89
CA THR D 374 12.51 -35.41 -6.16
C THR D 374 12.88 -36.55 -7.11
N ILE D 375 13.98 -37.24 -6.79
CA ILE D 375 14.43 -38.39 -7.56
C ILE D 375 14.05 -39.64 -6.77
N ASP D 376 13.09 -40.40 -7.28
CA ASP D 376 12.62 -41.61 -6.61
C ASP D 376 13.59 -42.75 -6.86
N MSE D 377 14.01 -43.42 -5.78
CA MSE D 377 15.01 -44.48 -5.89
C MSE D 377 14.47 -45.83 -5.42
O MSE D 377 13.72 -45.92 -4.45
CB MSE D 377 16.25 -44.12 -5.08
CG MSE D 377 16.98 -42.88 -5.57
SE MSE D 377 17.85 -43.16 -7.30
CE MSE D 377 19.24 -44.40 -6.74
N LEU D 378 14.86 -46.88 -6.14
CA LEU D 378 14.60 -48.26 -5.73
C LEU D 378 15.86 -48.82 -5.10
N LEU D 379 15.76 -49.22 -3.83
CA LEU D 379 16.90 -49.73 -3.08
C LEU D 379 16.89 -51.25 -3.15
N VAL D 380 17.99 -51.82 -3.65
CA VAL D 380 18.14 -53.26 -3.78
C VAL D 380 19.30 -53.71 -2.90
N SER D 381 19.05 -54.66 -2.01
CA SER D 381 20.05 -55.20 -1.11
C SER D 381 20.23 -56.68 -1.40
N SER D 382 21.47 -57.10 -1.58
CA SER D 382 21.74 -58.50 -1.88
C SER D 382 21.48 -59.37 -0.65
N PRO D 383 20.93 -60.58 -0.83
CA PRO D 383 20.80 -61.51 0.31
C PRO D 383 22.12 -61.82 0.96
N GLU D 384 23.22 -61.81 0.18
CA GLU D 384 24.55 -61.99 0.76
C GLU D 384 24.86 -60.91 1.80
N VAL D 385 24.44 -59.67 1.54
CA VAL D 385 24.66 -58.61 2.50
C VAL D 385 23.80 -58.80 3.74
N ASN D 386 22.54 -59.23 3.56
CA ASN D 386 21.64 -59.41 4.69
C ASN D 386 22.17 -60.49 5.65
N SER D 387 22.77 -61.55 5.10
CA SER D 387 23.32 -62.59 5.96
C SER D 387 24.49 -62.10 6.79
N ILE D 388 25.29 -61.18 6.25
CA ILE D 388 26.48 -60.71 6.95
C ILE D 388 26.12 -59.63 7.96
N LEU D 389 25.38 -58.61 7.53
CA LEU D 389 25.04 -57.49 8.40
C LEU D 389 23.79 -57.72 9.22
N GLY D 390 22.81 -58.42 8.68
CA GLY D 390 21.49 -58.48 9.26
C GLY D 390 20.47 -57.79 8.39
N GLU D 391 19.24 -58.29 8.43
CA GLU D 391 18.19 -57.77 7.55
C GLU D 391 17.88 -56.32 7.87
N SER D 392 17.77 -55.98 9.15
CA SER D 392 17.53 -54.59 9.54
C SER D 392 18.76 -53.72 9.33
N ALA D 393 19.95 -54.27 9.63
CA ALA D 393 21.19 -53.53 9.45
C ALA D 393 21.39 -53.10 8.00
N ALA D 394 21.09 -53.99 7.05
CA ALA D 394 21.27 -53.67 5.65
C ALA D 394 20.35 -52.53 5.22
N LYS D 395 19.11 -52.53 5.71
CA LYS D 395 18.20 -51.43 5.44
C LYS D 395 18.70 -50.13 6.08
N LEU D 396 19.24 -50.22 7.29
CA LEU D 396 19.75 -49.02 7.97
C LEU D 396 20.93 -48.42 7.20
N ARG D 397 21.78 -49.27 6.64
CA ARG D 397 22.97 -48.79 5.95
C ARG D 397 22.62 -47.96 4.72
N MSE D 398 21.66 -48.43 3.93
CA MSE D 398 21.26 -47.73 2.72
C MSE D 398 20.51 -46.44 3.04
O MSE D 398 20.65 -45.44 2.33
CB MSE D 398 20.41 -48.63 1.83
CG MSE D 398 21.07 -49.94 1.47
SE MSE D 398 20.12 -50.92 0.06
CE MSE D 398 20.47 -49.70 -1.42
N ILE D 399 19.71 -46.46 4.11
CA ILE D 399 18.96 -45.28 4.51
C ILE D 399 19.90 -44.16 4.93
N GLU D 400 20.94 -44.50 5.70
CA GLU D 400 21.93 -43.49 6.08
C GLU D 400 22.68 -42.96 4.88
N GLY D 401 22.88 -43.79 3.85
CA GLY D 401 23.45 -43.30 2.61
C GLY D 401 22.54 -42.31 1.91
N VAL D 402 21.23 -42.54 1.96
CA VAL D 402 20.28 -41.60 1.37
C VAL D 402 20.27 -40.28 2.13
N ASN D 403 20.25 -40.36 3.46
CA ASN D 403 20.22 -39.13 4.27
C ASN D 403 21.47 -38.29 4.07
N LEU D 404 22.63 -38.94 3.93
CA LEU D 404 23.87 -38.20 3.72
C LEU D 404 23.87 -37.52 2.35
N THR D 405 23.32 -38.20 1.34
CA THR D 405 23.21 -37.59 0.01
C THR D 405 22.31 -36.36 0.05
N ASN D 406 21.14 -36.48 0.70
CA ASN D 406 20.24 -35.34 0.79
C ASN D 406 20.84 -34.21 1.62
N LEU D 407 21.60 -34.56 2.67
CA LEU D 407 22.28 -33.54 3.45
C LEU D 407 23.35 -32.83 2.64
N THR D 408 24.12 -33.60 1.85
CA THR D 408 25.14 -32.99 0.99
C THR D 408 24.50 -32.12 -0.07
N ALA D 409 23.42 -32.59 -0.69
CA ALA D 409 22.75 -31.81 -1.73
C ALA D 409 22.17 -30.52 -1.15
N GLU D 410 21.56 -30.59 0.04
CA GLU D 410 20.94 -29.41 0.63
C GLU D 410 22.00 -28.39 1.05
N ASN D 411 23.15 -28.86 1.53
CA ASN D 411 24.24 -27.95 1.87
C ASN D 411 24.82 -27.26 0.64
N SER D 412 24.66 -27.85 -0.54
CA SER D 412 25.29 -27.35 -1.76
C SER D 412 24.36 -26.56 -2.65
N ASN D 413 23.12 -26.31 -2.21
CA ASN D 413 22.08 -25.72 -3.04
C ASN D 413 21.84 -26.52 -4.31
N ALA D 414 22.04 -27.83 -4.23
CA ALA D 414 21.69 -28.73 -5.33
C ALA D 414 20.20 -28.98 -5.32
N ARG D 415 19.55 -28.76 -6.47
CA ARG D 415 18.09 -28.79 -6.54
C ARG D 415 17.58 -30.22 -6.76
N PHE D 416 17.93 -31.11 -5.84
CA PHE D 416 17.40 -32.46 -5.87
C PHE D 416 17.43 -33.07 -4.48
N TYR D 417 16.50 -34.01 -4.24
CA TYR D 417 16.50 -34.85 -3.06
C TYR D 417 16.25 -36.29 -3.50
N LEU D 418 16.82 -37.23 -2.75
CA LEU D 418 16.58 -38.64 -2.99
C LEU D 418 15.44 -39.12 -2.10
N ARG D 419 14.51 -39.86 -2.68
CA ARG D 419 13.39 -40.45 -1.94
C ARG D 419 13.34 -41.93 -2.26
N ASP D 420 13.43 -42.76 -1.22
CA ASP D 420 13.33 -44.20 -1.42
C ASP D 420 11.85 -44.59 -1.47
N VAL D 421 11.44 -45.16 -2.60
CA VAL D 421 10.05 -45.57 -2.81
C VAL D 421 9.89 -47.08 -2.75
N GLY D 422 10.97 -47.82 -2.49
CA GLY D 422 10.91 -49.26 -2.40
C GLY D 422 12.22 -49.86 -1.93
N TYR D 423 12.14 -50.98 -1.23
CA TYR D 423 13.31 -51.70 -0.74
C TYR D 423 13.10 -53.17 -1.03
N ILE D 424 13.99 -53.75 -1.84
CA ILE D 424 13.84 -55.12 -2.30
C ILE D 424 15.11 -55.89 -1.94
N THR D 425 14.94 -57.15 -1.57
CA THR D 425 16.05 -58.06 -1.32
C THR D 425 16.21 -58.96 -2.54
N TYR D 426 17.35 -58.87 -3.21
CA TYR D 426 17.55 -59.57 -4.46
C TYR D 426 19.02 -59.57 -4.82
N LYS D 427 19.49 -60.68 -5.40
CA LYS D 427 20.86 -60.82 -5.86
C LYS D 427 20.89 -60.64 -7.38
N ILE D 428 21.54 -59.58 -7.84
CA ILE D 428 21.72 -59.39 -9.28
C ILE D 428 22.69 -60.43 -9.80
N PRO D 429 22.35 -61.17 -10.86
CA PRO D 429 23.25 -62.21 -11.34
C PRO D 429 24.53 -61.61 -11.93
N ALA D 430 25.63 -61.74 -11.19
CA ALA D 430 26.91 -61.16 -11.59
C ALA D 430 27.98 -61.69 -10.64
N ALA D 431 29.13 -62.03 -11.20
CA ALA D 431 30.26 -62.44 -10.38
C ALA D 431 30.96 -61.26 -9.74
N THR D 432 30.82 -60.05 -10.31
CA THR D 432 31.49 -58.86 -9.82
C THR D 432 30.50 -57.71 -9.73
N LEU D 433 30.87 -56.69 -8.95
CA LEU D 433 30.04 -55.50 -8.83
C LEU D 433 29.98 -54.73 -10.13
N LYS D 434 31.09 -54.71 -10.87
CA LYS D 434 31.12 -54.08 -12.19
C LYS D 434 30.15 -54.75 -13.14
N GLU D 435 30.06 -56.08 -13.07
CA GLU D 435 29.10 -56.81 -13.88
C GLU D 435 27.67 -56.52 -13.43
N ALA D 436 27.45 -56.31 -12.14
CA ALA D 436 26.11 -56.09 -11.63
C ALA D 436 25.52 -54.78 -12.15
N ILE D 437 26.37 -53.76 -12.30
CA ILE D 437 25.89 -52.47 -12.78
C ILE D 437 25.45 -52.56 -14.23
N SER D 438 26.01 -53.50 -15.00
CA SER D 438 25.62 -53.69 -16.39
C SER D 438 24.32 -54.47 -16.49
N THR D 439 24.31 -55.70 -15.99
CA THR D 439 23.14 -56.57 -16.13
C THR D 439 21.95 -56.07 -15.31
N GLY D 440 22.19 -55.27 -14.27
CA GLY D 440 21.10 -54.74 -13.47
C GLY D 440 20.12 -53.87 -14.25
N ARG D 441 20.53 -53.33 -15.40
CA ARG D 441 19.61 -52.49 -16.17
C ARG D 441 18.54 -53.32 -16.85
N ASP D 442 18.82 -54.60 -17.12
CA ASP D 442 17.89 -55.45 -17.84
C ASP D 442 17.25 -56.52 -16.99
N ASP D 443 17.73 -56.73 -15.76
CA ASP D 443 17.16 -57.74 -14.87
C ASP D 443 15.68 -57.48 -14.67
N THR D 444 14.85 -58.49 -14.98
CA THR D 444 13.41 -58.30 -14.98
C THR D 444 12.87 -58.08 -13.57
N THR D 445 13.46 -58.74 -12.56
CA THR D 445 12.95 -58.62 -11.21
C THR D 445 13.08 -57.18 -10.69
N VAL D 446 14.25 -56.58 -10.89
CA VAL D 446 14.45 -55.22 -10.38
C VAL D 446 13.77 -54.19 -11.28
N GLN D 447 13.67 -54.45 -12.59
CA GLN D 447 13.06 -53.47 -13.48
C GLN D 447 11.54 -53.49 -13.43
N ASN D 448 10.94 -54.66 -13.21
CA ASN D 448 9.49 -54.71 -13.00
C ASN D 448 9.10 -53.99 -11.72
N GLU D 449 9.86 -54.22 -10.64
CA GLU D 449 9.60 -53.50 -9.39
C GLU D 449 9.86 -52.01 -9.56
N ARG D 450 10.85 -51.65 -10.37
CA ARG D 450 11.10 -50.24 -10.66
C ARG D 450 9.88 -49.59 -11.33
N LYS D 451 9.28 -50.29 -12.30
CA LYS D 451 8.12 -49.75 -13.00
C LYS D 451 6.88 -49.75 -12.11
N ARG D 452 6.73 -50.78 -11.27
CA ARG D 452 5.56 -50.89 -10.42
C ARG D 452 5.44 -49.71 -9.46
N ILE D 453 6.58 -49.27 -8.91
CA ILE D 453 6.58 -48.18 -7.95
C ILE D 453 7.03 -46.85 -8.56
N LEU D 454 7.26 -46.83 -9.88
CA LEU D 454 7.66 -45.62 -10.59
C LEU D 454 8.96 -45.03 -10.02
N ALA D 455 9.95 -45.90 -9.85
CA ALA D 455 11.25 -45.47 -9.35
C ALA D 455 12.04 -44.82 -10.48
N ASP D 456 12.46 -43.57 -10.26
CA ASP D 456 13.26 -42.89 -11.27
C ASP D 456 14.64 -43.51 -11.42
N GLY D 457 15.15 -44.15 -10.36
CA GLY D 457 16.45 -44.78 -10.42
C GLY D 457 16.51 -46.01 -9.53
N VAL D 458 17.62 -46.72 -9.64
CA VAL D 458 17.86 -47.94 -8.89
C VAL D 458 19.24 -47.86 -8.26
N TYR D 459 19.36 -48.34 -7.03
CA TYR D 459 20.65 -48.41 -6.34
C TYR D 459 20.79 -49.77 -5.69
N TYR D 460 21.96 -50.36 -5.80
CA TYR D 460 22.20 -51.75 -5.41
C TYR D 460 23.30 -51.82 -4.36
N GLN D 461 23.04 -52.56 -3.28
CA GLN D 461 24.02 -52.80 -2.22
C GLN D 461 24.31 -54.29 -2.20
N GLY D 462 25.51 -54.67 -2.65
CA GLY D 462 25.86 -56.07 -2.81
C GLY D 462 27.15 -56.43 -2.09
N ASN D 463 27.50 -57.70 -2.21
CA ASN D 463 28.72 -58.24 -1.61
C ASN D 463 29.67 -58.80 -2.65
N GLU D 464 29.39 -58.59 -3.93
CA GLU D 464 30.29 -59.06 -4.97
C GLU D 464 31.57 -58.24 -4.97
N PRO D 465 32.71 -58.84 -5.34
CA PRO D 465 33.95 -58.07 -5.43
C PRO D 465 33.97 -57.15 -6.65
N GLY D 466 34.43 -55.91 -6.42
CA GLY D 466 34.64 -55.00 -7.53
C GLY D 466 35.92 -55.32 -8.29
N ASP D 467 35.95 -54.88 -9.56
CA ASP D 467 37.11 -55.17 -10.39
C ASP D 467 38.17 -54.06 -10.37
N GLY D 468 37.82 -52.87 -9.90
CA GLY D 468 38.79 -51.79 -9.77
C GLY D 468 38.36 -50.77 -8.74
N GLY D 469 37.41 -51.13 -7.91
CA GLY D 469 36.85 -50.22 -6.94
C GLY D 469 35.59 -50.78 -6.32
N CYS D 470 35.17 -50.22 -5.18
CA CYS D 470 34.01 -50.74 -4.47
C CYS D 470 32.72 -50.01 -4.83
N GLY D 471 32.74 -49.09 -5.79
CA GLY D 471 31.54 -48.43 -6.24
C GLY D 471 31.52 -48.33 -7.75
N TRP D 472 30.30 -48.35 -8.30
CA TRP D 472 30.12 -48.24 -9.74
C TRP D 472 28.82 -47.50 -10.04
N ALA D 473 28.86 -46.65 -11.07
CA ALA D 473 27.69 -45.90 -11.52
C ALA D 473 27.96 -45.29 -12.88
N TRP D 474 26.99 -45.41 -13.80
CA TRP D 474 27.13 -44.78 -15.12
C TRP D 474 27.08 -43.27 -14.99
N ILE D 475 27.98 -42.60 -15.73
CA ILE D 475 28.09 -41.16 -15.69
C ILE D 475 27.09 -40.55 -16.67
N ASN D 476 26.34 -39.56 -16.20
CA ASN D 476 25.35 -38.86 -17.01
C ASN D 476 24.33 -39.86 -17.59
N ALA D 477 23.70 -40.58 -16.69
CA ALA D 477 22.93 -41.76 -17.06
C ALA D 477 21.57 -41.39 -17.62
N SER D 478 21.19 -42.04 -18.71
CA SER D 478 19.82 -42.00 -19.18
C SER D 478 18.92 -42.83 -18.25
N ALA D 479 17.63 -42.84 -18.56
CA ALA D 479 16.71 -43.67 -17.78
C ALA D 479 17.12 -45.13 -17.80
N TYR D 480 17.66 -45.60 -18.93
CA TYR D 480 18.11 -46.98 -19.05
C TYR D 480 19.35 -47.25 -18.19
N ASN D 481 20.22 -46.25 -18.04
CA ASN D 481 21.48 -46.41 -17.33
C ASN D 481 21.43 -45.89 -15.90
N MSE D 482 20.27 -45.46 -15.43
CA MSE D 482 20.16 -44.88 -14.09
C MSE D 482 20.24 -45.97 -13.03
O MSE D 482 19.22 -46.44 -12.52
CB MSE D 482 18.85 -44.09 -13.97
CG MSE D 482 18.69 -43.29 -12.68
SE MSE D 482 20.07 -41.95 -12.39
CE MSE D 482 19.97 -41.04 -14.11
N ILE D 483 21.46 -46.35 -12.68
CA ILE D 483 21.70 -47.38 -11.66
C ILE D 483 23.07 -47.13 -11.03
N GLY D 484 23.16 -47.36 -9.73
CA GLY D 484 24.40 -47.23 -9.01
C GLY D 484 24.55 -48.35 -8.00
N ALA D 485 25.79 -48.60 -7.60
CA ALA D 485 26.06 -49.71 -6.71
C ALA D 485 27.33 -49.47 -5.90
N ASN D 486 27.34 -50.02 -4.69
CA ASN D 486 28.55 -50.12 -3.89
C ASN D 486 28.47 -51.43 -3.09
N ASP D 487 29.62 -51.85 -2.57
CA ASP D 487 29.69 -53.07 -1.78
C ASP D 487 29.76 -52.70 -0.30
N ILE D 488 30.01 -53.71 0.54
CA ILE D 488 30.22 -53.50 1.97
C ILE D 488 31.65 -53.81 2.39
N ALA D 489 32.41 -54.56 1.59
CA ALA D 489 33.79 -54.88 1.93
C ALA D 489 34.63 -53.62 2.14
N GLY D 490 34.62 -52.72 1.16
CA GLY D 490 35.50 -51.58 1.19
C GLY D 490 34.81 -50.23 1.19
N CYS D 491 33.56 -50.19 0.76
CA CYS D 491 32.81 -48.94 0.66
C CYS D 491 31.92 -48.77 1.88
N SER D 492 31.86 -47.53 2.38
CA SER D 492 30.96 -47.17 3.47
C SER D 492 29.70 -46.53 2.89
N PHE D 493 28.80 -46.10 3.78
CA PHE D 493 27.55 -45.51 3.34
C PHE D 493 27.73 -44.13 2.70
N ALA D 494 28.93 -43.55 2.77
CA ALA D 494 29.23 -42.30 2.08
C ALA D 494 29.44 -42.49 0.59
N ALA D 495 29.43 -43.73 0.10
CA ALA D 495 29.67 -43.98 -1.32
C ALA D 495 28.46 -43.60 -2.18
N MSE D 496 27.25 -43.61 -1.61
CA MSE D 496 26.05 -43.37 -2.42
C MSE D 496 26.04 -41.95 -3.00
O MSE D 496 25.77 -41.77 -4.19
CB MSE D 496 24.78 -43.60 -1.62
CG MSE D 496 23.53 -43.33 -2.45
SE MSE D 496 21.85 -43.66 -1.53
CE MSE D 496 22.08 -45.56 -1.15
N ARG D 497 26.32 -40.95 -2.16
CA ARG D 497 26.38 -39.59 -2.66
C ARG D 497 27.46 -39.43 -3.73
N HIS D 498 28.46 -40.31 -3.73
CA HIS D 498 29.48 -40.30 -4.77
C HIS D 498 28.97 -40.97 -6.05
N GLU D 499 28.35 -42.14 -5.93
CA GLU D 499 27.85 -42.84 -7.10
C GLU D 499 26.68 -42.11 -7.73
N VAL D 500 25.78 -41.55 -6.90
CA VAL D 500 24.67 -40.78 -7.43
C VAL D 500 25.18 -39.53 -8.15
N GLY D 501 26.27 -38.94 -7.65
CA GLY D 501 26.91 -37.85 -8.36
C GLY D 501 27.29 -38.23 -9.78
N HIS D 502 27.85 -39.43 -9.96
CA HIS D 502 28.15 -39.91 -11.30
C HIS D 502 26.89 -40.01 -12.14
N ASN D 503 25.82 -40.61 -11.59
CA ASN D 503 24.56 -40.70 -12.31
C ASN D 503 24.06 -39.31 -12.73
N LEU D 504 24.30 -38.30 -11.89
CA LEU D 504 23.85 -36.95 -12.20
C LEU D 504 24.70 -36.28 -13.27
N GLY D 505 25.85 -36.84 -13.61
CA GLY D 505 26.70 -36.32 -14.66
C GLY D 505 28.03 -35.76 -14.22
N LEU D 506 28.54 -36.17 -13.07
CA LEU D 506 29.75 -35.59 -12.49
C LEU D 506 30.95 -36.52 -12.69
N TYR D 507 32.13 -35.91 -12.80
CA TYR D 507 33.38 -36.61 -12.93
C TYR D 507 34.27 -36.34 -11.73
N HIS D 508 35.37 -37.08 -11.64
CA HIS D 508 36.31 -36.89 -10.55
C HIS D 508 37.10 -35.61 -10.73
N ASN D 509 37.77 -35.20 -9.65
CA ASN D 509 38.64 -34.03 -9.70
C ASN D 509 39.73 -34.21 -10.74
N GLY D 510 40.12 -33.10 -11.37
CA GLY D 510 41.09 -33.11 -12.44
C GLY D 510 40.50 -33.27 -13.83
N SER D 511 39.25 -33.68 -13.93
CA SER D 511 38.60 -33.83 -15.22
C SER D 511 38.49 -32.49 -15.93
N THR D 512 38.50 -32.52 -17.26
CA THR D 512 38.31 -31.33 -18.06
C THR D 512 36.87 -30.83 -18.05
N ASN D 513 35.94 -31.63 -17.53
CA ASN D 513 34.54 -31.23 -17.51
C ASN D 513 34.27 -30.30 -16.33
N ILE D 514 33.34 -29.35 -16.54
CA ILE D 514 32.99 -28.42 -15.49
C ILE D 514 32.29 -29.13 -14.33
N GLY D 515 31.59 -30.22 -14.62
CA GLY D 515 30.95 -30.99 -13.57
C GLY D 515 31.91 -31.99 -12.94
N SER D 516 32.82 -31.49 -12.12
CA SER D 516 33.86 -32.32 -11.53
C SER D 516 34.09 -31.90 -10.08
N GLY D 517 34.77 -32.79 -9.34
CA GLY D 517 34.99 -32.54 -7.93
C GLY D 517 36.09 -31.54 -7.67
N PHE D 518 36.12 -31.06 -6.43
CA PHE D 518 37.13 -30.10 -5.96
C PHE D 518 38.01 -30.80 -4.94
N ALA D 519 39.26 -31.04 -5.30
CA ALA D 519 40.23 -31.68 -4.40
C ALA D 519 41.09 -30.60 -3.76
N HIS D 520 41.28 -30.70 -2.44
CA HIS D 520 42.03 -29.70 -1.70
C HIS D 520 42.49 -30.32 -0.38
N PRO D 521 43.71 -30.02 0.09
CA PRO D 521 44.17 -30.61 1.35
C PRO D 521 43.33 -30.23 2.56
N LEU D 522 42.60 -29.12 2.52
CA LEU D 522 41.79 -28.67 3.64
C LEU D 522 40.34 -29.13 3.53
N GLY D 523 40.02 -30.01 2.59
CA GLY D 523 38.66 -30.48 2.42
C GLY D 523 38.29 -30.62 0.96
N SER D 524 37.76 -31.78 0.59
CA SER D 524 37.46 -32.11 -0.80
C SER D 524 35.99 -32.48 -0.94
N THR D 525 35.37 -32.03 -2.02
CA THR D 525 33.96 -32.28 -2.25
C THR D 525 33.73 -33.75 -2.59
N ALA D 526 32.44 -34.10 -2.81
CA ALA D 526 32.06 -35.50 -2.95
C ALA D 526 32.75 -36.16 -4.14
N MSE D 527 32.90 -35.43 -5.24
CA MSE D 527 33.51 -36.01 -6.45
C MSE D 527 35.03 -35.87 -6.46
O MSE D 527 35.70 -36.42 -7.34
CB MSE D 527 32.94 -35.37 -7.70
CG MSE D 527 31.44 -35.53 -7.87
SE MSE D 527 30.89 -37.38 -7.69
CE MSE D 527 29.68 -37.12 -6.20
N GLY D 528 35.57 -35.14 -5.49
CA GLY D 528 37.00 -34.84 -5.49
C GLY D 528 37.75 -35.30 -4.27
N GLY D 529 37.24 -36.32 -3.58
CA GLY D 529 37.87 -36.81 -2.37
C GLY D 529 36.87 -37.20 -1.30
N ASN D 530 35.72 -36.52 -1.26
CA ASN D 530 34.54 -36.97 -0.52
C ASN D 530 34.77 -36.97 0.99
N ASN D 531 35.37 -35.90 1.52
CA ASN D 531 35.55 -35.78 2.97
C ASN D 531 34.84 -34.58 3.57
N ILE D 532 34.10 -33.80 2.79
CA ILE D 532 33.23 -32.75 3.31
C ILE D 532 31.88 -32.88 2.62
N ASN D 533 30.83 -32.40 3.31
CA ASN D 533 29.46 -32.61 2.85
C ASN D 533 29.03 -31.54 1.85
N PHE D 534 29.71 -31.51 0.71
CA PHE D 534 29.40 -30.55 -0.33
C PHE D 534 29.69 -31.16 -1.70
N TYR D 535 28.90 -30.75 -2.69
CA TYR D 535 29.29 -30.84 -4.08
C TYR D 535 29.98 -29.55 -4.48
N SER D 536 30.88 -29.63 -5.45
CA SER D 536 31.72 -28.49 -5.77
C SER D 536 30.89 -27.38 -6.40
N SER D 537 31.23 -26.14 -6.05
CA SER D 537 30.54 -24.95 -6.54
C SER D 537 31.35 -23.71 -6.20
N PRO D 538 31.49 -22.77 -7.14
CA PRO D 538 32.19 -21.51 -6.83
C PRO D 538 31.43 -20.58 -5.90
N TYR D 539 30.24 -20.97 -5.45
CA TYR D 539 29.46 -20.17 -4.50
C TYR D 539 29.42 -20.81 -3.13
N LEU D 540 30.18 -21.87 -2.91
CA LEU D 540 30.32 -22.53 -1.63
C LEU D 540 31.74 -22.39 -1.11
N TYR D 541 31.88 -22.34 0.21
CA TYR D 541 33.17 -22.15 0.86
C TYR D 541 33.34 -23.17 1.97
N ASN D 542 34.59 -23.59 2.16
CA ASN D 542 34.95 -24.47 3.27
C ASN D 542 34.52 -23.83 4.59
N PRO D 543 33.70 -24.51 5.39
CA PRO D 543 33.14 -23.85 6.59
C PRO D 543 34.19 -23.34 7.57
N LYS D 544 35.25 -24.10 7.80
CA LYS D 544 36.25 -23.69 8.77
C LYS D 544 37.32 -22.78 8.17
N TYR D 545 37.84 -23.12 6.99
CA TYR D 545 39.00 -22.43 6.45
C TYR D 545 38.67 -21.39 5.39
N GLY D 546 37.47 -21.42 4.82
CA GLY D 546 37.07 -20.41 3.87
C GLY D 546 37.52 -20.62 2.45
N VAL D 547 38.14 -21.76 2.14
CA VAL D 547 38.55 -22.04 0.76
C VAL D 547 37.32 -22.18 -0.11
N ARG D 548 37.31 -21.46 -1.23
CA ARG D 548 36.20 -21.58 -2.19
C ARG D 548 36.20 -22.97 -2.82
N LEU D 549 35.06 -23.63 -2.78
CA LEU D 549 34.94 -25.03 -3.19
C LEU D 549 34.60 -25.16 -4.68
N GLY D 550 35.39 -24.53 -5.53
CA GLY D 550 35.14 -24.57 -6.96
C GLY D 550 35.76 -23.38 -7.66
N GLU D 551 35.41 -23.23 -8.93
CA GLU D 551 35.95 -22.18 -9.77
C GLU D 551 34.99 -21.90 -10.91
N GLU D 552 34.72 -20.62 -11.16
CA GLU D 552 33.76 -20.22 -12.18
C GLU D 552 34.16 -20.71 -13.56
N GLY D 553 33.35 -21.60 -14.13
CA GLY D 553 33.60 -22.11 -15.47
C GLY D 553 34.54 -23.28 -15.57
N LYS D 554 35.15 -23.70 -14.47
CA LYS D 554 36.07 -24.84 -14.49
C LYS D 554 35.63 -25.98 -13.59
N ILE D 555 35.27 -25.70 -12.34
CA ILE D 555 34.88 -26.72 -11.37
C ILE D 555 33.56 -26.27 -10.75
N ASP D 556 32.45 -26.80 -11.26
CA ASP D 556 31.12 -26.45 -10.75
C ASP D 556 30.22 -27.67 -10.91
N ALA D 557 30.16 -28.50 -9.86
CA ALA D 557 29.32 -29.70 -9.91
C ALA D 557 27.84 -29.34 -9.76
N VAL D 558 27.52 -28.37 -8.91
CA VAL D 558 26.14 -28.03 -8.63
C VAL D 558 25.44 -27.51 -9.89
N SER D 559 26.17 -26.79 -10.74
CA SER D 559 25.57 -26.27 -11.97
C SER D 559 25.19 -27.41 -12.92
N VAL D 560 25.96 -28.49 -12.94
CA VAL D 560 25.62 -29.62 -13.79
C VAL D 560 24.49 -30.44 -13.16
N ILE D 561 24.50 -30.60 -11.84
CA ILE D 561 23.43 -31.30 -11.14
C ILE D 561 22.10 -30.61 -11.40
N ASN D 562 22.09 -29.27 -11.28
CA ASN D 562 20.85 -28.52 -11.44
C ASN D 562 20.32 -28.55 -12.87
N LEU D 563 21.16 -28.92 -13.84
CA LEU D 563 20.71 -29.07 -15.21
C LEU D 563 20.14 -30.45 -15.51
N ASN D 564 20.42 -31.44 -14.67
CA ASN D 564 19.98 -32.81 -14.90
C ASN D 564 18.98 -33.32 -13.87
N ALA D 565 18.76 -32.59 -12.77
CA ALA D 565 17.93 -33.12 -11.69
C ALA D 565 16.49 -33.31 -12.13
N GLN D 566 15.90 -32.30 -12.77
CA GLN D 566 14.49 -32.39 -13.14
C GLN D 566 14.27 -33.44 -14.24
N LYS D 567 15.17 -33.49 -15.22
CA LYS D 567 15.06 -34.51 -16.27
C LYS D 567 15.08 -35.91 -15.69
N ILE D 568 15.94 -36.15 -14.70
CA ILE D 568 16.01 -37.47 -14.08
C ILE D 568 14.75 -37.73 -13.25
N SER D 569 14.25 -36.70 -12.57
CA SER D 569 13.04 -36.86 -11.75
C SER D 569 11.82 -37.24 -12.59
N LEU D 570 11.87 -37.05 -13.90
CA LEU D 570 10.75 -37.34 -14.77
C LEU D 570 10.95 -38.62 -15.58
N TYR D 571 11.94 -39.45 -15.22
CA TYR D 571 12.12 -40.73 -15.89
C TYR D 571 10.89 -41.61 -15.71
N ASN D 572 10.33 -41.65 -14.50
CA ASN D 572 9.08 -42.32 -14.22
C ASN D 572 8.13 -41.33 -13.58
N HIS D 573 6.90 -41.25 -14.10
CA HIS D 573 5.94 -40.26 -13.64
C HIS D 573 4.54 -40.80 -13.82
N HIS D 574 3.59 -40.19 -13.10
CA HIS D 574 2.19 -40.58 -13.18
C HIS D 574 1.52 -39.99 -14.41
N ALA E 2 46.11 61.15 -28.52
CA ALA E 2 46.03 60.30 -27.34
C ALA E 2 46.84 60.88 -26.19
N THR E 3 46.28 60.85 -24.99
CA THR E 3 46.93 61.35 -23.79
C THR E 3 47.48 60.17 -23.00
N VAL E 4 48.73 60.29 -22.55
CA VAL E 4 49.43 59.20 -21.86
C VAL E 4 49.42 59.49 -20.37
N LEU E 5 48.98 58.51 -19.58
CA LEU E 5 48.97 58.60 -18.12
C LEU E 5 49.65 57.36 -17.55
N SER E 6 50.19 57.52 -16.35
CA SER E 6 50.92 56.46 -15.68
C SER E 6 50.64 56.54 -14.18
N PRO E 7 50.92 55.45 -13.44
CA PRO E 7 50.71 55.50 -11.98
C PRO E 7 51.43 56.66 -11.28
N ASN E 8 52.68 56.93 -11.64
CA ASN E 8 53.41 58.02 -10.99
C ASN E 8 52.74 59.37 -11.25
N GLN E 9 52.03 59.50 -12.37
CA GLN E 9 51.27 60.70 -12.68
C GLN E 9 49.81 60.63 -12.22
N ASN E 10 49.45 59.58 -11.48
CA ASN E 10 48.07 59.37 -11.05
C ASN E 10 47.99 59.11 -9.55
N ASN E 11 48.88 59.73 -8.77
CA ASN E 11 48.96 59.54 -7.32
C ASN E 11 49.20 58.07 -6.96
N ASN E 12 49.93 57.36 -7.81
CA ASN E 12 50.25 55.94 -7.61
C ASN E 12 48.99 55.11 -7.41
N SER E 13 47.98 55.39 -8.23
CA SER E 13 46.70 54.69 -8.18
C SER E 13 46.41 54.05 -9.51
N GLY E 14 45.84 52.84 -9.47
CA GLY E 14 45.41 52.17 -10.68
C GLY E 14 44.05 52.59 -11.20
N SER E 15 43.39 53.50 -10.51
CA SER E 15 42.08 53.99 -10.93
C SER E 15 42.26 54.92 -12.12
N ILE E 16 41.96 54.42 -13.31
CA ILE E 16 42.06 55.22 -14.52
C ILE E 16 40.95 56.26 -14.49
N PRO E 17 41.27 57.55 -14.47
CA PRO E 17 40.23 58.58 -14.35
C PRO E 17 39.46 58.75 -15.64
N THR E 18 38.30 59.41 -15.52
CA THR E 18 37.43 59.69 -16.64
C THR E 18 37.67 61.10 -17.16
N GLY E 19 36.93 61.47 -18.21
CA GLY E 19 37.04 62.78 -18.80
C GLY E 19 37.90 62.87 -20.03
N TYR E 20 38.51 61.78 -20.47
CA TYR E 20 39.35 61.75 -21.66
C TYR E 20 38.65 60.98 -22.76
N SER E 21 38.59 61.56 -23.96
CA SER E 21 38.00 60.86 -25.09
C SER E 21 38.90 59.72 -25.57
N ASP E 22 40.22 59.85 -25.36
CA ASP E 22 41.17 58.83 -25.79
C ASP E 22 42.34 58.88 -24.82
N LEU E 23 42.36 57.96 -23.86
CA LEU E 23 43.36 57.93 -22.80
C LEU E 23 44.19 56.65 -22.92
N GLU E 24 45.48 56.77 -22.61
CA GLU E 24 46.39 55.63 -22.60
C GLU E 24 47.07 55.56 -21.24
N PHE E 25 46.91 54.42 -20.57
CA PHE E 25 47.50 54.19 -19.25
C PHE E 25 48.69 53.25 -19.42
N SER E 26 49.88 53.74 -19.09
CA SER E 26 51.12 53.02 -19.33
C SER E 26 51.70 52.52 -18.01
N LEU E 27 52.15 51.26 -18.01
CA LEU E 27 52.83 50.64 -16.88
C LEU E 27 54.26 50.32 -17.28
N ALA E 28 55.21 50.71 -16.45
CA ALA E 28 56.63 50.47 -16.69
C ALA E 28 57.27 49.92 -15.42
N ASN E 29 58.56 49.59 -15.51
CA ASN E 29 59.26 48.99 -14.37
C ASN E 29 59.32 49.94 -13.19
N GLY E 30 59.74 51.17 -13.42
CA GLY E 30 59.76 52.17 -12.37
C GLY E 30 58.45 52.91 -12.18
N ASN E 31 57.43 52.58 -12.97
CA ASN E 31 56.13 53.25 -12.94
C ASN E 31 55.07 52.15 -13.05
N TRP E 32 54.65 51.62 -11.90
CA TRP E 32 53.83 50.42 -11.89
C TRP E 32 52.88 50.45 -10.70
N VAL E 33 51.71 49.83 -10.90
CA VAL E 33 50.74 49.60 -9.84
C VAL E 33 50.10 48.24 -10.09
N LYS E 34 49.72 47.56 -9.00
CA LYS E 34 49.28 46.18 -9.12
C LYS E 34 47.83 46.08 -9.61
N ASN E 35 46.92 46.84 -9.00
CA ASN E 35 45.50 46.73 -9.27
C ASN E 35 45.02 47.94 -10.06
N LEU E 36 44.28 47.69 -11.13
CA LEU E 36 43.76 48.74 -12.01
C LEU E 36 42.25 48.60 -12.13
N SER E 37 41.61 49.71 -12.49
CA SER E 37 40.17 49.73 -12.69
C SER E 37 39.81 50.82 -13.67
N LEU E 38 38.71 50.61 -14.39
CA LEU E 38 38.17 51.56 -15.35
C LEU E 38 37.09 52.41 -14.68
N PRO E 39 36.93 53.66 -15.11
CA PRO E 39 35.96 54.54 -14.46
C PRO E 39 34.53 54.15 -14.81
N THR E 40 33.64 54.34 -13.84
CA THR E 40 32.22 54.04 -14.06
C THR E 40 31.55 55.13 -14.87
N ASN E 41 31.67 56.38 -14.42
CA ASN E 41 31.14 57.50 -15.20
C ASN E 41 32.01 57.73 -16.43
N ALA E 42 31.39 57.71 -17.61
CA ALA E 42 32.11 57.92 -18.85
C ALA E 42 31.11 58.29 -19.94
N ASN E 43 31.64 58.87 -21.01
CA ASN E 43 30.84 59.24 -22.18
C ASN E 43 30.96 58.16 -23.25
N ASN E 44 30.00 58.18 -24.18
CA ASN E 44 29.99 57.19 -25.24
C ASN E 44 31.21 57.38 -26.13
N SER E 45 31.77 56.25 -26.59
CA SER E 45 32.94 56.17 -27.45
C SER E 45 34.23 56.61 -26.76
N ASP E 46 34.24 56.71 -25.43
CA ASP E 46 35.49 56.95 -24.72
C ASP E 46 36.41 55.76 -24.88
N LYS E 47 37.70 56.04 -25.13
CA LYS E 47 38.68 55.00 -25.41
C LYS E 47 39.75 55.01 -24.33
N ILE E 48 40.05 53.81 -23.80
CA ILE E 48 41.11 53.62 -22.82
C ILE E 48 41.99 52.47 -23.29
N THR E 49 43.30 52.72 -23.33
CA THR E 49 44.27 51.71 -23.76
C THR E 49 45.27 51.49 -22.63
N ILE E 50 45.39 50.25 -22.18
CA ILE E 50 46.33 49.89 -21.11
C ILE E 50 47.52 49.19 -21.75
N ARG E 51 48.70 49.82 -21.62
CA ARG E 51 49.94 49.30 -22.18
C ARG E 51 50.93 49.07 -21.05
N SER E 52 51.62 47.93 -21.07
CA SER E 52 52.49 47.55 -19.98
C SER E 52 53.82 47.01 -20.52
N SER E 53 54.91 47.45 -19.88
CA SER E 53 56.24 46.91 -20.13
C SER E 53 56.94 46.56 -18.81
N ALA E 54 56.19 46.46 -17.73
CA ALA E 54 56.76 46.20 -16.42
C ALA E 54 57.01 44.71 -16.21
N ALA E 55 58.06 44.41 -15.44
CA ALA E 55 58.35 43.02 -15.09
C ALA E 55 57.30 42.46 -14.14
N TYR E 56 56.70 43.31 -13.31
CA TYR E 56 55.65 42.87 -12.41
C TYR E 56 54.32 42.82 -13.13
N SER E 57 53.51 41.82 -12.81
CA SER E 57 52.20 41.67 -13.42
C SER E 57 51.21 42.65 -12.79
N SER E 58 50.18 42.98 -13.56
CA SER E 58 49.11 43.85 -13.10
C SER E 58 47.78 43.15 -13.35
N TYR E 59 46.75 43.61 -12.64
CA TYR E 59 45.43 43.00 -12.68
C TYR E 59 44.37 44.07 -12.83
N LEU E 60 43.41 43.82 -13.71
CA LEU E 60 42.38 44.79 -14.05
C LEU E 60 41.02 44.33 -13.55
N ASP E 61 40.31 45.23 -12.87
CA ASP E 61 38.93 44.99 -12.50
C ASP E 61 38.06 44.99 -13.76
N THR E 62 37.27 43.93 -13.94
CA THR E 62 36.44 43.76 -15.12
C THR E 62 34.95 43.81 -14.81
N SER E 63 34.58 44.31 -13.63
CA SER E 63 33.18 44.30 -13.23
C SER E 63 32.32 45.24 -14.05
N ASN E 64 32.91 46.28 -14.65
CA ASN E 64 32.17 47.23 -15.46
C ASN E 64 32.54 47.12 -16.94
N THR E 65 33.00 45.95 -17.37
CA THR E 65 33.31 45.66 -18.76
C THR E 65 32.39 44.55 -19.26
N ASN E 66 32.61 44.14 -20.51
CA ASN E 66 31.86 43.05 -21.11
C ASN E 66 32.63 41.74 -21.12
N ILE E 67 33.63 41.62 -20.26
CA ILE E 67 34.48 40.43 -20.18
C ILE E 67 33.95 39.54 -19.06
N PRO E 68 33.58 38.28 -19.33
CA PRO E 68 32.97 37.45 -18.30
C PRO E 68 33.90 37.03 -17.17
N LEU E 69 35.22 37.23 -17.31
CA LEU E 69 36.12 36.92 -16.21
C LEU E 69 36.10 38.03 -15.17
N GLU E 70 36.45 37.66 -13.93
CA GLU E 70 36.46 38.65 -12.85
C GLU E 70 37.67 39.58 -12.96
N VAL E 71 38.83 39.03 -13.35
CA VAL E 71 40.07 39.79 -13.38
C VAL E 71 40.80 39.50 -14.69
N LEU E 72 41.43 40.52 -15.25
CA LEU E 72 42.35 40.37 -16.37
C LEU E 72 43.77 40.52 -15.86
N LYS E 73 44.63 39.55 -16.17
CA LYS E 73 46.04 39.65 -15.82
C LYS E 73 46.79 40.38 -16.93
N ILE E 74 47.53 41.41 -16.54
CA ILE E 74 48.30 42.22 -17.47
C ILE E 74 49.77 41.83 -17.34
N ASN E 75 50.39 41.45 -18.45
CA ASN E 75 51.79 41.09 -18.49
C ASN E 75 52.56 42.06 -19.37
N SER E 76 53.88 41.96 -19.30
CA SER E 76 54.73 42.82 -20.12
C SER E 76 54.50 42.54 -21.60
N GLY E 77 54.18 43.58 -22.35
CA GLY E 77 53.89 43.46 -23.77
C GLY E 77 52.42 43.47 -24.12
N ASP E 78 51.54 43.38 -23.13
CA ASP E 78 50.10 43.38 -23.41
C ASP E 78 49.62 44.78 -23.78
N VAL E 79 48.62 44.82 -24.64
CA VAL E 79 47.98 46.07 -25.07
C VAL E 79 46.47 45.82 -25.03
N TYR E 80 45.82 46.28 -23.96
CA TYR E 80 44.38 46.16 -23.81
C TYR E 80 43.70 47.46 -24.21
N GLN E 81 42.62 47.36 -24.98
CA GLN E 81 41.90 48.52 -25.47
C GLN E 81 40.41 48.35 -25.20
N PHE E 82 39.79 49.35 -24.59
CA PHE E 82 38.37 49.33 -24.28
C PHE E 82 37.71 50.59 -24.84
N ILE E 83 36.46 50.43 -25.29
CA ILE E 83 35.65 51.53 -25.79
C ILE E 83 34.33 51.52 -25.04
N PHE E 84 34.00 52.64 -24.39
CA PHE E 84 32.81 52.69 -23.57
C PHE E 84 31.55 52.65 -24.42
N ASN E 85 30.44 52.29 -23.77
CA ASN E 85 29.15 52.15 -24.45
C ASN E 85 28.05 52.56 -23.49
N SER E 86 27.34 53.65 -23.82
CA SER E 86 26.29 54.15 -22.94
C SER E 86 25.04 53.28 -22.98
N SER E 87 24.78 52.59 -24.09
CA SER E 87 23.60 51.74 -24.19
C SER E 87 23.67 50.59 -23.19
N GLN E 88 24.87 50.07 -22.93
CA GLN E 88 25.06 48.98 -21.98
C GLN E 88 25.71 49.42 -20.68
N ASN E 89 26.23 50.64 -20.62
CA ASN E 89 26.93 51.16 -19.44
C ASN E 89 28.11 50.25 -19.07
N LYS E 90 28.87 49.82 -20.09
CA LYS E 90 30.01 48.94 -19.89
C LYS E 90 31.10 49.30 -20.88
N TRP E 91 32.35 49.03 -20.49
CA TRP E 91 33.48 49.19 -21.39
C TRP E 91 33.60 47.95 -22.27
N ILE E 92 33.51 48.14 -23.58
CA ILE E 92 33.56 47.05 -24.54
C ILE E 92 35.01 46.80 -24.93
N ALA E 93 35.47 45.56 -24.76
CA ALA E 93 36.86 45.23 -25.01
C ALA E 93 37.13 45.03 -26.50
N GLN E 94 38.30 45.48 -26.94
CA GLN E 94 38.75 45.33 -28.32
C GLN E 94 39.94 44.38 -28.31
N LEU E 95 39.65 43.08 -28.43
CA LEU E 95 40.68 42.06 -28.34
C LEU E 95 41.28 41.76 -29.71
N ALA E 96 42.53 41.31 -29.70
CA ALA E 96 43.18 40.85 -30.92
C ALA E 96 42.44 39.65 -31.47
N THR E 97 41.91 39.78 -32.68
CA THR E 97 41.06 38.77 -33.29
C THR E 97 41.84 38.01 -34.36
N VAL E 98 41.71 36.69 -34.36
CA VAL E 98 42.27 35.82 -35.38
C VAL E 98 41.18 34.90 -35.87
N SER E 99 41.18 34.61 -37.17
CA SER E 99 40.15 33.82 -37.83
C SER E 99 40.82 32.78 -38.73
N PRO E 100 40.14 31.67 -39.00
CA PRO E 100 40.67 30.73 -40.00
C PRO E 100 40.72 31.39 -41.37
N THR E 101 41.82 31.12 -42.09
CA THR E 101 42.10 31.77 -43.36
C THR E 101 42.15 30.84 -44.55
N THR E 102 42.27 29.52 -44.36
CA THR E 102 42.35 28.59 -45.47
C THR E 102 41.01 27.97 -45.83
N GLY E 103 39.97 28.19 -45.02
CA GLY E 103 38.66 27.64 -45.29
C GLY E 103 38.60 26.14 -45.49
N SER E 104 39.60 25.44 -45.00
CA SER E 104 39.73 24.00 -45.18
C SER E 104 38.96 23.28 -44.07
N ASN E 105 39.18 21.98 -43.95
CA ASN E 105 38.48 21.17 -42.96
C ASN E 105 39.18 21.18 -41.60
N TYR E 106 40.46 21.54 -41.57
CA TYR E 106 41.24 21.56 -40.34
C TYR E 106 42.24 22.69 -40.44
N GLU E 107 42.31 23.51 -39.40
CA GLU E 107 43.24 24.63 -39.39
C GLU E 107 43.75 24.88 -37.98
N LEU E 108 45.08 24.90 -37.85
CA LEU E 108 45.70 25.30 -36.59
C LEU E 108 45.66 26.82 -36.49
N ILE E 109 45.27 27.32 -35.32
CA ILE E 109 45.07 28.76 -35.11
C ILE E 109 46.37 29.36 -34.63
N PRO E 110 46.92 30.36 -35.33
CA PRO E 110 48.13 31.03 -34.83
C PRO E 110 47.78 32.06 -33.77
N LEU E 111 48.40 31.93 -32.60
CA LEU E 111 48.22 32.85 -31.49
C LEU E 111 49.47 33.68 -31.27
N THR E 112 49.28 34.93 -30.85
CA THR E 112 50.38 35.80 -30.50
C THR E 112 50.78 35.54 -29.05
N THR E 113 51.66 36.39 -28.52
CA THR E 113 52.07 36.29 -27.13
C THR E 113 51.17 37.07 -26.18
N ALA E 114 50.12 37.71 -26.70
CA ALA E 114 49.19 38.46 -25.87
C ALA E 114 48.46 37.54 -24.89
N THR E 115 48.29 38.02 -23.67
CA THR E 115 47.63 37.23 -22.63
C THR E 115 46.19 36.88 -23.02
N MSE E 116 45.49 37.82 -23.66
CA MSE E 116 44.11 37.57 -24.06
C MSE E 116 43.88 37.80 -25.55
O MSE E 116 44.17 38.88 -26.08
CB MSE E 116 43.17 38.46 -23.25
CG MSE E 116 41.71 38.36 -23.67
SE MSE E 116 40.50 38.91 -22.26
CE MSE E 116 40.95 37.52 -20.96
N GLN E 117 43.35 36.79 -26.23
CA GLN E 117 43.09 36.84 -27.66
C GLN E 117 41.69 36.29 -27.95
N LYS E 118 41.18 36.61 -29.13
CA LYS E 118 39.86 36.18 -29.56
C LYS E 118 39.97 35.41 -30.87
N VAL E 119 39.40 34.22 -30.91
CA VAL E 119 39.28 33.43 -32.14
C VAL E 119 37.85 33.53 -32.62
N LEU E 120 37.67 34.11 -33.82
CA LEU E 120 36.36 34.44 -34.34
C LEU E 120 36.10 33.66 -35.62
N ILE E 121 34.97 32.95 -35.67
CA ILE E 121 34.57 32.17 -36.83
C ILE E 121 33.39 32.87 -37.49
N GLN E 122 33.49 33.10 -38.79
CA GLN E 122 32.44 33.78 -39.56
C GLN E 122 32.08 32.94 -40.77
N ASP E 123 31.00 33.36 -41.46
CA ASP E 123 30.57 32.65 -42.65
C ASP E 123 31.66 32.58 -43.71
N ASP E 124 32.37 33.68 -43.92
CA ASP E 124 33.40 33.72 -44.95
C ASP E 124 34.79 33.36 -44.44
N LYS E 125 34.97 33.26 -43.12
CA LYS E 125 36.23 32.86 -42.50
C LYS E 125 35.87 31.70 -41.58
N TRP E 126 35.87 30.50 -42.13
CA TRP E 126 35.29 29.34 -41.48
C TRP E 126 36.20 28.14 -41.69
N ALA E 127 36.10 27.19 -40.77
CA ALA E 127 36.80 25.91 -40.90
C ALA E 127 36.01 24.85 -40.15
N GLN E 128 36.05 23.62 -40.67
CA GLN E 128 35.30 22.54 -40.05
C GLN E 128 35.78 22.29 -38.62
N THR E 129 37.09 22.23 -38.42
CA THR E 129 37.67 22.00 -37.11
C THR E 129 38.85 22.94 -36.91
N ILE E 130 38.82 23.73 -35.85
CA ILE E 130 39.92 24.62 -35.48
C ILE E 130 40.66 24.01 -34.30
N ALA E 131 41.98 24.18 -34.28
CA ALA E 131 42.82 23.61 -33.24
C ALA E 131 43.57 24.72 -32.53
N LEU E 132 43.50 24.72 -31.20
CA LEU E 132 44.30 25.67 -30.44
C LEU E 132 45.74 25.16 -30.32
N PRO E 133 46.72 26.04 -30.45
CA PRO E 133 48.11 25.59 -30.37
C PRO E 133 48.50 25.20 -28.96
N SER E 134 49.35 24.18 -28.86
CA SER E 134 49.92 23.77 -27.59
C SER E 134 51.24 24.50 -27.35
N ASP E 135 51.73 24.38 -26.12
CA ASP E 135 53.02 24.96 -25.72
C ASP E 135 53.05 26.45 -26.02
N VAL E 136 52.07 27.15 -25.46
CA VAL E 136 52.03 28.60 -25.50
C VAL E 136 52.35 29.09 -24.09
N ARG E 137 52.54 30.40 -23.96
CA ARG E 137 52.91 30.97 -22.67
C ARG E 137 51.82 30.71 -21.63
N ASP E 138 52.24 30.22 -20.47
CA ASP E 138 51.32 29.85 -19.40
C ASP E 138 50.41 31.01 -19.02
N GLY E 139 49.12 30.73 -18.90
CA GLY E 139 48.13 31.73 -18.59
C GLY E 139 47.44 32.36 -19.77
N THR E 140 47.83 32.02 -20.99
CA THR E 140 47.19 32.56 -22.18
C THR E 140 45.70 32.21 -22.20
N THR E 141 44.86 33.24 -22.29
CA THR E 141 43.41 33.08 -22.30
C THR E 141 42.89 33.45 -23.68
N VAL E 142 42.03 32.58 -24.23
CA VAL E 142 41.49 32.78 -25.57
C VAL E 142 39.97 32.67 -25.49
N GLN E 143 39.28 33.55 -26.22
CA GLN E 143 37.84 33.50 -26.36
C GLN E 143 37.49 32.95 -27.74
N VAL E 144 36.81 31.81 -27.77
CA VAL E 144 36.40 31.17 -29.01
C VAL E 144 34.93 31.50 -29.24
N VAL E 145 34.64 32.19 -30.34
CA VAL E 145 33.30 32.69 -30.64
C VAL E 145 33.03 32.47 -32.12
N SER E 146 31.79 32.11 -32.46
CA SER E 146 31.39 31.89 -33.83
C SER E 146 30.12 32.65 -34.13
N THR E 147 30.10 33.33 -35.28
CA THR E 147 28.89 33.96 -35.82
C THR E 147 28.45 33.30 -37.11
N ALA E 148 29.11 32.23 -37.54
CA ALA E 148 28.76 31.56 -38.78
C ALA E 148 27.45 30.78 -38.63
N SER E 149 26.81 30.55 -39.77
CA SER E 149 25.55 29.81 -39.78
C SER E 149 25.73 28.31 -39.91
N VAL E 150 26.88 27.85 -40.39
CA VAL E 150 27.23 26.43 -40.43
C VAL E 150 28.13 26.14 -39.23
N SER E 151 27.83 25.07 -38.52
CA SER E 151 28.50 24.80 -37.25
C SER E 151 29.90 24.22 -37.48
N SER E 152 30.74 24.37 -36.47
CA SER E 152 32.10 23.84 -36.47
C SER E 152 32.40 23.34 -35.06
N ASP E 153 33.65 22.94 -34.83
CA ASP E 153 34.03 22.42 -33.52
C ASP E 153 35.52 22.65 -33.31
N ILE E 154 35.96 22.41 -32.07
CA ILE E 154 37.34 22.60 -31.64
C ILE E 154 38.00 21.24 -31.48
N ASP E 155 39.22 21.12 -31.99
CA ASP E 155 40.00 19.91 -31.77
C ASP E 155 40.18 19.69 -30.27
N LYS E 156 39.97 18.45 -29.83
CA LYS E 156 39.91 18.13 -28.41
C LYS E 156 41.21 17.57 -27.87
N THR E 157 42.25 17.46 -28.72
CA THR E 157 43.48 16.80 -28.32
C THR E 157 44.10 17.46 -27.08
N ASN E 158 44.26 18.78 -27.12
CA ASN E 158 44.90 19.50 -26.03
C ASN E 158 43.88 20.16 -25.09
N LEU E 159 42.63 19.72 -25.11
CA LEU E 159 41.64 20.21 -24.17
C LEU E 159 41.58 19.31 -22.94
N LEU E 160 41.27 19.93 -21.79
CA LEU E 160 41.24 19.19 -20.52
C LEU E 160 40.28 18.01 -20.58
N PHE E 161 39.08 18.22 -21.12
CA PHE E 161 38.11 17.14 -21.29
C PHE E 161 37.50 17.23 -22.68
N PRO E 162 37.20 16.10 -23.30
CA PRO E 162 36.60 16.09 -24.66
C PRO E 162 35.11 16.35 -24.65
N SER E 163 34.72 17.55 -24.19
CA SER E 163 33.31 17.91 -24.10
C SER E 163 32.77 18.27 -25.47
N SER E 164 31.48 18.61 -25.53
CA SER E 164 30.79 18.89 -26.78
C SER E 164 31.04 20.34 -27.21
N PHE E 165 32.31 20.63 -27.51
CA PHE E 165 32.71 21.99 -27.88
C PHE E 165 32.38 22.25 -29.35
N THR E 166 31.08 22.30 -29.63
CA THR E 166 30.59 22.65 -30.96
C THR E 166 30.27 24.15 -31.01
N LEU E 167 30.46 24.73 -32.19
CA LEU E 167 30.37 26.17 -32.37
C LEU E 167 29.30 26.51 -33.40
N LYS E 168 28.19 27.08 -32.95
CA LYS E 168 27.18 27.68 -33.80
C LYS E 168 27.15 29.19 -33.57
N ASN E 169 26.28 29.87 -34.32
CA ASN E 169 26.07 31.30 -34.15
C ASN E 169 25.65 31.62 -32.72
N GLY E 170 26.50 32.32 -31.98
CA GLY E 170 26.24 32.67 -30.60
C GLY E 170 27.05 31.88 -29.59
N SER E 171 27.77 30.85 -30.01
CA SER E 171 28.57 30.07 -29.08
C SER E 171 29.74 30.90 -28.58
N GLU E 172 30.13 30.64 -27.33
CA GLU E 172 31.21 31.40 -26.70
C GLU E 172 31.88 30.52 -25.64
N TYR E 173 33.14 30.18 -25.88
CA TYR E 173 33.92 29.39 -24.94
C TYR E 173 35.21 30.14 -24.63
N TRP E 174 35.55 30.22 -23.34
CA TRP E 174 36.80 30.82 -22.89
C TRP E 174 37.71 29.75 -22.33
N PHE E 175 38.95 29.70 -22.82
CA PHE E 175 39.93 28.73 -22.37
C PHE E 175 41.18 29.44 -21.86
N LYS E 176 41.83 28.83 -20.86
CA LYS E 176 43.12 29.29 -20.38
C LYS E 176 44.08 28.11 -20.40
N TYR E 177 45.29 28.34 -20.92
CA TYR E 177 46.28 27.29 -21.08
C TYR E 177 47.09 27.14 -19.80
N TYR E 178 47.18 25.90 -19.31
CA TYR E 178 47.98 25.57 -18.14
C TYR E 178 49.16 24.73 -18.61
N SER E 179 50.37 25.30 -18.55
CA SER E 179 51.55 24.56 -18.98
C SER E 179 51.86 23.40 -18.05
N ALA E 180 51.44 23.48 -16.79
CA ALA E 180 51.61 22.35 -15.89
C ALA E 180 50.80 21.14 -16.35
N LEU E 181 49.70 21.38 -17.08
CA LEU E 181 48.91 20.31 -17.65
C LEU E 181 49.10 20.13 -19.15
N GLY E 182 49.69 21.12 -19.82
CA GLY E 182 49.72 21.11 -21.27
C GLY E 182 48.33 21.03 -21.88
N LYS E 183 47.35 21.69 -21.26
CA LYS E 183 45.96 21.58 -21.67
C LYS E 183 45.30 22.94 -21.61
N TRP E 184 44.39 23.19 -22.55
CA TRP E 184 43.49 24.33 -22.46
C TRP E 184 42.34 23.98 -21.53
N VAL E 185 42.13 24.78 -20.50
CA VAL E 185 41.15 24.52 -19.45
C VAL E 185 39.99 25.49 -19.62
N PRO E 186 38.74 25.02 -19.66
CA PRO E 186 37.60 25.93 -19.79
C PRO E 186 37.45 26.80 -18.55
N GLU E 187 37.39 28.10 -18.76
CA GLU E 187 37.19 29.06 -17.66
C GLU E 187 35.81 29.70 -17.66
N TYR E 188 35.19 29.85 -18.82
CA TYR E 188 33.81 30.34 -18.90
C TYR E 188 33.15 29.73 -20.12
N ILE E 189 31.96 29.17 -19.92
CA ILE E 189 31.17 28.58 -21.00
C ILE E 189 29.83 29.29 -21.05
N LYS E 190 29.54 29.93 -22.18
CA LYS E 190 28.23 30.55 -22.35
C LYS E 190 27.17 29.47 -22.45
N PRO E 191 26.20 29.43 -21.55
CA PRO E 191 25.26 28.30 -21.54
C PRO E 191 24.29 28.35 -22.70
N GLN E 192 23.94 27.17 -23.19
CA GLN E 192 22.84 27.02 -24.14
C GLN E 192 21.56 26.91 -23.34
N LYS E 193 20.68 27.90 -23.48
CA LYS E 193 19.49 28.00 -22.64
C LYS E 193 18.29 27.38 -23.35
N LEU E 194 17.59 26.50 -22.65
CA LEU E 194 16.40 25.85 -23.16
C LEU E 194 15.28 25.98 -22.15
N ASN E 195 14.08 26.30 -22.63
CA ASN E 195 12.88 26.23 -21.82
C ASN E 195 12.28 24.84 -21.93
N VAL E 196 11.96 24.23 -20.78
CA VAL E 196 11.52 22.84 -20.76
C VAL E 196 10.25 22.64 -21.58
N GLN E 197 9.47 23.70 -21.80
CA GLN E 197 8.30 23.59 -22.66
C GLN E 197 8.67 23.30 -24.11
N GLN E 198 9.88 23.65 -24.53
CA GLN E 198 10.31 23.38 -25.90
C GLN E 198 10.67 21.91 -26.12
N ILE E 199 11.17 21.23 -25.09
CA ILE E 199 11.70 19.88 -25.24
C ILE E 199 10.86 18.83 -24.53
N GLY E 200 9.88 19.23 -23.72
CA GLY E 200 9.04 18.25 -23.06
C GLY E 200 9.71 17.62 -21.85
N THR E 201 9.33 16.37 -21.57
CA THR E 201 9.75 15.66 -20.38
C THR E 201 11.09 14.94 -20.55
N SER E 202 11.79 15.15 -21.65
CA SER E 202 13.04 14.44 -21.87
C SER E 202 13.95 15.27 -22.79
N LEU E 203 15.26 15.07 -22.63
CA LEU E 203 16.27 15.61 -23.53
C LEU E 203 17.04 14.43 -24.11
N ALA E 204 16.90 14.22 -25.43
CA ALA E 204 17.53 13.07 -26.06
C ALA E 204 19.05 13.19 -26.06
N ALA E 205 19.57 14.38 -26.37
CA ALA E 205 21.01 14.58 -26.46
C ALA E 205 21.34 16.04 -26.17
N VAL E 206 22.57 16.27 -25.75
CA VAL E 206 23.06 17.62 -25.51
C VAL E 206 23.78 18.12 -26.75
N ASN E 207 23.86 19.45 -26.86
CA ASN E 207 24.44 20.11 -28.03
C ASN E 207 25.63 20.99 -27.71
N SER E 208 25.97 21.15 -26.44
CA SER E 208 27.01 22.09 -26.02
C SER E 208 27.53 21.62 -24.67
N PRO E 209 28.68 22.16 -24.22
CA PRO E 209 29.23 21.71 -22.93
C PRO E 209 28.41 22.14 -21.74
N LEU E 210 27.50 23.10 -21.89
CA LEU E 210 26.70 23.59 -20.77
C LEU E 210 25.29 23.87 -21.27
N THR E 211 24.33 23.04 -20.86
CA THR E 211 22.93 23.23 -21.19
C THR E 211 22.19 23.65 -19.93
N GLU E 212 21.35 24.69 -20.05
CA GLU E 212 20.63 25.26 -18.92
C GLU E 212 19.14 25.18 -19.21
N ILE E 213 18.43 24.38 -18.42
CA ILE E 213 17.01 24.10 -18.63
C ILE E 213 16.21 24.81 -17.56
N ALA E 214 15.32 25.71 -17.97
CA ALA E 214 14.56 26.54 -17.05
C ALA E 214 13.13 26.03 -16.88
N PHE E 215 12.66 26.00 -15.65
CA PHE E 215 11.28 25.75 -15.31
C PHE E 215 10.64 27.03 -14.79
N GLY E 216 9.38 27.26 -15.17
CA GLY E 216 8.67 28.44 -14.69
C GLY E 216 7.18 28.25 -14.82
N ASP E 217 6.44 29.28 -14.40
CA ASP E 217 5.00 29.27 -14.60
C ASP E 217 4.69 29.51 -16.07
N GLY E 218 3.87 28.64 -16.65
CA GLY E 218 3.67 28.61 -18.08
C GLY E 218 4.76 27.92 -18.86
N ASN E 219 5.79 27.40 -18.19
CA ASN E 219 6.89 26.68 -18.83
C ASN E 219 7.32 25.60 -17.83
N TRP E 220 6.71 24.42 -17.94
CA TRP E 220 6.75 23.47 -16.83
C TRP E 220 6.27 22.10 -17.30
N VAL E 221 6.93 21.06 -16.80
CA VAL E 221 6.49 19.68 -16.95
C VAL E 221 6.59 19.02 -15.58
N SER E 222 5.96 17.86 -15.46
CA SER E 222 5.89 17.21 -14.15
C SER E 222 7.15 16.41 -13.83
N ASN E 223 7.86 15.94 -14.86
CA ASN E 223 9.08 15.18 -14.64
C ASN E 223 9.97 15.31 -15.86
N PHE E 224 11.27 15.08 -15.65
CA PHE E 224 12.26 15.31 -16.69
C PHE E 224 13.35 14.25 -16.60
N THR E 225 13.77 13.73 -17.76
CA THR E 225 14.79 12.70 -17.85
C THR E 225 16.01 13.23 -18.58
N LEU E 226 17.17 13.09 -17.95
CA LEU E 226 18.42 13.50 -18.56
C LEU E 226 18.77 12.57 -19.73
N PRO E 227 19.64 13.01 -20.64
CA PRO E 227 20.08 12.13 -21.73
C PRO E 227 20.79 10.89 -21.19
N THR E 228 20.75 9.83 -21.99
CA THR E 228 21.41 8.59 -21.62
C THR E 228 22.91 8.65 -21.79
N THR E 229 23.41 9.55 -22.64
CA THR E 229 24.83 9.67 -22.93
C THR E 229 25.15 11.08 -23.36
N ALA E 230 26.41 11.46 -23.21
CA ALA E 230 26.91 12.75 -23.64
C ALA E 230 28.41 12.63 -23.82
N ASN E 231 29.06 13.75 -24.12
CA ASN E 231 30.52 13.79 -24.14
C ASN E 231 31.05 14.05 -22.74
N ASP E 232 32.32 13.68 -22.54
CA ASP E 232 32.92 13.75 -21.21
C ASP E 232 32.86 15.16 -20.63
N ARG E 233 32.29 15.27 -19.43
CA ARG E 233 32.22 16.49 -18.64
C ARG E 233 31.22 17.51 -19.19
N ASP E 234 30.31 17.10 -20.06
CA ASP E 234 29.18 17.96 -20.39
C ASP E 234 28.34 18.20 -19.15
N ARG E 235 27.76 19.39 -19.05
CA ARG E 235 27.03 19.79 -17.86
C ARG E 235 25.63 20.25 -18.21
N ILE E 236 24.67 19.91 -17.35
CA ILE E 236 23.28 20.33 -17.48
C ILE E 236 22.88 21.00 -16.16
N ILE E 237 22.43 22.24 -16.25
CA ILE E 237 21.87 22.96 -15.10
C ILE E 237 20.36 23.01 -15.26
N ILE E 238 19.65 22.64 -14.20
CA ILE E 238 18.19 22.66 -14.18
C ILE E 238 17.75 23.65 -13.12
N LYS E 239 17.00 24.67 -13.54
CA LYS E 239 16.54 25.73 -12.65
C LYS E 239 15.03 25.84 -12.71
N SER E 240 14.44 26.29 -11.61
CA SER E 240 12.99 26.47 -11.55
C SER E 240 12.66 27.78 -10.85
N THR E 241 11.70 28.51 -11.44
CA THR E 241 11.01 29.59 -10.76
C THR E 241 9.52 29.33 -10.68
N ALA E 242 9.09 28.12 -11.05
CA ALA E 242 7.68 27.77 -11.08
C ALA E 242 7.13 27.62 -9.66
N THR E 243 5.82 27.79 -9.53
CA THR E 243 5.16 27.65 -8.24
C THR E 243 5.13 26.19 -7.81
N TRP E 244 4.78 25.28 -8.72
CA TRP E 244 4.56 23.88 -8.40
C TRP E 244 5.82 23.06 -8.68
N SER E 245 6.13 22.15 -7.76
CA SER E 245 7.33 21.35 -7.85
C SER E 245 7.31 20.41 -9.06
N ALA E 246 8.49 19.95 -9.43
CA ALA E 246 8.67 18.96 -10.49
C ALA E 246 9.73 17.97 -10.04
N LYS E 247 9.76 16.83 -10.70
CA LYS E 247 10.66 15.73 -10.34
C LYS E 247 11.69 15.52 -11.42
N ILE E 248 12.96 15.52 -11.04
CA ILE E 248 14.04 15.09 -11.92
C ILE E 248 14.22 13.59 -11.76
N ASN E 249 13.98 12.84 -12.82
CA ASN E 249 14.05 11.39 -12.75
C ASN E 249 15.48 10.95 -12.49
N ASN E 250 15.62 9.88 -11.69
CA ASN E 250 16.92 9.38 -11.29
C ASN E 250 17.60 8.53 -12.36
N THR E 251 16.88 8.16 -13.41
CA THR E 251 17.46 7.34 -14.46
C THR E 251 18.59 8.10 -15.15
N ASN E 252 19.66 7.37 -15.47
CA ASN E 252 20.90 7.87 -16.07
C ASN E 252 21.71 8.74 -15.12
N VAL E 253 21.27 8.90 -13.87
CA VAL E 253 21.98 9.72 -12.88
C VAL E 253 22.60 8.80 -11.83
N ASN E 254 23.80 9.14 -11.38
CA ASN E 254 24.49 8.38 -10.36
C ASN E 254 24.03 8.81 -8.96
N SER E 255 22.72 8.70 -8.75
CA SER E 255 22.11 9.05 -7.46
C SER E 255 20.68 8.56 -7.40
N GLN E 256 20.30 7.95 -6.29
CA GLN E 256 18.92 7.57 -6.04
C GLN E 256 18.20 8.56 -5.15
N ALA E 257 18.84 9.67 -4.80
CA ALA E 257 18.28 10.64 -3.86
C ALA E 257 17.07 11.35 -4.48
N THR E 258 16.36 12.08 -3.62
CA THR E 258 15.15 12.78 -4.02
C THR E 258 15.53 14.04 -4.79
N LEU E 259 15.38 13.99 -6.11
CA LEU E 259 15.70 15.14 -6.96
C LEU E 259 14.42 15.92 -7.31
N THR E 260 13.81 16.48 -6.28
CA THR E 260 12.60 17.29 -6.45
C THR E 260 12.99 18.73 -6.74
N LEU E 261 12.36 19.31 -7.77
CA LEU E 261 12.69 20.64 -8.25
C LEU E 261 11.60 21.60 -7.78
N LYS E 262 11.89 22.36 -6.71
CA LYS E 262 10.95 23.29 -6.14
C LYS E 262 11.26 24.70 -6.63
N THR E 263 10.44 25.66 -6.19
CA THR E 263 10.64 27.06 -6.55
C THR E 263 12.01 27.55 -6.08
N GLY E 264 12.79 28.09 -7.01
CA GLY E 264 14.11 28.59 -6.70
C GLY E 264 15.21 27.55 -6.63
N ASP E 265 14.88 26.27 -6.74
CA ASP E 265 15.89 25.23 -6.66
C ASP E 265 16.76 25.21 -7.92
N GLN E 266 17.95 24.65 -7.77
CA GLN E 266 18.89 24.50 -8.87
C GLN E 266 19.65 23.20 -8.70
N TYR E 267 19.73 22.41 -9.77
CA TYR E 267 20.51 21.18 -9.80
C TYR E 267 21.53 21.27 -10.93
N GLU E 268 22.70 20.70 -10.70
CA GLU E 268 23.76 20.66 -11.71
C GLU E 268 24.24 19.23 -11.87
N PHE E 269 24.36 18.78 -13.11
CA PHE E 269 24.80 17.42 -13.41
C PHE E 269 25.99 17.47 -14.34
N MSE E 270 26.84 16.46 -14.24
CA MSE E 270 28.04 16.36 -15.06
C MSE E 270 28.23 14.93 -15.56
O MSE E 270 28.24 13.99 -14.76
CB MSE E 270 29.27 16.81 -14.28
CG MSE E 270 30.56 16.76 -15.07
SE MSE E 270 32.12 17.12 -13.95
CE MSE E 270 31.98 15.60 -12.74
N TYR E 271 28.38 14.77 -16.87
CA TYR E 271 28.53 13.44 -17.44
C TYR E 271 29.96 12.94 -17.27
N VAL E 272 30.10 11.65 -16.98
CA VAL E 272 31.39 11.01 -16.75
C VAL E 272 31.47 9.83 -17.71
N SER E 273 32.33 9.94 -18.72
CA SER E 273 32.34 8.96 -19.81
C SER E 273 32.74 7.58 -19.32
N ASP E 274 33.85 7.49 -18.57
CA ASP E 274 34.34 6.19 -18.14
C ASP E 274 33.34 5.45 -17.27
N LYS E 275 32.42 6.17 -16.62
CA LYS E 275 31.36 5.57 -15.82
C LYS E 275 30.04 5.46 -16.57
N GLY E 276 29.80 6.34 -17.54
CA GLY E 276 28.59 6.27 -18.34
C GLY E 276 27.34 6.76 -17.67
N TYR E 277 27.43 7.75 -16.79
CA TYR E 277 26.26 8.33 -16.16
C TYR E 277 26.48 9.80 -15.86
N TRP E 278 25.41 10.47 -15.44
CA TRP E 278 25.48 11.86 -15.01
C TRP E 278 25.79 11.89 -13.51
N GLN E 279 26.87 12.58 -13.15
CA GLN E 279 27.23 12.78 -11.74
C GLN E 279 26.49 14.00 -11.20
N LEU E 280 25.90 13.87 -10.02
CA LEU E 280 25.22 14.99 -9.36
C LEU E 280 26.27 15.79 -8.58
N ILE E 281 26.53 17.02 -9.04
CA ILE E 281 27.57 17.84 -8.44
C ILE E 281 27.03 19.03 -7.66
N SER E 282 25.74 19.33 -7.75
CA SER E 282 25.17 20.44 -7.00
C SER E 282 23.67 20.21 -6.85
N SER E 283 23.17 20.35 -5.62
CA SER E 283 21.77 20.12 -5.31
C SER E 283 21.39 20.95 -4.10
N PRO E 284 20.12 21.32 -3.95
CA PRO E 284 19.72 22.19 -2.85
C PRO E 284 19.76 21.49 -1.50
N THR E 285 19.81 22.31 -0.45
CA THR E 285 19.79 21.83 0.92
C THR E 285 18.73 22.62 1.68
N LYS E 286 17.72 21.92 2.20
CA LYS E 286 16.73 22.55 3.07
C LYS E 286 17.33 22.73 4.46
N VAL E 287 17.28 23.95 4.97
CA VAL E 287 17.91 24.30 6.24
C VAL E 287 16.85 24.85 7.19
N ILE E 288 16.69 24.19 8.33
CA ILE E 288 15.90 24.71 9.44
C ILE E 288 16.90 25.27 10.44
N ASP E 289 17.07 26.58 10.45
CA ASP E 289 18.16 27.19 11.21
C ASP E 289 17.76 27.41 12.67
N SER E 290 18.70 27.95 13.44
CA SER E 290 18.55 28.05 14.90
C SER E 290 17.46 29.01 15.34
N THR E 291 16.90 29.81 14.43
CA THR E 291 15.82 30.71 14.76
C THR E 291 14.45 30.21 14.29
N ALA E 292 14.42 29.16 13.47
CA ALA E 292 13.17 28.62 12.97
C ALA E 292 12.68 27.48 13.86
N THR E 293 11.37 27.25 13.82
CA THR E 293 10.78 26.17 14.58
C THR E 293 11.09 24.82 13.94
N ILE E 294 11.47 23.86 14.77
CA ILE E 294 11.82 22.52 14.32
C ILE E 294 10.67 21.58 14.68
N PRO E 295 10.10 20.84 13.73
CA PRO E 295 9.02 19.91 14.05
C PRO E 295 9.54 18.65 14.70
N ALA E 296 8.71 18.09 15.58
CA ALA E 296 9.09 16.86 16.28
C ALA E 296 9.29 15.71 15.30
N ILE E 297 8.48 15.66 14.25
CA ILE E 297 8.66 14.72 13.15
C ILE E 297 9.20 15.51 11.96
N LEU E 298 10.43 15.20 11.57
CA LEU E 298 11.07 15.94 10.47
C LEU E 298 10.31 15.71 9.17
N PRO E 299 10.26 16.73 8.30
CA PRO E 299 9.46 16.61 7.08
C PRO E 299 10.05 15.63 6.09
N ASN E 300 9.18 15.10 5.25
CA ASN E 300 9.60 14.19 4.20
C ASN E 300 10.56 14.90 3.24
N MSE E 301 11.55 14.15 2.76
CA MSE E 301 12.59 14.71 1.90
C MSE E 301 12.04 15.24 0.58
O MSE E 301 11.41 14.51 -0.18
CB MSE E 301 13.67 13.67 1.63
CG MSE E 301 14.25 13.02 2.87
SE MSE E 301 15.32 14.21 3.97
CE MSE E 301 16.77 14.58 2.72
N THR E 302 12.27 16.53 0.32
CA THR E 302 11.99 17.14 -0.97
C THR E 302 13.27 17.59 -1.68
N GLN E 303 14.42 17.12 -1.20
CA GLN E 303 15.72 17.42 -1.79
C GLN E 303 16.72 16.42 -1.24
N PRO E 304 17.90 16.30 -1.85
CA PRO E 304 18.82 15.23 -1.41
C PRO E 304 19.29 15.35 0.04
N THR E 305 19.29 16.54 0.64
CA THR E 305 19.82 16.68 1.98
C THR E 305 19.01 17.70 2.77
N LEU E 306 18.92 17.47 4.08
CA LEU E 306 18.23 18.36 5.01
C LEU E 306 19.13 18.60 6.21
N LYS E 307 19.26 19.87 6.60
CA LYS E 307 20.11 20.26 7.72
C LYS E 307 19.27 20.93 8.79
N VAL E 308 19.36 20.43 10.01
CA VAL E 308 18.59 20.92 11.15
C VAL E 308 19.55 21.48 12.18
N LYS E 309 19.27 22.69 12.65
CA LYS E 309 20.15 23.40 13.59
C LYS E 309 19.41 23.62 14.90
N LEU E 310 19.71 22.77 15.89
CA LEU E 310 19.10 22.89 17.20
C LEU E 310 19.78 23.99 18.02
N SER E 311 18.96 24.79 18.70
CA SER E 311 19.45 25.85 19.57
C SER E 311 18.59 25.88 20.83
N THR E 312 18.90 26.83 21.72
CA THR E 312 18.13 26.96 22.95
C THR E 312 16.71 27.41 22.68
N SER E 313 16.51 28.26 21.67
CA SER E 313 15.20 28.84 21.40
C SER E 313 14.30 27.94 20.56
N ASN E 314 14.86 26.89 19.93
CA ASN E 314 14.06 25.94 19.18
C ASN E 314 14.31 24.51 19.63
N TRP E 315 14.84 24.32 20.83
CA TRP E 315 15.18 22.99 21.31
C TRP E 315 13.97 22.07 21.31
N GLN E 316 14.21 20.81 21.01
CA GLN E 316 13.18 19.78 20.97
C GLN E 316 13.69 18.55 21.72
N PRO E 317 12.86 17.93 22.57
CA PRO E 317 13.37 16.76 23.31
C PRO E 317 13.62 15.56 22.43
N THR E 318 12.76 15.30 21.44
CA THR E 318 12.94 14.18 20.54
C THR E 318 12.72 14.64 19.10
N LEU E 319 13.48 14.05 18.18
CA LEU E 319 13.32 14.28 16.76
C LEU E 319 13.24 12.94 16.04
N GLN E 320 12.25 12.80 15.15
CA GLN E 320 12.11 11.60 14.32
C GLN E 320 12.59 11.93 12.90
N LEU E 321 13.55 11.15 12.41
CA LEU E 321 14.04 11.35 11.06
C LEU E 321 12.91 11.17 10.05
N PRO E 322 13.03 11.78 8.87
CA PRO E 322 11.91 11.82 7.91
C PRO E 322 11.34 10.44 7.63
N ALA E 323 10.00 10.35 7.60
CA ALA E 323 9.33 9.08 7.39
C ALA E 323 9.46 8.60 5.95
N GLN E 324 9.49 9.53 5.00
CA GLN E 324 9.59 9.18 3.58
C GLN E 324 10.86 9.78 3.01
N ALA E 325 11.67 8.95 2.36
CA ALA E 325 12.94 9.37 1.80
C ALA E 325 13.34 8.38 0.72
N GLN E 326 14.40 8.72 0.00
CA GLN E 326 14.97 7.86 -1.03
C GLN E 326 16.41 7.53 -0.68
N VAL E 327 16.89 6.40 -1.19
CA VAL E 327 18.24 5.95 -0.90
C VAL E 327 19.24 7.01 -1.29
N GLY E 328 20.11 7.39 -0.35
CA GLY E 328 21.09 8.43 -0.56
C GLY E 328 20.75 9.76 0.09
N ASP E 329 19.49 9.96 0.46
CA ASP E 329 19.11 11.18 1.17
C ASP E 329 19.86 11.29 2.49
N LYS E 330 20.23 12.51 2.85
CA LYS E 330 21.04 12.76 4.03
C LYS E 330 20.36 13.77 4.94
N VAL E 331 20.50 13.56 6.25
CA VAL E 331 20.04 14.50 7.27
C VAL E 331 21.22 14.83 8.16
N VAL E 332 21.52 16.12 8.27
CA VAL E 332 22.57 16.62 9.16
C VAL E 332 21.91 17.41 10.28
N ILE E 333 22.25 17.08 11.51
CA ILE E 333 21.69 17.73 12.68
C ILE E 333 22.82 18.35 13.49
N VAL E 334 22.70 19.65 13.79
CA VAL E 334 23.65 20.38 14.62
C VAL E 334 22.92 20.84 15.87
N SER E 335 23.62 20.85 17.00
CA SER E 335 23.03 21.18 18.28
C SER E 335 23.93 22.16 19.01
N ASN E 336 23.37 23.32 19.36
CA ASN E 336 24.02 24.27 20.26
C ASN E 336 23.17 24.52 21.50
N ALA E 337 22.23 23.63 21.79
CA ALA E 337 21.43 23.70 23.00
C ALA E 337 22.11 22.95 24.13
N SER E 338 21.82 23.36 25.37
CA SER E 338 22.48 22.77 26.52
C SER E 338 22.02 21.34 26.77
N ALA E 339 20.75 21.06 26.53
CA ALA E 339 20.19 19.74 26.76
C ALA E 339 20.32 18.87 25.52
N ASP E 340 20.33 17.55 25.75
CA ASP E 340 20.43 16.60 24.66
C ASP E 340 19.11 16.52 23.89
N THR E 341 19.19 15.95 22.69
CA THR E 341 18.01 15.70 21.87
C THR E 341 18.10 14.28 21.34
N TYR E 342 17.03 13.51 21.53
CA TYR E 342 16.99 12.14 21.05
C TYR E 342 16.55 12.11 19.59
N ILE E 343 17.17 11.23 18.81
CA ILE E 343 16.88 11.08 17.39
C ILE E 343 16.40 9.66 17.17
N ASN E 344 15.28 9.52 16.46
CA ASN E 344 14.65 8.23 16.22
C ASN E 344 14.29 8.08 14.75
N ALA E 345 14.14 6.81 14.35
CA ALA E 345 13.73 6.47 13.00
C ALA E 345 12.76 5.30 13.07
N ALA E 346 12.04 5.07 11.97
CA ALA E 346 11.03 4.02 11.94
C ALA E 346 11.65 2.64 12.11
N ASN E 347 12.87 2.43 11.64
CA ASN E 347 13.52 1.13 11.73
C ASN E 347 14.04 0.82 13.13
N GLY E 348 13.74 1.66 14.12
CA GLY E 348 14.19 1.43 15.47
C GLY E 348 15.47 2.15 15.85
N LEU E 349 16.10 2.85 14.91
CA LEU E 349 17.29 3.64 15.22
C LEU E 349 16.97 4.63 16.34
N SER E 350 17.79 4.62 17.38
CA SER E 350 17.54 5.45 18.55
C SER E 350 18.88 5.89 19.13
N THR E 351 19.12 7.19 19.12
CA THR E 351 20.39 7.75 19.56
C THR E 351 20.13 9.18 20.04
N ALA E 352 21.19 9.84 20.46
CA ALA E 352 21.11 11.20 20.99
C ALA E 352 22.18 12.07 20.37
N ILE E 353 21.89 13.36 20.26
CA ILE E 353 22.86 14.37 19.87
C ILE E 353 23.05 15.31 21.05
N LYS E 354 24.30 15.65 21.35
CA LYS E 354 24.63 16.48 22.49
C LYS E 354 25.10 17.85 22.03
N ASN E 355 25.32 18.72 23.00
CA ASN E 355 25.70 20.10 22.73
C ASN E 355 27.01 20.15 21.94
N GLY E 356 27.02 20.94 20.86
CA GLY E 356 28.20 21.11 20.05
C GLY E 356 28.47 20.00 19.07
N GLU E 357 27.58 19.01 18.97
CA GLU E 357 27.81 17.83 18.15
C GLU E 357 27.17 17.99 16.79
N ASN E 358 27.85 17.48 15.76
CA ASN E 358 27.29 17.35 14.42
C ASN E 358 27.09 15.87 14.12
N ARG E 359 25.91 15.53 13.62
CA ARG E 359 25.57 14.14 13.32
C ARG E 359 24.88 14.07 11.97
N ARG E 360 25.34 13.18 11.11
CA ARG E 360 24.77 12.98 9.79
C ARG E 360 24.18 11.57 9.70
N PHE E 361 23.02 11.47 9.07
CA PHE E 361 22.35 10.20 8.84
C PHE E 361 22.05 10.08 7.36
N ILE E 362 22.09 8.85 6.85
CA ILE E 362 21.86 8.57 5.44
C ILE E 362 20.80 7.50 5.33
N TYR E 363 19.94 7.62 4.32
CA TYR E 363 18.83 6.70 4.12
C TYR E 363 19.27 5.55 3.23
N THR E 364 18.89 4.34 3.62
CA THR E 364 19.18 3.12 2.88
C THR E 364 17.88 2.39 2.59
N ALA E 365 18.00 1.26 1.88
CA ALA E 365 16.82 0.46 1.57
C ALA E 365 16.13 -0.05 2.82
N GLN E 366 16.84 -0.14 3.95
CA GLN E 366 16.29 -0.64 5.21
C GLN E 366 16.18 0.46 6.26
N GLY E 367 16.05 1.70 5.83
CA GLY E 367 15.77 2.81 6.73
C GLY E 367 16.99 3.69 6.96
N TRP E 368 16.84 4.61 7.90
CA TRP E 368 17.88 5.57 8.22
C TRP E 368 19.06 4.89 8.91
N THR E 369 20.25 5.44 8.69
CA THR E 369 21.49 4.79 9.09
C THR E 369 22.50 5.86 9.53
N VAL E 370 23.25 5.54 10.59
CA VAL E 370 24.28 6.44 11.07
C VAL E 370 25.34 6.62 9.98
N ASP E 371 25.70 7.88 9.72
CA ASP E 371 26.65 8.19 8.65
C ASP E 371 27.83 9.03 9.14
N SER E 372 28.00 9.19 10.45
CA SER E 372 29.13 9.95 10.95
C SER E 372 29.40 9.56 12.39
N TYR E 373 30.67 9.62 12.78
CA TYR E 373 31.09 9.36 14.15
C TYR E 373 31.74 10.61 14.74
N THR E 374 31.39 10.92 15.98
CA THR E 374 31.84 12.15 16.63
C THR E 374 33.16 11.89 17.33
N ILE E 375 34.19 12.64 16.95
CA ILE E 375 35.50 12.56 17.58
C ILE E 375 35.64 13.76 18.50
N ASP E 376 35.64 13.51 19.81
CA ASP E 376 35.74 14.59 20.78
C ASP E 376 37.19 15.06 20.90
N MSE E 377 37.39 16.36 20.85
CA MSE E 377 38.74 16.94 20.87
C MSE E 377 38.96 17.87 22.05
O MSE E 377 38.06 18.62 22.44
CB MSE E 377 39.00 17.68 19.56
CG MSE E 377 38.96 16.81 18.31
SE MSE E 377 40.44 15.55 18.23
CE MSE E 377 41.91 16.82 18.11
N LEU E 378 40.16 17.80 22.62
CA LEU E 378 40.60 18.74 23.66
C LEU E 378 41.51 19.76 23.02
N LEU E 379 41.14 21.04 23.12
CA LEU E 379 41.89 22.13 22.50
C LEU E 379 42.80 22.75 23.56
N VAL E 380 44.11 22.77 23.26
CA VAL E 380 45.11 23.32 24.16
C VAL E 380 45.79 24.50 23.45
N SER E 381 45.80 25.65 24.12
CA SER E 381 46.42 26.86 23.58
C SER E 381 47.54 27.30 24.50
N SER E 382 48.71 27.57 23.91
CA SER E 382 49.86 27.98 24.69
C SER E 382 49.66 29.40 25.23
N PRO E 383 50.12 29.69 26.45
CA PRO E 383 50.06 31.08 26.94
C PRO E 383 50.79 32.07 26.06
N GLU E 384 51.87 31.66 25.39
CA GLU E 384 52.53 32.54 24.44
C GLU E 384 51.59 32.95 23.31
N VAL E 385 50.74 32.03 22.86
CA VAL E 385 49.77 32.36 21.81
C VAL E 385 48.74 33.34 22.34
N ASN E 386 48.27 33.14 23.57
CA ASN E 386 47.29 34.05 24.14
C ASN E 386 47.86 35.45 24.31
N SER E 387 49.14 35.54 24.67
CA SER E 387 49.76 36.85 24.82
C SER E 387 49.88 37.59 23.48
N ILE E 388 50.10 36.85 22.39
CA ILE E 388 50.29 37.48 21.09
C ILE E 388 48.94 37.80 20.44
N LEU E 389 48.05 36.82 20.40
CA LEU E 389 46.77 36.98 19.74
C LEU E 389 45.69 37.57 20.63
N GLY E 390 45.70 37.25 21.91
CA GLY E 390 44.58 37.58 22.76
C GLY E 390 43.85 36.32 23.23
N GLU E 391 43.27 36.41 24.42
CA GLU E 391 42.61 35.26 25.01
C GLU E 391 41.42 34.80 24.18
N SER E 392 40.59 35.75 23.73
CA SER E 392 39.46 35.39 22.88
C SER E 392 39.91 35.00 21.48
N ALA E 393 40.89 35.72 20.93
CA ALA E 393 41.38 35.43 19.59
C ALA E 393 41.92 34.01 19.48
N ALA E 394 42.68 33.55 20.47
CA ALA E 394 43.25 32.21 20.42
C ALA E 394 42.16 31.14 20.40
N LYS E 395 41.11 31.33 21.19
CA LYS E 395 39.98 30.40 21.14
C LYS E 395 39.28 30.46 19.79
N LEU E 396 39.14 31.66 19.22
CA LEU E 396 38.48 31.81 17.93
C LEU E 396 39.26 31.10 16.83
N ARG E 397 40.60 31.16 16.89
CA ARG E 397 41.43 30.60 15.83
C ARG E 397 41.25 29.09 15.73
N MSE E 398 41.19 28.39 16.86
CA MSE E 398 41.07 26.94 16.84
C MSE E 398 39.64 26.50 16.52
O MSE E 398 39.44 25.42 15.95
CB MSE E 398 41.52 26.34 18.18
CG MSE E 398 43.03 26.38 18.37
SE MSE E 398 43.66 25.21 19.80
CE MSE E 398 43.00 26.21 21.33
N ILE E 399 38.65 27.31 16.89
CA ILE E 399 37.27 26.99 16.55
C ILE E 399 37.07 27.03 15.04
N GLU E 400 37.63 28.03 14.37
CA GLU E 400 37.54 28.09 12.91
C GLU E 400 38.27 26.92 12.27
N GLY E 401 39.34 26.43 12.90
CA GLY E 401 39.98 25.22 12.42
C GLY E 401 39.08 24.01 12.52
N VAL E 402 38.29 23.93 13.59
CA VAL E 402 37.35 22.82 13.74
C VAL E 402 36.24 22.92 12.70
N ASN E 403 35.71 24.12 12.50
CA ASN E 403 34.62 24.30 11.53
C ASN E 403 35.06 23.95 10.12
N LEU E 404 36.29 24.31 9.75
CA LEU E 404 36.79 24.01 8.42
C LEU E 404 37.00 22.51 8.23
N THR E 405 37.46 21.82 9.28
CA THR E 405 37.62 20.38 9.21
C THR E 405 36.27 19.68 8.99
N ASN E 406 35.26 20.10 9.75
CA ASN E 406 33.93 19.50 9.61
C ASN E 406 33.34 19.81 8.24
N LEU E 407 33.61 21.00 7.70
CA LEU E 407 33.14 21.32 6.36
C LEU E 407 33.84 20.46 5.32
N THR E 408 35.15 20.27 5.46
CA THR E 408 35.89 19.42 4.53
C THR E 408 35.42 17.98 4.63
N ALA E 409 35.20 17.48 5.84
CA ALA E 409 34.73 16.11 6.02
C ALA E 409 33.34 15.92 5.41
N GLU E 410 32.44 16.88 5.63
CA GLU E 410 31.09 16.76 5.10
C GLU E 410 31.06 16.85 3.58
N ASN E 411 31.92 17.69 3.00
CA ASN E 411 32.01 17.78 1.54
C ASN E 411 32.56 16.50 0.93
N SER E 412 33.29 15.69 1.69
CA SER E 412 33.97 14.52 1.17
C SER E 412 33.25 13.21 1.47
N ASN E 413 32.06 13.28 2.08
CA ASN E 413 31.36 12.09 2.57
C ASN E 413 32.21 11.31 3.57
N ALA E 414 33.07 12.02 4.30
CA ALA E 414 33.85 11.40 5.37
C ALA E 414 32.97 11.25 6.61
N ARG E 415 32.95 10.05 7.16
CA ARG E 415 32.02 9.71 8.24
C ARG E 415 32.59 10.09 9.61
N PHE E 416 32.91 11.37 9.75
CA PHE E 416 33.35 11.87 11.06
C PHE E 416 33.08 13.36 11.14
N TYR E 417 32.89 13.83 12.39
CA TYR E 417 32.87 15.25 12.71
C TYR E 417 33.73 15.48 13.95
N LEU E 418 34.34 16.65 14.02
CA LEU E 418 35.09 17.05 15.20
C LEU E 418 34.19 17.85 16.13
N ARG E 419 34.23 17.51 17.42
CA ARG E 419 33.49 18.23 18.44
C ARG E 419 34.46 18.62 19.55
N ASP E 420 34.57 19.91 19.82
CA ASP E 420 35.44 20.37 20.90
C ASP E 420 34.68 20.28 22.22
N VAL E 421 35.21 19.49 23.15
CA VAL E 421 34.58 19.27 24.45
C VAL E 421 35.32 19.96 25.57
N GLY E 422 36.38 20.71 25.27
CA GLY E 422 37.14 21.40 26.28
C GLY E 422 38.19 22.33 25.72
N TYR E 423 38.48 23.40 26.45
CA TYR E 423 39.47 24.38 26.05
C TYR E 423 40.33 24.71 27.25
N ILE E 424 41.63 24.44 27.13
CA ILE E 424 42.58 24.62 28.23
C ILE E 424 43.71 25.52 27.75
N THR E 425 44.20 26.36 28.65
CA THR E 425 45.37 27.19 28.40
C THR E 425 46.56 26.55 29.11
N TYR E 426 47.57 26.15 28.35
CA TYR E 426 48.68 25.40 28.94
C TYR E 426 49.85 25.38 27.95
N LYS E 427 51.06 25.45 28.49
CA LYS E 427 52.28 25.38 27.69
C LYS E 427 52.88 23.99 27.86
N ILE E 428 52.93 23.23 26.78
CA ILE E 428 53.59 21.92 26.83
C ILE E 428 55.10 22.14 26.96
N PRO E 429 55.77 21.51 27.92
CA PRO E 429 57.20 21.74 28.08
C PRO E 429 57.99 21.17 26.92
N ALA E 430 58.49 22.05 26.05
CA ALA E 430 59.20 21.65 24.85
C ALA E 430 59.81 22.90 24.21
N ALA E 431 61.06 22.77 23.73
CA ALA E 431 61.69 23.86 23.02
C ALA E 431 61.19 24.00 21.59
N THR E 432 60.64 22.93 21.00
CA THR E 432 60.18 22.94 19.63
C THR E 432 58.80 22.29 19.55
N LEU E 433 58.10 22.58 18.45
CA LEU E 433 56.79 21.98 18.23
C LEU E 433 56.89 20.47 18.02
N LYS E 434 57.95 20.02 17.34
CA LYS E 434 58.14 18.59 17.17
C LYS E 434 58.36 17.90 18.51
N GLU E 435 59.07 18.56 19.43
CA GLU E 435 59.21 18.04 20.78
C GLU E 435 57.88 18.05 21.53
N ALA E 436 57.03 19.05 21.25
CA ALA E 436 55.75 19.16 21.95
C ALA E 436 54.82 18.01 21.61
N ILE E 437 54.85 17.54 20.35
CA ILE E 437 53.97 16.45 19.95
C ILE E 437 54.35 15.15 20.65
N SER E 438 55.60 15.02 21.08
CA SER E 438 56.03 13.82 21.80
C SER E 438 55.60 13.87 23.26
N THR E 439 56.08 14.86 24.00
CA THR E 439 55.81 14.94 25.44
C THR E 439 54.35 15.23 25.74
N GLY E 440 53.60 15.82 24.81
CA GLY E 440 52.19 16.07 25.02
C GLY E 440 51.37 14.81 25.24
N ARG E 441 51.88 13.66 24.81
CA ARG E 441 51.17 12.40 25.01
C ARG E 441 51.23 11.95 26.47
N ASP E 442 52.26 12.36 27.21
CA ASP E 442 52.44 11.95 28.59
C ASP E 442 52.23 13.07 29.59
N ASP E 443 52.13 14.32 29.15
CA ASP E 443 51.95 15.45 30.06
C ASP E 443 50.70 15.24 30.91
N THR E 444 50.89 15.30 32.23
CA THR E 444 49.80 14.95 33.15
C THR E 444 48.66 15.97 33.08
N THR E 445 48.99 17.24 32.88
CA THR E 445 47.97 18.28 32.87
C THR E 445 46.99 18.09 31.71
N VAL E 446 47.52 17.85 30.51
CA VAL E 446 46.65 17.71 29.35
C VAL E 446 45.99 16.34 29.32
N GLN E 447 46.65 15.30 29.83
CA GLN E 447 46.07 13.96 29.78
C GLN E 447 45.01 13.74 30.86
N ASN E 448 45.18 14.36 32.04
CA ASN E 448 44.13 14.32 33.05
C ASN E 448 42.89 15.04 32.58
N GLU E 449 43.06 16.23 31.98
CA GLU E 449 41.92 16.95 31.43
C GLU E 449 41.29 16.20 30.26
N ARG E 450 42.12 15.50 29.47
CA ARG E 450 41.59 14.66 28.40
C ARG E 450 40.69 13.57 28.96
N LYS E 451 41.12 12.91 30.05
CA LYS E 451 40.31 11.85 30.65
C LYS E 451 39.10 12.41 31.37
N ARG E 452 39.24 13.59 32.00
CA ARG E 452 38.13 14.16 32.76
C ARG E 452 36.93 14.45 31.86
N ILE E 453 37.18 14.95 30.64
CA ILE E 453 36.11 15.30 29.72
C ILE E 453 35.91 14.24 28.65
N LEU E 454 36.63 13.13 28.73
CA LEU E 454 36.51 12.02 27.77
C LEU E 454 36.80 12.49 26.34
N ALA E 455 37.90 13.21 26.18
CA ALA E 455 38.31 13.69 24.87
C ALA E 455 38.96 12.54 24.09
N ASP E 456 38.40 12.25 22.91
CA ASP E 456 38.98 11.21 22.07
C ASP E 456 40.35 11.62 21.52
N GLY E 457 40.59 12.91 21.38
CA GLY E 457 41.87 13.38 20.87
C GLY E 457 42.26 14.72 21.48
N VAL E 458 43.48 15.14 21.18
CA VAL E 458 44.05 16.38 21.70
C VAL E 458 44.66 17.15 20.54
N TYR E 459 44.49 18.47 20.55
CA TYR E 459 45.11 19.34 19.56
C TYR E 459 45.72 20.54 20.27
N TYR E 460 46.93 20.91 19.85
CA TYR E 460 47.73 21.91 20.55
C TYR E 460 48.06 23.06 19.62
N GLN E 461 47.84 24.29 20.08
CA GLN E 461 48.18 25.50 19.36
C GLN E 461 49.24 26.24 20.15
N GLY E 462 50.47 26.27 19.66
CA GLY E 462 51.59 26.82 20.39
C GLY E 462 52.34 27.86 19.57
N ASN E 463 53.37 28.41 20.20
CA ASN E 463 54.23 29.41 19.58
C ASN E 463 55.68 28.94 19.49
N GLU E 464 55.95 27.68 19.81
CA GLU E 464 57.28 27.15 19.70
C GLU E 464 57.67 27.02 18.23
N PRO E 465 58.95 27.16 17.92
CA PRO E 465 59.39 26.96 16.52
C PRO E 465 59.34 25.49 16.16
N GLY E 466 58.84 25.20 14.96
CA GLY E 466 58.90 23.84 14.46
C GLY E 466 60.31 23.50 14.00
N ASP E 467 60.62 22.20 14.03
CA ASP E 467 61.95 21.77 13.65
C ASP E 467 62.08 21.40 12.18
N GLY E 468 60.97 21.25 11.47
CA GLY E 468 61.00 21.00 10.05
C GLY E 468 59.71 21.39 9.37
N GLY E 469 58.88 22.17 10.07
CA GLY E 469 57.57 22.54 9.57
C GLY E 469 56.73 23.14 10.69
N CYS E 470 55.64 23.81 10.34
CA CYS E 470 54.82 24.46 11.35
C CYS E 470 53.67 23.58 11.85
N GLY E 471 53.60 22.34 11.40
CA GLY E 471 52.59 21.42 11.89
C GLY E 471 53.18 20.05 12.16
N TRP E 472 52.60 19.37 13.15
CA TRP E 472 53.05 18.02 13.49
C TRP E 472 51.86 17.20 13.97
N ALA E 473 51.85 15.92 13.59
CA ALA E 473 50.80 14.99 14.00
C ALA E 473 51.21 13.56 13.70
N TRP E 474 51.03 12.66 14.65
CA TRP E 474 51.33 11.25 14.43
C TRP E 474 50.37 10.66 13.40
N ILE E 475 50.91 9.86 12.49
CA ILE E 475 50.13 9.26 11.41
C ILE E 475 49.51 7.95 11.90
N ASN E 476 48.22 7.79 11.66
CA ASN E 476 47.48 6.59 12.05
C ASN E 476 47.61 6.33 13.55
N ALA E 477 47.21 7.33 14.32
CA ALA E 477 47.53 7.40 15.73
C ALA E 477 46.63 6.48 16.56
N SER E 478 47.25 5.74 17.48
CA SER E 478 46.51 5.05 18.52
C SER E 478 45.98 6.07 19.54
N ALA E 479 45.26 5.58 20.55
CA ALA E 479 44.79 6.45 21.61
C ALA E 479 45.95 7.19 22.28
N TYR E 480 47.11 6.52 22.40
CA TYR E 480 48.27 7.15 23.01
C TYR E 480 48.85 8.25 22.13
N ASN E 481 48.77 8.11 20.81
CA ASN E 481 49.39 9.04 19.88
C ASN E 481 48.41 10.04 19.29
N MSE E 482 47.16 10.04 19.74
CA MSE E 482 46.14 10.91 19.17
C MSE E 482 46.36 12.35 19.62
O MSE E 482 45.71 12.84 20.54
CB MSE E 482 44.75 10.42 19.56
CG MSE E 482 43.60 11.14 18.86
SE MSE E 482 43.63 11.00 16.92
CE MSE E 482 43.76 9.08 16.74
N ILE E 483 47.30 13.03 18.95
CA ILE E 483 47.61 14.43 19.26
C ILE E 483 48.13 15.10 18.00
N GLY E 484 47.74 16.36 17.81
CA GLY E 484 48.22 17.14 16.68
C GLY E 484 48.50 18.57 17.12
N ALA E 485 49.34 19.24 16.34
CA ALA E 485 49.76 20.58 16.73
C ALA E 485 50.14 21.40 15.50
N ASN E 486 49.92 22.71 15.62
CA ASN E 486 50.46 23.68 14.67
C ASN E 486 50.81 24.95 15.45
N ASP E 487 51.62 25.80 14.83
CA ASP E 487 52.01 27.06 15.46
C ASP E 487 51.20 28.21 14.85
N ILE E 488 51.58 29.43 15.21
CA ILE E 488 50.97 30.62 14.61
C ILE E 488 51.94 31.38 13.72
N ALA E 489 53.25 31.15 13.85
CA ALA E 489 54.22 31.84 13.01
C ALA E 489 53.97 31.60 11.52
N GLY E 490 53.84 30.33 11.13
CA GLY E 490 53.73 30.02 9.72
C GLY E 490 52.47 29.29 9.30
N CYS E 491 51.79 28.66 10.25
CA CYS E 491 50.60 27.87 9.98
C CYS E 491 49.34 28.68 10.27
N SER E 492 48.35 28.55 9.38
CA SER E 492 47.05 29.16 9.57
C SER E 492 46.07 28.12 10.14
N PHE E 493 44.81 28.55 10.33
CA PHE E 493 43.81 27.65 10.88
C PHE E 493 43.41 26.54 9.92
N ALA E 494 43.83 26.60 8.67
CA ALA E 494 43.58 25.51 7.73
C ALA E 494 44.49 24.32 7.97
N ALA E 495 45.45 24.43 8.89
CA ALA E 495 46.38 23.34 9.16
C ALA E 495 45.74 22.20 9.95
N MSE E 496 44.66 22.48 10.69
CA MSE E 496 44.07 21.46 11.55
C MSE E 496 43.51 20.29 10.75
O MSE E 496 43.74 19.13 11.09
CB MSE E 496 42.97 22.05 12.42
CG MSE E 496 42.34 21.02 13.36
SE MSE E 496 40.91 21.72 14.48
CE MSE E 496 41.93 23.02 15.50
N ARG E 497 42.76 20.59 9.68
CA ARG E 497 42.22 19.53 8.84
C ARG E 497 43.32 18.71 8.18
N HIS E 498 44.53 19.27 8.07
CA HIS E 498 45.67 18.52 7.56
C HIS E 498 46.29 17.63 8.63
N GLU E 499 46.51 18.20 9.82
CA GLU E 499 47.12 17.43 10.91
C GLU E 499 46.17 16.35 11.41
N VAL E 500 44.87 16.65 11.50
CA VAL E 500 43.91 15.64 11.88
C VAL E 500 43.84 14.55 10.82
N GLY E 501 44.01 14.91 9.55
CA GLY E 501 44.13 13.92 8.51
C GLY E 501 45.26 12.93 8.76
N HIS E 502 46.40 13.42 9.23
CA HIS E 502 47.49 12.54 9.62
C HIS E 502 47.05 11.60 10.74
N ASN E 503 46.43 12.15 11.79
CA ASN E 503 45.94 11.33 12.89
C ASN E 503 44.98 10.24 12.38
N LEU E 504 44.18 10.55 11.37
CA LEU E 504 43.23 9.59 10.84
C LEU E 504 43.88 8.52 9.99
N GLY E 505 45.14 8.69 9.61
CA GLY E 505 45.87 7.69 8.86
C GLY E 505 46.25 8.08 7.45
N LEU E 506 46.32 9.36 7.13
CA LEU E 506 46.55 9.82 5.77
C LEU E 506 47.99 10.28 5.59
N TYR E 507 48.49 10.11 4.37
CA TYR E 507 49.83 10.54 3.98
C TYR E 507 49.74 11.61 2.91
N HIS E 508 50.89 12.22 2.61
CA HIS E 508 50.94 13.26 1.60
C HIS E 508 50.80 12.65 0.21
N ASN E 509 50.55 13.52 -0.77
CA ASN E 509 50.47 13.11 -2.16
C ASN E 509 51.80 12.48 -2.60
N GLY E 510 51.70 11.50 -3.50
CA GLY E 510 52.84 10.74 -3.94
C GLY E 510 53.15 9.50 -3.14
N SER E 511 52.56 9.36 -1.95
CA SER E 511 52.79 8.18 -1.12
C SER E 511 52.24 6.94 -1.81
N THR E 512 52.87 5.80 -1.52
CA THR E 512 52.40 4.52 -2.04
C THR E 512 51.13 4.03 -1.36
N ASN E 513 50.72 4.67 -0.26
CA ASN E 513 49.53 4.25 0.46
C ASN E 513 48.26 4.81 -0.19
N ILE E 514 47.18 4.03 -0.07
CA ILE E 514 45.89 4.47 -0.61
C ILE E 514 45.38 5.71 0.12
N GLY E 515 45.70 5.85 1.40
CA GLY E 515 45.29 7.02 2.15
C GLY E 515 46.22 8.19 1.95
N SER E 516 46.15 8.83 0.79
CA SER E 516 47.05 9.92 0.46
C SER E 516 46.30 11.02 -0.27
N GLY E 517 46.94 12.20 -0.31
CA GLY E 517 46.31 13.35 -0.92
C GLY E 517 46.35 13.31 -2.43
N PHE E 518 45.53 14.16 -3.04
CA PHE E 518 45.45 14.32 -4.49
C PHE E 518 45.97 15.70 -4.85
N ALA E 519 47.14 15.73 -5.50
CA ALA E 519 47.74 16.99 -5.94
C ALA E 519 47.40 17.23 -7.40
N HIS E 520 46.97 18.46 -7.71
CA HIS E 520 46.56 18.79 -9.07
C HIS E 520 46.62 20.29 -9.24
N PRO E 521 47.06 20.79 -10.41
CA PRO E 521 47.15 22.26 -10.59
C PRO E 521 45.81 22.98 -10.48
N LEU E 522 44.69 22.28 -10.69
CA LEU E 522 43.38 22.90 -10.64
C LEU E 522 42.71 22.74 -9.28
N GLY E 523 43.44 22.27 -8.27
CA GLY E 523 42.88 22.08 -6.95
C GLY E 523 43.38 20.81 -6.30
N SER E 524 43.88 20.92 -5.07
CA SER E 524 44.49 19.81 -4.37
C SER E 524 43.78 19.57 -3.04
N THR E 525 43.60 18.30 -2.69
CA THR E 525 42.90 17.95 -1.46
C THR E 525 43.75 18.27 -0.25
N ALA E 526 43.20 18.00 0.93
CA ALA E 526 43.83 18.44 2.18
C ALA E 526 45.22 17.87 2.36
N MSE E 527 45.43 16.61 1.99
CA MSE E 527 46.72 15.96 2.21
C MSE E 527 47.64 16.09 1.00
O MSE E 527 48.80 15.69 1.05
CB MSE E 527 46.52 14.49 2.55
CG MSE E 527 45.52 14.25 3.68
SE MSE E 527 45.99 15.20 5.32
CE MSE E 527 47.74 14.41 5.63
N GLY E 528 47.13 16.66 -0.09
CA GLY E 528 47.91 16.78 -1.30
C GLY E 528 48.12 18.20 -1.78
N GLY E 529 48.05 19.16 -0.86
CA GLY E 529 48.20 20.56 -1.21
C GLY E 529 47.27 21.48 -0.45
N ASN E 530 46.07 21.00 -0.12
CA ASN E 530 45.19 21.64 0.87
C ASN E 530 44.68 23.00 0.40
N ASN E 531 44.25 23.09 -0.86
CA ASN E 531 43.68 24.34 -1.37
C ASN E 531 42.22 24.20 -1.82
N ILE E 532 41.61 23.02 -1.66
CA ILE E 532 40.19 22.84 -1.85
C ILE E 532 39.64 22.07 -0.66
N ASN E 533 38.35 22.24 -0.39
CA ASN E 533 37.73 21.71 0.81
C ASN E 533 37.27 20.26 0.60
N PHE E 534 38.25 19.39 0.34
CA PHE E 534 37.96 17.97 0.12
C PHE E 534 39.11 17.13 0.63
N TYR E 535 38.76 15.94 1.11
CA TYR E 535 39.71 14.83 1.19
C TYR E 535 39.61 14.02 -0.09
N SER E 536 40.70 13.38 -0.47
CA SER E 536 40.76 12.72 -1.77
C SER E 536 39.85 11.50 -1.82
N SER E 537 39.21 11.30 -2.96
CA SER E 537 38.30 10.18 -3.19
C SER E 537 37.99 10.06 -4.68
N PRO E 538 37.97 8.84 -5.23
CA PRO E 538 37.59 8.65 -6.64
C PRO E 538 36.12 8.89 -6.92
N TYR E 539 35.32 9.23 -5.92
CA TYR E 539 33.91 9.54 -6.10
C TYR E 539 33.62 11.02 -5.91
N LEU E 540 34.66 11.84 -5.78
CA LEU E 540 34.53 13.28 -5.68
C LEU E 540 35.16 13.94 -6.90
N TYR E 541 34.62 15.08 -7.30
CA TYR E 541 35.07 15.79 -8.48
C TYR E 541 35.25 17.27 -8.15
N ASN E 542 36.25 17.89 -8.77
CA ASN E 542 36.47 19.31 -8.65
C ASN E 542 35.21 20.05 -9.07
N PRO E 543 34.62 20.87 -8.20
CA PRO E 543 33.31 21.47 -8.52
C PRO E 543 33.32 22.30 -9.80
N LYS E 544 34.39 23.08 -10.02
CA LYS E 544 34.43 23.94 -11.19
C LYS E 544 34.94 23.24 -12.44
N TYR E 545 36.02 22.46 -12.32
CA TYR E 545 36.70 21.92 -13.50
C TYR E 545 36.38 20.46 -13.77
N GLY E 546 35.82 19.73 -12.81
CA GLY E 546 35.40 18.36 -13.04
C GLY E 546 36.48 17.32 -12.91
N VAL E 547 37.69 17.69 -12.49
CA VAL E 547 38.75 16.72 -12.31
C VAL E 547 38.40 15.78 -11.17
N ARG E 548 38.49 14.48 -11.42
CA ARG E 548 38.25 13.50 -10.36
C ARG E 548 39.34 13.60 -9.30
N LEU E 549 38.92 13.73 -8.04
CA LEU E 549 39.83 13.99 -6.93
C LEU E 549 40.35 12.70 -6.30
N GLY E 550 40.92 11.82 -7.11
CA GLY E 550 41.41 10.57 -6.60
C GLY E 550 41.47 9.51 -7.70
N GLU E 551 41.71 8.28 -7.26
CA GLU E 551 41.86 7.15 -8.17
C GLU E 551 41.53 5.87 -7.42
N GLU E 552 40.69 5.04 -8.03
CA GLU E 552 40.25 3.79 -7.39
C GLU E 552 41.45 2.90 -7.11
N GLY E 553 41.70 2.64 -5.83
CA GLY E 553 42.78 1.76 -5.42
C GLY E 553 44.14 2.39 -5.27
N LYS E 554 44.30 3.67 -5.64
CA LYS E 554 45.58 4.35 -5.51
C LYS E 554 45.51 5.59 -4.63
N ILE E 555 44.52 6.46 -4.83
CA ILE E 555 44.40 7.71 -4.07
C ILE E 555 42.97 7.78 -3.55
N ASP E 556 42.77 7.37 -2.30
CA ASP E 556 41.44 7.40 -1.68
C ASP E 556 41.61 7.66 -0.19
N ALA E 557 41.56 8.94 0.19
CA ALA E 557 41.69 9.30 1.60
C ALA E 557 40.42 8.98 2.38
N VAL E 558 39.26 9.18 1.75
CA VAL E 558 37.99 8.99 2.46
C VAL E 558 37.81 7.54 2.88
N SER E 559 38.28 6.59 2.06
CA SER E 559 38.14 5.19 2.41
C SER E 559 38.95 4.82 3.65
N VAL E 560 40.10 5.47 3.86
CA VAL E 560 40.88 5.20 5.06
C VAL E 560 40.27 5.91 6.26
N ILE E 561 39.77 7.13 6.07
CA ILE E 561 39.12 7.87 7.15
C ILE E 561 37.92 7.08 7.68
N ASN E 562 37.11 6.55 6.76
CA ASN E 562 35.90 5.83 7.16
C ASN E 562 36.22 4.52 7.87
N LEU E 563 37.44 4.00 7.73
CA LEU E 563 37.83 2.80 8.45
C LEU E 563 38.36 3.07 9.84
N ASN E 564 38.76 4.31 10.14
CA ASN E 564 39.35 4.66 11.42
C ASN E 564 38.50 5.61 12.25
N ALA E 565 37.45 6.21 11.67
CA ALA E 565 36.69 7.24 12.37
C ALA E 565 36.02 6.68 13.62
N GLN E 566 35.32 5.56 13.49
CA GLN E 566 34.59 5.01 14.62
C GLN E 566 35.54 4.50 15.69
N LYS E 567 36.63 3.84 15.29
CA LYS E 567 37.62 3.36 16.24
C LYS E 567 38.20 4.51 17.06
N ILE E 568 38.50 5.63 16.42
CA ILE E 568 39.04 6.79 17.14
C ILE E 568 37.98 7.41 18.04
N SER E 569 36.73 7.44 17.58
CA SER E 569 35.65 8.02 18.37
C SER E 569 35.40 7.27 19.67
N LEU E 570 35.90 6.04 19.79
CA LEU E 570 35.69 5.21 20.97
C LEU E 570 36.92 5.13 21.87
N TYR E 571 37.92 5.98 21.64
CA TYR E 571 39.07 6.02 22.53
C TYR E 571 38.66 6.37 23.96
N ASN E 572 37.79 7.36 24.11
CA ASN E 572 37.19 7.70 25.39
C ASN E 572 35.67 7.70 25.23
N HIS E 573 34.98 7.01 26.13
CA HIS E 573 33.53 6.86 26.02
C HIS E 573 32.95 6.70 27.41
N HIS E 574 31.62 6.83 27.49
CA HIS E 574 30.90 6.62 28.75
C HIS E 574 30.61 5.13 28.94
N ASN F 10 -2.75 -34.60 -72.35
CA ASN F 10 -4.06 -34.43 -71.74
C ASN F 10 -3.96 -33.77 -70.37
N ASN F 11 -3.25 -32.65 -70.31
CA ASN F 11 -3.09 -31.87 -69.09
C ASN F 11 -2.54 -30.50 -69.46
N ASN F 12 -2.93 -29.48 -68.69
CA ASN F 12 -2.43 -28.13 -68.94
C ASN F 12 -2.11 -27.37 -67.66
N SER F 13 -1.73 -28.06 -66.59
CA SER F 13 -1.39 -27.37 -65.35
C SER F 13 -0.46 -28.26 -64.53
N GLY F 14 0.06 -27.69 -63.45
CA GLY F 14 0.89 -28.42 -62.53
C GLY F 14 0.14 -29.26 -61.51
N SER F 15 -1.18 -29.39 -61.68
CA SER F 15 -2.00 -30.22 -60.80
C SER F 15 -1.82 -31.67 -61.23
N ILE F 16 -0.83 -32.34 -60.64
CA ILE F 16 -0.58 -33.75 -60.91
C ILE F 16 -1.81 -34.54 -60.48
N PRO F 17 -2.48 -35.23 -61.40
CA PRO F 17 -3.74 -35.88 -61.06
C PRO F 17 -3.53 -37.16 -60.26
N THR F 18 -4.62 -37.61 -59.63
CA THR F 18 -4.65 -38.85 -58.87
C THR F 18 -5.30 -39.94 -59.71
N GLY F 19 -5.47 -41.11 -59.09
CA GLY F 19 -6.11 -42.24 -59.73
C GLY F 19 -5.17 -43.29 -60.27
N TYR F 20 -3.87 -42.99 -60.35
CA TYR F 20 -2.88 -43.94 -60.84
C TYR F 20 -2.07 -44.48 -59.67
N SER F 21 -1.73 -45.77 -59.74
CA SER F 21 -0.94 -46.39 -58.69
C SER F 21 0.54 -46.03 -58.78
N ASP F 22 1.03 -45.71 -59.99
CA ASP F 22 2.43 -45.37 -60.19
C ASP F 22 2.49 -44.38 -61.34
N LEU F 23 2.65 -43.10 -61.02
CA LEU F 23 2.63 -42.02 -62.00
C LEU F 23 4.00 -41.37 -62.09
N GLU F 24 4.39 -40.99 -63.30
CA GLU F 24 5.64 -40.27 -63.55
C GLU F 24 5.33 -39.00 -64.33
N PHE F 25 5.59 -37.85 -63.73
CA PHE F 25 5.35 -36.56 -64.34
C PHE F 25 6.68 -35.99 -64.82
N SER F 26 6.75 -35.64 -66.11
CA SER F 26 7.98 -35.17 -66.73
C SER F 26 7.82 -33.72 -67.17
N LEU F 27 8.82 -32.89 -66.85
CA LEU F 27 8.88 -31.51 -67.29
C LEU F 27 10.05 -31.35 -68.27
N ALA F 28 9.86 -30.49 -69.26
CA ALA F 28 10.88 -30.26 -70.27
C ALA F 28 10.71 -28.90 -70.93
N VAL F 33 5.46 -25.46 -66.11
CA VAL F 33 6.90 -25.38 -65.88
C VAL F 33 7.19 -24.36 -64.79
N LYS F 34 6.12 -23.83 -64.17
CA LYS F 34 6.27 -22.85 -63.11
C LYS F 34 5.75 -23.36 -61.78
N ASN F 35 4.49 -23.83 -61.73
CA ASN F 35 3.86 -24.24 -60.48
C ASN F 35 3.34 -25.66 -60.62
N LEU F 36 3.55 -26.47 -59.58
CA LEU F 36 3.07 -27.84 -59.54
C LEU F 36 2.46 -28.12 -58.17
N SER F 37 1.60 -29.13 -58.12
CA SER F 37 0.94 -29.51 -56.89
C SER F 37 0.55 -30.98 -56.96
N LEU F 38 0.64 -31.67 -55.79
CA LEU F 38 0.25 -33.07 -55.67
C LEU F 38 -1.23 -33.18 -55.30
N PRO F 39 -1.88 -34.29 -55.64
CA PRO F 39 -3.31 -34.41 -55.32
C PRO F 39 -3.53 -34.69 -53.83
N THR F 40 -4.60 -34.13 -53.30
CA THR F 40 -4.94 -34.35 -51.90
C THR F 40 -5.49 -35.75 -51.66
N ASN F 41 -6.55 -36.11 -52.39
CA ASN F 41 -7.12 -37.45 -52.27
C ASN F 41 -6.31 -38.44 -53.08
N ALA F 42 -5.90 -39.54 -52.44
CA ALA F 42 -5.10 -40.56 -53.09
C ALA F 42 -5.17 -41.84 -52.27
N ASN F 43 -4.60 -42.90 -52.81
CA ASN F 43 -4.57 -44.19 -52.13
C ASN F 43 -3.26 -44.35 -51.37
N ASN F 44 -3.27 -45.31 -50.44
CA ASN F 44 -2.07 -45.58 -49.65
C ASN F 44 -0.99 -46.19 -50.53
N SER F 45 0.25 -45.74 -50.32
CA SER F 45 1.43 -46.22 -51.03
C SER F 45 1.41 -45.90 -52.53
N ASP F 46 0.60 -44.92 -52.94
CA ASP F 46 0.68 -44.44 -54.32
C ASP F 46 2.00 -43.73 -54.55
N LYS F 47 2.61 -43.97 -55.72
CA LYS F 47 3.90 -43.42 -56.04
C LYS F 47 3.77 -42.38 -57.16
N ILE F 48 4.30 -41.19 -56.91
CA ILE F 48 4.36 -40.13 -57.91
C ILE F 48 5.80 -39.67 -58.01
N THR F 49 6.37 -39.73 -59.21
CA THR F 49 7.75 -39.34 -59.45
C THR F 49 7.77 -38.17 -60.43
N ILE F 50 8.44 -37.08 -60.04
CA ILE F 50 8.52 -35.87 -60.85
C ILE F 50 9.94 -35.75 -61.40
N ARG F 51 10.05 -35.82 -62.72
CA ARG F 51 11.31 -35.56 -63.42
C ARG F 51 11.19 -34.27 -64.22
N SER F 52 12.31 -33.59 -64.38
CA SER F 52 12.35 -32.36 -65.17
C SER F 52 13.59 -32.37 -66.05
N SER F 53 13.50 -31.63 -67.16
CA SER F 53 14.67 -31.37 -67.99
C SER F 53 14.68 -29.95 -68.54
N ALA F 54 13.77 -29.09 -68.09
CA ALA F 54 13.67 -27.74 -68.61
C ALA F 54 14.75 -26.84 -68.00
N ALA F 55 15.09 -25.78 -68.74
CA ALA F 55 16.08 -24.83 -68.25
C ALA F 55 15.53 -24.02 -67.09
N TYR F 56 14.26 -23.61 -67.17
CA TYR F 56 13.65 -22.81 -66.13
C TYR F 56 13.24 -23.69 -64.95
N SER F 57 13.44 -23.17 -63.74
CA SER F 57 13.08 -23.91 -62.54
C SER F 57 11.58 -23.95 -62.38
N SER F 58 11.12 -24.96 -61.62
CA SER F 58 9.71 -25.11 -61.29
C SER F 58 9.58 -25.23 -59.78
N TYR F 59 8.36 -24.96 -59.30
CA TYR F 59 8.10 -24.90 -57.87
C TYR F 59 6.85 -25.72 -57.54
N LEU F 60 6.94 -26.50 -56.47
CA LEU F 60 5.94 -27.49 -56.12
C LEU F 60 5.22 -27.08 -54.83
N ASP F 61 3.90 -27.14 -54.85
CA ASP F 61 3.11 -26.95 -53.63
C ASP F 61 3.31 -28.16 -52.73
N THR F 62 3.82 -27.91 -51.52
CA THR F 62 4.20 -28.98 -50.60
C THR F 62 3.40 -28.94 -49.30
N SER F 63 2.21 -28.34 -49.33
CA SER F 63 1.41 -28.22 -48.12
C SER F 63 0.91 -29.57 -47.60
N ASN F 64 0.78 -30.57 -48.47
CA ASN F 64 0.30 -31.88 -48.08
C ASN F 64 1.40 -32.94 -48.14
N THR F 65 2.64 -32.53 -47.97
CA THR F 65 3.79 -33.43 -47.91
C THR F 65 4.49 -33.27 -46.57
N ASN F 66 5.54 -34.07 -46.37
CA ASN F 66 6.36 -33.98 -45.16
C ASN F 66 7.57 -33.08 -45.36
N ILE F 67 7.63 -32.31 -46.45
CA ILE F 67 8.69 -31.36 -46.69
C ILE F 67 8.32 -30.05 -45.98
N PRO F 68 9.08 -29.60 -45.00
CA PRO F 68 8.66 -28.48 -44.17
C PRO F 68 8.87 -27.10 -44.80
N LEU F 69 9.52 -27.03 -45.96
CA LEU F 69 9.60 -25.76 -46.67
C LEU F 69 8.21 -25.39 -47.19
N GLU F 70 8.09 -24.15 -47.69
CA GLU F 70 6.81 -23.69 -48.21
C GLU F 70 6.62 -24.07 -49.68
N VAL F 71 7.71 -24.12 -50.45
CA VAL F 71 7.68 -24.63 -51.81
C VAL F 71 8.90 -25.54 -51.99
N LEU F 72 8.93 -26.23 -53.12
CA LEU F 72 10.05 -27.09 -53.49
C LEU F 72 10.52 -26.70 -54.88
N LYS F 73 11.75 -26.19 -54.96
CA LYS F 73 12.32 -25.76 -56.24
C LYS F 73 12.77 -26.97 -57.05
N ILE F 74 12.12 -27.19 -58.18
CA ILE F 74 12.43 -28.30 -59.08
C ILE F 74 13.32 -27.76 -60.20
N ASN F 75 14.57 -28.20 -60.21
CA ASN F 75 15.52 -27.79 -61.23
C ASN F 75 15.66 -28.89 -62.28
N SER F 76 16.60 -28.71 -63.22
CA SER F 76 16.72 -29.62 -64.34
C SER F 76 17.12 -31.03 -63.88
N GLY F 77 18.14 -31.14 -63.04
CA GLY F 77 18.65 -32.44 -62.65
C GLY F 77 17.88 -33.16 -61.57
N ASP F 78 16.78 -32.59 -61.08
CA ASP F 78 16.10 -33.13 -59.92
C ASP F 78 15.17 -34.28 -60.30
N VAL F 79 15.08 -35.26 -59.40
CA VAL F 79 14.14 -36.38 -59.51
C VAL F 79 13.55 -36.59 -58.13
N TYR F 80 12.29 -36.20 -57.96
CA TYR F 80 11.60 -36.29 -56.68
C TYR F 80 10.57 -37.41 -56.72
N GLN F 81 10.56 -38.25 -55.70
CA GLN F 81 9.66 -39.39 -55.61
C GLN F 81 8.91 -39.33 -54.29
N PHE F 82 7.58 -39.33 -54.35
CA PHE F 82 6.74 -39.32 -53.18
C PHE F 82 5.91 -40.61 -53.12
N ILE F 83 5.66 -41.07 -51.90
CA ILE F 83 4.81 -42.23 -51.66
C ILE F 83 3.76 -41.82 -50.64
N PHE F 84 2.49 -41.81 -51.06
CA PHE F 84 1.42 -41.36 -50.19
C PHE F 84 1.24 -42.30 -49.00
N ASN F 85 0.80 -41.72 -47.89
CA ASN F 85 0.66 -42.46 -46.63
C ASN F 85 -0.66 -42.08 -45.99
N SER F 86 -1.50 -43.08 -45.71
CA SER F 86 -2.77 -42.83 -45.05
C SER F 86 -2.64 -42.75 -43.54
N SER F 87 -1.53 -43.27 -42.97
CA SER F 87 -1.37 -43.26 -41.53
C SER F 87 -1.22 -41.84 -40.99
N GLN F 88 -0.49 -40.99 -41.71
CA GLN F 88 -0.32 -39.60 -41.32
C GLN F 88 -0.91 -38.62 -42.33
N ASN F 89 -1.47 -39.11 -43.43
CA ASN F 89 -2.14 -38.27 -44.43
C ASN F 89 -1.18 -37.25 -45.03
N LYS F 90 -0.07 -37.76 -45.57
CA LYS F 90 0.97 -36.92 -46.17
C LYS F 90 1.61 -37.67 -47.33
N TRP F 91 2.07 -36.91 -48.32
CA TRP F 91 2.94 -37.45 -49.35
C TRP F 91 4.36 -37.49 -48.81
N ILE F 92 4.86 -38.69 -48.54
CA ILE F 92 6.16 -38.86 -47.91
C ILE F 92 7.24 -38.87 -48.98
N ALA F 93 8.18 -37.94 -48.88
CA ALA F 93 9.29 -37.86 -49.83
C ALA F 93 10.26 -39.01 -49.60
N GLN F 94 10.83 -39.51 -50.69
CA GLN F 94 11.81 -40.60 -50.66
C GLN F 94 13.16 -40.01 -51.07
N LEU F 95 13.88 -39.50 -50.08
CA LEU F 95 15.15 -38.82 -50.31
C LEU F 95 16.31 -39.81 -50.24
N ALA F 96 17.40 -39.47 -50.93
CA ALA F 96 18.62 -40.25 -50.84
C ALA F 96 19.13 -40.25 -49.41
N THR F 97 19.21 -41.43 -48.81
CA THR F 97 19.55 -41.58 -47.41
C THR F 97 20.97 -42.05 -47.22
N VAL F 98 21.68 -41.41 -46.29
CA VAL F 98 23.02 -41.81 -45.88
C VAL F 98 23.02 -41.92 -44.36
N SER F 99 23.73 -42.91 -43.84
CA SER F 99 23.73 -43.18 -42.41
C SER F 99 25.15 -43.38 -41.91
N PRO F 100 25.42 -43.07 -40.66
CA PRO F 100 26.70 -43.45 -40.07
C PRO F 100 26.81 -44.96 -39.98
N THR F 101 28.01 -45.48 -40.27
CA THR F 101 28.22 -46.91 -40.33
C THR F 101 29.16 -47.43 -39.25
N THR F 102 29.98 -46.57 -38.65
CA THR F 102 30.88 -46.96 -37.57
C THR F 102 30.23 -46.59 -36.24
N GLY F 103 30.22 -47.53 -35.30
CA GLY F 103 29.63 -47.30 -34.01
C GLY F 103 30.51 -46.48 -33.08
N SER F 104 31.40 -45.69 -33.67
CA SER F 104 32.41 -44.96 -32.91
C SER F 104 31.84 -43.64 -32.39
N ASN F 105 32.71 -42.78 -31.89
CA ASN F 105 32.31 -41.52 -31.26
C ASN F 105 32.18 -40.36 -32.24
N TYR F 106 32.80 -40.44 -33.42
CA TYR F 106 32.75 -39.34 -34.36
C TYR F 106 32.81 -39.90 -35.78
N GLU F 107 31.91 -39.43 -36.63
CA GLU F 107 31.87 -39.89 -38.02
C GLU F 107 31.44 -38.74 -38.93
N LEU F 108 32.25 -38.48 -39.95
CA LEU F 108 31.87 -37.53 -40.99
C LEU F 108 30.90 -38.19 -41.95
N ILE F 109 29.83 -37.49 -42.30
CA ILE F 109 28.77 -38.03 -43.15
C ILE F 109 29.10 -37.69 -44.60
N PRO F 110 29.23 -38.69 -45.48
CA PRO F 110 29.46 -38.39 -46.90
C PRO F 110 28.15 -38.02 -47.58
N LEU F 111 28.13 -36.87 -48.24
CA LEU F 111 26.97 -36.40 -48.98
C LEU F 111 27.24 -36.45 -50.47
N THR F 112 26.19 -36.73 -51.23
CA THR F 112 26.27 -36.74 -52.69
C THR F 112 26.04 -35.32 -53.21
N THR F 113 25.90 -35.18 -54.53
CA THR F 113 25.63 -33.90 -55.15
C THR F 113 24.15 -33.59 -55.24
N ALA F 114 23.28 -34.47 -54.74
CA ALA F 114 21.84 -34.21 -54.76
C ALA F 114 21.52 -32.99 -53.91
N THR F 115 20.61 -32.16 -54.42
CA THR F 115 20.23 -30.94 -53.70
C THR F 115 19.59 -31.28 -52.35
N MSE F 116 18.77 -32.33 -52.30
CA MSE F 116 18.09 -32.71 -51.07
C MSE F 116 18.43 -34.15 -50.67
O MSE F 116 18.24 -35.08 -51.45
CB MSE F 116 16.59 -32.54 -51.23
CG MSE F 116 15.81 -32.75 -49.95
SE MSE F 116 13.95 -32.16 -50.10
CE MSE F 116 14.27 -30.24 -50.21
N GLN F 117 18.92 -34.31 -49.45
CA GLN F 117 19.35 -35.61 -48.94
C GLN F 117 18.85 -35.78 -47.51
N LYS F 118 18.85 -37.02 -47.04
CA LYS F 118 18.41 -37.35 -45.70
C LYS F 118 19.53 -38.06 -44.95
N VAL F 119 19.85 -37.57 -43.76
CA VAL F 119 20.79 -38.23 -42.86
C VAL F 119 19.97 -38.91 -41.78
N LEU F 120 20.01 -40.24 -41.73
CA LEU F 120 19.14 -41.04 -40.88
C LEU F 120 19.99 -41.90 -39.95
N ILE F 121 19.71 -41.81 -38.65
CA ILE F 121 20.43 -42.56 -37.62
C ILE F 121 19.50 -43.62 -37.04
N GLN F 122 20.00 -44.85 -36.94
CA GLN F 122 19.25 -45.98 -36.40
C GLN F 122 20.06 -46.66 -35.31
N ASP F 123 19.40 -47.60 -34.61
CA ASP F 123 20.07 -48.36 -33.56
C ASP F 123 21.32 -49.07 -34.08
N ASP F 124 21.22 -49.67 -35.27
CA ASP F 124 22.33 -50.41 -35.86
C ASP F 124 23.21 -49.56 -36.76
N LYS F 125 22.78 -48.34 -37.09
CA LYS F 125 23.57 -47.40 -37.89
C LYS F 125 23.65 -46.13 -37.06
N TRP F 126 24.64 -46.06 -36.18
CA TRP F 126 24.68 -45.05 -35.13
C TRP F 126 26.09 -44.53 -34.95
N ALA F 127 26.19 -43.30 -34.44
CA ALA F 127 27.46 -42.70 -34.06
C ALA F 127 27.19 -41.67 -32.97
N GLN F 128 28.13 -41.52 -32.05
CA GLN F 128 27.96 -40.58 -30.95
C GLN F 128 27.77 -39.16 -31.47
N THR F 129 28.62 -38.74 -32.41
CA THR F 129 28.53 -37.41 -33.00
C THR F 129 28.71 -37.54 -34.51
N ILE F 130 27.75 -37.03 -35.26
CA ILE F 130 27.82 -37.01 -36.72
C ILE F 130 28.13 -35.58 -37.17
N ALA F 131 28.92 -35.46 -38.23
CA ALA F 131 29.35 -34.16 -38.74
C ALA F 131 28.93 -34.01 -40.19
N LEU F 132 28.29 -32.87 -40.49
CA LEU F 132 27.97 -32.55 -41.88
C LEU F 132 29.21 -32.00 -42.59
N PRO F 133 29.44 -32.40 -43.83
CA PRO F 133 30.63 -31.90 -44.54
C PRO F 133 30.47 -30.44 -44.93
N SER F 134 31.60 -29.73 -44.91
CA SER F 134 31.64 -28.34 -45.34
C SER F 134 31.96 -28.25 -46.83
N ASP F 135 31.76 -27.05 -47.37
CA ASP F 135 32.06 -26.75 -48.78
C ASP F 135 31.36 -27.71 -49.73
N VAL F 136 30.04 -27.74 -49.63
CA VAL F 136 29.19 -28.43 -50.59
C VAL F 136 28.49 -27.37 -51.43
N ARG F 137 27.79 -27.83 -52.46
CA ARG F 137 27.14 -26.89 -53.37
C ARG F 137 26.12 -26.04 -52.61
N ASP F 138 26.18 -24.73 -52.82
CA ASP F 138 25.29 -23.80 -52.14
C ASP F 138 23.83 -24.18 -52.35
N GLY F 139 23.06 -24.19 -51.27
CA GLY F 139 21.66 -24.55 -51.30
C GLY F 139 21.37 -26.00 -50.98
N THR F 140 22.39 -26.82 -50.77
CA THR F 140 22.19 -28.22 -50.41
C THR F 140 21.38 -28.33 -49.12
N THR F 141 20.26 -29.04 -49.18
CA THR F 141 19.38 -29.21 -48.04
C THR F 141 19.44 -30.66 -47.56
N VAL F 142 19.59 -30.84 -46.26
CA VAL F 142 19.69 -32.17 -45.66
C VAL F 142 18.67 -32.26 -44.52
N GLN F 143 18.00 -33.41 -44.44
CA GLN F 143 17.10 -33.70 -43.33
C GLN F 143 17.79 -34.68 -42.40
N VAL F 144 18.03 -34.26 -41.16
CA VAL F 144 18.68 -35.09 -40.16
C VAL F 144 17.59 -35.65 -39.25
N VAL F 145 17.48 -36.98 -39.23
CA VAL F 145 16.42 -37.67 -38.51
C VAL F 145 17.03 -38.89 -37.82
N SER F 146 16.56 -39.17 -36.61
CA SER F 146 17.05 -40.30 -35.83
C SER F 146 15.86 -41.11 -35.32
N THR F 147 15.95 -42.43 -35.46
CA THR F 147 15.00 -43.36 -34.86
C THR F 147 15.65 -44.23 -33.80
N ALA F 148 16.93 -43.99 -33.49
CA ALA F 148 17.63 -44.81 -32.52
C ALA F 148 17.14 -44.51 -31.11
N SER F 149 17.33 -45.49 -30.22
CA SER F 149 16.92 -45.35 -28.83
C SER F 149 18.02 -44.73 -27.96
N VAL F 150 19.27 -44.77 -28.40
CA VAL F 150 20.36 -44.08 -27.73
C VAL F 150 20.61 -42.78 -28.47
N SER F 151 20.73 -41.69 -27.73
CA SER F 151 20.79 -40.37 -28.34
C SER F 151 22.17 -40.06 -28.92
N SER F 152 22.20 -39.12 -29.85
CA SER F 152 23.42 -38.65 -30.48
C SER F 152 23.27 -37.15 -30.72
N ASP F 153 24.25 -36.56 -31.40
CA ASP F 153 24.22 -35.13 -31.68
C ASP F 153 25.01 -34.83 -32.93
N ILE F 154 24.89 -33.58 -33.39
CA ILE F 154 25.54 -33.11 -34.61
C ILE F 154 26.71 -32.21 -34.21
N ASP F 155 27.85 -32.41 -34.86
CA ASP F 155 28.98 -31.51 -34.66
C ASP F 155 28.58 -30.09 -35.02
N LYS F 156 28.98 -29.14 -34.16
CA LYS F 156 28.51 -27.76 -34.23
C LYS F 156 29.50 -26.84 -34.92
N THR F 157 30.64 -27.34 -35.37
CA THR F 157 31.69 -26.48 -35.92
C THR F 157 31.18 -25.67 -37.11
N ASN F 158 30.55 -26.33 -38.07
CA ASN F 158 30.09 -25.67 -39.29
C ASN F 158 28.61 -25.34 -39.25
N LEU F 159 28.01 -25.29 -38.07
CA LEU F 159 26.63 -24.86 -37.91
C LEU F 159 26.57 -23.37 -37.60
N LEU F 160 25.49 -22.72 -38.02
CA LEU F 160 25.35 -21.28 -37.84
C LEU F 160 25.44 -20.90 -36.36
N PHE F 161 24.77 -21.66 -35.49
CA PHE F 161 24.84 -21.45 -34.06
C PHE F 161 25.03 -22.79 -33.35
N PRO F 162 25.80 -22.82 -32.26
CA PRO F 162 26.02 -24.09 -31.53
C PRO F 162 24.86 -24.42 -30.61
N SER F 163 23.69 -24.64 -31.20
CA SER F 163 22.49 -24.95 -30.44
C SER F 163 22.51 -26.40 -29.98
N SER F 164 21.46 -26.81 -29.26
CA SER F 164 21.38 -28.14 -28.66
C SER F 164 20.87 -29.13 -29.70
N PHE F 165 21.68 -29.34 -30.74
CA PHE F 165 21.31 -30.23 -31.84
C PHE F 165 21.57 -31.69 -31.44
N THR F 166 20.78 -32.14 -30.48
CA THR F 166 20.81 -33.54 -30.06
C THR F 166 19.73 -34.32 -30.80
N LEU F 167 20.00 -35.61 -31.01
CA LEU F 167 19.16 -36.46 -31.84
C LEU F 167 18.61 -37.60 -30.98
N LYS F 168 17.32 -37.56 -30.70
CA LYS F 168 16.61 -38.65 -30.05
C LYS F 168 15.61 -39.25 -31.02
N ASN F 169 14.93 -40.32 -30.57
CA ASN F 169 13.90 -40.96 -31.38
C ASN F 169 12.80 -39.95 -31.71
N GLY F 170 12.66 -39.61 -33.00
CA GLY F 170 11.66 -38.64 -33.43
C GLY F 170 12.23 -37.28 -33.78
N SER F 171 13.51 -37.04 -33.54
CA SER F 171 14.11 -35.75 -33.86
C SER F 171 14.17 -35.55 -35.37
N GLU F 172 14.04 -34.29 -35.78
CA GLU F 172 14.04 -33.94 -37.20
C GLU F 172 14.55 -32.52 -37.35
N TYR F 173 15.71 -32.37 -38.01
CA TYR F 173 16.31 -31.08 -38.27
C TYR F 173 16.58 -30.95 -39.76
N TRP F 174 16.21 -29.82 -40.33
CA TRP F 174 16.50 -29.50 -41.73
C TRP F 174 17.50 -28.36 -41.80
N PHE F 175 18.58 -28.58 -42.55
CA PHE F 175 19.63 -27.60 -42.72
C PHE F 175 19.82 -27.30 -44.19
N LYS F 176 20.19 -26.06 -44.50
CA LYS F 176 20.60 -25.66 -45.84
C LYS F 176 21.95 -24.97 -45.74
N TYR F 177 22.87 -25.35 -46.62
CA TYR F 177 24.23 -24.83 -46.59
C TYR F 177 24.31 -23.53 -47.37
N TYR F 178 24.87 -22.50 -46.74
CA TYR F 178 25.07 -21.20 -47.36
C TYR F 178 26.57 -21.01 -47.55
N SER F 179 27.03 -21.04 -48.81
CA SER F 179 28.45 -20.86 -49.08
C SER F 179 28.92 -19.45 -48.76
N ALA F 180 28.00 -18.48 -48.81
CA ALA F 180 28.36 -17.12 -48.39
C ALA F 180 28.73 -17.06 -46.91
N LEU F 181 28.18 -17.98 -46.11
CA LEU F 181 28.51 -18.07 -44.70
C LEU F 181 29.43 -19.24 -44.37
N GLY F 182 29.58 -20.20 -45.28
CA GLY F 182 30.27 -21.43 -44.95
C GLY F 182 29.69 -22.15 -43.75
N LYS F 183 28.36 -22.12 -43.62
CA LYS F 183 27.68 -22.67 -42.46
C LYS F 183 26.41 -23.36 -42.89
N TRP F 184 26.07 -24.45 -42.20
CA TRP F 184 24.76 -25.06 -42.31
C TRP F 184 23.78 -24.26 -41.45
N VAL F 185 22.72 -23.77 -42.07
CA VAL F 185 21.75 -22.88 -41.41
C VAL F 185 20.46 -23.65 -41.17
N PRO F 186 19.93 -23.65 -39.95
CA PRO F 186 18.67 -24.37 -39.70
C PRO F 186 17.51 -23.70 -40.43
N GLU F 187 16.76 -24.51 -41.19
CA GLU F 187 15.59 -24.02 -41.91
C GLU F 187 14.28 -24.51 -41.30
N TYR F 188 14.28 -25.68 -40.68
CA TYR F 188 13.11 -26.17 -39.96
C TYR F 188 13.56 -27.06 -38.81
N ILE F 189 13.01 -26.81 -37.64
CA ILE F 189 13.29 -27.59 -36.44
C ILE F 189 11.99 -28.18 -35.93
N LYS F 190 11.91 -29.50 -35.90
CA LYS F 190 10.73 -30.15 -35.36
C LYS F 190 10.68 -29.91 -33.86
N PRO F 191 9.63 -29.27 -33.34
CA PRO F 191 9.64 -28.88 -31.92
C PRO F 191 9.49 -30.08 -30.99
N GLN F 192 10.15 -29.98 -29.84
CA GLN F 192 9.91 -30.91 -28.75
C GLN F 192 8.72 -30.42 -27.94
N LYS F 193 7.65 -31.21 -27.92
CA LYS F 193 6.38 -30.76 -27.35
C LYS F 193 6.30 -31.18 -25.88
N LEU F 194 5.99 -30.23 -25.02
CA LEU F 194 5.83 -30.48 -23.59
C LEU F 194 4.54 -29.85 -23.10
N ASN F 195 3.81 -30.61 -22.29
CA ASN F 195 2.67 -30.07 -21.56
C ASN F 195 3.17 -29.60 -20.20
N VAL F 196 2.80 -28.36 -19.84
CA VAL F 196 3.34 -27.76 -18.61
C VAL F 196 2.97 -28.58 -17.38
N GLN F 197 1.91 -29.39 -17.44
CA GLN F 197 1.59 -30.27 -16.32
C GLN F 197 2.65 -31.33 -16.10
N GLN F 198 3.43 -31.66 -17.13
CA GLN F 198 4.47 -32.68 -16.99
C GLN F 198 5.70 -32.14 -16.25
N ILE F 199 5.99 -30.85 -16.40
CA ILE F 199 7.22 -30.28 -15.85
C ILE F 199 6.97 -29.30 -14.72
N GLY F 200 5.72 -28.92 -14.45
CA GLY F 200 5.43 -28.02 -13.35
C GLY F 200 5.73 -26.57 -13.69
N THR F 201 6.08 -25.80 -12.67
CA THR F 201 6.26 -24.37 -12.77
C THR F 201 7.66 -23.96 -13.21
N SER F 202 8.50 -24.90 -13.61
CA SER F 202 9.86 -24.57 -14.01
C SER F 202 10.39 -25.61 -14.99
N LEU F 203 11.30 -25.18 -15.84
CA LEU F 203 12.06 -26.06 -16.73
C LEU F 203 13.54 -25.88 -16.40
N ALA F 204 14.15 -26.94 -15.87
CA ALA F 204 15.55 -26.83 -15.44
C ALA F 204 16.49 -26.66 -16.63
N ALA F 205 16.27 -27.40 -17.72
CA ALA F 205 17.15 -27.34 -18.87
C ALA F 205 16.38 -27.72 -20.11
N VAL F 206 16.89 -27.26 -21.26
CA VAL F 206 16.30 -27.60 -22.54
C VAL F 206 17.01 -28.81 -23.13
N ASN F 207 16.32 -29.51 -24.03
CA ASN F 207 16.80 -30.76 -24.59
C ASN F 207 16.96 -30.71 -26.11
N SER F 208 16.55 -29.63 -26.76
CA SER F 208 16.53 -29.55 -28.21
C SER F 208 16.56 -28.08 -28.59
N PRO F 209 16.82 -27.76 -29.87
CA PRO F 209 16.90 -26.34 -30.25
C PRO F 209 15.56 -25.62 -30.19
N LEU F 210 14.44 -26.35 -30.15
CA LEU F 210 13.12 -25.73 -30.11
C LEU F 210 12.22 -26.53 -29.20
N THR F 211 11.89 -25.96 -28.04
CA THR F 211 10.97 -26.57 -27.09
C THR F 211 9.67 -25.79 -27.09
N GLU F 212 8.55 -26.51 -27.14
CA GLU F 212 7.23 -25.91 -27.24
C GLU F 212 6.40 -26.37 -26.04
N ILE F 213 6.04 -25.42 -25.17
CA ILE F 213 5.37 -25.70 -23.91
C ILE F 213 3.93 -25.22 -24.03
N ALA F 214 2.98 -26.15 -23.89
CA ALA F 214 1.57 -25.86 -24.09
C ALA F 214 0.84 -25.71 -22.76
N PHE F 215 -0.01 -24.69 -22.68
CA PHE F 215 -0.95 -24.50 -21.59
C PHE F 215 -2.37 -24.77 -22.09
N GLY F 216 -3.18 -25.40 -21.27
CA GLY F 216 -4.56 -25.65 -21.64
C GLY F 216 -5.42 -25.91 -20.42
N ASP F 217 -6.71 -26.13 -20.67
CA ASP F 217 -7.60 -26.51 -19.59
C ASP F 217 -7.31 -27.96 -19.17
N GLY F 218 -7.10 -28.16 -17.88
CA GLY F 218 -6.61 -29.43 -17.39
C GLY F 218 -5.11 -29.62 -17.54
N ASN F 219 -4.41 -28.63 -18.08
CA ASN F 219 -2.95 -28.67 -18.26
C ASN F 219 -2.45 -27.23 -18.09
N TRP F 220 -2.13 -26.87 -16.84
CA TRP F 220 -2.03 -25.46 -16.51
C TRP F 220 -1.33 -25.30 -15.16
N VAL F 221 -0.48 -24.28 -15.06
CA VAL F 221 0.10 -23.82 -13.81
C VAL F 221 -0.04 -22.30 -13.76
N SER F 222 0.16 -21.74 -12.57
CA SER F 222 -0.06 -20.31 -12.37
C SER F 222 1.13 -19.47 -12.81
N ASN F 223 2.34 -20.04 -12.79
CA ASN F 223 3.53 -19.29 -13.18
C ASN F 223 4.59 -20.26 -13.66
N PHE F 224 5.51 -19.75 -14.48
CA PHE F 224 6.51 -20.59 -15.13
C PHE F 224 7.82 -19.85 -15.23
N THR F 225 8.91 -20.56 -14.96
CA THR F 225 10.26 -19.99 -14.98
C THR F 225 11.08 -20.66 -16.06
N LEU F 226 11.67 -19.87 -16.94
CA LEU F 226 12.55 -20.39 -17.98
C LEU F 226 13.85 -20.91 -17.37
N PRO F 227 14.57 -21.77 -18.10
CA PRO F 227 15.88 -22.22 -17.59
C PRO F 227 16.84 -21.07 -17.42
N THR F 228 17.81 -21.25 -16.52
CA THR F 228 18.82 -20.23 -16.27
C THR F 228 19.86 -20.18 -17.38
N THR F 229 20.05 -21.27 -18.11
CA THR F 229 21.06 -21.33 -19.16
C THR F 229 20.63 -22.35 -20.22
N ALA F 230 21.18 -22.19 -21.41
CA ALA F 230 20.95 -23.10 -22.52
C ALA F 230 22.11 -22.95 -23.50
N ASN F 231 22.02 -23.64 -24.63
CA ASN F 231 22.98 -23.43 -25.70
C ASN F 231 22.56 -22.25 -26.57
N ASP F 232 23.54 -21.70 -27.28
CA ASP F 232 23.32 -20.48 -28.05
C ASP F 232 22.19 -20.67 -29.07
N ARG F 233 21.20 -19.78 -29.01
CA ARG F 233 20.09 -19.70 -29.95
C ARG F 233 19.08 -20.82 -29.78
N ASP F 234 19.09 -21.54 -28.65
CA ASP F 234 17.99 -22.41 -28.31
C ASP F 234 16.73 -21.57 -28.12
N ARG F 235 15.58 -22.14 -28.49
CA ARG F 235 14.32 -21.41 -28.49
C ARG F 235 13.27 -22.14 -27.69
N ILE F 236 12.45 -21.38 -26.97
CA ILE F 236 11.31 -21.90 -26.22
C ILE F 236 10.07 -21.14 -26.66
N ILE F 237 9.06 -21.87 -27.13
CA ILE F 237 7.77 -21.31 -27.46
C ILE F 237 6.78 -21.71 -26.37
N ILE F 238 6.04 -20.75 -25.85
CA ILE F 238 5.04 -20.99 -24.82
C ILE F 238 3.68 -20.60 -25.39
N LYS F 239 2.75 -21.57 -25.44
CA LYS F 239 1.43 -21.37 -25.99
C LYS F 239 0.38 -21.71 -24.95
N SER F 240 -0.79 -21.05 -25.07
CA SER F 240 -1.88 -21.32 -24.16
C SER F 240 -3.20 -21.39 -24.93
N THR F 241 -4.00 -22.39 -24.58
CA THR F 241 -5.41 -22.43 -24.93
C THR F 241 -6.28 -22.47 -23.68
N ALA F 242 -5.67 -22.27 -22.51
CA ALA F 242 -6.39 -22.35 -21.24
C ALA F 242 -7.30 -21.14 -21.06
N THR F 243 -8.34 -21.33 -20.25
CA THR F 243 -9.27 -20.25 -19.95
C THR F 243 -8.61 -19.19 -19.07
N TRP F 244 -7.90 -19.61 -18.03
CA TRP F 244 -7.35 -18.71 -17.04
C TRP F 244 -5.90 -18.36 -17.36
N SER F 245 -5.57 -17.09 -17.20
CA SER F 245 -4.24 -16.59 -17.53
C SER F 245 -3.18 -17.20 -16.62
N ALA F 246 -1.94 -17.13 -17.08
CA ALA F 246 -0.77 -17.54 -16.31
C ALA F 246 0.33 -16.51 -16.52
N LYS F 247 1.32 -16.55 -15.63
CA LYS F 247 2.40 -15.58 -15.64
C LYS F 247 3.71 -16.26 -16.01
N ILE F 248 4.39 -15.73 -17.01
CA ILE F 248 5.75 -16.13 -17.31
C ILE F 248 6.69 -15.25 -16.51
N ASN F 249 7.45 -15.86 -15.59
CA ASN F 249 8.32 -15.09 -14.72
C ASN F 249 9.42 -14.42 -15.52
N ASN F 250 9.79 -13.20 -15.11
CA ASN F 250 10.78 -12.41 -15.83
C ASN F 250 12.22 -12.84 -15.54
N THR F 251 12.44 -13.70 -14.54
CA THR F 251 13.80 -14.13 -14.22
C THR F 251 14.40 -14.89 -15.39
N ASN F 252 15.69 -14.66 -15.63
CA ASN F 252 16.49 -15.21 -16.72
C ASN F 252 16.09 -14.68 -18.09
N VAL F 253 15.14 -13.74 -18.15
CA VAL F 253 14.67 -13.16 -19.40
C VAL F 253 15.17 -11.72 -19.48
N ASN F 254 15.56 -11.29 -20.67
CA ASN F 254 16.03 -9.92 -20.90
C ASN F 254 14.84 -8.98 -21.13
N SER F 255 13.95 -8.97 -20.14
CA SER F 255 12.76 -8.12 -20.18
C SER F 255 12.08 -8.08 -18.82
N GLN F 256 11.70 -6.89 -18.37
CA GLN F 256 10.90 -6.73 -17.16
C GLN F 256 9.43 -6.55 -17.47
N ALA F 257 9.05 -6.66 -18.75
CA ALA F 257 7.70 -6.38 -19.18
C ALA F 257 6.73 -7.44 -18.65
N THR F 258 5.43 -7.16 -18.80
CA THR F 258 4.37 -8.04 -18.31
C THR F 258 4.22 -9.21 -19.26
N LEU F 259 4.71 -10.37 -18.85
CA LEU F 259 4.62 -11.60 -19.64
C LEU F 259 3.44 -12.45 -19.17
N THR F 260 2.23 -11.91 -19.32
CA THR F 260 1.02 -12.63 -18.95
C THR F 260 0.56 -13.49 -20.13
N LEU F 261 0.26 -14.75 -19.83
CA LEU F 261 -0.09 -15.73 -20.85
C LEU F 261 -1.61 -15.94 -20.81
N LYS F 262 -2.31 -15.32 -21.75
CA LYS F 262 -3.76 -15.41 -21.82
C LYS F 262 -4.18 -16.44 -22.86
N THR F 263 -5.49 -16.63 -23.00
CA THR F 263 -6.03 -17.56 -23.98
C THR F 263 -5.61 -17.15 -25.39
N GLY F 264 -4.98 -18.09 -26.10
CA GLY F 264 -4.53 -17.85 -27.45
C GLY F 264 -3.20 -17.11 -27.56
N ASP F 265 -2.61 -16.68 -26.44
CA ASP F 265 -1.35 -15.98 -26.49
C ASP F 265 -0.21 -16.93 -26.83
N GLN F 266 0.87 -16.35 -27.36
CA GLN F 266 2.08 -17.11 -27.68
C GLN F 266 3.29 -16.24 -27.41
N TYR F 267 4.27 -16.80 -26.71
CA TYR F 267 5.54 -16.13 -26.45
C TYR F 267 6.67 -16.99 -27.00
N GLU F 268 7.71 -16.34 -27.52
CA GLU F 268 8.89 -17.01 -28.04
C GLU F 268 10.13 -16.39 -27.41
N PHE F 269 11.03 -17.25 -26.93
CA PHE F 269 12.26 -16.81 -26.28
C PHE F 269 13.45 -17.44 -26.97
N MSE F 270 14.56 -16.72 -26.99
CA MSE F 270 15.78 -17.20 -27.61
C MSE F 270 16.98 -16.92 -26.71
O MSE F 270 17.22 -15.78 -26.32
CB MSE F 270 15.99 -16.56 -28.98
CG MSE F 270 17.21 -17.05 -29.72
SE MSE F 270 17.54 -16.04 -31.35
CE MSE F 270 17.96 -14.31 -30.55
N TYR F 271 17.73 -17.97 -26.38
CA TYR F 271 18.88 -17.82 -25.50
C TYR F 271 20.06 -17.22 -26.25
N VAL F 272 20.79 -16.33 -25.58
CA VAL F 272 21.93 -15.63 -26.15
C VAL F 272 23.12 -15.89 -25.23
N SER F 273 24.08 -16.67 -25.71
CA SER F 273 25.16 -17.15 -24.85
C SER F 273 26.03 -16.01 -24.34
N ASP F 274 26.48 -15.14 -25.24
CA ASP F 274 27.38 -14.07 -24.83
C ASP F 274 26.74 -13.12 -23.82
N LYS F 275 25.40 -13.08 -23.78
CA LYS F 275 24.67 -12.27 -22.81
C LYS F 275 24.21 -13.06 -21.61
N GLY F 276 23.98 -14.37 -21.76
CA GLY F 276 23.59 -15.19 -20.64
C GLY F 276 22.15 -15.03 -20.21
N TYR F 277 21.24 -14.72 -21.13
CA TYR F 277 19.83 -14.61 -20.80
C TYR F 277 18.99 -15.02 -22.00
N TRP F 278 17.68 -15.14 -21.76
CA TRP F 278 16.72 -15.41 -22.82
C TRP F 278 16.26 -14.09 -23.43
N GLN F 279 16.43 -13.94 -24.74
CA GLN F 279 15.92 -12.78 -25.45
C GLN F 279 14.46 -13.00 -25.82
N LEU F 280 13.62 -12.00 -25.57
CA LEU F 280 12.22 -12.05 -25.93
C LEU F 280 12.08 -11.61 -27.38
N ILE F 281 11.72 -12.53 -28.27
CA ILE F 281 11.65 -12.25 -29.70
C ILE F 281 10.23 -12.23 -30.24
N SER F 282 9.24 -12.67 -29.46
CA SER F 282 7.86 -12.63 -29.92
C SER F 282 6.93 -12.62 -28.70
N SER F 283 5.98 -11.70 -28.70
CA SER F 283 5.04 -11.55 -27.59
C SER F 283 3.77 -10.92 -28.12
N PRO F 284 2.62 -11.17 -27.47
CA PRO F 284 1.35 -10.66 -27.99
C PRO F 284 1.22 -9.14 -27.82
N THR F 285 0.32 -8.57 -28.62
CA THR F 285 -0.02 -7.16 -28.58
C THR F 285 -1.54 -7.03 -28.55
N LYS F 286 -2.06 -6.42 -27.49
CA LYS F 286 -3.48 -6.11 -27.43
C LYS F 286 -3.76 -4.87 -28.27
N VAL F 287 -4.70 -4.99 -29.21
CA VAL F 287 -5.00 -3.93 -30.16
C VAL F 287 -6.46 -3.54 -30.03
N ILE F 288 -6.69 -2.27 -29.71
CA ILE F 288 -8.03 -1.68 -29.76
C ILE F 288 -8.06 -0.86 -31.05
N ASP F 289 -8.68 -1.42 -32.10
CA ASP F 289 -8.59 -0.82 -33.42
C ASP F 289 -9.64 0.27 -33.59
N SER F 290 -9.66 0.87 -34.79
CA SER F 290 -10.47 2.05 -35.07
C SER F 290 -11.97 1.78 -35.02
N THR F 291 -12.39 0.52 -34.98
CA THR F 291 -13.81 0.19 -34.88
C THR F 291 -14.23 -0.23 -33.48
N ALA F 292 -13.28 -0.46 -32.58
CA ALA F 292 -13.59 -0.85 -31.21
C ALA F 292 -13.66 0.36 -30.29
N THR F 293 -14.40 0.20 -29.20
CA THR F 293 -14.52 1.26 -28.22
C THR F 293 -13.24 1.39 -27.40
N ILE F 294 -12.78 2.62 -27.20
CA ILE F 294 -11.57 2.91 -26.46
C ILE F 294 -11.96 3.45 -25.08
N PRO F 295 -11.50 2.85 -23.99
CA PRO F 295 -11.83 3.37 -22.67
C PRO F 295 -11.02 4.61 -22.33
N ALA F 296 -11.65 5.50 -21.55
CA ALA F 296 -10.99 6.73 -21.14
C ALA F 296 -9.76 6.43 -20.31
N ILE F 297 -9.83 5.40 -19.46
CA ILE F 297 -8.69 4.91 -18.71
C ILE F 297 -8.25 3.60 -19.36
N LEU F 298 -7.04 3.61 -19.91
CA LEU F 298 -6.54 2.42 -20.60
C LEU F 298 -6.37 1.27 -19.61
N PRO F 299 -6.61 0.04 -20.06
CA PRO F 299 -6.58 -1.09 -19.13
C PRO F 299 -5.18 -1.40 -18.65
N ASN F 300 -5.11 -2.04 -17.47
CA ASN F 300 -3.84 -2.48 -16.94
C ASN F 300 -3.20 -3.50 -17.87
N MSE F 301 -1.88 -3.42 -18.01
CA MSE F 301 -1.16 -4.25 -18.97
C MSE F 301 -1.26 -5.74 -18.68
O MSE F 301 -0.90 -6.19 -17.59
CB MSE F 301 0.32 -3.83 -19.02
CG MSE F 301 0.54 -2.34 -19.27
SE MSE F 301 0.06 -1.76 -21.07
CE MSE F 301 1.41 -2.73 -22.08
N THR F 302 -1.75 -6.50 -19.65
CA THR F 302 -1.75 -7.95 -19.61
C THR F 302 -0.85 -8.54 -20.69
N GLN F 303 0.00 -7.73 -21.30
CA GLN F 303 0.96 -8.15 -22.31
C GLN F 303 1.99 -7.04 -22.47
N PRO F 304 3.13 -7.32 -23.11
CA PRO F 304 4.21 -6.31 -23.14
C PRO F 304 3.84 -5.01 -23.85
N THR F 305 2.89 -5.02 -24.79
CA THR F 305 2.57 -3.82 -25.55
C THR F 305 1.08 -3.74 -25.83
N LEU F 306 0.58 -2.50 -25.89
CA LEU F 306 -0.81 -2.20 -26.19
C LEU F 306 -0.87 -1.14 -27.27
N LYS F 307 -1.70 -1.36 -28.29
CA LYS F 307 -1.84 -0.43 -29.40
C LYS F 307 -3.28 0.07 -29.46
N VAL F 308 -3.43 1.40 -29.47
CA VAL F 308 -4.75 2.05 -29.49
C VAL F 308 -4.84 2.86 -30.78
N LYS F 309 -5.94 2.68 -31.51
CA LYS F 309 -6.14 3.32 -32.81
C LYS F 309 -7.35 4.25 -32.71
N LEU F 310 -7.09 5.55 -32.56
CA LEU F 310 -8.16 6.54 -32.50
C LEU F 310 -8.69 6.85 -33.88
N SER F 311 -10.01 6.91 -34.00
CA SER F 311 -10.69 7.24 -35.25
C SER F 311 -11.86 8.15 -34.94
N THR F 312 -12.62 8.49 -35.99
CA THR F 312 -13.79 9.34 -35.81
C THR F 312 -14.87 8.63 -35.01
N SER F 313 -15.01 7.33 -35.18
CA SER F 313 -16.08 6.58 -34.53
C SER F 313 -15.76 6.16 -33.11
N ASN F 314 -14.50 6.22 -32.69
CA ASN F 314 -14.12 5.90 -31.32
C ASN F 314 -13.32 7.01 -30.66
N TRP F 315 -13.41 8.23 -31.18
CA TRP F 315 -12.62 9.33 -30.65
C TRP F 315 -12.90 9.55 -29.17
N GLN F 316 -11.85 9.92 -28.43
CA GLN F 316 -11.93 10.20 -27.01
C GLN F 316 -11.18 11.49 -26.72
N PRO F 317 -11.75 12.38 -25.90
CA PRO F 317 -11.05 13.66 -25.64
C PRO F 317 -9.79 13.48 -24.81
N THR F 318 -9.81 12.59 -23.83
CA THR F 318 -8.65 12.34 -22.97
C THR F 318 -8.44 10.84 -22.82
N LEU F 319 -7.17 10.45 -22.72
CA LEU F 319 -6.79 9.07 -22.47
C LEU F 319 -5.82 9.02 -21.29
N GLN F 320 -6.06 8.10 -20.37
CA GLN F 320 -5.20 7.87 -19.23
C GLN F 320 -4.38 6.61 -19.49
N LEU F 321 -3.06 6.75 -19.48
CA LEU F 321 -2.19 5.60 -19.68
C LEU F 321 -2.40 4.58 -18.56
N PRO F 322 -2.13 3.30 -18.81
CA PRO F 322 -2.47 2.26 -17.83
C PRO F 322 -1.91 2.54 -16.44
N ALA F 323 -2.74 2.33 -15.43
CA ALA F 323 -2.34 2.62 -14.06
C ALA F 323 -1.35 1.59 -13.53
N GLN F 324 -1.47 0.34 -13.96
CA GLN F 324 -0.58 -0.73 -13.51
C GLN F 324 0.16 -1.30 -14.72
N ALA F 325 1.49 -1.34 -14.61
CA ALA F 325 2.34 -1.82 -15.68
C ALA F 325 3.67 -2.24 -15.08
N GLN F 326 4.51 -2.85 -15.92
CA GLN F 326 5.85 -3.25 -15.52
C GLN F 326 6.87 -2.55 -16.42
N VAL F 327 8.08 -2.40 -15.89
CA VAL F 327 9.13 -1.70 -16.63
C VAL F 327 9.35 -2.37 -17.97
N GLY F 328 9.30 -1.57 -19.05
CA GLY F 328 9.46 -2.05 -20.39
C GLY F 328 8.15 -2.15 -21.17
N ASP F 329 7.01 -2.13 -20.49
CA ASP F 329 5.73 -2.15 -21.18
C ASP F 329 5.59 -0.93 -22.09
N LYS F 330 4.96 -1.12 -23.24
CA LYS F 330 4.86 -0.08 -24.25
C LYS F 330 3.40 0.15 -24.61
N VAL F 331 3.06 1.42 -24.87
CA VAL F 331 1.76 1.81 -25.37
C VAL F 331 1.98 2.63 -26.64
N VAL F 332 1.37 2.19 -27.74
CA VAL F 332 1.43 2.91 -29.01
C VAL F 332 0.04 3.43 -29.32
N ILE F 333 -0.06 4.72 -29.60
CA ILE F 333 -1.33 5.37 -29.89
C ILE F 333 -1.23 6.01 -31.27
N VAL F 334 -2.18 5.69 -32.14
CA VAL F 334 -2.29 6.30 -33.46
C VAL F 334 -3.64 7.01 -33.53
N SER F 335 -3.68 8.11 -34.26
CA SER F 335 -4.87 8.94 -34.35
C SER F 335 -5.15 9.28 -35.80
N ASN F 336 -6.35 8.93 -36.27
CA ASN F 336 -6.86 9.37 -37.56
C ASN F 336 -8.15 10.18 -37.40
N ALA F 337 -8.41 10.67 -36.19
CA ALA F 337 -9.55 11.54 -35.92
C ALA F 337 -9.15 12.99 -36.15
N SER F 338 -10.15 13.82 -36.46
CA SER F 338 -9.87 15.21 -36.78
C SER F 338 -9.46 16.01 -35.54
N ALA F 339 -10.05 15.70 -34.40
CA ALA F 339 -9.77 16.42 -33.16
C ALA F 339 -8.61 15.77 -32.41
N ASP F 340 -7.94 16.59 -31.60
CA ASP F 340 -6.83 16.11 -30.79
C ASP F 340 -7.33 15.25 -29.64
N THR F 341 -6.41 14.49 -29.06
CA THR F 341 -6.68 13.69 -27.87
C THR F 341 -5.57 13.89 -26.86
N TYR F 342 -5.92 14.23 -25.62
CA TYR F 342 -4.94 14.43 -24.57
C TYR F 342 -4.59 13.10 -23.92
N ILE F 343 -3.30 12.95 -23.60
CA ILE F 343 -2.78 11.74 -22.97
C ILE F 343 -2.17 12.11 -21.63
N ASN F 344 -2.54 11.38 -20.59
CA ASN F 344 -2.08 11.67 -19.23
C ASN F 344 -1.61 10.39 -18.56
N ALA F 345 -0.79 10.57 -17.53
CA ALA F 345 -0.28 9.46 -16.73
C ALA F 345 -0.28 9.88 -15.27
N ALA F 346 -0.16 8.89 -14.38
CA ALA F 346 -0.21 9.16 -12.95
C ALA F 346 0.95 10.04 -12.49
N ASN F 347 2.11 9.93 -13.14
CA ASN F 347 3.28 10.70 -12.75
C ASN F 347 3.22 12.16 -13.19
N GLY F 348 2.08 12.61 -13.73
CA GLY F 348 1.94 13.98 -14.15
C GLY F 348 2.24 14.23 -15.62
N LEU F 349 2.68 13.21 -16.36
CA LEU F 349 2.88 13.36 -17.79
C LEU F 349 1.58 13.81 -18.45
N SER F 350 1.67 14.85 -19.26
CA SER F 350 0.48 15.43 -19.88
C SER F 350 0.86 15.94 -21.26
N THR F 351 0.25 15.36 -22.28
CA THR F 351 0.57 15.68 -23.67
C THR F 351 -0.65 15.38 -24.53
N ALA F 352 -0.52 15.61 -25.82
CA ALA F 352 -1.61 15.43 -26.77
C ALA F 352 -1.12 14.69 -28.00
N ILE F 353 -2.03 13.95 -28.63
CA ILE F 353 -1.78 13.31 -29.92
C ILE F 353 -2.71 13.95 -30.94
N LYS F 354 -2.16 14.29 -32.10
CA LYS F 354 -2.88 14.99 -33.14
C LYS F 354 -3.12 14.06 -34.33
N ASN F 355 -3.91 14.56 -35.29
CA ASN F 355 -4.31 13.77 -36.44
C ASN F 355 -3.10 13.30 -37.24
N GLY F 356 -3.07 12.01 -37.56
CA GLY F 356 -2.01 11.43 -38.35
C GLY F 356 -0.74 11.11 -37.58
N GLU F 357 -0.73 11.28 -36.27
CA GLU F 357 0.46 11.11 -35.47
C GLU F 357 0.52 9.73 -34.84
N ASN F 358 1.73 9.18 -34.76
CA ASN F 358 1.99 7.95 -34.02
C ASN F 358 2.79 8.31 -32.78
N ARG F 359 2.37 7.78 -31.63
CA ARG F 359 3.03 8.10 -30.37
C ARG F 359 3.20 6.84 -29.54
N ARG F 360 4.42 6.62 -29.07
CA ARG F 360 4.74 5.46 -28.25
C ARG F 360 5.21 5.92 -26.87
N PHE F 361 4.77 5.21 -25.84
CA PHE F 361 5.17 5.48 -24.47
C PHE F 361 5.69 4.19 -23.84
N ILE F 362 6.67 4.33 -22.95
CA ILE F 362 7.28 3.18 -22.29
C ILE F 362 7.25 3.42 -20.79
N TYR F 363 7.03 2.35 -20.03
CA TYR F 363 6.92 2.42 -18.58
C TYR F 363 8.29 2.25 -17.93
N THR F 364 8.58 3.08 -16.95
CA THR F 364 9.82 3.04 -16.19
C THR F 364 9.48 2.92 -14.70
N ALA F 365 10.53 2.85 -13.88
CA ALA F 365 10.35 2.77 -12.43
C ALA F 365 9.64 4.00 -11.88
N GLN F 366 9.69 5.13 -12.59
CA GLN F 366 9.06 6.36 -12.15
C GLN F 366 7.88 6.77 -13.05
N GLY F 367 7.24 5.79 -13.66
CA GLY F 367 6.01 6.01 -14.40
C GLY F 367 6.21 5.99 -15.91
N TRP F 368 5.15 6.38 -16.61
CA TRP F 368 5.16 6.39 -18.07
C TRP F 368 6.07 7.49 -18.59
N THR F 369 6.66 7.24 -19.76
CA THR F 369 7.71 8.08 -20.31
C THR F 369 7.57 8.15 -21.83
N VAL F 370 7.81 9.34 -22.38
CA VAL F 370 7.79 9.51 -23.83
C VAL F 370 8.86 8.64 -24.46
N ASP F 371 8.48 7.90 -25.50
CA ASP F 371 9.39 6.95 -26.15
C ASP F 371 9.51 7.19 -27.66
N SER F 372 8.99 8.30 -28.18
CA SER F 372 9.10 8.60 -29.60
C SER F 372 8.91 10.09 -29.82
N TYR F 373 9.56 10.60 -30.85
CA TYR F 373 9.45 11.99 -31.25
C TYR F 373 8.88 12.07 -32.67
N THR F 374 7.94 12.98 -32.89
CA THR F 374 7.25 13.08 -34.16
C THR F 374 8.00 14.01 -35.10
N ILE F 375 8.38 13.50 -36.26
CA ILE F 375 9.05 14.28 -37.30
C ILE F 375 8.00 14.61 -38.35
N ASP F 376 7.61 15.88 -38.43
CA ASP F 376 6.60 16.31 -39.39
C ASP F 376 7.23 16.46 -40.77
N MSE F 377 6.64 15.79 -41.76
CA MSE F 377 7.17 15.81 -43.11
C MSE F 377 6.23 16.46 -44.11
O MSE F 377 5.01 16.29 -44.03
CB MSE F 377 7.49 14.38 -43.56
CG MSE F 377 8.54 13.67 -42.73
SE MSE F 377 10.35 14.35 -43.06
CE MSE F 377 10.57 13.74 -44.89
N LEU F 378 6.80 17.22 -45.04
CA LEU F 378 6.06 17.79 -46.16
C LEU F 378 6.32 16.93 -47.39
N LEU F 379 5.26 16.39 -47.97
CA LEU F 379 5.35 15.49 -49.11
C LEU F 379 5.13 16.29 -50.39
N VAL F 380 6.11 16.26 -51.29
CA VAL F 380 6.06 16.97 -52.57
C VAL F 380 6.08 15.94 -53.68
N SER F 381 5.09 16.01 -54.57
CA SER F 381 4.97 15.11 -55.71
C SER F 381 5.04 15.92 -56.99
N SER F 382 5.91 15.49 -57.90
CA SER F 382 6.07 16.19 -59.17
C SER F 382 4.84 15.96 -60.04
N PRO F 383 4.40 16.99 -60.77
CA PRO F 383 3.31 16.76 -61.75
C PRO F 383 3.64 15.69 -62.77
N GLU F 384 4.92 15.51 -63.11
CA GLU F 384 5.32 14.44 -64.02
C GLU F 384 4.95 13.08 -63.47
N VAL F 385 5.15 12.86 -62.17
CA VAL F 385 4.73 11.61 -61.55
C VAL F 385 3.21 11.51 -61.54
N ASN F 386 2.55 12.64 -61.27
CA ASN F 386 1.10 12.67 -61.18
C ASN F 386 0.46 12.29 -62.51
N SER F 387 1.06 12.70 -63.62
CA SER F 387 0.56 12.34 -64.94
C SER F 387 0.68 10.83 -65.20
N ILE F 388 1.70 10.19 -64.65
CA ILE F 388 1.94 8.77 -64.93
C ILE F 388 1.08 7.88 -64.04
N LEU F 389 1.14 8.11 -62.71
CA LEU F 389 0.45 7.23 -61.76
C LEU F 389 -0.99 7.65 -61.49
N GLY F 390 -1.24 8.94 -61.46
CA GLY F 390 -2.46 9.58 -60.99
C GLY F 390 -2.21 10.33 -59.70
N GLU F 391 -2.93 11.43 -59.50
CA GLU F 391 -2.67 12.28 -58.34
C GLU F 391 -2.95 11.54 -57.04
N SER F 392 -4.08 10.82 -57.00
CA SER F 392 -4.42 10.08 -55.79
C SER F 392 -3.47 8.90 -55.62
N ALA F 393 -3.13 8.24 -56.72
CA ALA F 393 -2.16 7.15 -56.67
C ALA F 393 -0.82 7.64 -56.16
N ALA F 394 -0.38 8.81 -56.62
CA ALA F 394 0.91 9.36 -56.20
C ALA F 394 0.91 9.66 -54.70
N LYS F 395 -0.19 10.19 -54.19
CA LYS F 395 -0.29 10.40 -52.75
C LYS F 395 -0.25 9.09 -51.98
N LEU F 396 -0.89 8.06 -52.53
CA LEU F 396 -0.88 6.74 -51.89
C LEU F 396 0.54 6.18 -51.81
N ARG F 397 1.35 6.42 -52.85
CA ARG F 397 2.70 5.85 -52.89
C ARG F 397 3.57 6.39 -51.76
N MSE F 398 3.50 7.70 -51.52
CA MSE F 398 4.32 8.32 -50.48
C MSE F 398 3.83 7.93 -49.08
O MSE F 398 4.63 7.80 -48.15
CB MSE F 398 4.33 9.84 -50.65
CG MSE F 398 4.59 10.29 -52.07
SE MSE F 398 4.95 12.19 -52.23
CE MSE F 398 6.64 12.26 -51.24
N ILE F 399 2.52 7.75 -48.95
CA ILE F 399 1.94 7.33 -47.68
C ILE F 399 2.45 5.95 -47.29
N GLU F 400 2.50 5.03 -48.26
CA GLU F 400 3.04 3.70 -47.99
C GLU F 400 4.51 3.76 -47.59
N GLY F 401 5.25 4.72 -48.14
CA GLY F 401 6.61 4.93 -47.69
C GLY F 401 6.67 5.38 -46.24
N VAL F 402 5.73 6.23 -45.83
CA VAL F 402 5.69 6.68 -44.44
C VAL F 402 5.32 5.53 -43.51
N ASN F 403 4.31 4.75 -43.89
CA ASN F 403 3.89 3.63 -43.04
C ASN F 403 4.98 2.60 -42.89
N LEU F 404 5.72 2.32 -43.97
CA LEU F 404 6.82 1.35 -43.89
C LEU F 404 7.95 1.89 -43.03
N THR F 405 8.23 3.20 -43.12
CA THR F 405 9.25 3.80 -42.27
C THR F 405 8.87 3.70 -40.80
N ASN F 406 7.62 4.04 -40.47
CA ASN F 406 7.18 3.96 -39.08
C ASN F 406 7.17 2.51 -38.58
N LEU F 407 6.82 1.57 -39.45
CA LEU F 407 6.86 0.16 -39.05
C LEU F 407 8.29 -0.30 -38.80
N THR F 408 9.23 0.10 -39.67
CA THR F 408 10.62 -0.25 -39.46
C THR F 408 11.17 0.37 -38.18
N ALA F 409 10.85 1.64 -37.94
CA ALA F 409 11.30 2.31 -36.73
C ALA F 409 10.74 1.66 -35.48
N GLU F 410 9.45 1.30 -35.49
CA GLU F 410 8.83 0.71 -34.33
C GLU F 410 9.40 -0.68 -34.04
N ASN F 411 9.71 -1.44 -35.09
CA ASN F 411 10.32 -2.75 -34.91
C ASN F 411 11.73 -2.65 -34.33
N SER F 412 12.39 -1.51 -34.48
CA SER F 412 13.79 -1.35 -34.11
C SER F 412 13.98 -0.60 -32.81
N ASN F 413 12.90 -0.25 -32.10
CA ASN F 413 12.95 0.62 -30.93
C ASN F 413 13.56 1.98 -31.27
N ALA F 414 13.38 2.43 -32.51
CA ALA F 414 13.80 3.76 -32.90
C ALA F 414 12.78 4.78 -32.40
N ARG F 415 13.26 5.80 -31.69
CA ARG F 415 12.37 6.75 -31.02
C ARG F 415 11.95 7.88 -31.95
N PHE F 416 11.33 7.51 -33.06
CA PHE F 416 10.78 8.51 -33.97
C PHE F 416 9.66 7.88 -34.80
N TYR F 417 8.73 8.74 -35.22
CA TYR F 417 7.72 8.40 -36.21
C TYR F 417 7.63 9.53 -37.22
N LEU F 418 7.29 9.18 -38.46
CA LEU F 418 7.05 10.17 -39.50
C LEU F 418 5.57 10.47 -39.58
N ARG F 419 5.23 11.76 -39.63
CA ARG F 419 3.85 12.22 -39.77
C ARG F 419 3.81 13.20 -40.93
N ASP F 420 2.96 12.91 -41.92
CA ASP F 420 2.80 13.83 -43.04
C ASP F 420 1.82 14.92 -42.64
N VAL F 421 2.29 16.16 -42.66
CA VAL F 421 1.48 17.32 -42.27
C VAL F 421 1.08 18.17 -43.47
N GLY F 422 1.45 17.76 -44.68
CA GLY F 422 1.11 18.51 -45.87
C GLY F 422 1.50 17.77 -47.13
N TYR F 423 0.73 17.97 -48.20
CA TYR F 423 0.99 17.32 -49.48
C TYR F 423 0.83 18.37 -50.57
N ILE F 424 1.90 18.60 -51.33
CA ILE F 424 1.92 19.64 -52.36
C ILE F 424 2.32 19.01 -53.69
N THR F 425 1.74 19.52 -54.77
CA THR F 425 2.10 19.14 -56.13
C THR F 425 2.97 20.24 -56.72
N TYR F 426 4.22 19.89 -57.05
CA TYR F 426 5.17 20.91 -57.49
C TYR F 426 6.36 20.22 -58.15
N LYS F 427 6.89 20.85 -59.19
CA LYS F 427 8.08 20.36 -59.89
C LYS F 427 9.27 21.21 -59.45
N ILE F 428 10.23 20.58 -58.79
CA ILE F 428 11.46 21.28 -58.42
C ILE F 428 12.27 21.52 -59.69
N PRO F 429 12.72 22.75 -59.95
CA PRO F 429 13.46 23.00 -61.20
C PRO F 429 14.83 22.33 -61.18
N ALA F 430 14.96 21.24 -61.93
CA ALA F 430 16.17 20.44 -61.97
C ALA F 430 16.06 19.42 -63.09
N ALA F 431 17.16 19.23 -63.82
CA ALA F 431 17.20 18.20 -64.85
C ALA F 431 17.39 16.80 -64.27
N THR F 432 17.93 16.68 -63.06
CA THR F 432 18.20 15.39 -62.45
C THR F 432 17.72 15.39 -61.01
N LEU F 433 17.57 14.17 -60.47
CA LEU F 433 17.16 14.03 -59.07
C LEU F 433 18.25 14.53 -58.12
N LYS F 434 19.51 14.31 -58.47
CA LYS F 434 20.60 14.81 -57.63
C LYS F 434 20.60 16.33 -57.60
N GLU F 435 20.28 16.98 -58.72
CA GLU F 435 20.14 18.43 -58.74
C GLU F 435 18.93 18.89 -57.94
N ALA F 436 17.86 18.09 -57.93
CA ALA F 436 16.63 18.48 -57.24
C ALA F 436 16.83 18.54 -55.73
N ILE F 437 17.65 17.62 -55.19
CA ILE F 437 17.88 17.61 -53.75
C ILE F 437 18.64 18.86 -53.31
N SER F 438 19.41 19.46 -54.21
CA SER F 438 20.16 20.68 -53.89
C SER F 438 19.25 21.90 -53.92
N THR F 439 18.66 22.19 -55.07
CA THR F 439 17.84 23.39 -55.22
C THR F 439 16.55 23.32 -54.40
N GLY F 440 16.08 22.13 -54.06
CA GLY F 440 14.91 21.99 -53.22
C GLY F 440 15.07 22.60 -51.85
N ARG F 441 16.31 22.78 -51.38
CA ARG F 441 16.55 23.39 -50.08
C ARG F 441 16.27 24.89 -50.11
N ASP F 442 16.39 25.52 -51.28
CA ASP F 442 16.19 26.97 -51.40
C ASP F 442 14.94 27.34 -52.17
N ASP F 443 14.28 26.39 -52.84
CA ASP F 443 13.09 26.69 -53.60
C ASP F 443 12.03 27.33 -52.71
N THR F 444 11.56 28.51 -53.12
CA THR F 444 10.67 29.30 -52.27
C THR F 444 9.31 28.62 -52.11
N THR F 445 8.82 27.95 -53.16
CA THR F 445 7.50 27.34 -53.09
C THR F 445 7.45 26.24 -52.05
N VAL F 446 8.45 25.35 -52.03
CA VAL F 446 8.43 24.24 -51.08
C VAL F 446 8.82 24.70 -49.69
N GLN F 447 9.69 25.72 -49.57
CA GLN F 447 10.12 26.17 -48.26
C GLN F 447 9.10 27.07 -47.59
N ASN F 448 8.34 27.86 -48.36
CA ASN F 448 7.25 28.61 -47.77
C ASN F 448 6.15 27.68 -47.25
N GLU F 449 5.80 26.66 -48.04
CA GLU F 449 4.83 25.67 -47.58
C GLU F 449 5.36 24.87 -46.40
N ARG F 450 6.67 24.61 -46.36
CA ARG F 450 7.26 23.93 -45.22
C ARG F 450 7.06 24.74 -43.94
N LYS F 451 7.30 26.05 -44.02
CA LYS F 451 7.14 26.91 -42.84
C LYS F 451 5.67 27.12 -42.50
N ARG F 452 4.80 27.20 -43.51
CA ARG F 452 3.39 27.45 -43.26
C ARG F 452 2.78 26.34 -42.40
N ILE F 453 3.16 25.08 -42.66
CA ILE F 453 2.63 23.95 -41.93
C ILE F 453 3.59 23.43 -40.87
N LEU F 454 4.72 24.10 -40.66
CA LEU F 454 5.71 23.73 -39.65
C LEU F 454 6.21 22.30 -39.88
N ALA F 455 6.60 22.01 -41.12
CA ALA F 455 7.13 20.72 -41.48
C ALA F 455 8.60 20.64 -41.05
N ASP F 456 8.93 19.63 -40.23
CA ASP F 456 10.31 19.45 -39.81
C ASP F 456 11.19 19.03 -40.98
N GLY F 457 10.62 18.38 -41.97
CA GLY F 457 11.37 17.96 -43.15
C GLY F 457 10.49 17.96 -44.38
N VAL F 458 11.14 17.74 -45.52
CA VAL F 458 10.47 17.71 -46.82
C VAL F 458 10.96 16.49 -47.57
N TYR F 459 10.05 15.83 -48.29
CA TYR F 459 10.38 14.68 -49.11
C TYR F 459 9.75 14.86 -50.48
N TYR F 460 10.50 14.52 -51.52
CA TYR F 460 10.14 14.82 -52.90
C TYR F 460 10.04 13.53 -53.70
N GLN F 461 8.95 13.36 -54.43
CA GLN F 461 8.72 12.22 -55.31
C GLN F 461 8.64 12.75 -56.74
N GLY F 462 9.68 12.49 -57.54
CA GLY F 462 9.78 13.06 -58.86
C GLY F 462 9.99 11.99 -59.92
N ASN F 463 10.06 12.46 -61.16
CA ASN F 463 10.26 11.59 -62.33
C ASN F 463 11.54 11.94 -63.08
N GLU F 464 12.36 12.83 -62.52
CA GLU F 464 13.63 13.15 -63.15
C GLU F 464 14.59 11.96 -63.03
N PRO F 465 15.48 11.80 -64.01
CA PRO F 465 16.47 10.73 -63.90
C PRO F 465 17.52 11.06 -62.85
N GLY F 466 17.87 10.07 -62.03
CA GLY F 466 18.96 10.24 -61.09
C GLY F 466 20.30 10.19 -61.80
N ASP F 467 21.29 10.83 -61.18
CA ASP F 467 22.61 10.89 -61.79
C ASP F 467 23.54 9.76 -61.35
N GLY F 468 23.18 9.02 -60.31
CA GLY F 468 23.95 7.86 -59.90
C GLY F 468 23.11 6.90 -59.08
N GLY F 469 21.80 7.07 -59.11
CA GLY F 469 20.90 6.27 -58.30
C GLY F 469 19.51 6.87 -58.29
N CYS F 470 18.51 6.10 -57.86
CA CYS F 470 17.14 6.59 -57.87
C CYS F 470 16.72 7.22 -56.55
N GLY F 471 17.62 7.34 -55.59
CA GLY F 471 17.32 8.01 -54.34
C GLY F 471 18.44 8.94 -53.92
N TRP F 472 18.07 10.02 -53.25
CA TRP F 472 19.04 10.99 -52.77
C TRP F 472 18.55 11.59 -51.45
N ALA F 473 19.51 11.82 -50.54
CA ALA F 473 19.23 12.44 -49.25
C ALA F 473 20.52 12.86 -48.57
N TRP F 474 20.56 14.08 -48.04
CA TRP F 474 21.74 14.53 -47.31
C TRP F 474 21.90 13.75 -46.02
N ILE F 475 23.13 13.36 -45.71
CA ILE F 475 23.43 12.54 -44.54
C ILE F 475 23.63 13.44 -43.34
N ASN F 476 22.95 13.10 -42.23
CA ASN F 476 23.04 13.86 -40.98
C ASN F 476 22.65 15.32 -41.20
N ALA F 477 21.43 15.49 -41.72
CA ALA F 477 21.01 16.76 -42.28
C ALA F 477 20.63 17.74 -41.18
N SER F 478 21.10 18.98 -41.32
CA SER F 478 20.59 20.09 -40.53
C SER F 478 19.18 20.46 -41.01
N ALA F 479 18.59 21.46 -40.36
CA ALA F 479 17.29 21.95 -40.80
C ALA F 479 17.34 22.41 -42.25
N TYR F 480 18.46 23.00 -42.67
CA TYR F 480 18.61 23.45 -44.05
C TYR F 480 18.69 22.28 -45.03
N ASN F 481 19.28 21.17 -44.61
CA ASN F 481 19.52 20.02 -45.48
C ASN F 481 18.49 18.91 -45.32
N MSE F 482 17.49 19.10 -44.47
CA MSE F 482 16.51 18.04 -44.20
C MSE F 482 15.56 17.87 -45.39
O MSE F 482 14.45 18.38 -45.39
CB MSE F 482 15.73 18.37 -42.93
CG MSE F 482 14.77 17.28 -42.47
SE MSE F 482 15.60 15.56 -42.08
CE MSE F 482 16.97 16.16 -40.83
N ILE F 483 16.03 17.12 -46.39
CA ILE F 483 15.24 16.85 -47.59
C ILE F 483 15.70 15.53 -48.18
N GLY F 484 14.74 14.75 -48.68
CA GLY F 484 15.05 13.49 -49.33
C GLY F 484 14.17 13.30 -50.55
N ALA F 485 14.63 12.45 -51.47
CA ALA F 485 13.91 12.27 -52.72
C ALA F 485 14.20 10.89 -53.30
N ASN F 486 13.20 10.36 -54.00
CA ASN F 486 13.36 9.19 -54.85
C ASN F 486 12.45 9.35 -56.08
N ASP F 487 12.72 8.55 -57.10
CA ASP F 487 11.92 8.60 -58.31
C ASP F 487 10.93 7.44 -58.33
N ILE F 488 10.26 7.27 -59.47
CA ILE F 488 9.37 6.13 -59.66
C ILE F 488 9.89 5.14 -60.70
N ALA F 489 10.82 5.55 -61.56
CA ALA F 489 11.37 4.65 -62.56
C ALA F 489 11.99 3.40 -61.94
N GLY F 490 12.88 3.59 -60.96
CA GLY F 490 13.62 2.46 -60.42
C GLY F 490 13.43 2.24 -58.93
N CYS F 491 12.98 3.25 -58.20
CA CYS F 491 12.81 3.17 -56.76
C CYS F 491 11.36 2.87 -56.41
N SER F 492 11.17 1.99 -55.43
CA SER F 492 9.84 1.69 -54.90
C SER F 492 9.61 2.51 -53.63
N PHE F 493 8.46 2.29 -52.99
CA PHE F 493 8.13 3.03 -51.77
C PHE F 493 8.99 2.61 -50.59
N ALA F 494 9.78 1.55 -50.71
CA ALA F 494 10.72 1.17 -49.66
C ALA F 494 11.94 2.06 -49.62
N ALA F 495 12.08 2.99 -50.58
CA ALA F 495 13.23 3.88 -50.61
C ALA F 495 13.16 4.99 -49.57
N MSE F 496 11.95 5.35 -49.13
CA MSE F 496 11.80 6.45 -48.18
C MSE F 496 12.48 6.16 -46.85
O MSE F 496 13.23 6.99 -46.33
CB MSE F 496 10.32 6.76 -47.93
CG MSE F 496 10.13 7.84 -46.88
SE MSE F 496 8.28 8.39 -46.64
CE MSE F 496 7.94 9.09 -48.44
N ARG F 497 12.22 4.98 -46.28
CA ARG F 497 12.88 4.61 -45.03
C ARG F 497 14.39 4.54 -45.20
N HIS F 498 14.88 4.38 -46.43
CA HIS F 498 16.31 4.40 -46.69
C HIS F 498 16.85 5.83 -46.76
N GLU F 499 16.15 6.70 -47.50
CA GLU F 499 16.59 8.09 -47.61
C GLU F 499 16.43 8.84 -46.30
N VAL F 500 15.35 8.59 -45.57
CA VAL F 500 15.17 9.22 -44.26
C VAL F 500 16.24 8.74 -43.29
N GLY F 501 16.65 7.48 -43.42
CA GLY F 501 17.78 6.99 -42.63
C GLY F 501 19.03 7.82 -42.86
N HIS F 502 19.30 8.18 -44.11
CA HIS F 502 20.42 9.09 -44.40
C HIS F 502 20.22 10.43 -43.70
N ASN F 503 19.02 11.00 -43.81
CA ASN F 503 18.73 12.27 -43.13
C ASN F 503 18.97 12.16 -41.64
N LEU F 504 18.67 11.01 -41.04
CA LEU F 504 18.86 10.82 -39.60
C LEU F 504 20.31 10.67 -39.21
N GLY F 505 21.21 10.46 -40.16
CA GLY F 505 22.62 10.36 -39.90
C GLY F 505 23.25 9.00 -40.16
N LEU F 506 22.63 8.16 -40.98
CA LEU F 506 23.08 6.79 -41.17
C LEU F 506 23.82 6.66 -42.50
N TYR F 507 24.78 5.73 -42.52
CA TYR F 507 25.56 5.42 -43.70
C TYR F 507 25.29 3.98 -44.13
N HIS F 508 25.79 3.63 -45.31
CA HIS F 508 25.63 2.28 -45.82
C HIS F 508 26.54 1.31 -45.05
N ASN F 509 26.28 0.02 -45.23
CA ASN F 509 27.11 -1.01 -44.62
C ASN F 509 28.56 -0.87 -45.08
N GLY F 510 29.48 -1.22 -44.19
CA GLY F 510 30.90 -1.06 -44.46
C GLY F 510 31.48 0.27 -44.05
N SER F 511 30.63 1.27 -43.76
CA SER F 511 31.11 2.58 -43.34
C SER F 511 31.83 2.51 -42.00
N THR F 512 32.78 3.43 -41.81
CA THR F 512 33.49 3.52 -40.54
C THR F 512 32.62 4.09 -39.42
N ASN F 513 31.45 4.63 -39.74
CA ASN F 513 30.58 5.21 -38.72
C ASN F 513 29.77 4.12 -38.02
N ILE F 514 29.51 4.35 -36.73
CA ILE F 514 28.69 3.41 -35.96
C ILE F 514 27.26 3.38 -36.48
N GLY F 515 26.77 4.50 -37.01
CA GLY F 515 25.45 4.56 -37.58
C GLY F 515 25.45 4.09 -39.01
N SER F 516 25.55 2.77 -39.20
CA SER F 516 25.64 2.18 -40.53
C SER F 516 24.80 0.92 -40.58
N GLY F 517 24.52 0.46 -41.80
CA GLY F 517 23.67 -0.68 -41.99
C GLY F 517 24.37 -2.00 -41.70
N PHE F 518 23.56 -3.04 -41.53
CA PHE F 518 24.03 -4.39 -41.28
C PHE F 518 23.67 -5.25 -42.48
N ALA F 519 24.69 -5.66 -43.23
CA ALA F 519 24.51 -6.52 -44.41
C ALA F 519 24.78 -7.97 -44.02
N HIS F 520 23.87 -8.87 -44.44
CA HIS F 520 23.99 -10.27 -44.08
C HIS F 520 23.19 -11.10 -45.06
N PRO F 521 23.67 -12.28 -45.47
CA PRO F 521 22.91 -13.09 -46.44
C PRO F 521 21.55 -13.54 -45.93
N LEU F 522 21.34 -13.60 -44.62
CA LEU F 522 20.08 -14.05 -44.05
C LEU F 522 19.14 -12.88 -43.73
N GLY F 523 19.47 -11.67 -44.17
CA GLY F 523 18.65 -10.51 -43.90
C GLY F 523 19.48 -9.28 -43.59
N SER F 524 19.20 -8.18 -44.28
CA SER F 524 19.98 -6.96 -44.17
C SER F 524 19.08 -5.80 -43.77
N THR F 525 19.59 -4.94 -42.88
CA THR F 525 18.81 -3.83 -42.38
C THR F 525 18.62 -2.77 -43.47
N ALA F 526 17.91 -1.70 -43.13
CA ALA F 526 17.49 -0.72 -44.11
C ALA F 526 18.69 -0.04 -44.77
N MSE F 527 19.75 0.21 -44.02
CA MSE F 527 20.92 0.90 -44.56
C MSE F 527 21.93 -0.06 -45.16
O MSE F 527 22.94 0.36 -45.74
CB MSE F 527 21.60 1.74 -43.48
CG MSE F 527 20.72 2.81 -42.86
SE MSE F 527 19.90 3.97 -44.19
CE MSE F 527 18.06 3.56 -43.77
N GLY F 528 21.68 -1.37 -45.03
CA GLY F 528 22.64 -2.35 -45.46
C GLY F 528 22.12 -3.38 -46.45
N GLY F 529 21.09 -3.01 -47.21
CA GLY F 529 20.49 -3.93 -48.16
C GLY F 529 18.99 -3.81 -48.23
N ASN F 530 18.37 -3.46 -47.09
CA ASN F 530 16.98 -3.01 -47.05
C ASN F 530 16.00 -4.11 -47.44
N ASN F 531 16.19 -5.31 -46.92
CA ASN F 531 15.27 -6.41 -47.17
C ASN F 531 14.59 -6.96 -45.93
N ILE F 532 14.83 -6.38 -44.76
CA ILE F 532 14.07 -6.69 -43.56
C ILE F 532 13.71 -5.38 -42.87
N ASN F 533 12.62 -5.42 -42.09
CA ASN F 533 12.05 -4.20 -41.52
C ASN F 533 12.73 -3.84 -40.20
N PHE F 534 14.02 -3.53 -40.29
CA PHE F 534 14.79 -3.16 -39.12
C PHE F 534 15.86 -2.15 -39.49
N TYR F 535 16.16 -1.26 -38.55
CA TYR F 535 17.42 -0.53 -38.54
C TYR F 535 18.41 -1.31 -37.68
N SER F 536 19.69 -1.18 -38.00
CA SER F 536 20.69 -2.04 -37.36
C SER F 536 20.85 -1.68 -35.88
N SER F 537 21.04 -2.71 -35.06
CA SER F 537 21.20 -2.56 -33.61
C SER F 537 21.71 -3.87 -33.02
N PRO F 538 22.69 -3.82 -32.11
CA PRO F 538 23.16 -5.06 -31.47
C PRO F 538 22.17 -5.66 -30.48
N TYR F 539 21.00 -5.04 -30.29
CA TYR F 539 19.96 -5.56 -29.42
C TYR F 539 18.77 -6.09 -30.21
N LEU F 540 18.88 -6.17 -31.53
CA LEU F 540 17.86 -6.73 -32.39
C LEU F 540 18.41 -8.00 -33.04
N TYR F 541 17.53 -8.96 -33.30
CA TYR F 541 17.93 -10.24 -33.85
C TYR F 541 17.02 -10.62 -35.01
N ASN F 542 17.60 -11.28 -36.00
CA ASN F 542 16.84 -11.81 -37.13
C ASN F 542 15.72 -12.71 -36.59
N PRO F 543 14.45 -12.42 -36.88
CA PRO F 543 13.37 -13.19 -36.26
C PRO F 543 13.43 -14.68 -36.52
N LYS F 544 13.79 -15.08 -37.74
CA LYS F 544 13.82 -16.51 -38.07
C LYS F 544 15.14 -17.17 -37.70
N TYR F 545 16.27 -16.53 -38.01
CA TYR F 545 17.57 -17.17 -37.88
C TYR F 545 18.34 -16.77 -36.63
N GLY F 546 17.96 -15.68 -35.97
CA GLY F 546 18.61 -15.31 -34.72
C GLY F 546 19.89 -14.52 -34.87
N VAL F 547 20.25 -14.13 -36.10
CA VAL F 547 21.45 -13.35 -36.32
C VAL F 547 21.33 -11.98 -35.67
N ARG F 548 22.34 -11.59 -34.90
CA ARG F 548 22.36 -10.25 -34.30
C ARG F 548 22.45 -9.20 -35.40
N LEU F 549 21.53 -8.24 -35.38
CA LEU F 549 21.43 -7.24 -36.44
C LEU F 549 22.27 -6.00 -36.13
N GLY F 550 23.53 -6.22 -35.83
CA GLY F 550 24.42 -5.13 -35.48
C GLY F 550 25.58 -5.63 -34.65
N GLU F 551 26.32 -4.68 -34.10
CA GLU F 551 27.52 -5.01 -33.33
C GLU F 551 27.81 -3.87 -32.37
N GLU F 552 28.08 -4.20 -31.11
CA GLU F 552 28.30 -3.23 -30.05
C GLU F 552 29.46 -2.30 -30.37
N GLY F 553 29.17 -1.02 -30.55
CA GLY F 553 30.20 -0.04 -30.79
C GLY F 553 30.66 0.07 -32.23
N LYS F 554 30.20 -0.80 -33.11
CA LYS F 554 30.63 -0.79 -34.50
C LYS F 554 29.48 -0.58 -35.48
N ILE F 555 28.38 -1.31 -35.33
CA ILE F 555 27.23 -1.21 -36.23
C ILE F 555 25.99 -1.02 -35.35
N ASP F 556 25.56 0.22 -35.18
CA ASP F 556 24.39 0.52 -34.34
C ASP F 556 23.70 1.75 -34.93
N ALA F 557 22.71 1.51 -35.79
CA ALA F 557 21.97 2.61 -36.41
C ALA F 557 20.98 3.21 -35.41
N VAL F 558 20.35 2.37 -34.59
CA VAL F 558 19.30 2.86 -33.69
C VAL F 558 19.88 3.84 -32.68
N SER F 559 21.13 3.62 -32.24
CA SER F 559 21.74 4.53 -31.28
C SER F 559 21.97 5.92 -31.88
N VAL F 560 22.28 5.99 -33.17
CA VAL F 560 22.47 7.28 -33.81
C VAL F 560 21.13 7.95 -34.09
N ILE F 561 20.12 7.17 -34.50
CA ILE F 561 18.79 7.70 -34.72
C ILE F 561 18.25 8.32 -33.43
N ASN F 562 18.40 7.61 -32.31
CA ASN F 562 17.86 8.08 -31.04
C ASN F 562 18.57 9.33 -30.53
N LEU F 563 19.76 9.64 -31.04
CA LEU F 563 20.44 10.87 -30.67
C LEU F 563 20.02 12.06 -31.51
N ASN F 564 19.39 11.83 -32.66
CA ASN F 564 19.02 12.90 -33.58
C ASN F 564 17.52 13.07 -33.74
N ALA F 565 16.71 12.13 -33.24
CA ALA F 565 15.27 12.16 -33.51
C ALA F 565 14.61 13.40 -32.92
N GLN F 566 14.87 13.69 -31.65
CA GLN F 566 14.21 14.83 -31.01
C GLN F 566 14.73 16.15 -31.59
N LYS F 567 16.03 16.25 -31.82
CA LYS F 567 16.59 17.46 -32.42
C LYS F 567 15.97 17.75 -33.78
N ILE F 568 15.77 16.72 -34.59
CA ILE F 568 15.14 16.91 -35.90
C ILE F 568 13.67 17.27 -35.75
N SER F 569 12.99 16.64 -34.79
CA SER F 569 11.58 16.93 -34.56
C SER F 569 11.32 18.38 -34.16
N LEU F 570 12.36 19.10 -33.73
CA LEU F 570 12.22 20.48 -33.29
C LEU F 570 12.76 21.49 -34.30
N TYR F 571 13.04 21.06 -35.53
CA TYR F 571 13.47 22.00 -36.56
C TYR F 571 12.41 23.06 -36.81
N ASN F 572 11.15 22.66 -36.88
CA ASN F 572 10.02 23.56 -36.94
C ASN F 572 9.08 23.20 -35.80
N HIS F 573 8.66 24.19 -35.03
CA HIS F 573 7.89 23.91 -33.83
C HIS F 573 6.94 25.06 -33.52
N HIS F 574 5.91 24.74 -32.76
CA HIS F 574 4.85 25.66 -32.40
C HIS F 574 5.26 26.60 -31.27
N SER G 31 -36.73 -45.15 -30.31
CA SER G 31 -36.36 -43.76 -30.55
C SER G 31 -36.16 -43.40 -32.04
N PRO G 32 -35.39 -44.18 -32.80
CA PRO G 32 -35.16 -43.81 -34.21
C PRO G 32 -36.41 -43.99 -35.06
N SER G 33 -36.68 -42.99 -35.90
CA SER G 33 -37.80 -43.04 -36.83
C SER G 33 -37.55 -42.00 -37.91
N GLU G 34 -38.46 -41.95 -38.89
CA GLU G 34 -38.32 -41.10 -40.06
C GLU G 34 -39.55 -40.19 -40.20
N LYS G 35 -39.30 -38.94 -40.60
CA LYS G 35 -40.30 -37.93 -40.92
C LYS G 35 -41.00 -37.39 -39.67
N GLU G 36 -40.73 -37.98 -38.51
CA GLU G 36 -41.28 -37.51 -37.25
C GLU G 36 -40.23 -36.96 -36.30
N ARG G 37 -38.99 -37.46 -36.37
CA ARG G 37 -37.94 -36.94 -35.50
C ARG G 37 -37.65 -35.47 -35.78
N LEU G 38 -37.93 -35.02 -37.01
CA LEU G 38 -37.73 -33.61 -37.34
C LEU G 38 -38.77 -32.71 -36.67
N SER G 39 -39.91 -33.26 -36.25
CA SER G 39 -40.93 -32.47 -35.58
C SER G 39 -40.37 -31.82 -34.32
N GLN G 40 -40.25 -30.49 -34.32
CA GLN G 40 -39.71 -29.73 -33.21
C GLN G 40 -40.76 -28.71 -32.78
N GLN G 41 -41.66 -29.12 -31.90
CA GLN G 41 -42.65 -28.21 -31.34
C GLN G 41 -42.11 -27.54 -30.09
N GLN G 42 -42.39 -26.25 -29.95
CA GLN G 42 -41.92 -25.51 -28.79
C GLN G 42 -42.77 -25.77 -27.56
N ILE G 43 -44.03 -26.13 -27.75
CA ILE G 43 -44.91 -26.43 -26.62
C ILE G 43 -44.48 -27.75 -25.99
N VAL G 44 -44.34 -27.76 -24.67
CA VAL G 44 -43.89 -28.96 -23.96
C VAL G 44 -45.05 -29.88 -23.61
N PHE G 45 -46.08 -29.35 -22.94
CA PHE G 45 -47.26 -30.11 -22.58
C PHE G 45 -48.50 -29.33 -22.99
N ASN G 46 -49.64 -30.04 -22.98
CA ASN G 46 -50.91 -29.48 -23.43
C ASN G 46 -51.99 -29.75 -22.40
N GLU G 47 -52.85 -28.76 -22.18
CA GLU G 47 -53.99 -28.92 -21.29
C GLU G 47 -54.93 -29.99 -21.83
N VAL G 48 -55.69 -30.59 -20.91
CA VAL G 48 -56.71 -31.57 -21.26
C VAL G 48 -57.68 -31.75 -20.11
N LYS G 66 -56.02 -32.04 -7.13
CA LYS G 66 -56.17 -30.60 -7.35
C LYS G 66 -55.06 -30.07 -8.24
N GLY G 67 -55.43 -29.51 -9.38
CA GLY G 67 -54.47 -28.94 -10.30
C GLY G 67 -55.00 -28.96 -11.72
N MSE G 68 -54.06 -28.98 -12.66
CA MSE G 68 -54.39 -28.90 -14.08
C MSE G 68 -53.83 -30.09 -14.83
O MSE G 68 -52.61 -30.22 -14.99
CB MSE G 68 -53.85 -27.58 -14.65
CG MSE G 68 -54.22 -27.31 -16.10
SE MSE G 68 -53.35 -25.68 -16.71
CE MSE G 68 -51.51 -26.22 -16.39
N VAL G 69 -54.72 -30.96 -15.31
CA VAL G 69 -54.29 -32.18 -16.00
C VAL G 69 -53.71 -31.81 -17.36
N ILE G 70 -52.61 -32.47 -17.73
CA ILE G 70 -51.92 -32.19 -18.98
C ILE G 70 -51.46 -33.50 -19.61
N LYS G 71 -51.28 -33.45 -20.93
CA LYS G 71 -50.68 -34.54 -21.69
C LYS G 71 -49.25 -34.16 -22.07
N TYR G 72 -48.35 -35.14 -22.06
CA TYR G 72 -46.94 -34.88 -22.21
C TYR G 72 -46.29 -35.94 -23.08
N ASP G 73 -45.39 -35.52 -23.97
CA ASP G 73 -44.62 -36.43 -24.82
C ASP G 73 -43.15 -36.31 -24.43
N PRO G 74 -42.55 -37.33 -23.82
CA PRO G 74 -41.15 -37.22 -23.39
C PRO G 74 -40.16 -37.16 -24.55
N LYS G 75 -40.57 -37.53 -25.76
CA LYS G 75 -39.65 -37.50 -26.90
C LYS G 75 -39.40 -36.09 -27.42
N VAL G 76 -40.26 -35.13 -27.09
CA VAL G 76 -40.07 -33.76 -27.56
C VAL G 76 -38.86 -33.13 -26.90
N ILE G 77 -38.73 -33.29 -25.58
CA ILE G 77 -37.62 -32.68 -24.87
C ILE G 77 -36.31 -33.41 -25.18
N GLU G 78 -36.37 -34.73 -25.41
CA GLU G 78 -35.16 -35.50 -25.69
C GLU G 78 -34.53 -35.12 -27.03
N LEU G 79 -35.30 -34.53 -27.94
CA LEU G 79 -34.77 -34.05 -29.21
C LEU G 79 -34.32 -32.59 -29.14
N LYS G 80 -34.36 -31.97 -27.97
CA LYS G 80 -33.92 -30.60 -27.79
C LYS G 80 -32.47 -30.56 -27.36
N LYS G 81 -31.70 -29.67 -27.97
CA LYS G 81 -30.30 -29.46 -27.64
C LYS G 81 -30.12 -28.09 -27.00
N VAL G 82 -28.91 -27.85 -26.50
CA VAL G 82 -28.63 -26.58 -25.81
C VAL G 82 -28.79 -25.44 -26.80
N GLY G 83 -29.70 -24.51 -26.49
CA GLY G 83 -29.99 -23.38 -27.35
C GLY G 83 -31.36 -23.43 -28.02
N ASP G 84 -32.02 -24.58 -28.01
CA ASP G 84 -33.33 -24.70 -28.66
C ASP G 84 -34.40 -24.01 -27.81
N THR G 85 -35.47 -23.60 -28.49
CA THR G 85 -36.54 -22.84 -27.86
C THR G 85 -37.62 -23.78 -27.34
N VAL G 86 -38.12 -23.48 -26.14
CA VAL G 86 -39.14 -24.27 -25.47
C VAL G 86 -40.22 -23.33 -24.95
N LYS G 87 -41.48 -23.75 -25.07
CA LYS G 87 -42.62 -22.90 -24.75
C LYS G 87 -43.51 -23.58 -23.70
N PHE G 88 -44.02 -22.79 -22.77
CA PHE G 88 -44.94 -23.27 -21.74
C PHE G 88 -46.27 -22.52 -21.87
N GLN G 89 -47.37 -23.26 -21.77
CA GLN G 89 -48.71 -22.69 -21.83
C GLN G 89 -49.51 -23.17 -20.63
N MSE G 90 -49.80 -22.25 -19.72
CA MSE G 90 -50.60 -22.53 -18.53
C MSE G 90 -51.62 -21.41 -18.34
O MSE G 90 -51.72 -20.82 -17.26
CB MSE G 90 -49.70 -22.67 -17.30
CG MSE G 90 -48.93 -23.98 -17.27
SE MSE G 90 -47.44 -23.98 -16.03
CE MSE G 90 -46.19 -22.92 -17.09
N LEU G 91 -52.36 -21.12 -19.42
CA LEU G 91 -53.17 -19.92 -19.52
C LEU G 91 -54.04 -19.68 -18.28
N GLU G 92 -54.59 -20.75 -17.70
CA GLU G 92 -55.40 -20.56 -16.50
C GLU G 92 -54.61 -19.95 -15.36
N TYR G 93 -53.31 -20.25 -15.28
CA TYR G 93 -52.42 -19.66 -14.30
C TYR G 93 -51.75 -18.39 -14.82
N GLY G 94 -52.11 -17.93 -16.02
CA GLY G 94 -51.56 -16.71 -16.56
C GLY G 94 -50.13 -16.81 -17.07
N ILE G 95 -49.68 -18.00 -17.44
CA ILE G 95 -48.31 -18.22 -17.92
C ILE G 95 -48.37 -18.60 -19.39
N ASN G 96 -47.78 -17.76 -20.24
CA ASN G 96 -47.68 -18.02 -21.68
C ASN G 96 -46.39 -17.36 -22.16
N ARG G 97 -45.32 -18.14 -22.21
CA ARG G 97 -44.00 -17.60 -22.50
C ARG G 97 -43.11 -18.70 -23.07
N THR G 98 -41.99 -18.28 -23.64
CA THR G 98 -41.01 -19.17 -24.23
C THR G 98 -39.71 -19.12 -23.45
N GLY G 99 -38.84 -20.09 -23.73
CA GLY G 99 -37.54 -20.17 -23.08
C GLY G 99 -36.58 -20.98 -23.92
N LYS G 100 -35.32 -20.95 -23.52
CA LYS G 100 -34.26 -21.62 -24.27
C LYS G 100 -33.48 -22.55 -23.34
N ILE G 101 -33.18 -23.74 -23.85
CA ILE G 101 -32.39 -24.71 -23.09
C ILE G 101 -30.97 -24.16 -22.95
N VAL G 102 -30.47 -24.14 -21.71
CA VAL G 102 -29.13 -23.65 -21.45
C VAL G 102 -28.19 -24.74 -20.92
N GLU G 103 -28.71 -25.87 -20.45
CA GLU G 103 -27.87 -26.85 -19.78
C GLU G 103 -28.57 -28.20 -19.79
N ILE G 104 -27.86 -29.23 -20.26
CA ILE G 104 -28.33 -30.61 -20.25
C ILE G 104 -27.35 -31.43 -19.45
N GLU G 105 -27.82 -32.07 -18.39
CA GLU G 105 -26.94 -32.72 -17.43
C GLU G 105 -27.45 -34.13 -17.10
N PRO G 106 -26.67 -35.17 -17.37
CA PRO G 106 -27.03 -36.51 -16.89
C PRO G 106 -26.84 -36.61 -15.37
N VAL G 107 -27.93 -36.88 -14.67
CA VAL G 107 -27.87 -36.99 -13.22
C VAL G 107 -27.45 -38.39 -12.78
N ASP G 108 -27.71 -39.39 -13.62
CA ASP G 108 -27.36 -40.80 -13.39
C ASP G 108 -27.53 -41.50 -14.74
N GLN G 109 -27.42 -42.83 -14.78
CA GLN G 109 -27.61 -43.51 -16.06
C GLN G 109 -29.04 -43.38 -16.58
N ASP G 110 -30.02 -43.12 -15.72
CA ASP G 110 -31.41 -43.16 -16.14
C ASP G 110 -32.10 -41.80 -16.15
N ILE G 111 -31.57 -40.80 -15.43
CA ILE G 111 -32.24 -39.52 -15.25
C ILE G 111 -31.37 -38.43 -15.88
N VAL G 112 -32.00 -37.59 -16.70
CA VAL G 112 -31.35 -36.44 -17.32
C VAL G 112 -32.14 -35.20 -16.95
N ARG G 113 -31.44 -34.10 -16.65
CA ARG G 113 -32.06 -32.84 -16.29
C ARG G 113 -31.77 -31.80 -17.34
N TRP G 114 -32.83 -31.15 -17.84
CA TRP G 114 -32.71 -29.99 -18.71
C TRP G 114 -32.96 -28.73 -17.91
N THR G 115 -32.11 -27.72 -18.12
CA THR G 115 -32.27 -26.41 -17.48
C THR G 115 -32.33 -25.32 -18.54
N GLY G 116 -33.24 -24.37 -18.35
CA GLY G 116 -33.40 -23.29 -19.29
C GLY G 116 -33.82 -22.00 -18.60
N ARG G 117 -33.69 -20.91 -19.33
CA ARG G 117 -34.09 -19.58 -18.85
C ARG G 117 -35.11 -18.97 -19.82
N PHE G 118 -35.95 -18.10 -19.26
CA PHE G 118 -37.02 -17.49 -20.04
C PHE G 118 -36.50 -16.27 -20.81
N ASP G 119 -37.13 -16.01 -21.96
CA ASP G 119 -36.66 -14.93 -22.84
C ASP G 119 -36.97 -13.54 -22.31
N GLN G 120 -38.12 -13.35 -21.65
CA GLN G 120 -38.51 -12.01 -21.20
C GLN G 120 -38.74 -11.86 -19.71
N GLY G 121 -38.29 -12.81 -18.89
CA GLY G 121 -38.39 -12.68 -17.45
C GLY G 121 -37.29 -11.82 -16.87
N ASP G 122 -36.94 -12.12 -15.61
CA ASP G 122 -35.76 -11.52 -14.99
C ASP G 122 -34.59 -12.46 -15.19
N PRO G 123 -33.56 -12.07 -15.95
CA PRO G 123 -32.47 -13.01 -16.25
C PRO G 123 -31.71 -13.53 -15.04
N ASN G 124 -31.77 -12.85 -13.89
CA ASN G 124 -30.97 -13.29 -12.75
C ASN G 124 -31.66 -14.36 -11.90
N GLN G 125 -32.99 -14.42 -11.88
CA GLN G 125 -33.72 -15.32 -10.99
C GLN G 125 -34.55 -16.38 -11.70
N ASN G 126 -35.19 -16.06 -12.82
CA ASN G 126 -36.16 -16.97 -13.40
C ASN G 126 -35.47 -18.03 -14.25
N PHE G 127 -36.00 -19.25 -14.19
CA PHE G 127 -35.47 -20.38 -14.94
C PHE G 127 -36.46 -21.54 -14.77
N PHE G 128 -36.20 -22.62 -15.50
CA PHE G 128 -37.00 -23.83 -15.39
C PHE G 128 -36.10 -25.05 -15.51
N THR G 129 -36.58 -26.16 -14.96
CA THR G 129 -35.85 -27.42 -15.00
C THR G 129 -36.81 -28.53 -15.36
N ILE G 130 -36.35 -29.46 -16.21
CA ILE G 130 -37.10 -30.64 -16.57
C ILE G 130 -36.20 -31.84 -16.29
N THR G 131 -36.58 -32.65 -15.29
CA THR G 131 -35.82 -33.81 -14.88
C THR G 131 -36.64 -35.05 -15.20
N GLN G 132 -36.07 -35.95 -15.98
CA GLN G 132 -36.84 -37.02 -16.61
C GLN G 132 -36.12 -38.35 -16.43
N SER G 133 -36.85 -39.36 -15.98
CA SER G 133 -36.37 -40.73 -15.93
C SER G 133 -36.83 -41.47 -17.18
N GLN G 134 -35.93 -42.27 -17.76
CA GLN G 134 -36.27 -43.03 -18.95
C GLN G 134 -36.88 -44.38 -18.60
N LYS G 135 -36.30 -45.09 -17.63
CA LYS G 135 -36.79 -46.42 -17.28
C LYS G 135 -38.26 -46.36 -16.85
N ASP G 136 -38.56 -45.54 -15.85
CA ASP G 136 -39.94 -45.19 -15.54
C ASP G 136 -40.28 -43.91 -16.29
N HIS G 137 -41.35 -43.94 -17.08
CA HIS G 137 -41.72 -42.78 -17.88
C HIS G 137 -42.27 -41.69 -16.96
N TYR G 138 -41.35 -41.06 -16.22
CA TYR G 138 -41.68 -40.15 -15.14
C TYR G 138 -40.87 -38.87 -15.31
N THR G 139 -41.55 -37.72 -15.26
CA THR G 139 -40.92 -36.43 -15.49
C THR G 139 -41.43 -35.44 -14.45
N ILE G 140 -40.49 -34.67 -13.88
CA ILE G 140 -40.81 -33.61 -12.93
C ILE G 140 -40.34 -32.29 -13.52
N MSE G 141 -41.21 -31.27 -13.47
CA MSE G 141 -40.86 -29.95 -13.97
C MSE G 141 -40.97 -28.89 -12.88
O MSE G 141 -41.93 -28.86 -12.12
CB MSE G 141 -41.76 -29.56 -15.14
CG MSE G 141 -41.69 -30.50 -16.31
SE MSE G 141 -42.69 -29.81 -17.84
CE MSE G 141 -42.63 -31.41 -18.94
N GLN G 142 -39.97 -28.01 -12.83
CA GLN G 142 -39.97 -26.86 -11.94
C GLN G 142 -39.97 -25.60 -12.79
N ILE G 143 -41.07 -24.86 -12.77
CA ILE G 143 -41.21 -23.64 -13.55
C ILE G 143 -41.24 -22.47 -12.57
N PHE G 144 -40.19 -21.66 -12.60
CA PHE G 144 -40.03 -20.55 -11.66
C PHE G 144 -40.11 -19.23 -12.43
N THR G 145 -41.22 -18.52 -12.25
CA THR G 145 -41.42 -17.20 -12.83
C THR G 145 -41.70 -16.19 -11.72
N GLU G 146 -41.64 -14.91 -12.07
CA GLU G 146 -41.99 -13.86 -11.12
C GLU G 146 -43.47 -13.85 -10.82
N LYS G 147 -44.31 -14.43 -11.69
CA LYS G 147 -45.75 -14.49 -11.46
C LYS G 147 -46.16 -15.67 -10.60
N GLY G 148 -45.25 -16.58 -10.29
CA GLY G 148 -45.59 -17.75 -9.51
C GLY G 148 -44.72 -18.93 -9.89
N ASN G 149 -44.80 -19.97 -9.05
CA ASN G 149 -44.01 -21.18 -9.21
C ASN G 149 -44.93 -22.37 -9.43
N TYR G 150 -44.59 -23.21 -10.40
CA TYR G 150 -45.46 -24.30 -10.81
C TYR G 150 -44.66 -25.60 -10.92
N SER G 151 -45.23 -26.67 -10.40
CA SER G 151 -44.64 -28.00 -10.45
C SER G 151 -45.49 -28.92 -11.30
N ALA G 152 -44.84 -29.77 -12.09
CA ALA G 152 -45.52 -30.73 -12.95
C ALA G 152 -44.97 -32.11 -12.67
N GLU G 153 -45.84 -33.05 -12.33
CA GLU G 153 -45.48 -34.44 -12.10
C GLU G 153 -46.19 -35.29 -13.14
N ILE G 154 -45.42 -35.96 -14.00
CA ILE G 154 -45.95 -36.67 -15.15
C ILE G 154 -45.55 -38.13 -15.06
N LYS G 155 -46.47 -39.02 -15.42
CA LYS G 155 -46.25 -40.46 -15.41
C LYS G 155 -46.98 -41.08 -16.59
N ASP G 156 -46.22 -41.71 -17.49
CA ASP G 156 -46.76 -42.41 -18.66
C ASP G 156 -47.57 -41.46 -19.54
N GLY G 157 -47.01 -40.28 -19.80
CA GLY G 157 -47.60 -39.34 -20.74
C GLY G 157 -48.68 -38.46 -20.18
N VAL G 158 -49.19 -38.73 -18.99
CA VAL G 158 -50.21 -37.91 -18.34
C VAL G 158 -49.61 -37.32 -17.07
N GLY G 159 -49.94 -36.08 -16.78
CA GLY G 159 -49.34 -35.38 -15.65
C GLY G 159 -50.28 -34.37 -15.04
N LEU G 160 -49.79 -33.73 -13.99
CA LEU G 160 -50.57 -32.76 -13.23
C LEU G 160 -49.70 -31.55 -12.91
N VAL G 161 -50.18 -30.37 -13.27
CA VAL G 161 -49.51 -29.11 -12.94
C VAL G 161 -50.35 -28.39 -11.91
N GLN G 162 -49.68 -27.79 -10.92
CA GLN G 162 -50.38 -27.12 -9.84
C GLN G 162 -49.46 -26.05 -9.25
N THR G 163 -50.07 -25.06 -8.60
CA THR G 163 -49.30 -24.13 -7.81
C THR G 163 -48.77 -24.84 -6.57
N MSE G 164 -47.61 -24.38 -6.10
CA MSE G 164 -46.90 -25.08 -5.04
C MSE G 164 -47.64 -25.04 -3.70
O MSE G 164 -47.30 -25.79 -2.77
CB MSE G 164 -45.49 -24.50 -4.88
CG MSE G 164 -44.68 -24.58 -6.16
SE MSE G 164 -42.84 -25.16 -5.86
CE MSE G 164 -42.32 -25.43 -7.72
N ASP G 165 -48.67 -24.19 -3.60
CA ASP G 165 -49.48 -24.16 -2.39
C ASP G 165 -50.33 -25.42 -2.26
N GLU G 166 -50.72 -26.02 -3.39
CA GLU G 166 -51.42 -27.29 -3.38
C GLU G 166 -50.53 -28.46 -3.00
N GLY G 167 -49.21 -28.25 -2.94
CA GLY G 167 -48.29 -29.36 -2.75
C GLY G 167 -48.27 -29.94 -1.35
N VAL G 168 -48.81 -29.23 -0.37
CA VAL G 168 -48.81 -29.73 1.01
C VAL G 168 -49.98 -29.12 1.77
N THR G 169 -50.71 -29.97 2.48
CA THR G 169 -51.66 -29.57 3.50
C THR G 169 -51.43 -30.46 4.71
N ASP G 170 -51.31 -29.86 5.89
CA ASP G 170 -50.97 -30.61 7.09
C ASP G 170 -51.34 -29.78 8.31
N GLN G 171 -51.26 -30.44 9.47
CA GLN G 171 -51.56 -29.80 10.74
C GLN G 171 -50.32 -29.83 11.62
N GLU G 172 -50.20 -28.84 12.50
CA GLU G 172 -49.12 -28.82 13.46
C GLU G 172 -49.20 -30.03 14.38
N LEU G 173 -48.06 -30.68 14.62
CA LEU G 173 -47.99 -31.91 15.38
C LEU G 173 -47.51 -31.60 16.79
N HIS G 174 -48.19 -32.17 17.78
CA HIS G 174 -47.90 -31.90 19.19
C HIS G 174 -47.57 -33.20 19.91
N HIS G 175 -47.10 -33.05 21.14
CA HIS G 175 -46.74 -34.20 21.98
C HIS G 175 -47.95 -34.65 22.81
N GLN H 41 -8.71 58.93 1.17
CA GLN H 41 -9.72 58.62 2.16
C GLN H 41 -10.32 57.23 1.92
N GLN H 42 -10.59 56.52 3.01
CA GLN H 42 -11.03 55.14 2.94
C GLN H 42 -12.55 54.99 2.92
N ILE H 43 -13.29 56.04 3.24
CA ILE H 43 -14.74 55.97 3.22
C ILE H 43 -15.23 55.86 1.78
N VAL H 44 -16.09 54.87 1.52
CA VAL H 44 -16.59 54.63 0.17
C VAL H 44 -17.72 55.59 -0.17
N PHE H 45 -18.73 55.66 0.70
CA PHE H 45 -19.91 56.48 0.47
C PHE H 45 -20.29 57.17 1.77
N ASN H 46 -21.17 58.18 1.65
CA ASN H 46 -21.61 58.97 2.78
C ASN H 46 -23.13 59.08 2.78
N GLU H 47 -23.71 59.03 3.97
CA GLU H 47 -25.16 59.21 4.10
C GLU H 47 -25.55 60.62 3.67
N VAL H 48 -26.80 60.75 3.25
CA VAL H 48 -27.35 62.05 2.87
C VAL H 48 -28.88 61.99 2.88
N LYS H 66 -37.07 52.66 -0.62
CA LYS H 66 -37.10 52.27 0.78
C LYS H 66 -35.72 51.80 1.23
N GLY H 67 -35.05 52.65 2.00
CA GLY H 67 -33.69 52.36 2.45
C GLY H 67 -32.96 53.65 2.78
N MSE H 68 -31.63 53.60 2.65
CA MSE H 68 -30.79 54.73 2.99
C MSE H 68 -30.16 55.35 1.74
O MSE H 68 -29.56 54.65 0.92
CB MSE H 68 -29.69 54.29 3.96
CG MSE H 68 -29.00 55.43 4.70
SE MSE H 68 -27.60 54.77 5.86
CE MSE H 68 -26.40 54.07 4.49
N VAL H 69 -30.29 56.67 1.61
CA VAL H 69 -29.77 57.40 0.45
C VAL H 69 -28.34 57.81 0.75
N ILE H 70 -27.45 57.62 -0.24
CA ILE H 70 -26.03 57.89 -0.07
C ILE H 70 -25.50 58.63 -1.30
N LYS H 71 -24.35 59.27 -1.11
CA LYS H 71 -23.57 59.84 -2.19
C LYS H 71 -22.28 59.04 -2.37
N TYR H 72 -21.85 58.89 -3.62
CA TYR H 72 -20.78 57.97 -3.95
C TYR H 72 -19.88 58.57 -5.03
N ASP H 73 -18.58 58.42 -4.83
CA ASP H 73 -17.59 58.86 -5.81
C ASP H 73 -16.97 57.64 -6.46
N PRO H 74 -17.17 57.43 -7.77
CA PRO H 74 -16.60 56.23 -8.41
C PRO H 74 -15.09 56.26 -8.53
N LYS H 75 -14.45 57.44 -8.40
CA LYS H 75 -13.01 57.52 -8.56
C LYS H 75 -12.24 57.00 -7.35
N VAL H 76 -12.85 56.99 -6.17
CA VAL H 76 -12.12 56.60 -4.97
C VAL H 76 -11.82 55.10 -4.98
N ILE H 77 -12.69 54.30 -5.59
CA ILE H 77 -12.44 52.85 -5.64
C ILE H 77 -11.51 52.50 -6.79
N GLU H 78 -11.56 53.25 -7.89
CA GLU H 78 -10.68 52.97 -9.03
C GLU H 78 -9.22 53.24 -8.70
N LEU H 79 -8.95 54.03 -7.67
CA LEU H 79 -7.58 54.29 -7.23
C LEU H 79 -7.12 53.32 -6.15
N LYS H 80 -7.95 52.35 -5.78
CA LYS H 80 -7.58 51.35 -4.78
C LYS H 80 -6.93 50.16 -5.45
N LYS H 81 -5.86 49.66 -4.83
CA LYS H 81 -5.15 48.48 -5.30
C LYS H 81 -5.39 47.33 -4.34
N VAL H 82 -4.89 46.15 -4.71
CA VAL H 82 -5.00 44.97 -3.85
C VAL H 82 -4.19 45.21 -2.59
N GLY H 83 -4.86 45.12 -1.44
CA GLY H 83 -4.23 45.36 -0.15
C GLY H 83 -4.59 46.69 0.48
N ASP H 84 -5.20 47.61 -0.26
CA ASP H 84 -5.58 48.90 0.30
C ASP H 84 -6.79 48.76 1.21
N THR H 85 -6.91 49.72 2.13
CA THR H 85 -7.99 49.72 3.11
C THR H 85 -9.22 50.41 2.56
N VAL H 86 -10.38 49.98 3.04
CA VAL H 86 -11.67 50.50 2.61
C VAL H 86 -12.63 50.47 3.80
N LYS H 87 -13.35 51.55 4.02
CA LYS H 87 -14.20 51.71 5.20
C LYS H 87 -15.66 51.88 4.78
N PHE H 88 -16.56 51.17 5.48
CA PHE H 88 -17.99 51.29 5.30
C PHE H 88 -18.60 51.82 6.59
N GLN H 89 -19.39 52.89 6.48
CA GLN H 89 -20.05 53.48 7.64
C GLN H 89 -21.56 53.52 7.39
N MSE H 90 -22.28 52.62 8.04
CA MSE H 90 -23.73 52.65 8.06
C MSE H 90 -24.21 52.53 9.49
O MSE H 90 -24.52 51.43 9.97
CB MSE H 90 -24.30 51.51 7.19
CG MSE H 90 -24.08 51.71 5.71
SE MSE H 90 -24.14 50.05 4.70
CE MSE H 90 -22.39 49.35 5.23
N LEU H 91 -24.30 53.67 10.18
CA LEU H 91 -24.61 53.66 11.60
C LEU H 91 -26.07 53.33 11.85
N GLU H 92 -26.97 53.75 10.95
CA GLU H 92 -28.38 53.41 11.09
C GLU H 92 -28.60 51.90 11.01
N TYR H 93 -27.77 51.21 10.24
CA TYR H 93 -27.83 49.76 10.13
C TYR H 93 -26.83 49.04 11.03
N GLY H 94 -26.09 49.79 11.85
CA GLY H 94 -25.17 49.19 12.78
C GLY H 94 -23.87 48.70 12.18
N ILE H 95 -23.46 49.24 11.04
CA ILE H 95 -22.23 48.80 10.37
C ILE H 95 -21.23 49.95 10.40
N ASN H 96 -20.09 49.71 11.05
CA ASN H 96 -18.98 50.66 11.07
C ASN H 96 -17.69 49.85 11.17
N ARG H 97 -17.10 49.54 10.01
CA ARG H 97 -15.97 48.63 9.95
C ARG H 97 -15.15 48.92 8.71
N THR H 98 -13.94 48.36 8.70
CA THR H 98 -12.99 48.54 7.61
C THR H 98 -12.66 47.18 7.00
N GLY H 99 -12.09 47.22 5.79
CA GLY H 99 -11.72 46.01 5.09
C GLY H 99 -10.60 46.27 4.11
N LYS H 100 -10.01 45.18 3.62
CA LYS H 100 -8.91 45.22 2.68
C LYS H 100 -9.35 44.64 1.34
N ILE H 101 -8.96 45.30 0.26
CA ILE H 101 -9.21 44.77 -1.07
C ILE H 101 -8.33 43.53 -1.28
N VAL H 102 -8.95 42.44 -1.74
CA VAL H 102 -8.22 41.20 -1.93
C VAL H 102 -8.17 40.75 -3.38
N GLU H 103 -9.02 41.26 -4.27
CA GLU H 103 -9.05 40.78 -5.65
C GLU H 103 -9.71 41.81 -6.53
N ILE H 104 -9.08 42.11 -7.67
CA ILE H 104 -9.60 43.02 -8.67
C ILE H 104 -9.67 42.26 -9.99
N GLU H 105 -10.87 41.92 -10.43
CA GLU H 105 -11.05 41.09 -11.62
C GLU H 105 -11.88 41.84 -12.65
N PRO H 106 -11.38 42.08 -13.85
CA PRO H 106 -12.22 42.68 -14.90
C PRO H 106 -13.31 41.72 -15.36
N VAL H 107 -14.57 42.11 -15.16
CA VAL H 107 -15.70 41.30 -15.56
C VAL H 107 -16.06 41.54 -17.02
N ASP H 108 -15.69 42.70 -17.57
CA ASP H 108 -15.99 43.04 -18.95
C ASP H 108 -15.05 44.19 -19.34
N GLN H 109 -15.21 44.70 -20.55
CA GLN H 109 -14.38 45.82 -20.98
C GLN H 109 -14.73 47.08 -20.20
N ASP H 110 -15.96 47.15 -19.70
CA ASP H 110 -16.50 48.32 -19.01
C ASP H 110 -16.74 48.07 -17.52
N ILE H 111 -16.78 46.81 -17.10
CA ILE H 111 -17.18 46.44 -15.75
C ILE H 111 -16.00 45.81 -15.03
N VAL H 112 -15.70 46.31 -13.84
CA VAL H 112 -14.65 45.77 -12.97
C VAL H 112 -15.27 45.46 -11.62
N ARG H 113 -14.85 44.34 -11.03
CA ARG H 113 -15.34 43.92 -9.72
C ARG H 113 -14.20 43.92 -8.72
N TRP H 114 -14.41 44.61 -7.60
CA TRP H 114 -13.50 44.57 -6.46
C TRP H 114 -14.05 43.65 -5.39
N THR H 115 -13.19 42.81 -4.84
CA THR H 115 -13.56 41.91 -3.75
C THR H 115 -12.63 42.17 -2.57
N GLY H 116 -13.21 42.21 -1.37
CA GLY H 116 -12.44 42.44 -0.17
C GLY H 116 -13.02 41.68 1.01
N ARG H 117 -12.21 41.58 2.07
CA ARG H 117 -12.61 40.93 3.30
C ARG H 117 -12.49 41.90 4.47
N PHE H 118 -13.32 41.69 5.47
CA PHE H 118 -13.34 42.59 6.62
C PHE H 118 -12.29 42.19 7.65
N ASP H 119 -11.79 43.20 8.35
CA ASP H 119 -10.76 42.99 9.37
C ASP H 119 -11.32 42.34 10.61
N GLN H 120 -12.57 42.64 10.97
CA GLN H 120 -13.17 42.17 12.21
C GLN H 120 -14.42 41.36 11.87
N GLY H 121 -14.24 40.07 11.63
CA GLY H 121 -15.38 39.19 11.44
C GLY H 121 -15.00 37.72 11.49
N ASP H 122 -15.74 36.90 10.75
CA ASP H 122 -15.33 35.52 10.50
C ASP H 122 -14.58 35.52 9.19
N PRO H 123 -13.26 35.26 9.18
CA PRO H 123 -12.49 35.38 7.93
C PRO H 123 -12.95 34.44 6.83
N ASN H 124 -13.66 33.36 7.18
CA ASN H 124 -14.09 32.38 6.20
C ASN H 124 -15.41 32.74 5.52
N GLN H 125 -16.24 33.58 6.14
CA GLN H 125 -17.59 33.83 5.68
C GLN H 125 -17.82 35.24 5.17
N ASN H 126 -17.26 36.25 5.83
CA ASN H 126 -17.59 37.64 5.55
C ASN H 126 -16.70 38.20 4.44
N PHE H 127 -17.29 39.07 3.61
CA PHE H 127 -16.60 39.72 2.51
C PHE H 127 -17.54 40.75 1.89
N PHE H 128 -17.01 41.53 0.95
CA PHE H 128 -17.80 42.52 0.23
C PHE H 128 -17.36 42.56 -1.22
N THR H 129 -18.26 43.05 -2.08
CA THR H 129 -17.98 43.16 -3.50
C THR H 129 -18.43 44.51 -4.01
N ILE H 130 -17.63 45.12 -4.87
CA ILE H 130 -17.97 46.37 -5.55
C ILE H 130 -17.78 46.15 -7.04
N THR H 131 -18.87 46.13 -7.79
CA THR H 131 -18.85 45.92 -9.23
C THR H 131 -19.34 47.19 -9.90
N GLN H 132 -18.53 47.76 -10.79
CA GLN H 132 -18.74 49.12 -11.28
C GLN H 132 -18.61 49.17 -12.79
N SER H 133 -19.60 49.79 -13.44
CA SER H 133 -19.54 50.11 -14.86
C SER H 133 -19.04 51.53 -15.06
N GLN H 134 -18.17 51.72 -16.05
CA GLN H 134 -17.62 53.05 -16.32
C GLN H 134 -18.50 53.88 -17.25
N LYS H 135 -18.95 53.30 -18.37
CA LYS H 135 -19.75 54.06 -19.32
C LYS H 135 -21.02 54.57 -18.68
N ASP H 136 -21.83 53.68 -18.12
CA ASP H 136 -22.94 54.05 -17.27
C ASP H 136 -22.43 54.16 -15.85
N HIS H 137 -22.56 55.34 -15.25
CA HIS H 137 -22.03 55.56 -13.91
C HIS H 137 -22.87 54.82 -12.90
N TYR H 138 -22.72 53.48 -12.89
CA TYR H 138 -23.58 52.57 -12.14
C TYR H 138 -22.71 51.60 -11.37
N THR H 139 -22.99 51.47 -10.07
CA THR H 139 -22.21 50.62 -9.19
C THR H 139 -23.15 49.83 -8.29
N ILE H 140 -22.87 48.55 -8.13
CA ILE H 140 -23.61 47.67 -7.23
C ILE H 140 -22.66 47.16 -6.16
N MSE H 141 -23.03 47.35 -4.90
CA MSE H 141 -22.21 46.88 -3.78
C MSE H 141 -22.95 45.83 -2.96
O MSE H 141 -24.14 45.97 -2.68
CB MSE H 141 -21.81 48.05 -2.89
CG MSE H 141 -20.94 49.09 -3.57
SE MSE H 141 -20.62 50.62 -2.41
CE MSE H 141 -20.08 49.66 -0.82
N GLN H 142 -22.24 44.78 -2.58
CA GLN H 142 -22.80 43.69 -1.78
C GLN H 142 -21.93 43.54 -0.53
N ILE H 143 -22.50 43.86 0.63
CA ILE H 143 -21.80 43.82 1.90
C ILE H 143 -22.38 42.68 2.72
N PHE H 144 -21.58 41.64 2.95
CA PHE H 144 -22.00 40.43 3.65
C PHE H 144 -21.29 40.36 4.99
N THR H 145 -22.04 40.56 6.07
CA THR H 145 -21.55 40.40 7.42
C THR H 145 -22.40 39.39 8.16
N GLU H 146 -21.90 38.94 9.32
CA GLU H 146 -22.68 38.07 10.18
C GLU H 146 -23.85 38.82 10.79
N LYS H 147 -23.79 40.15 10.77
CA LYS H 147 -24.81 41.05 11.30
C LYS H 147 -25.94 41.30 10.33
N GLY H 148 -25.79 40.93 9.07
CA GLY H 148 -26.80 41.19 8.06
C GLY H 148 -26.15 41.40 6.71
N ASN H 149 -26.99 41.40 5.68
CA ASN H 149 -26.54 41.59 4.31
C ASN H 149 -27.16 42.86 3.77
N TYR H 150 -26.33 43.67 3.10
CA TYR H 150 -26.73 44.99 2.64
C TYR H 150 -26.32 45.16 1.19
N SER H 151 -27.24 45.68 0.39
CA SER H 151 -27.01 45.95 -1.02
C SER H 151 -27.07 47.45 -1.29
N ALA H 152 -26.19 47.93 -2.16
CA ALA H 152 -26.14 49.33 -2.55
C ALA H 152 -26.19 49.42 -4.06
N GLU H 153 -27.18 50.17 -4.58
CA GLU H 153 -27.33 50.40 -6.01
C GLU H 153 -27.16 51.90 -6.25
N ILE H 154 -26.11 52.25 -7.00
CA ILE H 154 -25.71 53.64 -7.18
C ILE H 154 -25.77 53.99 -8.67
N LYS H 155 -26.25 55.20 -8.96
CA LYS H 155 -26.34 55.69 -10.33
C LYS H 155 -26.04 57.17 -10.34
N ASP H 156 -24.97 57.56 -11.06
CA ASP H 156 -24.57 58.95 -11.21
C ASP H 156 -24.29 59.61 -9.85
N GLY H 157 -23.55 58.89 -9.01
CA GLY H 157 -23.10 59.43 -7.74
C GLY H 157 -24.10 59.35 -6.61
N VAL H 158 -25.37 59.01 -6.89
CA VAL H 158 -26.40 58.87 -5.86
C VAL H 158 -26.84 57.41 -5.84
N GLY H 159 -27.08 56.89 -4.64
CA GLY H 159 -27.40 55.49 -4.49
C GLY H 159 -28.34 55.23 -3.32
N LEU H 160 -28.69 53.96 -3.16
CA LEU H 160 -29.62 53.52 -2.13
C LEU H 160 -29.09 52.24 -1.49
N VAL H 161 -28.97 52.24 -0.17
CA VAL H 161 -28.56 51.06 0.59
C VAL H 161 -29.75 50.55 1.37
N GLN H 162 -29.92 49.23 1.40
CA GLN H 162 -31.06 48.61 2.05
C GLN H 162 -30.68 47.19 2.45
N THR H 163 -31.41 46.67 3.42
CA THR H 163 -31.30 45.25 3.73
C THR H 163 -31.93 44.43 2.61
N MSE H 164 -31.49 43.18 2.50
CA MSE H 164 -31.87 42.35 1.36
C MSE H 164 -33.27 41.75 1.50
O MSE H 164 -33.78 41.15 0.56
CB MSE H 164 -30.84 41.26 1.13
CG MSE H 164 -29.52 41.77 0.57
SE MSE H 164 -28.35 40.39 -0.11
CE MSE H 164 -27.00 41.53 -0.94
N ASP H 165 -33.87 41.90 2.67
CA ASP H 165 -35.25 41.45 2.83
C ASP H 165 -36.22 42.37 2.09
N GLU H 166 -35.89 43.65 1.98
CA GLU H 166 -36.65 44.60 1.17
C GLU H 166 -36.46 44.39 -0.33
N GLY H 167 -35.52 43.53 -0.72
CA GLY H 167 -35.16 43.39 -2.12
C GLY H 167 -36.21 42.73 -2.99
N VAL H 168 -37.19 42.06 -2.38
CA VAL H 168 -38.22 41.39 -3.17
C VAL H 168 -39.51 41.35 -2.36
N THR H 169 -40.62 41.71 -3.01
CA THR H 169 -41.95 41.45 -2.51
C THR H 169 -42.79 40.90 -3.66
N ASP H 170 -43.47 39.78 -3.40
CA ASP H 170 -44.21 39.10 -4.44
C ASP H 170 -45.21 38.15 -3.79
N GLN H 171 -46.10 37.61 -4.62
CA GLN H 171 -47.10 36.65 -4.20
C GLN H 171 -46.88 35.34 -4.93
N GLU H 172 -47.26 34.24 -4.30
CA GLU H 172 -47.20 32.95 -4.96
C GLU H 172 -48.15 32.95 -6.15
N LEU H 173 -47.67 32.47 -7.30
CA LEU H 173 -48.41 32.52 -8.54
C LEU H 173 -48.99 31.14 -8.85
N HIS H 174 -50.27 31.11 -9.20
CA HIS H 174 -50.99 29.87 -9.47
C HIS H 174 -51.58 29.91 -10.88
N HIS H 175 -52.10 28.77 -11.31
CA HIS H 175 -52.69 28.65 -12.63
C HIS H 175 -54.17 29.01 -12.61
N SER I 39 8.59 -22.95 59.61
CA SER I 39 7.22 -22.51 59.31
C SER I 39 6.72 -23.14 58.02
N GLN I 40 6.81 -22.36 56.93
CA GLN I 40 6.34 -22.77 55.61
C GLN I 40 4.85 -23.11 55.62
N GLN I 41 4.10 -22.49 56.53
CA GLN I 41 2.65 -22.68 56.57
C GLN I 41 1.98 -21.74 55.57
N GLN I 42 0.92 -22.23 54.94
CA GLN I 42 0.24 -21.48 53.90
C GLN I 42 -0.66 -20.38 54.46
N ILE I 43 -1.14 -20.52 55.68
CA ILE I 43 -2.09 -19.56 56.24
C ILE I 43 -1.35 -18.29 56.63
N VAL I 44 -1.89 -17.15 56.24
CA VAL I 44 -1.26 -15.85 56.51
C VAL I 44 -1.62 -15.34 57.90
N PHE I 45 -2.88 -15.48 58.31
CA PHE I 45 -3.34 -14.93 59.57
C PHE I 45 -4.34 -15.90 60.20
N ASN I 46 -4.68 -15.63 61.47
CA ASN I 46 -5.56 -16.50 62.23
C ASN I 46 -6.58 -15.67 63.00
N GLU I 47 -7.77 -16.22 63.18
CA GLU I 47 -8.79 -15.60 64.02
C GLU I 47 -8.41 -15.72 65.49
N GLY I 67 -15.41 -5.34 62.51
CA GLY I 67 -14.82 -6.34 61.65
C GLY I 67 -14.35 -7.58 62.38
N MSE I 68 -13.41 -8.30 61.79
CA MSE I 68 -12.89 -9.53 62.35
C MSE I 68 -11.47 -9.35 62.90
O MSE I 68 -10.53 -9.06 62.16
CB MSE I 68 -12.90 -10.65 61.30
CG MSE I 68 -12.16 -11.90 61.71
SE MSE I 68 -12.09 -13.21 60.25
CE MSE I 68 -13.99 -13.59 60.09
N VAL I 69 -11.32 -9.51 64.23
CA VAL I 69 -10.01 -9.41 64.85
C VAL I 69 -9.16 -10.61 64.44
N ILE I 70 -7.86 -10.39 64.28
CA ILE I 70 -7.01 -11.40 63.68
C ILE I 70 -5.57 -11.19 64.16
N LYS I 71 -4.86 -12.30 64.35
CA LYS I 71 -3.45 -12.28 64.72
C LYS I 71 -2.58 -12.62 63.51
N TYR I 72 -1.34 -12.13 63.54
CA TYR I 72 -0.52 -12.14 62.34
C TYR I 72 0.96 -12.17 62.71
N ASP I 73 1.75 -12.91 61.93
CA ASP I 73 3.18 -12.99 62.09
C ASP I 73 3.86 -12.39 60.86
N PRO I 74 4.58 -11.29 60.97
CA PRO I 74 5.15 -10.64 59.79
C PRO I 74 6.29 -11.42 59.14
N LYS I 75 6.91 -12.37 59.85
CA LYS I 75 8.00 -13.13 59.29
C LYS I 75 7.53 -14.25 58.37
N VAL I 76 6.24 -14.59 58.38
CA VAL I 76 5.74 -15.64 57.51
C VAL I 76 5.79 -15.21 56.05
N ILE I 77 5.31 -13.99 55.77
CA ILE I 77 5.33 -13.49 54.40
C ILE I 77 6.75 -13.14 53.97
N GLU I 78 7.60 -12.72 54.91
CA GLU I 78 8.96 -12.34 54.57
C GLU I 78 9.80 -13.52 54.11
N LEU I 79 9.43 -14.74 54.48
CA LEU I 79 10.13 -15.94 54.04
C LEU I 79 9.54 -16.55 52.78
N LYS I 80 8.60 -15.86 52.13
CA LYS I 80 7.98 -16.33 50.90
C LYS I 80 8.64 -15.65 49.71
N LYS I 81 8.94 -16.44 48.68
CA LYS I 81 9.49 -15.93 47.43
C LYS I 81 8.45 -16.12 46.32
N VAL I 82 8.77 -15.57 45.14
CA VAL I 82 7.86 -15.66 44.00
C VAL I 82 7.61 -17.13 43.68
N GLY I 83 6.33 -17.52 43.64
CA GLY I 83 5.92 -18.87 43.36
C GLY I 83 5.40 -19.63 44.56
N ASP I 84 5.71 -19.17 45.77
CA ASP I 84 5.26 -19.86 46.97
C ASP I 84 3.75 -19.70 47.16
N THR I 85 3.15 -20.68 47.82
CA THR I 85 1.72 -20.70 48.03
C THR I 85 1.33 -19.99 49.32
N VAL I 86 0.16 -19.36 49.30
CA VAL I 86 -0.37 -18.63 50.45
C VAL I 86 -1.86 -18.90 50.52
N LYS I 87 -2.38 -19.06 51.74
CA LYS I 87 -3.77 -19.43 51.97
C LYS I 87 -4.45 -18.40 52.83
N PHE I 88 -5.61 -17.93 52.39
CA PHE I 88 -6.47 -17.03 53.15
C PHE I 88 -7.69 -17.79 53.62
N GLN I 89 -7.96 -17.75 54.92
CA GLN I 89 -9.10 -18.44 55.52
C GLN I 89 -9.95 -17.42 56.26
N MSE I 90 -11.07 -17.03 55.64
CA MSE I 90 -12.06 -16.19 56.29
C MSE I 90 -13.42 -16.87 56.17
O MSE I 90 -14.19 -16.61 55.25
CB MSE I 90 -12.08 -14.79 55.66
CG MSE I 90 -10.89 -13.93 56.05
SE MSE I 90 -10.54 -12.49 54.79
CE MSE I 90 -9.80 -13.54 53.32
N LEU I 91 -13.69 -17.75 57.13
CA LEU I 91 -14.86 -18.63 57.04
C LEU I 91 -16.15 -17.85 57.22
N GLU I 92 -16.18 -16.91 58.14
CA GLU I 92 -17.39 -16.11 58.39
C GLU I 92 -17.71 -15.21 57.20
N GLY I 94 -16.87 -16.20 54.16
CA GLY I 94 -17.08 -17.17 53.11
C GLY I 94 -15.92 -17.28 52.13
N ILE I 95 -14.71 -17.01 52.63
CA ILE I 95 -13.50 -17.03 51.82
C ILE I 95 -12.59 -18.12 52.35
N ASN I 96 -12.26 -19.09 51.49
CA ASN I 96 -11.31 -20.14 51.82
C ASN I 96 -10.61 -20.52 50.51
N ARG I 97 -9.46 -19.89 50.26
CA ARG I 97 -8.76 -20.03 48.99
C ARG I 97 -7.26 -20.01 49.21
N THR I 98 -6.53 -20.47 48.20
CA THR I 98 -5.09 -20.43 48.17
C THR I 98 -4.63 -19.59 46.97
N GLY I 99 -3.40 -19.09 47.06
CA GLY I 99 -2.84 -18.29 45.98
C GLY I 99 -1.33 -18.37 45.98
N LYS I 100 -0.74 -17.89 44.89
CA LYS I 100 0.70 -17.91 44.69
C LYS I 100 1.22 -16.50 44.52
N ILE I 101 2.34 -16.21 45.19
CA ILE I 101 2.99 -14.91 45.04
C ILE I 101 3.59 -14.81 43.65
N VAL I 102 3.26 -13.74 42.93
CA VAL I 102 3.71 -13.55 41.55
C VAL I 102 4.64 -12.37 41.38
N GLU I 103 4.77 -11.51 42.39
CA GLU I 103 5.49 -10.25 42.21
C GLU I 103 6.00 -9.77 43.56
N ILE I 104 7.28 -9.42 43.60
CA ILE I 104 7.91 -8.89 44.81
C ILE I 104 8.55 -7.55 44.46
N GLU I 105 8.15 -6.49 45.17
CA GLU I 105 8.61 -5.16 44.81
C GLU I 105 8.99 -4.33 46.04
N PRO I 106 10.26 -3.92 46.15
CA PRO I 106 10.63 -2.96 47.21
C PRO I 106 10.05 -1.59 46.90
N VAL I 107 9.18 -1.10 47.79
CA VAL I 107 8.57 0.21 47.60
C VAL I 107 9.44 1.32 48.18
N ASP I 108 10.27 1.01 49.16
CA ASP I 108 11.14 1.97 49.81
C ASP I 108 12.17 1.16 50.61
N GLN I 109 12.94 1.87 51.42
CA GLN I 109 13.94 1.23 52.27
C GLN I 109 13.31 0.37 53.34
N ASP I 110 12.08 0.69 53.75
CA ASP I 110 11.42 0.04 54.88
C ASP I 110 10.21 -0.80 54.49
N ILE I 111 9.61 -0.56 53.33
CA ILE I 111 8.33 -1.17 52.97
C ILE I 111 8.50 -2.06 51.76
N VAL I 112 7.96 -3.28 51.83
CA VAL I 112 7.98 -4.24 50.74
C VAL I 112 6.54 -4.66 50.42
N ARG I 113 6.23 -4.78 49.13
CA ARG I 113 4.90 -5.16 48.68
C ARG I 113 4.94 -6.52 48.00
N TRP I 114 4.09 -7.44 48.45
CA TRP I 114 3.87 -8.71 47.80
C TRP I 114 2.57 -8.68 47.00
N THR I 115 2.62 -9.19 45.77
CA THR I 115 1.46 -9.31 44.91
C THR I 115 1.30 -10.76 44.51
N GLY I 116 0.06 -11.25 44.54
CA GLY I 116 -0.21 -12.63 44.17
C GLY I 116 -1.56 -12.76 43.49
N ARG I 117 -1.74 -13.91 42.86
CA ARG I 117 -2.99 -14.23 42.18
C ARG I 117 -3.55 -15.53 42.73
N PHE I 118 -4.87 -15.67 42.66
CA PHE I 118 -5.52 -16.86 43.18
C PHE I 118 -5.48 -17.97 42.14
N ASP I 119 -5.44 -19.22 42.61
CA ASP I 119 -5.27 -20.34 41.69
C ASP I 119 -6.55 -20.63 40.91
N GLN I 120 -7.71 -20.46 41.53
CA GLN I 120 -9.01 -20.75 40.90
C GLN I 120 -9.93 -19.53 40.97
N GLY I 121 -9.91 -18.73 39.91
CA GLY I 121 -10.81 -17.60 39.76
C GLY I 121 -10.80 -17.09 38.34
N ASP I 122 -11.02 -15.80 38.16
CA ASP I 122 -10.82 -15.18 36.84
C ASP I 122 -9.38 -14.66 36.82
N PRO I 123 -8.49 -15.24 36.01
CA PRO I 123 -7.07 -14.83 36.07
C PRO I 123 -6.83 -13.37 35.72
N ASN I 124 -7.77 -12.72 35.04
CA ASN I 124 -7.59 -11.33 34.61
C ASN I 124 -7.97 -10.32 35.67
N GLN I 125 -8.82 -10.69 36.64
CA GLN I 125 -9.41 -9.72 37.55
C GLN I 125 -8.97 -9.89 39.00
N ASN I 126 -8.86 -11.12 39.50
CA ASN I 126 -8.64 -11.38 40.92
C ASN I 126 -7.16 -11.39 41.27
N PHE I 127 -6.83 -10.87 42.45
CA PHE I 127 -5.47 -10.83 42.96
C PHE I 127 -5.51 -10.33 44.39
N PHE I 128 -4.35 -10.36 45.06
CA PHE I 128 -4.21 -9.85 46.41
C PHE I 128 -2.87 -9.15 46.56
N THR I 129 -2.80 -8.26 47.56
CA THR I 129 -1.61 -7.46 47.81
C THR I 129 -1.29 -7.47 49.30
N ILE I 130 -0.01 -7.58 49.64
CA ILE I 130 0.47 -7.49 51.01
C ILE I 130 1.57 -6.45 51.05
N THR I 131 1.31 -5.33 51.72
CA THR I 131 2.27 -4.24 51.85
C THR I 131 2.65 -4.11 53.31
N GLN I 132 3.95 -4.20 53.60
CA GLN I 132 4.45 -4.37 54.96
C GLN I 132 5.60 -3.42 55.24
N SER I 133 5.51 -2.72 56.36
CA SER I 133 6.62 -1.89 56.85
C SER I 133 7.45 -2.70 57.85
N GLN I 134 8.77 -2.53 57.78
CA GLN I 134 9.67 -3.29 58.63
C GLN I 134 9.84 -2.64 60.01
N LYS I 135 10.13 -1.34 60.05
CA LYS I 135 10.38 -0.67 61.32
C LYS I 135 9.14 -0.68 62.22
N ASP I 136 7.99 -0.30 61.67
CA ASP I 136 6.80 -0.03 62.49
C ASP I 136 5.93 -1.26 62.72
N HIS I 137 6.30 -2.42 62.17
CA HIS I 137 5.48 -3.62 62.21
C HIS I 137 4.04 -3.32 61.81
N TYR I 138 3.89 -2.93 60.55
CA TYR I 138 2.60 -2.47 60.04
C TYR I 138 2.38 -3.09 58.67
N THR I 139 1.22 -3.71 58.47
CA THR I 139 0.93 -4.38 57.21
C THR I 139 -0.49 -4.05 56.77
N ILE I 140 -0.64 -3.73 55.49
CA ILE I 140 -1.94 -3.49 54.86
C ILE I 140 -2.12 -4.53 53.77
N MSE I 141 -3.22 -5.27 53.83
CA MSE I 141 -3.48 -6.30 52.83
C MSE I 141 -4.81 -6.04 52.11
O MSE I 141 -5.82 -5.73 52.74
CB MSE I 141 -3.50 -7.68 53.47
CG MSE I 141 -2.15 -8.10 54.06
SE MSE I 141 -2.14 -9.95 54.65
CE MSE I 141 -3.62 -9.85 55.92
N GLN I 142 -4.78 -6.19 50.78
CA GLN I 142 -5.93 -5.94 49.93
C GLN I 142 -6.28 -7.24 49.21
N ILE I 143 -7.42 -7.81 49.54
CA ILE I 143 -7.87 -9.09 48.98
C ILE I 143 -9.05 -8.80 48.07
N PHE I 144 -8.87 -9.00 46.77
CA PHE I 144 -9.88 -8.69 45.77
C PHE I 144 -10.37 -9.99 45.14
N THR I 145 -11.60 -10.39 45.47
CA THR I 145 -12.24 -11.54 44.85
C THR I 145 -13.57 -11.12 44.26
N GLU I 146 -14.13 -11.98 43.41
CA GLU I 146 -15.46 -11.74 42.85
C GLU I 146 -16.55 -11.88 43.91
N LYS I 147 -16.28 -12.59 45.00
CA LYS I 147 -17.25 -12.76 46.07
C LYS I 147 -17.26 -11.60 47.04
N GLY I 148 -16.32 -10.67 46.90
CA GLY I 148 -16.22 -9.52 47.78
C GLY I 148 -14.79 -9.06 47.92
N ASN I 149 -14.64 -7.86 48.46
CA ASN I 149 -13.33 -7.24 48.63
C ASN I 149 -13.10 -6.99 50.12
N TYR I 150 -11.90 -7.31 50.59
CA TYR I 150 -11.56 -7.25 52.00
C TYR I 150 -10.23 -6.55 52.21
N SER I 151 -10.19 -5.66 53.19
CA SER I 151 -8.98 -4.95 53.57
C SER I 151 -8.55 -5.37 54.97
N ALA I 152 -7.24 -5.49 55.17
CA ALA I 152 -6.70 -5.89 56.47
C ALA I 152 -5.64 -4.87 56.89
N GLU I 153 -5.82 -4.30 58.08
CA GLU I 153 -4.87 -3.37 58.67
C GLU I 153 -4.31 -3.98 59.94
N ILE I 154 -3.01 -4.24 59.97
CA ILE I 154 -2.36 -4.98 61.04
C ILE I 154 -1.29 -4.11 61.67
N LYS I 155 -1.20 -4.15 63.00
CA LYS I 155 -0.21 -3.39 63.75
C LYS I 155 0.25 -4.21 64.95
N ASP I 156 1.55 -4.51 64.99
CA ASP I 156 2.17 -5.26 66.09
C ASP I 156 1.52 -6.63 66.29
N GLY I 157 1.32 -7.34 65.18
CA GLY I 157 0.83 -8.71 65.23
C GLY I 157 -0.66 -8.88 65.35
N VAL I 158 -1.41 -7.80 65.63
CA VAL I 158 -2.86 -7.85 65.73
C VAL I 158 -3.44 -6.97 64.63
N GLY I 159 -4.55 -7.41 64.04
CA GLY I 159 -5.11 -6.70 62.91
C GLY I 159 -6.62 -6.84 62.86
N LEU I 160 -7.21 -6.18 61.87
CA LEU I 160 -8.66 -6.14 61.69
C LEU I 160 -8.99 -6.33 60.22
N VAL I 161 -9.86 -7.30 59.94
CA VAL I 161 -10.35 -7.56 58.59
C VAL I 161 -11.82 -7.15 58.50
N GLN I 162 -12.18 -6.50 57.41
CA GLN I 162 -13.54 -6.01 57.22
C GLN I 162 -13.80 -5.87 55.73
N THR I 163 -15.08 -5.90 55.37
CA THR I 163 -15.48 -5.56 54.02
C THR I 163 -15.30 -4.07 53.76
N MSE I 164 -14.95 -3.72 52.53
CA MSE I 164 -14.57 -2.35 52.21
C MSE I 164 -15.72 -1.35 52.28
O MSE I 164 -15.49 -0.14 52.27
CB MSE I 164 -13.93 -2.30 50.82
CG MSE I 164 -12.56 -2.95 50.77
SE MSE I 164 -11.49 -2.40 49.23
CE MSE I 164 -9.79 -3.18 49.78
N ASP I 165 -16.96 -1.85 52.35
CA ASP I 165 -18.09 -0.96 52.58
C ASP I 165 -18.04 -0.34 53.97
N GLU I 166 -17.45 -1.05 54.94
CA GLU I 166 -17.21 -0.54 56.28
C GLU I 166 -16.12 0.53 56.32
N GLY I 167 -15.38 0.70 55.23
CA GLY I 167 -14.19 1.54 55.20
C GLY I 167 -14.45 3.04 55.26
N VAL I 168 -15.68 3.49 55.04
CA VAL I 168 -15.95 4.92 55.02
C VAL I 168 -17.39 5.18 55.46
N THR I 169 -17.56 6.15 56.35
CA THR I 169 -18.85 6.73 56.67
C THR I 169 -18.70 8.25 56.65
N ASP I 170 -19.58 8.93 55.93
CA ASP I 170 -19.46 10.37 55.78
C ASP I 170 -20.79 10.93 55.30
N GLN I 171 -20.89 12.26 55.34
CA GLN I 171 -22.04 13.01 54.89
C GLN I 171 -21.64 13.94 53.75
N GLU I 172 -22.60 14.22 52.87
CA GLU I 172 -22.35 15.19 51.82
C GLU I 172 -22.13 16.55 52.45
N LEU I 173 -21.09 17.24 52.00
CA LEU I 173 -20.68 18.51 52.60
C LEU I 173 -21.12 19.67 51.73
N HIS I 174 -21.73 20.67 52.37
CA HIS I 174 -22.25 21.85 51.68
C HIS I 174 -21.62 23.10 52.26
N HIS I 175 -21.90 24.23 51.61
CA HIS I 175 -21.33 25.51 52.01
C HIS I 175 -22.22 26.21 53.03
N ASN J 29 19.19 -58.41 29.30
CA ASN J 29 19.99 -57.26 28.88
C ASN J 29 19.32 -55.95 29.27
N LEU J 30 17.98 -55.94 29.17
CA LEU J 30 17.22 -54.74 29.49
C LEU J 30 17.29 -54.40 30.98
N SER J 31 17.35 -55.42 31.85
CA SER J 31 17.43 -55.26 33.30
C SER J 31 18.74 -55.83 33.78
N PRO J 32 19.86 -55.12 33.57
CA PRO J 32 21.17 -55.70 33.95
C PRO J 32 21.42 -55.74 35.45
N SER J 33 21.16 -54.63 36.14
CA SER J 33 21.46 -54.52 37.56
C SER J 33 20.96 -53.18 38.12
N GLU J 34 21.13 -52.97 39.42
CA GLU J 34 20.83 -51.69 40.04
C GLU J 34 22.03 -50.75 40.05
N LYS J 35 23.21 -51.29 40.35
CA LYS J 35 24.43 -50.48 40.36
C LYS J 35 25.13 -50.45 39.01
N GLU J 36 25.07 -51.55 38.25
CA GLU J 36 25.71 -51.58 36.94
C GLU J 36 24.98 -50.72 35.92
N ARG J 37 23.65 -50.61 36.04
CA ARG J 37 22.89 -49.73 35.14
C ARG J 37 23.26 -48.28 35.36
N LEU J 38 23.56 -47.89 36.60
CA LEU J 38 23.90 -46.50 36.93
C LEU J 38 25.19 -46.04 36.26
N SER J 39 25.87 -46.88 35.48
CA SER J 39 27.09 -46.45 34.82
C SER J 39 26.75 -45.48 33.69
N GLN J 40 26.77 -44.19 34.02
CA GLN J 40 26.41 -43.12 33.08
C GLN J 40 27.66 -42.51 32.46
N GLN J 41 28.38 -43.34 31.70
CA GLN J 41 29.60 -42.88 31.07
C GLN J 41 29.30 -41.98 29.89
N GLN J 42 30.18 -41.02 29.63
CA GLN J 42 30.03 -40.10 28.52
C GLN J 42 30.74 -40.57 27.26
N ILE J 43 31.82 -41.33 27.41
CA ILE J 43 32.57 -41.82 26.25
C ILE J 43 31.71 -42.83 25.49
N VAL J 44 31.58 -42.61 24.18
CA VAL J 44 30.75 -43.47 23.35
C VAL J 44 31.47 -44.76 22.99
N PHE J 45 32.68 -44.63 22.43
CA PHE J 45 33.48 -45.79 22.05
C PHE J 45 34.94 -45.55 22.41
N ASN J 46 35.74 -46.60 22.34
CA ASN J 46 37.13 -46.56 22.76
C ASN J 46 38.04 -47.10 21.68
N GLU J 47 39.23 -46.53 21.58
CA GLU J 47 40.25 -47.04 20.67
C GLU J 47 40.69 -48.44 21.09
N VAL J 48 41.15 -49.22 20.12
CA VAL J 48 41.70 -50.54 20.39
C VAL J 48 42.55 -51.00 19.20
N LYS J 66 38.85 -47.69 7.17
CA LYS J 66 39.99 -48.59 7.26
C LYS J 66 41.04 -48.04 8.23
N GLY J 67 40.68 -47.01 8.98
CA GLY J 67 41.63 -46.32 9.82
C GLY J 67 41.73 -46.80 11.25
N MSE J 68 40.61 -46.84 11.96
CA MSE J 68 40.65 -46.99 13.41
C MSE J 68 39.58 -47.93 13.96
O MSE J 68 38.38 -47.67 13.84
CB MSE J 68 40.53 -45.61 14.06
CG MSE J 68 40.36 -45.61 15.57
SE MSE J 68 40.36 -43.78 16.26
CE MSE J 68 38.84 -43.91 17.47
N VAL J 69 40.02 -49.04 14.56
CA VAL J 69 39.13 -50.03 15.14
C VAL J 69 38.73 -49.59 16.55
N ILE J 70 37.44 -49.73 16.87
CA ILE J 70 36.90 -49.26 18.13
C ILE J 70 36.11 -50.37 18.81
N LYS J 71 35.91 -50.21 20.11
CA LYS J 71 35.03 -51.06 20.91
C LYS J 71 33.82 -50.24 21.33
N TYR J 72 32.65 -50.87 21.32
CA TYR J 72 31.40 -50.15 21.52
C TYR J 72 30.44 -50.96 22.39
N ASP J 73 29.78 -50.27 23.32
CA ASP J 73 28.74 -50.86 24.15
C ASP J 73 27.42 -50.21 23.79
N PRO J 74 26.48 -50.93 23.17
CA PRO J 74 25.22 -50.29 22.74
C PRO J 74 24.33 -49.88 23.91
N LYS J 75 24.52 -50.45 25.09
CA LYS J 75 23.66 -50.10 26.22
C LYS J 75 23.93 -48.70 26.77
N VAL J 76 25.13 -48.16 26.54
CA VAL J 76 25.45 -46.82 27.03
C VAL J 76 24.55 -45.78 26.40
N ILE J 77 24.37 -45.86 25.08
CA ILE J 77 23.54 -44.90 24.36
C ILE J 77 22.07 -45.09 24.71
N GLU J 78 21.65 -46.34 24.90
CA GLU J 78 20.25 -46.63 25.20
C GLU J 78 19.81 -46.01 26.53
N LEU J 79 20.74 -45.83 27.46
CA LEU J 79 20.43 -45.26 28.77
C LEU J 79 20.53 -43.75 28.80
N LYS J 80 20.64 -43.10 27.64
CA LYS J 80 20.75 -41.65 27.55
C LYS J 80 19.39 -41.06 27.19
N LYS J 81 19.01 -39.99 27.89
CA LYS J 81 17.83 -39.22 27.57
C LYS J 81 18.24 -37.89 26.96
N VAL J 82 17.24 -37.14 26.48
CA VAL J 82 17.53 -35.84 25.86
C VAL J 82 18.14 -34.91 26.89
N GLY J 83 19.19 -34.19 26.47
CA GLY J 83 19.91 -33.31 27.35
C GLY J 83 21.12 -33.92 28.01
N ASP J 84 21.27 -35.24 27.96
CA ASP J 84 22.43 -35.89 28.56
C ASP J 84 23.69 -35.63 27.73
N THR J 85 24.83 -35.76 28.39
CA THR J 85 26.12 -35.45 27.79
C THR J 85 26.81 -36.72 27.31
N VAL J 86 27.36 -36.66 26.10
CA VAL J 86 28.18 -37.72 25.54
C VAL J 86 29.54 -37.14 25.17
N LYS J 87 30.48 -38.03 24.89
CA LYS J 87 31.85 -37.62 24.62
C LYS J 87 32.45 -38.50 23.54
N PHE J 88 33.11 -37.87 22.55
CA PHE J 88 33.77 -38.56 21.47
C PHE J 88 35.28 -38.35 21.57
N GLN J 89 36.04 -39.41 21.32
CA GLN J 89 37.50 -39.35 21.40
C GLN J 89 38.09 -40.08 20.20
N MSE J 90 38.58 -39.33 19.22
CA MSE J 90 39.42 -39.86 18.16
C MSE J 90 40.69 -39.02 18.13
O MSE J 90 40.79 -38.05 17.37
CB MSE J 90 38.69 -39.83 16.81
CG MSE J 90 37.47 -40.72 16.73
SE MSE J 90 35.79 -39.76 16.98
CE MSE J 90 35.78 -38.75 15.31
N LEU J 91 41.66 -39.41 18.95
CA LEU J 91 42.83 -38.55 19.19
C LEU J 91 43.71 -38.44 17.96
N GLU J 92 43.86 -39.53 17.20
CA GLU J 92 44.65 -39.45 15.97
C GLU J 92 43.98 -38.52 14.95
N TYR J 93 42.65 -38.45 14.97
CA TYR J 93 41.91 -37.56 14.08
C TYR J 93 41.71 -36.17 14.67
N GLY J 94 42.26 -35.90 15.85
CA GLY J 94 42.13 -34.59 16.45
C GLY J 94 40.77 -34.29 17.03
N ILE J 95 39.99 -35.31 17.37
CA ILE J 95 38.63 -35.14 17.87
C ILE J 95 38.61 -35.56 19.34
N ASN J 96 38.39 -34.58 20.22
CA ASN J 96 38.20 -34.84 21.65
C ASN J 96 37.25 -33.76 22.17
N ARG J 97 35.96 -34.08 22.16
CA ARG J 97 34.94 -33.08 22.47
C ARG J 97 33.70 -33.76 22.99
N THR J 98 32.84 -32.97 23.63
CA THR J 98 31.60 -33.45 24.21
C THR J 98 30.40 -32.80 23.53
N GLY J 99 29.25 -33.44 23.67
CA GLY J 99 28.01 -32.94 23.12
C GLY J 99 26.84 -33.37 23.98
N LYS J 100 25.65 -32.92 23.60
CA LYS J 100 24.43 -33.21 24.33
C LYS J 100 23.38 -33.78 23.39
N ILE J 101 22.67 -34.81 23.86
CA ILE J 101 21.57 -35.37 23.08
C ILE J 101 20.43 -34.36 23.01
N VAL J 102 19.93 -34.13 21.79
CA VAL J 102 18.86 -33.17 21.59
C VAL J 102 17.58 -33.79 21.05
N GLU J 103 17.62 -35.02 20.54
CA GLU J 103 16.45 -35.63 19.92
C GLU J 103 16.63 -37.14 19.86
N ILE J 104 15.58 -37.88 20.21
CA ILE J 104 15.57 -39.34 20.13
C ILE J 104 14.35 -39.73 19.32
N GLU J 105 14.57 -40.27 18.12
CA GLU J 105 13.50 -40.56 17.18
C GLU J 105 13.50 -42.04 16.80
N PRO J 106 12.42 -42.77 17.07
CA PRO J 106 12.31 -44.15 16.56
C PRO J 106 12.12 -44.13 15.05
N VAL J 107 13.03 -44.77 14.32
CA VAL J 107 12.94 -44.78 12.87
C VAL J 107 11.99 -45.89 12.40
N ASP J 108 11.86 -46.95 13.20
CA ASP J 108 10.97 -48.07 12.93
C ASP J 108 10.84 -48.86 14.23
N GLN J 109 10.24 -50.04 14.15
CA GLN J 109 10.09 -50.87 15.34
C GLN J 109 11.43 -51.33 15.90
N ASP J 110 12.47 -51.37 15.08
CA ASP J 110 13.76 -51.91 15.51
C ASP J 110 14.88 -50.88 15.58
N ILE J 111 14.75 -49.74 14.91
CA ILE J 111 15.83 -48.78 14.75
C ILE J 111 15.46 -47.48 15.44
N VAL J 112 16.39 -46.96 16.24
CA VAL J 112 16.24 -45.69 16.94
C VAL J 112 17.43 -44.81 16.58
N ARG J 113 17.19 -43.52 16.37
CA ARG J 113 18.22 -42.56 16.02
C ARG J 113 18.36 -41.52 17.13
N TRP J 114 19.58 -41.34 17.61
CA TRP J 114 19.90 -40.26 18.54
C TRP J 114 20.59 -39.14 17.76
N THR J 115 20.17 -37.90 18.03
CA THR J 115 20.76 -36.72 17.43
C THR J 115 21.24 -35.78 18.53
N GLY J 116 22.43 -35.21 18.35
CA GLY J 116 22.98 -34.29 19.33
C GLY J 116 23.80 -33.21 18.68
N ARG J 117 24.08 -32.17 19.46
CA ARG J 117 24.90 -31.05 19.02
C ARG J 117 26.10 -30.87 19.95
N PHE J 118 27.18 -30.34 19.41
CA PHE J 118 28.41 -30.16 20.16
C PHE J 118 28.38 -28.87 20.97
N ASP J 119 29.09 -28.88 22.11
CA ASP J 119 29.09 -27.73 22.98
C ASP J 119 29.90 -26.57 22.41
N GLN J 120 30.99 -26.86 21.70
CA GLN J 120 31.86 -25.83 21.14
C GLN J 120 31.97 -26.06 19.64
N GLY J 121 31.08 -25.42 18.88
CA GLY J 121 31.15 -25.49 17.43
C GLY J 121 30.29 -24.48 16.73
N ASP J 122 29.81 -24.84 15.53
CA ASP J 122 28.81 -24.05 14.84
C ASP J 122 27.44 -24.59 15.22
N PRO J 123 26.64 -23.87 16.00
CA PRO J 123 25.34 -24.42 16.42
C PRO J 123 24.39 -24.67 15.27
N ASN J 124 24.59 -24.01 14.12
CA ASN J 124 23.69 -24.15 12.98
C ASN J 124 24.03 -25.32 12.08
N GLN J 125 25.29 -25.76 12.05
CA GLN J 125 25.75 -26.77 11.10
C GLN J 125 26.22 -28.06 11.74
N ASN J 126 26.90 -28.00 12.88
CA ASN J 126 27.55 -29.18 13.45
C ASN J 126 26.56 -29.97 14.28
N PHE J 127 26.69 -31.30 14.19
CA PHE J 127 25.83 -32.23 14.92
C PHE J 127 26.37 -33.64 14.71
N PHE J 128 25.78 -34.60 15.42
CA PHE J 128 26.13 -35.99 15.27
C PHE J 128 24.87 -36.83 15.36
N THR J 129 24.93 -38.03 14.78
CA THR J 129 23.80 -38.95 14.77
C THR J 129 24.28 -40.35 15.11
N ILE J 130 23.48 -41.06 15.91
CA ILE J 130 23.73 -42.46 16.25
C ILE J 130 22.47 -43.23 15.90
N THR J 131 22.56 -44.09 14.89
CA THR J 131 21.44 -44.91 14.44
C THR J 131 21.78 -46.37 14.73
N GLN J 132 20.92 -47.03 15.49
CA GLN J 132 21.24 -48.32 16.10
C GLN J 132 20.11 -49.31 15.89
N SER J 133 20.45 -50.51 15.44
CA SER J 133 19.52 -51.62 15.33
C SER J 133 19.61 -52.51 16.57
N GLN J 134 18.44 -52.97 17.04
CA GLN J 134 18.38 -53.83 18.22
C GLN J 134 18.59 -55.29 17.84
N LYS J 135 17.88 -55.76 16.80
CA LYS J 135 17.95 -57.15 16.38
C LYS J 135 19.36 -57.55 15.97
N ASP J 136 20.02 -56.73 15.16
CA ASP J 136 21.27 -57.12 14.52
C ASP J 136 22.52 -56.60 15.23
N HIS J 137 22.36 -55.89 16.34
CA HIS J 137 23.47 -55.25 17.05
C HIS J 137 24.37 -54.48 16.08
N TYR J 138 23.78 -53.45 15.47
CA TYR J 138 24.41 -52.71 14.40
C TYR J 138 24.20 -51.23 14.63
N THR J 139 25.28 -50.45 14.55
CA THR J 139 25.20 -49.02 14.81
C THR J 139 25.99 -48.27 13.75
N ILE J 140 25.40 -47.21 13.21
CA ILE J 140 26.06 -46.32 12.27
C ILE J 140 26.10 -44.92 12.89
N MSE J 141 27.29 -44.34 12.96
CA MSE J 141 27.46 -43.02 13.55
C MSE J 141 28.03 -42.02 12.56
O MSE J 141 29.03 -42.29 11.90
CB MSE J 141 28.37 -43.11 14.78
CG MSE J 141 27.83 -44.00 15.89
SE MSE J 141 29.05 -44.06 17.41
CE MSE J 141 29.35 -42.15 17.58
N GLN J 142 27.39 -40.86 12.46
CA GLN J 142 27.83 -39.77 11.61
C GLN J 142 28.21 -38.60 12.51
N ILE J 143 29.50 -38.27 12.55
CA ILE J 143 30.02 -37.20 13.39
C ILE J 143 30.46 -36.07 12.46
N PHE J 144 29.74 -34.96 12.52
CA PHE J 144 29.98 -33.81 11.64
C PHE J 144 30.48 -32.65 12.48
N THR J 145 31.77 -32.32 12.33
CA THR J 145 32.38 -31.18 12.99
C THR J 145 33.00 -30.27 11.95
N GLU J 146 33.37 -29.07 12.39
CA GLU J 146 34.07 -28.15 11.50
C GLU J 146 35.48 -28.63 11.17
N LYS J 147 36.04 -29.54 11.98
CA LYS J 147 37.35 -30.11 11.72
C LYS J 147 37.32 -31.28 10.75
N GLY J 148 36.14 -31.77 10.40
CA GLY J 148 36.05 -32.93 9.53
C GLY J 148 34.82 -33.75 9.85
N ASN J 149 34.53 -34.69 8.95
CA ASN J 149 33.37 -35.57 9.08
C ASN J 149 33.86 -37.00 9.21
N TYR J 150 33.26 -37.74 10.15
CA TYR J 150 33.71 -39.07 10.51
C TYR J 150 32.52 -40.01 10.59
N SER J 151 32.67 -41.20 10.01
CA SER J 151 31.65 -42.23 10.04
C SER J 151 32.13 -43.42 10.84
N ALA J 152 31.23 -44.02 11.61
CA ALA J 152 31.52 -45.19 12.44
C ALA J 152 30.51 -46.28 12.13
N GLU J 153 31.00 -47.45 11.73
CA GLU J 153 30.16 -48.61 11.46
C GLU J 153 30.53 -49.72 12.44
N ILE J 154 29.59 -50.09 13.29
CA ILE J 154 29.83 -51.01 14.40
C ILE J 154 28.94 -52.24 14.25
N LYS J 155 29.49 -53.42 14.54
CA LYS J 155 28.76 -54.67 14.46
C LYS J 155 29.22 -55.58 15.58
N ASP J 156 28.28 -55.95 16.46
CA ASP J 156 28.55 -56.86 17.58
C ASP J 156 29.65 -56.32 18.50
N GLY J 157 29.55 -55.03 18.83
CA GLY J 157 30.44 -54.41 19.79
C GLY J 157 31.77 -53.93 19.25
N VAL J 158 32.14 -54.32 18.03
CA VAL J 158 33.38 -53.87 17.41
C VAL J 158 33.02 -53.07 16.17
N GLY J 159 33.77 -52.00 15.93
CA GLY J 159 33.44 -51.09 14.85
C GLY J 159 34.68 -50.44 14.25
N LEU J 160 34.44 -49.62 13.23
CA LEU J 160 35.51 -48.95 12.49
C LEU J 160 35.12 -47.51 12.23
N VAL J 161 35.99 -46.58 12.63
CA VAL J 161 35.80 -45.16 12.35
C VAL J 161 36.84 -44.74 11.33
N GLN J 162 36.42 -43.90 10.39
CA GLN J 162 37.32 -43.47 9.32
C GLN J 162 36.87 -42.12 8.80
N THR J 163 37.80 -41.40 8.19
CA THR J 163 37.45 -40.20 7.45
C THR J 163 36.71 -40.61 6.19
N MSE J 164 35.73 -39.79 5.79
CA MSE J 164 34.82 -40.18 4.73
C MSE J 164 35.46 -40.27 3.35
O MSE J 164 34.84 -40.73 2.39
CB MSE J 164 33.62 -39.23 4.69
CG MSE J 164 32.72 -39.37 5.91
SE MSE J 164 30.98 -38.52 5.74
CE MSE J 164 30.14 -39.22 7.36
N ASP J 165 36.71 -39.83 3.24
CA ASP J 165 37.48 -40.09 2.02
C ASP J 165 37.81 -41.57 1.89
N GLU J 166 37.92 -42.28 3.02
CA GLU J 166 38.10 -43.73 3.00
C GLU J 166 36.86 -44.47 2.53
N GLY J 167 35.72 -43.78 2.45
CA GLY J 167 34.45 -44.44 2.18
C GLY J 167 34.23 -44.91 0.76
N VAL J 168 35.00 -44.42 -0.20
CA VAL J 168 34.78 -44.79 -1.59
C VAL J 168 36.08 -44.70 -2.38
N THR J 169 36.36 -45.73 -3.17
CA THR J 169 37.35 -45.69 -4.23
C THR J 169 36.73 -46.33 -5.47
N ASP J 170 36.81 -45.64 -6.60
CA ASP J 170 36.16 -46.11 -7.81
C ASP J 170 36.78 -45.42 -9.01
N GLN J 171 36.41 -45.91 -10.20
CA GLN J 171 36.90 -45.38 -11.46
C GLN J 171 35.74 -44.86 -12.29
N GLU J 172 36.01 -43.85 -13.12
CA GLU J 172 35.00 -43.38 -14.04
C GLU J 172 34.67 -44.48 -15.04
N LEU J 173 33.39 -44.72 -15.25
CA LEU J 173 32.92 -45.85 -16.05
C LEU J 173 32.49 -45.39 -17.44
N HIS J 174 32.93 -46.11 -18.46
CA HIS J 174 32.63 -45.81 -19.86
C HIS J 174 31.98 -47.02 -20.51
N HIS J 175 31.48 -46.81 -21.72
CA HIS J 175 30.82 -47.86 -22.50
C HIS J 175 31.82 -48.63 -23.36
N SER K 31 30.67 51.54 20.50
CA SER K 31 31.40 52.78 20.72
C SER K 31 31.40 53.67 19.48
N PRO K 32 30.28 54.33 19.22
CA PRO K 32 30.20 55.22 18.04
C PRO K 32 30.74 56.61 18.37
N SER K 33 31.55 57.15 17.46
CA SER K 33 32.20 58.43 17.68
C SER K 33 32.12 59.31 16.43
N GLU K 34 31.02 59.21 15.69
CA GLU K 34 30.80 60.04 14.52
C GLU K 34 29.33 60.01 14.15
N LYS K 35 28.94 60.95 13.29
CA LYS K 35 27.58 61.03 12.78
C LYS K 35 27.47 60.86 11.28
N GLU K 36 28.54 61.13 10.53
CA GLU K 36 28.59 60.88 9.08
C GLU K 36 29.30 59.57 8.77
N ARG K 37 29.08 58.56 9.61
CA ARG K 37 29.80 57.29 9.48
C ARG K 37 29.54 56.65 8.13
N LEU K 38 30.58 56.06 7.56
CA LEU K 38 30.52 55.40 6.26
C LEU K 38 30.24 53.92 6.48
N SER K 39 28.96 53.54 6.38
CA SER K 39 28.55 52.15 6.47
C SER K 39 28.08 51.58 5.14
N GLN K 40 28.03 52.42 4.09
CA GLN K 40 27.56 52.00 2.78
C GLN K 40 28.63 51.33 1.94
N GLN K 41 29.90 51.39 2.34
CA GLN K 41 30.96 50.80 1.53
C GLN K 41 30.89 49.29 1.60
N GLN K 42 31.01 48.66 0.43
CA GLN K 42 30.91 47.20 0.33
C GLN K 42 32.27 46.52 0.45
N ILE K 43 33.35 47.21 0.07
CA ILE K 43 34.68 46.60 0.14
C ILE K 43 35.02 46.30 1.58
N VAL K 44 35.32 45.02 1.86
CA VAL K 44 35.64 44.61 3.23
C VAL K 44 37.07 44.97 3.58
N PHE K 45 38.01 44.73 2.67
CA PHE K 45 39.42 45.00 2.93
C PHE K 45 40.11 45.41 1.63
N ASN K 46 41.31 45.97 1.78
CA ASN K 46 42.06 46.52 0.66
C ASN K 46 43.48 45.99 0.65
N GLU K 47 44.01 45.75 -0.55
CA GLU K 47 45.40 45.37 -0.70
C GLU K 47 46.33 46.49 -0.23
N VAL K 48 47.51 46.11 0.22
CA VAL K 48 48.53 47.08 0.62
C VAL K 48 49.89 46.41 0.67
N LYS K 66 53.87 34.63 3.87
CA LYS K 66 53.45 34.27 2.52
C LYS K 66 51.98 34.59 2.31
N GLY K 67 51.70 35.46 1.37
CA GLY K 67 50.34 35.79 1.01
C GLY K 67 50.19 37.26 0.69
N MSE K 68 48.98 37.76 0.88
CA MSE K 68 48.61 39.11 0.50
C MSE K 68 48.37 39.99 1.73
O MSE K 68 47.50 39.70 2.55
CB MSE K 68 47.36 39.07 -0.38
CG MSE K 68 47.15 40.29 -1.26
SE MSE K 68 45.52 40.07 -2.31
CE MSE K 68 44.28 39.85 -0.82
N VAL K 69 49.15 41.07 1.85
CA VAL K 69 49.01 41.98 2.98
C VAL K 69 47.74 42.82 2.79
N ILE K 70 47.01 43.02 3.88
CA ILE K 70 45.64 43.52 3.80
C ILE K 70 45.40 44.54 4.91
N LYS K 71 44.71 45.64 4.54
CA LYS K 71 44.22 46.62 5.50
C LYS K 71 42.72 46.42 5.70
N TYR K 72 42.28 46.53 6.95
CA TYR K 72 40.92 46.14 7.30
C TYR K 72 40.38 47.06 8.40
N ASP K 73 39.11 47.42 8.28
CA ASP K 73 38.42 48.23 9.28
C ASP K 73 37.30 47.40 9.89
N PRO K 74 37.37 47.04 11.18
CA PRO K 74 36.34 46.17 11.76
C PRO K 74 34.97 46.84 11.88
N LYS K 75 34.90 48.17 11.88
CA LYS K 75 33.61 48.84 12.03
C LYS K 75 32.76 48.74 10.77
N VAL K 76 33.34 48.40 9.63
CA VAL K 76 32.57 48.31 8.39
C VAL K 76 31.59 47.15 8.45
N ILE K 77 32.04 45.98 8.91
CA ILE K 77 31.17 44.82 8.96
C ILE K 77 30.17 44.94 10.10
N GLU K 78 30.54 45.61 11.20
CA GLU K 78 29.64 45.71 12.34
C GLU K 78 28.43 46.61 12.06
N LEU K 79 28.51 47.48 11.06
CA LEU K 79 27.39 48.31 10.67
C LEU K 79 26.56 47.69 9.56
N LYS K 80 26.78 46.41 9.26
CA LYS K 80 26.03 45.70 8.24
C LYS K 80 24.93 44.86 8.89
N LYS K 81 23.74 44.92 8.31
CA LYS K 81 22.62 44.08 8.72
C LYS K 81 22.39 42.98 7.69
N VAL K 82 21.48 42.07 8.03
CA VAL K 82 21.14 40.98 7.11
C VAL K 82 20.52 41.58 5.85
N GLY K 83 21.10 41.25 4.70
CA GLY K 83 20.64 41.77 3.42
C GLY K 83 21.56 42.78 2.80
N ASP K 84 22.51 43.34 3.54
CA ASP K 84 23.42 44.33 3.00
C ASP K 84 24.46 43.67 2.11
N THR K 85 25.03 44.46 1.21
CA THR K 85 25.97 43.97 0.20
C THR K 85 27.40 44.25 0.64
N VAL K 86 28.26 43.24 0.49
CA VAL K 86 29.69 43.38 0.70
C VAL K 86 30.40 42.99 -0.59
N LYS K 87 31.65 43.41 -0.70
CA LYS K 87 32.44 43.18 -1.92
C LYS K 87 33.82 42.69 -1.57
N PHE K 88 34.28 41.66 -2.28
CA PHE K 88 35.60 41.08 -2.10
C PHE K 88 36.45 41.36 -3.32
N GLN K 89 37.68 41.82 -3.11
CA GLN K 89 38.61 42.11 -4.20
C GLN K 89 39.96 41.46 -3.89
N MSE K 90 40.24 40.36 -4.58
CA MSE K 90 41.55 39.74 -4.55
C MSE K 90 41.98 39.51 -6.01
O MSE K 90 41.78 38.43 -6.56
CB MSE K 90 41.52 38.43 -3.77
CG MSE K 90 41.39 38.64 -2.27
SE MSE K 90 40.44 37.19 -1.36
CE MSE K 90 38.63 37.70 -1.86
N LEU K 91 42.58 40.55 -6.60
CA LEU K 91 42.79 40.54 -8.04
C LEU K 91 43.90 39.57 -8.44
N GLU K 92 44.95 39.47 -7.62
CA GLU K 92 46.00 38.50 -7.92
C GLU K 92 45.46 37.07 -7.86
N TYR K 93 44.44 36.84 -7.03
CA TYR K 93 43.80 35.54 -6.92
C TYR K 93 42.60 35.39 -7.83
N GLY K 94 42.29 36.40 -8.64
CA GLY K 94 41.19 36.30 -9.57
C GLY K 94 39.81 36.39 -8.94
N ILE K 95 39.69 37.03 -7.78
CA ILE K 95 38.41 37.16 -7.08
C ILE K 95 38.02 38.63 -7.08
N ASN K 96 36.90 38.95 -7.73
CA ASN K 96 36.34 40.30 -7.73
C ASN K 96 34.82 40.14 -7.87
N ARG K 97 34.13 40.12 -6.73
CA ARG K 97 32.70 39.82 -6.74
C ARG K 97 32.07 40.38 -5.46
N THR K 98 30.74 40.37 -5.44
CA THR K 98 29.95 40.90 -4.33
C THR K 98 29.08 39.79 -3.75
N GLY K 99 28.50 40.08 -2.58
CA GLY K 99 27.65 39.13 -1.91
C GLY K 99 26.77 39.83 -0.90
N LYS K 100 25.81 39.07 -0.37
CA LYS K 100 24.81 39.57 0.57
C LYS K 100 24.98 38.87 1.92
N ILE K 101 24.97 39.65 2.99
CA ILE K 101 24.92 39.07 4.34
C ILE K 101 23.58 38.38 4.52
N VAL K 102 23.61 37.12 4.92
CA VAL K 102 22.39 36.33 5.09
C VAL K 102 22.11 35.98 6.55
N GLU K 103 23.07 36.13 7.46
CA GLU K 103 22.89 35.63 8.82
C GLU K 103 23.94 36.19 9.78
N ILE K 104 23.50 36.71 10.92
CA ILE K 104 24.39 37.25 11.94
C ILE K 104 24.10 36.50 13.24
N GLU K 105 25.10 35.79 13.76
CA GLU K 105 24.90 34.94 14.94
C GLU K 105 25.98 35.23 15.98
N PRO K 106 25.63 35.66 17.19
CA PRO K 106 26.64 35.77 18.25
C PRO K 106 27.11 34.41 18.69
N VAL K 107 28.40 34.13 18.49
CA VAL K 107 28.99 32.85 18.88
C VAL K 107 29.46 32.85 20.32
N ASP K 108 29.73 34.01 20.91
CA ASP K 108 30.24 34.11 22.26
C ASP K 108 29.97 35.52 22.76
N GLN K 109 30.45 35.83 23.98
CA GLN K 109 30.22 37.16 24.54
C GLN K 109 30.98 38.23 23.77
N ASP K 110 32.09 37.84 23.13
CA ASP K 110 32.99 38.76 22.46
C ASP K 110 33.05 38.53 20.95
N ILE K 111 32.56 37.39 20.47
CA ILE K 111 32.75 36.97 19.08
C ILE K 111 31.40 36.91 18.39
N VAL K 112 31.32 37.52 17.20
CA VAL K 112 30.14 37.51 16.36
C VAL K 112 30.57 37.01 14.98
N ARG K 113 29.73 36.17 14.36
CA ARG K 113 30.01 35.61 13.05
C ARG K 113 28.98 36.11 12.03
N TRP K 114 29.47 36.65 10.92
CA TRP K 114 28.64 37.00 9.78
C TRP K 114 28.79 35.93 8.69
N THR K 115 27.66 35.52 8.12
CA THR K 115 27.64 34.57 7.02
C THR K 115 26.90 35.17 5.84
N GLY K 116 27.44 34.98 4.63
CA GLY K 116 26.82 35.51 3.43
C GLY K 116 27.03 34.60 2.24
N ARG K 117 26.24 34.86 1.19
CA ARG K 117 26.33 34.15 -0.07
C ARG K 117 26.58 35.12 -1.21
N PHE K 118 27.23 34.63 -2.26
CA PHE K 118 27.60 35.44 -3.40
C PHE K 118 26.46 35.56 -4.41
N ASP K 119 26.46 36.67 -5.14
CA ASP K 119 25.37 36.94 -6.08
C ASP K 119 25.42 35.99 -7.29
N GLN K 120 26.61 35.59 -7.71
CA GLN K 120 26.77 34.64 -8.81
C GLN K 120 27.52 33.42 -8.29
N GLY K 121 27.48 32.34 -9.07
CA GLY K 121 28.21 31.14 -8.75
C GLY K 121 27.27 29.96 -8.56
N ASP K 122 27.67 29.05 -7.68
CA ASP K 122 26.80 27.95 -7.27
C ASP K 122 26.03 28.35 -6.02
N PRO K 123 24.72 28.55 -6.10
CA PRO K 123 23.96 28.97 -4.91
C PRO K 123 23.97 27.93 -3.81
N ASN K 124 24.24 26.67 -4.15
CA ASN K 124 24.21 25.56 -3.19
C ASN K 124 25.52 25.38 -2.45
N GLN K 125 26.64 25.84 -3.02
CA GLN K 125 27.97 25.52 -2.49
C GLN K 125 28.73 26.71 -1.93
N ASN K 126 28.65 27.87 -2.57
CA ASN K 126 29.51 28.99 -2.24
C ASN K 126 28.93 29.85 -1.11
N PHE K 127 29.83 30.37 -0.27
CA PHE K 127 29.47 31.25 0.84
C PHE K 127 30.76 31.77 1.46
N PHE K 128 30.61 32.70 2.39
CA PHE K 128 31.75 33.26 3.11
C PHE K 128 31.36 33.50 4.57
N THR K 129 32.38 33.56 5.43
CA THR K 129 32.17 33.76 6.86
C THR K 129 33.15 34.80 7.38
N ILE K 130 32.67 35.66 8.27
CA ILE K 130 33.50 36.66 8.94
C ILE K 130 33.28 36.49 10.44
N THR K 131 34.30 36.04 11.15
CA THR K 131 34.24 35.81 12.59
C THR K 131 35.18 36.80 13.26
N GLN K 132 34.64 37.60 14.17
CA GLN K 132 35.34 38.78 14.68
C GLN K 132 35.25 38.86 16.20
N SER K 133 36.39 39.04 16.84
CA SER K 133 36.45 39.34 18.27
C SER K 133 36.56 40.84 18.48
N GLN K 134 35.82 41.35 19.46
CA GLN K 134 35.86 42.79 19.71
C GLN K 134 36.99 43.21 20.65
N LYS K 135 37.13 42.53 21.79
CA LYS K 135 38.16 42.91 22.76
C LYS K 135 39.54 42.85 22.12
N ASP K 136 39.90 41.68 21.60
CA ASP K 136 41.06 41.54 20.74
C ASP K 136 40.63 41.88 19.31
N HIS K 137 41.22 42.91 18.74
CA HIS K 137 40.83 43.34 17.39
C HIS K 137 41.32 42.32 16.37
N TYR K 138 40.67 41.16 16.36
CA TYR K 138 41.10 39.98 15.62
C TYR K 138 39.92 39.43 14.83
N THR K 139 40.14 39.20 13.53
CA THR K 139 39.09 38.74 12.64
C THR K 139 39.64 37.63 11.75
N ILE K 140 38.86 36.56 11.61
CA ILE K 140 39.19 35.46 10.71
C ILE K 140 38.10 35.36 9.65
N MSE K 141 38.51 35.35 8.39
CA MSE K 141 37.57 35.28 7.29
C MSE K 141 37.80 34.03 6.45
O MSE K 141 38.95 33.61 6.24
CB MSE K 141 37.69 36.53 6.41
CG MSE K 141 37.64 37.83 7.17
SE MSE K 141 37.87 39.37 6.00
CE MSE K 141 36.33 39.08 4.86
N GLN K 142 36.72 33.43 5.98
CA GLN K 142 36.76 32.23 5.14
C GLN K 142 35.93 32.48 3.90
N ILE K 143 36.58 32.55 2.75
CA ILE K 143 35.93 32.85 1.48
C ILE K 143 35.97 31.58 0.63
N PHE K 144 34.79 31.00 0.37
CA PHE K 144 34.67 29.74 -0.35
C PHE K 144 34.00 30.01 -1.70
N THR K 145 34.79 29.94 -2.76
CA THR K 145 34.30 30.07 -4.13
C THR K 145 34.67 28.83 -4.93
N GLU K 146 34.05 28.69 -6.10
CA GLU K 146 34.40 27.59 -7.00
C GLU K 146 35.79 27.77 -7.59
N LYS K 147 36.33 28.99 -7.59
CA LYS K 147 37.67 29.24 -8.11
C LYS K 147 38.77 28.98 -7.08
N GLY K 148 38.41 28.74 -5.84
CA GLY K 148 39.40 28.53 -4.79
C GLY K 148 38.88 29.01 -3.45
N ASN K 149 39.62 28.63 -2.41
CA ASN K 149 39.27 28.97 -1.04
C ASN K 149 40.37 29.84 -0.45
N TYR K 150 39.95 30.90 0.26
CA TYR K 150 40.88 31.90 0.75
C TYR K 150 40.58 32.20 2.22
N SER K 151 41.64 32.28 3.01
CA SER K 151 41.53 32.59 4.44
C SER K 151 42.19 33.93 4.72
N ALA K 152 41.57 34.71 5.62
CA ALA K 152 42.09 36.01 6.01
C ALA K 152 42.19 36.06 7.52
N GLU K 153 43.38 36.35 8.03
CA GLU K 153 43.63 36.51 9.45
C GLU K 153 44.07 37.94 9.70
N ILE K 154 43.27 38.70 10.45
CA ILE K 154 43.47 40.12 10.63
C ILE K 154 43.64 40.42 12.12
N LYS K 155 44.58 41.32 12.43
CA LYS K 155 44.84 41.72 13.81
C LYS K 155 45.18 43.20 13.83
N ASP K 156 44.36 43.98 14.55
CA ASP K 156 44.57 45.42 14.72
C ASP K 156 44.62 46.15 13.38
N GLY K 157 43.67 45.82 12.51
CA GLY K 157 43.51 46.50 11.24
C GLY K 157 44.40 46.02 10.12
N VAL K 158 45.41 45.20 10.41
CA VAL K 158 46.30 44.65 9.39
C VAL K 158 46.12 43.14 9.38
N GLY K 159 46.13 42.56 8.18
CA GLY K 159 45.84 41.15 8.05
C GLY K 159 46.59 40.54 6.88
N LEU K 160 46.40 39.24 6.70
CA LEU K 160 47.06 38.47 5.66
C LEU K 160 46.05 37.53 5.01
N VAL K 161 45.94 37.61 3.69
CA VAL K 161 45.08 36.72 2.91
C VAL K 161 45.98 35.80 2.10
N GLN K 162 45.61 34.53 2.05
CA GLN K 162 46.42 33.54 1.36
C GLN K 162 45.54 32.38 0.91
N THR K 163 46.00 31.67 -0.10
CA THR K 163 45.36 30.41 -0.47
C THR K 163 45.67 29.39 0.61
N MSE K 164 44.72 28.48 0.84
CA MSE K 164 44.84 27.57 1.97
C MSE K 164 46.00 26.58 1.83
O MSE K 164 46.34 25.89 2.79
CB MSE K 164 43.52 26.82 2.17
CG MSE K 164 42.40 27.73 2.65
SE MSE K 164 40.75 26.79 3.06
CE MSE K 164 39.77 28.29 3.85
N ASP K 165 46.61 26.51 0.64
CA ASP K 165 47.80 25.70 0.49
C ASP K 165 48.98 26.31 1.25
N GLU K 166 48.99 27.63 1.40
CA GLU K 166 49.99 28.31 2.22
C GLU K 166 49.76 28.08 3.71
N GLY K 167 48.61 27.52 4.10
CA GLY K 167 48.24 27.43 5.49
C GLY K 167 48.99 26.40 6.29
N VAL K 168 49.68 25.47 5.64
CA VAL K 168 50.39 24.41 6.36
C VAL K 168 51.59 23.95 5.55
N THR K 169 52.73 23.82 6.23
CA THR K 169 53.90 23.11 5.75
C THR K 169 54.41 22.19 6.85
N ASP K 170 54.62 20.92 6.52
CA ASP K 170 55.00 19.94 7.51
C ASP K 170 55.59 18.72 6.81
N GLN K 171 56.17 17.85 7.61
CA GLN K 171 56.75 16.60 7.14
C GLN K 171 56.02 15.44 7.82
N GLU K 172 55.96 14.30 7.13
CA GLU K 172 55.39 13.11 7.74
C GLU K 172 56.23 12.69 8.94
N LEU K 173 55.56 12.39 10.05
CA LEU K 173 56.23 12.12 11.31
C LEU K 173 56.23 10.61 11.57
N HIS K 174 57.40 10.09 11.94
CA HIS K 174 57.57 8.67 12.20
C HIS K 174 58.10 8.45 13.61
N HIS K 175 58.10 7.18 14.02
CA HIS K 175 58.54 6.77 15.34
C HIS K 175 60.03 6.45 15.34
N ASP K 176 60.56 6.09 16.50
CA ASP K 176 61.96 5.69 16.63
C ASP K 176 62.18 4.30 16.05
N GLU L 36 -22.25 -13.35 -61.61
CA GLU L 36 -20.82 -13.08 -61.52
C GLU L 36 -20.51 -12.18 -60.32
N ARG L 37 -21.54 -11.85 -59.55
CA ARG L 37 -21.33 -11.15 -58.29
C ARG L 37 -20.57 -12.01 -57.30
N LEU L 38 -20.65 -13.34 -57.44
CA LEU L 38 -19.95 -14.26 -56.56
C LEU L 38 -18.46 -14.26 -56.86
N SER L 39 -17.76 -13.20 -56.48
CA SER L 39 -16.32 -13.08 -56.63
C SER L 39 -15.60 -13.20 -55.29
N GLN L 40 -16.13 -14.05 -54.40
CA GLN L 40 -15.47 -14.33 -53.13
C GLN L 40 -14.50 -15.50 -53.30
N GLN L 41 -13.56 -15.32 -54.21
CA GLN L 41 -12.45 -16.24 -54.41
C GLN L 41 -11.22 -15.70 -53.70
N GLN L 42 -10.34 -16.61 -53.29
CA GLN L 42 -9.31 -16.29 -52.31
C GLN L 42 -8.02 -15.78 -52.93
N ILE L 43 -7.66 -16.23 -54.13
CA ILE L 43 -6.41 -15.81 -54.74
C ILE L 43 -6.51 -14.34 -55.13
N VAL L 44 -5.52 -13.55 -54.71
CA VAL L 44 -5.54 -12.11 -54.94
C VAL L 44 -5.11 -11.78 -56.36
N PHE L 45 -3.97 -12.30 -56.80
CA PHE L 45 -3.42 -11.99 -58.11
C PHE L 45 -2.85 -13.26 -58.72
N ASN L 46 -2.40 -13.15 -59.98
CA ASN L 46 -1.91 -14.31 -60.73
C ASN L 46 -0.66 -13.93 -61.50
N GLU L 47 0.27 -14.89 -61.57
CA GLU L 47 1.49 -14.70 -62.36
C GLU L 47 1.17 -14.66 -63.85
N VAL L 48 2.04 -13.98 -64.60
CA VAL L 48 1.93 -13.95 -66.05
C VAL L 48 3.25 -13.46 -66.65
N ALA L 65 12.88 -1.87 -64.04
CA ALA L 65 11.77 -2.84 -64.03
C ALA L 65 12.30 -4.26 -63.86
N LYS L 66 12.31 -4.72 -62.61
CA LYS L 66 12.79 -6.07 -62.28
C LYS L 66 11.91 -6.64 -61.19
N GLY L 67 11.43 -7.86 -61.39
CA GLY L 67 10.58 -8.52 -60.43
C GLY L 67 9.65 -9.49 -61.13
N MSE L 68 8.43 -9.59 -60.63
CA MSE L 68 7.46 -10.55 -61.12
C MSE L 68 6.20 -9.86 -61.67
O MSE L 68 5.46 -9.23 -60.92
CB MSE L 68 7.08 -11.54 -60.02
CG MSE L 68 6.30 -12.75 -60.47
SE MSE L 68 5.92 -13.91 -58.96
CE MSE L 68 4.93 -12.65 -57.87
N VAL L 69 5.98 -9.99 -62.98
CA VAL L 69 4.80 -9.40 -63.60
C VAL L 69 3.55 -10.17 -63.15
N ILE L 70 2.49 -9.43 -62.87
CA ILE L 70 1.34 -9.97 -62.14
C ILE L 70 0.06 -9.34 -62.66
N LYS L 71 -0.98 -10.16 -62.80
CA LYS L 71 -2.31 -9.73 -63.21
C LYS L 71 -3.20 -9.61 -61.98
N TYR L 72 -4.02 -8.57 -61.93
CA TYR L 72 -4.77 -8.24 -60.72
C TYR L 72 -6.15 -7.69 -61.08
N ASP L 73 -7.15 -8.07 -60.29
CA ASP L 73 -8.51 -7.57 -60.42
C ASP L 73 -8.87 -6.82 -59.15
N PRO L 74 -9.17 -5.52 -59.22
CA PRO L 74 -9.43 -4.75 -57.99
C PRO L 74 -10.77 -5.06 -57.34
N LYS L 75 -11.71 -5.67 -58.06
CA LYS L 75 -13.05 -5.89 -57.52
C LYS L 75 -13.09 -7.04 -56.51
N VAL L 76 -12.15 -7.99 -56.59
CA VAL L 76 -12.21 -9.16 -55.71
C VAL L 76 -11.87 -8.76 -54.27
N ILE L 77 -11.01 -7.77 -54.08
CA ILE L 77 -10.68 -7.30 -52.74
C ILE L 77 -11.82 -6.46 -52.17
N GLU L 78 -12.46 -5.64 -53.02
CA GLU L 78 -13.51 -4.75 -52.54
C GLU L 78 -14.75 -5.50 -52.10
N LEU L 79 -14.88 -6.78 -52.45
CA LEU L 79 -16.00 -7.60 -51.99
C LEU L 79 -15.67 -8.37 -50.72
N LYS L 80 -14.50 -8.13 -50.14
CA LYS L 80 -14.07 -8.82 -48.92
C LYS L 80 -14.36 -7.94 -47.72
N LYS L 81 -14.93 -8.53 -46.67
CA LYS L 81 -15.15 -7.85 -45.40
C LYS L 81 -14.22 -8.44 -44.34
N VAL L 82 -14.33 -7.93 -43.12
CA VAL L 82 -13.48 -8.39 -42.03
C VAL L 82 -13.81 -9.85 -41.72
N GLY L 83 -12.81 -10.71 -41.80
CA GLY L 83 -12.95 -12.12 -41.53
C GLY L 83 -12.87 -13.02 -42.75
N ASP L 84 -12.96 -12.46 -43.96
CA ASP L 84 -12.91 -13.27 -45.16
C ASP L 84 -11.50 -13.77 -45.43
N THR L 85 -11.41 -14.87 -46.18
CA THR L 85 -10.15 -15.54 -46.44
C THR L 85 -9.51 -15.03 -47.72
N VAL L 86 -8.20 -14.85 -47.69
CA VAL L 86 -7.42 -14.38 -48.82
C VAL L 86 -6.18 -15.27 -48.96
N LYS L 87 -5.83 -15.64 -50.18
CA LYS L 87 -4.73 -16.55 -50.45
C LYS L 87 -3.65 -15.87 -51.28
N PHE L 88 -2.40 -16.12 -50.91
CA PHE L 88 -1.24 -15.62 -51.63
C PHE L 88 -0.46 -16.79 -52.20
N GLN L 89 -0.14 -16.73 -53.50
CA GLN L 89 0.65 -17.76 -54.15
C GLN L 89 1.80 -17.08 -54.90
N MSE L 90 3.00 -17.19 -54.35
CA MSE L 90 4.22 -16.76 -55.04
C MSE L 90 5.23 -17.89 -54.99
O MSE L 90 6.08 -17.95 -54.10
CB MSE L 90 4.77 -15.48 -54.39
CG MSE L 90 4.04 -14.23 -54.83
SE MSE L 90 4.03 -12.82 -53.49
CE MSE L 90 2.74 -13.62 -52.27
N LEU L 91 5.14 -18.79 -55.97
CA LEU L 91 5.93 -20.01 -55.94
C LEU L 91 7.41 -19.72 -56.17
N GLU L 92 7.73 -18.77 -57.06
CA GLU L 92 9.11 -18.46 -57.35
C GLU L 92 9.83 -17.85 -56.16
N TYR L 93 9.10 -17.23 -55.23
CA TYR L 93 9.67 -16.65 -54.03
C TYR L 93 9.42 -17.49 -52.78
N GLY L 94 8.76 -18.64 -52.93
CA GLY L 94 8.53 -19.50 -51.79
C GLY L 94 7.40 -19.09 -50.88
N ILE L 95 6.35 -18.49 -51.43
CA ILE L 95 5.22 -17.99 -50.64
C ILE L 95 3.96 -18.69 -51.14
N ASN L 96 3.38 -19.53 -50.29
CA ASN L 96 2.10 -20.19 -50.55
C ASN L 96 1.35 -20.22 -49.23
N ARG L 97 0.52 -19.19 -49.00
CA ARG L 97 -0.10 -19.00 -47.69
C ARG L 97 -1.52 -18.47 -47.88
N THR L 98 -2.31 -18.61 -46.82
CA THR L 98 -3.67 -18.07 -46.76
C THR L 98 -3.79 -17.19 -45.53
N GLY L 99 -4.68 -16.19 -45.62
CA GLY L 99 -4.85 -15.25 -44.54
C GLY L 99 -6.29 -14.79 -44.43
N LYS L 100 -6.55 -13.97 -43.42
CA LYS L 100 -7.87 -13.44 -43.14
C LYS L 100 -7.80 -11.92 -42.99
N ILE L 101 -8.80 -11.23 -43.53
CA ILE L 101 -8.90 -9.78 -43.35
C ILE L 101 -9.24 -9.49 -41.90
N VAL L 102 -8.50 -8.54 -41.31
CA VAL L 102 -8.65 -8.26 -39.88
C VAL L 102 -9.19 -6.85 -39.67
N GLU L 103 -8.85 -5.93 -40.57
CA GLU L 103 -9.24 -4.54 -40.40
C GLU L 103 -9.32 -3.85 -41.75
N ILE L 104 -10.40 -3.09 -41.95
CA ILE L 104 -10.61 -2.31 -43.17
C ILE L 104 -10.75 -0.85 -42.74
N GLU L 105 -9.82 -0.01 -43.19
CA GLU L 105 -9.76 1.38 -42.76
C GLU L 105 -9.79 2.30 -43.97
N PRO L 106 -10.80 3.17 -44.10
CA PRO L 106 -10.78 4.19 -45.15
C PRO L 106 -9.72 5.25 -44.84
N VAL L 107 -8.76 5.41 -45.76
CA VAL L 107 -7.71 6.41 -45.55
C VAL L 107 -8.21 7.78 -46.01
N ASP L 108 -9.15 7.80 -46.95
CA ASP L 108 -9.80 9.01 -47.47
C ASP L 108 -11.02 8.50 -48.24
N GLN L 109 -11.72 9.39 -48.96
CA GLN L 109 -12.86 8.95 -49.73
C GLN L 109 -12.48 8.02 -50.87
N ASP L 110 -11.23 8.07 -51.35
CA ASP L 110 -10.84 7.33 -52.53
C ASP L 110 -9.91 6.17 -52.25
N ILE L 111 -9.24 6.15 -51.10
CA ILE L 111 -8.23 5.15 -50.78
C ILE L 111 -8.73 4.37 -49.57
N VAL L 112 -8.72 3.04 -49.69
CA VAL L 112 -9.09 2.14 -48.61
C VAL L 112 -7.94 1.16 -48.39
N ARG L 113 -7.65 0.86 -47.13
CA ARG L 113 -6.59 -0.06 -46.78
C ARG L 113 -7.17 -1.30 -46.11
N TRP L 114 -6.82 -2.46 -46.63
CA TRP L 114 -7.15 -3.74 -46.02
C TRP L 114 -5.92 -4.28 -45.30
N THR L 115 -6.12 -4.76 -44.07
CA THR L 115 -5.06 -5.38 -43.28
C THR L 115 -5.49 -6.78 -42.89
N GLY L 116 -4.56 -7.74 -42.99
CA GLY L 116 -4.86 -9.11 -42.66
C GLY L 116 -3.67 -9.81 -42.04
N ARG L 117 -3.95 -10.97 -41.43
CA ARG L 117 -2.92 -11.80 -40.82
C ARG L 117 -2.95 -13.19 -41.45
N PHE L 118 -1.79 -13.84 -41.46
CA PHE L 118 -1.66 -15.16 -42.08
C PHE L 118 -2.05 -16.25 -41.10
N ASP L 119 -2.58 -17.35 -41.65
CA ASP L 119 -3.04 -18.47 -40.82
C ASP L 119 -1.88 -19.30 -40.28
N GLN L 120 -0.80 -19.46 -41.05
CA GLN L 120 0.36 -20.28 -40.68
C GLN L 120 1.63 -19.44 -40.69
N GLY L 121 1.94 -18.84 -39.54
CA GLY L 121 3.18 -18.12 -39.32
C GLY L 121 3.36 -17.80 -37.86
N ASP L 122 4.03 -16.71 -37.54
CA ASP L 122 4.06 -16.18 -36.19
C ASP L 122 2.94 -15.16 -36.10
N PRO L 123 1.88 -15.40 -35.31
CA PRO L 123 0.72 -14.48 -35.32
C PRO L 123 1.05 -13.06 -34.87
N ASN L 124 2.15 -12.85 -34.15
CA ASN L 124 2.46 -11.54 -33.61
C ASN L 124 3.15 -10.62 -34.60
N GLN L 125 3.85 -11.15 -35.60
CA GLN L 125 4.70 -10.34 -36.45
C GLN L 125 4.24 -10.26 -37.90
N ASN L 126 3.74 -11.36 -38.47
CA ASN L 126 3.46 -11.42 -39.90
C ASN L 126 2.07 -10.87 -40.18
N PHE L 127 1.94 -10.19 -41.32
CA PHE L 127 0.69 -9.59 -41.75
C PHE L 127 0.87 -9.07 -43.17
N PHE L 128 -0.22 -8.61 -43.77
CA PHE L 128 -0.20 -8.03 -45.10
C PHE L 128 -1.16 -6.85 -45.16
N THR L 129 -0.90 -5.95 -46.12
CA THR L 129 -1.72 -4.77 -46.31
C THR L 129 -2.00 -4.58 -47.79
N ILE L 130 -3.23 -4.19 -48.12
CA ILE L 130 -3.63 -3.87 -49.48
C ILE L 130 -4.27 -2.49 -49.45
N THR L 131 -3.61 -1.51 -50.07
CA THR L 131 -4.08 -0.14 -50.13
C THR L 131 -4.41 0.20 -51.58
N GLN L 132 -5.65 0.61 -51.82
CA GLN L 132 -6.19 0.68 -53.18
C GLN L 132 -6.90 2.01 -53.41
N SER L 133 -6.58 2.65 -54.54
CA SER L 133 -7.29 3.82 -55.00
C SER L 133 -8.37 3.41 -56.00
N GLN L 134 -9.55 4.04 -55.90
CA GLN L 134 -10.66 3.69 -56.78
C GLN L 134 -10.61 4.46 -58.09
N LYS L 135 -10.46 5.79 -58.00
CA LYS L 135 -10.47 6.62 -59.20
C LYS L 135 -9.33 6.27 -60.14
N ASP L 136 -8.12 6.19 -59.60
CA ASP L 136 -6.99 5.64 -60.33
C ASP L 136 -6.86 4.16 -59.97
N HIS L 137 -6.90 3.30 -60.97
CA HIS L 137 -6.82 1.86 -60.73
C HIS L 137 -5.41 1.47 -60.28
N TYR L 138 -5.07 1.85 -59.05
CA TYR L 138 -3.71 1.73 -58.53
C TYR L 138 -3.77 1.11 -57.15
N THR L 139 -2.96 0.06 -56.94
CA THR L 139 -2.94 -0.68 -55.68
C THR L 139 -1.50 -0.95 -55.28
N ILE L 140 -1.20 -0.74 -54.01
CA ILE L 140 0.11 -1.06 -53.43
C ILE L 140 -0.09 -2.10 -52.35
N MSE L 141 0.69 -3.19 -52.42
CA MSE L 141 0.57 -4.27 -51.46
C MSE L 141 1.89 -4.53 -50.74
O MSE L 141 2.96 -4.37 -51.32
CB MSE L 141 0.10 -5.54 -52.15
CG MSE L 141 -1.22 -5.40 -52.89
SE MSE L 141 -1.69 -7.04 -53.82
CE MSE L 141 -1.49 -8.26 -52.33
N GLN L 142 1.80 -4.91 -49.46
CA GLN L 142 2.97 -5.17 -48.62
C GLN L 142 2.77 -6.52 -47.95
N ILE L 143 3.60 -7.49 -48.31
CA ILE L 143 3.53 -8.85 -47.79
C ILE L 143 4.72 -9.08 -46.89
N PHE L 144 4.47 -9.25 -45.60
CA PHE L 144 5.52 -9.40 -44.59
C PHE L 144 5.47 -10.82 -44.01
N THR L 145 6.46 -11.63 -44.38
CA THR L 145 6.62 -12.97 -43.84
C THR L 145 8.01 -13.11 -43.23
N GLU L 146 8.20 -14.18 -42.46
CA GLU L 146 9.51 -14.46 -41.91
C GLU L 146 10.51 -14.89 -42.97
N LYS L 147 10.04 -15.37 -44.13
CA LYS L 147 10.92 -15.76 -45.22
C LYS L 147 11.33 -14.59 -46.10
N GLY L 148 10.76 -13.41 -45.90
CA GLY L 148 11.09 -12.27 -46.72
C GLY L 148 9.89 -11.33 -46.85
N ASN L 149 10.17 -10.15 -47.37
CA ASN L 149 9.18 -9.09 -47.53
C ASN L 149 9.03 -8.76 -49.02
N TYR L 150 7.78 -8.62 -49.45
CA TYR L 150 7.47 -8.44 -50.87
C TYR L 150 6.51 -7.29 -51.04
N SER L 151 6.78 -6.42 -52.01
CA SER L 151 5.94 -5.28 -52.34
C SER L 151 5.36 -5.46 -53.73
N ALA L 152 4.09 -5.07 -53.90
CA ALA L 152 3.41 -5.18 -55.18
C ALA L 152 2.83 -3.81 -55.54
N GLU L 153 3.20 -3.30 -56.71
CA GLU L 153 2.69 -2.05 -57.23
C GLU L 153 1.91 -2.34 -58.50
N ILE L 154 0.61 -2.05 -58.49
CA ILE L 154 -0.30 -2.43 -59.56
C ILE L 154 -0.94 -1.18 -60.14
N LYS L 155 -1.07 -1.15 -61.46
CA LYS L 155 -1.66 -0.03 -62.17
C LYS L 155 -2.46 -0.56 -63.35
N ASP L 156 -3.77 -0.31 -63.35
CA ASP L 156 -4.67 -0.71 -64.44
C ASP L 156 -4.63 -2.23 -64.65
N GLY L 157 -4.71 -2.97 -63.54
CA GLY L 157 -4.82 -4.41 -63.59
C GLY L 157 -3.52 -5.17 -63.75
N VAL L 158 -2.42 -4.51 -64.08
CA VAL L 158 -1.12 -5.14 -64.23
C VAL L 158 -0.19 -4.57 -63.18
N GLY L 159 0.66 -5.41 -62.60
CA GLY L 159 1.50 -4.99 -61.50
C GLY L 159 2.82 -5.73 -61.48
N LEU L 160 3.66 -5.37 -60.51
CA LEU L 160 5.00 -5.91 -60.37
C LEU L 160 5.28 -6.18 -58.90
N VAL L 161 5.68 -7.41 -58.57
CA VAL L 161 6.07 -7.79 -57.23
C VAL L 161 7.58 -8.04 -57.20
N GLN L 162 8.23 -7.59 -56.13
CA GLN L 162 9.67 -7.69 -56.00
C GLN L 162 10.03 -7.69 -54.52
N THR L 163 11.21 -8.24 -54.23
CA THR L 163 11.75 -8.09 -52.89
C THR L 163 12.19 -6.63 -52.66
N MSE L 164 12.24 -6.24 -51.40
CA MSE L 164 12.44 -4.83 -51.07
C MSE L 164 13.90 -4.39 -51.15
O MSE L 164 14.20 -3.22 -50.92
CB MSE L 164 11.88 -4.54 -49.67
CG MSE L 164 10.36 -4.59 -49.61
SE MSE L 164 9.62 -3.88 -47.96
CE MSE L 164 7.73 -3.99 -48.42
N ASP L 165 14.80 -5.31 -51.50
CA ASP L 165 16.18 -4.90 -51.75
C ASP L 165 16.30 -4.20 -53.11
N GLU L 166 15.47 -4.59 -54.08
CA GLU L 166 15.39 -3.88 -55.35
C GLU L 166 14.69 -2.53 -55.22
N GLY L 167 14.08 -2.23 -54.07
CA GLY L 167 13.27 -1.04 -53.97
C GLY L 167 14.07 0.24 -53.97
N VAL L 168 15.37 0.16 -53.72
CA VAL L 168 16.24 1.33 -53.72
C VAL L 168 17.66 0.90 -54.07
N THR L 169 18.28 1.60 -55.01
CA THR L 169 19.70 1.53 -55.26
C THR L 169 20.21 2.96 -55.42
N ASP L 170 21.27 3.31 -54.69
CA ASP L 170 21.74 4.69 -54.68
C ASP L 170 23.16 4.71 -54.14
N GLN L 171 23.77 5.89 -54.25
CA GLN L 171 25.11 6.13 -53.75
C GLN L 171 25.04 7.20 -52.65
N GLU L 172 25.97 7.11 -51.69
CA GLU L 172 26.02 8.10 -50.63
C GLU L 172 26.34 9.48 -51.18
N LEU L 173 25.63 10.48 -50.66
CA LEU L 173 25.74 11.85 -51.12
C LEU L 173 26.56 12.65 -50.11
N HIS L 174 27.50 13.44 -50.61
CA HIS L 174 28.39 14.23 -49.77
C HIS L 174 28.25 15.71 -50.12
N HIS L 175 28.82 16.56 -49.27
CA HIS L 175 28.75 18.01 -49.52
C HIS L 175 29.93 18.47 -50.37
ZN ZN M . -47.38 -27.84 8.38
S SO4 N . -44.51 -38.80 21.66
O1 SO4 N . -44.37 -39.65 22.84
O2 SO4 N . -43.20 -38.23 21.32
O3 SO4 N . -45.00 -39.60 20.55
O4 SO4 N . -45.45 -37.72 21.95
S SO4 O . -18.77 -38.31 3.24
O1 SO4 O . -19.42 -37.93 4.50
O2 SO4 O . -17.34 -38.11 3.36
O3 SO4 O . -19.05 -39.71 2.95
O4 SO4 O . -19.29 -37.48 2.16
S SO4 P . -32.82 -3.12 8.03
O1 SO4 P . -33.25 -3.05 9.42
O2 SO4 P . -31.45 -3.62 7.95
O3 SO4 P . -33.70 -4.03 7.29
O4 SO4 P . -32.89 -1.79 7.41
ZN ZN Q . -42.35 34.73 -3.73
S SO4 R . -51.78 29.15 -17.18
O1 SO4 R . -52.67 29.51 -16.08
O2 SO4 R . -50.50 28.67 -16.65
O3 SO4 R . -52.40 28.09 -17.98
O4 SO4 R . -51.55 30.32 -18.02
S SO4 S . -21.28 25.99 -24.66
O1 SO4 S . -21.75 26.18 -23.30
O2 SO4 S . -19.86 25.64 -24.65
O3 SO4 S . -22.04 24.91 -25.30
O4 SO4 S . -21.46 27.23 -25.42
S SO4 T . -27.60 14.49 10.74
O1 SO4 T . -28.84 15.16 11.11
O2 SO4 T . -27.11 13.71 11.88
O3 SO4 T . -27.85 13.60 9.61
O4 SO4 T . -26.59 15.48 10.36
ZN ZN U . -19.53 10.78 51.06
S SO4 V . -17.38 28.02 52.80
O1 SO4 V . -16.25 28.78 53.33
O2 SO4 V . -16.94 27.24 51.64
O3 SO4 V . -17.87 27.10 53.82
O4 SO4 V . -18.45 28.93 52.40
S SO4 W . -23.71 1.27 23.32
O1 SO4 W . -23.96 1.47 24.74
O2 SO4 W . -22.37 0.71 23.15
O3 SO4 W . -24.70 0.34 22.78
O4 SO4 W . -23.80 2.55 22.61
S SO4 X . 7.82 16.50 38.58
O1 SO4 X . 8.58 16.81 39.78
O2 SO4 X . 7.74 15.05 38.43
O3 SO4 X . 6.47 17.06 38.69
O4 SO4 X . 8.49 17.06 37.42
ZN ZN Y . 33.77 -42.18 -8.91
S SO4 Z . 28.65 -13.95 -7.42
O1 SO4 Z . 28.53 -13.96 -5.96
O2 SO4 Z . 29.59 -14.98 -7.83
O3 SO4 Z . 27.34 -14.20 -8.01
O4 SO4 Z . 29.14 -12.65 -7.86
ZN ZN AA . 51.52 16.71 6.63
S SO4 BA . 30.97 4.21 -9.18
O1 SO4 BA . 30.43 3.22 -8.24
O2 SO4 BA . 32.42 4.15 -9.17
O3 SO4 BA . 30.48 3.90 -10.53
O4 SO4 BA . 30.52 5.54 -8.80
S SO4 CA . 28.76 15.62 27.30
O1 SO4 CA . 28.74 16.27 28.62
O2 SO4 CA . 30.13 15.52 26.82
O3 SO4 CA . 28.19 14.29 27.43
O4 SO4 CA . 27.98 16.42 26.36
ZN ZN DA . 21.84 5.32 -49.69
S SO4 EA . 26.26 21.83 -50.89
O1 SO4 EA . 26.75 22.71 -49.83
O2 SO4 EA . 27.27 20.83 -51.20
O3 SO4 EA . 25.04 21.17 -50.45
O4 SO4 EA . 25.98 22.63 -52.09
S SO4 FA . -1.83 20.26 -36.73
O1 SO4 FA . -2.25 20.73 -35.41
O2 SO4 FA . -0.42 19.91 -36.70
O3 SO4 FA . -2.63 19.09 -37.09
O4 SO4 FA . -2.05 21.32 -37.71
S SO4 GA . 22.62 -5.45 -22.56
O1 SO4 GA . 23.04 -6.12 -21.33
O2 SO4 GA . 23.66 -5.58 -23.57
O3 SO4 GA . 21.39 -6.06 -23.06
O4 SO4 GA . 22.38 -4.03 -22.29
S SO4 HA . -45.56 -25.17 -31.19
O1 SO4 HA . -45.58 -26.28 -30.24
O2 SO4 HA . -44.57 -25.42 -32.22
O3 SO4 HA . -46.88 -25.05 -31.80
O4 SO4 HA . -45.24 -23.94 -30.48
S SO4 IA . -8.83 58.99 6.41
O1 SO4 IA . -9.10 57.84 7.27
O2 SO4 IA . -7.59 58.76 5.69
O3 SO4 IA . -9.93 59.16 5.46
O4 SO4 IA . -8.72 60.19 7.23
S SO4 JA . 26.85 -50.83 -22.59
O1 SO4 JA . 26.25 -50.23 -21.41
O2 SO4 JA . 28.15 -50.21 -22.84
O3 SO4 JA . 27.03 -52.26 -22.38
O4 SO4 JA . 25.98 -50.62 -23.75
S SO4 KA . 33.28 -41.07 31.18
O1 SO4 KA . 32.27 -40.22 31.82
O2 SO4 KA . 34.61 -40.60 31.56
O3 SO4 KA . 33.10 -42.44 31.63
O4 SO4 KA . 33.12 -41.01 29.73
S SO4 LA . 58.14 7.26 19.91
O1 SO4 LA . 57.99 7.76 21.28
O2 SO4 LA . 59.07 6.14 19.90
O3 SO4 LA . 56.84 6.82 19.42
O4 SO4 LA . 58.64 8.32 19.05
S SO4 MA . 32.86 50.63 -2.01
O1 SO4 MA . 32.78 49.44 -1.17
O2 SO4 MA . 34.19 50.70 -2.61
O3 SO4 MA . 31.85 50.57 -3.06
O4 SO4 MA . 32.64 51.82 -1.18
S SO4 NA . -9.21 -19.41 -56.48
O1 SO4 NA . -9.77 -19.26 -55.14
O2 SO4 NA . -7.81 -19.80 -56.39
O3 SO4 NA . -9.95 -20.44 -57.21
O4 SO4 NA . -9.32 -18.14 -57.19
#